data_2OAG
#
_entry.id   2OAG
#
_cell.length_a   120.006
_cell.length_b   126.225
_cell.length_c   127.563
_cell.angle_alpha   90.00
_cell.angle_beta   96.51
_cell.angle_gamma   90.00
#
_symmetry.space_group_name_H-M   'P 1 21 1'
#
loop_
_entity.id
_entity.type
_entity.pdbx_description
1 polymer 'Dipeptidyl peptidase 4'
2 non-polymer (3R,4S)-1-{6-[3-(METHYLSULFONYL)PHENYL]PYRIMIDIN-4-YL}-4-(2,4,5-TRIFLUOROPHENYL)PYRROLIDIN-3-AMINE
3 water water
#
_entity_poly.entity_id   1
_entity_poly.type   'polypeptide(L)'
_entity_poly.pdbx_seq_one_letter_code
;SRKTYTLTDYLKNTYRLKLYSLRWISDHEYLYKQENNILVFNAEYGNSSVFLENSTFDEFGHSINDYSISPDGQFILLEY
NYVKQWRHSYTASYDIYDLNKRQLITEERIPNNTQWVTWSPVGHKLAYVWNNDIYVKIEPNLPSYRITWTGKEDIIYNGI
TDWVYEEEVFSAYSALWWSPNGTFLAYAQFNDTEVPLIEYSFYSDESLQYPKTVRVPYPKAGAVNPTVKFFVVNTDSLSS
VTNATSIQITAPASMLIGDHYLCDVTWATQERISLQWLRRIQNYSVMDICDYDESSGRWNCLVARQHIEMSTTGWVGRFR
PSEPHFTLDGNSFYKIISNEEGYRHICYFQIDKKDCTFITKGTWEVIGIEALTSDYLYYISNEYKGMPGGRNLYKIQLSD
YTKVTCLSCELNPERCQYYSVSFSKEAKYYQLRCSGPGLPLYTLHSSVNDKGLRVLEDNSALDKMLQNVQMPSKKLDFII
LNETKFWYQMILPPHFDKSKKYPLLLDVYAGPCSQKADTVFRLNWATYLASTENIIVASFDGRGSGYQGDKIMHAINRRL
GTFEVEDQIEAARQFSKMGFVDNKRIAIWGWSYGGYVTSMVLGSGSGVFKCGIAVAPVSRWEYYDSVYTERYMGLPTPED
NLDHYRNSTVMSRAENFKQVEYLLIHGTADDNVHFQQSAQISKALVDVGVDFQAMWYTDEDHGIASSTAHQHIYTHMSHF
IKQCFS
;
_entity_poly.pdbx_strand_id   A,B,C,D
#
loop_
_chem_comp.id
_chem_comp.type
_chem_comp.name
_chem_comp.formula
DLI non-polymer (3R,4S)-1-{6-[3-(METHYLSULFONYL)PHENYL]PYRIMIDIN-4-YL}-4-(2,4,5-TRIFLUOROPHENYL)PYRROLIDIN-3-AMINE 'C21 H19 F3 N4 O2 S'
#
# COMPACT_ATOMS: atom_id res chain seq x y z
N SER A 1 7.09 -43.03 49.89
CA SER A 1 6.35 -41.80 50.29
C SER A 1 6.85 -40.58 49.52
N ARG A 2 5.98 -39.57 49.43
CA ARG A 2 6.23 -38.28 48.75
C ARG A 2 7.67 -37.86 48.41
N LYS A 3 7.92 -36.56 48.44
CA LYS A 3 9.25 -36.06 48.09
C LYS A 3 10.14 -35.73 49.28
N THR A 4 11.39 -35.42 48.96
CA THR A 4 12.39 -35.06 49.96
C THR A 4 12.68 -33.57 49.85
N TYR A 5 13.45 -33.04 50.79
CA TYR A 5 13.82 -31.62 50.79
C TYR A 5 15.02 -31.48 49.85
N THR A 6 14.78 -30.94 48.66
CA THR A 6 15.82 -30.82 47.63
C THR A 6 16.71 -29.60 47.71
N LEU A 7 17.75 -29.61 46.88
CA LEU A 7 18.68 -28.50 46.81
C LEU A 7 17.91 -27.28 46.32
N THR A 8 17.07 -27.49 45.31
CA THR A 8 16.28 -26.41 44.77
C THR A 8 15.38 -25.81 45.84
N ASP A 9 14.81 -26.65 46.72
CA ASP A 9 13.94 -26.15 47.80
C ASP A 9 14.75 -25.20 48.66
N TYR A 10 15.98 -25.58 48.96
CA TYR A 10 16.86 -24.75 49.78
C TYR A 10 17.26 -23.47 49.06
N LEU A 11 17.71 -23.59 47.81
CA LEU A 11 18.14 -22.43 47.05
C LEU A 11 17.00 -21.51 46.62
N LYS A 12 15.82 -22.08 46.39
CA LYS A 12 14.68 -21.27 45.97
C LYS A 12 13.73 -20.95 47.12
N ASN A 13 14.07 -21.43 48.32
CA ASN A 13 13.27 -21.20 49.50
C ASN A 13 11.79 -21.53 49.31
N THR A 14 11.50 -22.76 48.93
CA THR A 14 10.13 -23.19 48.72
C THR A 14 9.38 -23.35 50.06
N TYR A 15 10.12 -23.66 51.13
CA TYR A 15 9.52 -23.83 52.45
C TYR A 15 9.98 -22.69 53.34
N ARG A 16 9.16 -21.64 53.37
CA ARG A 16 9.44 -20.42 54.12
C ARG A 16 9.06 -20.41 55.59
N LEU A 17 9.98 -19.98 56.44
CA LEU A 17 9.73 -19.88 57.87
C LEU A 17 9.05 -18.54 58.15
N LYS A 18 7.93 -18.56 58.86
CA LYS A 18 7.25 -17.31 59.19
C LYS A 18 7.78 -16.77 60.50
N LEU A 19 7.94 -15.45 60.57
CA LEU A 19 8.44 -14.81 61.78
C LEU A 19 7.35 -13.85 62.26
N TYR A 20 7.64 -13.15 63.35
CA TYR A 20 6.72 -12.17 63.90
C TYR A 20 7.57 -11.07 64.51
N SER A 21 8.19 -10.28 63.64
CA SER A 21 9.06 -9.18 64.05
C SER A 21 8.22 -7.98 64.43
N LEU A 22 8.25 -7.64 65.72
CA LEU A 22 7.49 -6.51 66.21
C LEU A 22 8.45 -5.50 66.81
N ARG A 23 7.98 -4.27 66.96
CA ARG A 23 8.82 -3.22 67.50
C ARG A 23 8.05 -2.47 68.57
N TRP A 24 8.47 -2.64 69.82
CA TRP A 24 7.82 -1.97 70.94
C TRP A 24 8.01 -0.45 70.87
N ILE A 25 6.92 0.29 71.01
CA ILE A 25 7.01 1.75 70.97
C ILE A 25 6.63 2.32 72.32
N SER A 26 6.10 1.46 73.19
CA SER A 26 5.73 1.87 74.52
C SER A 26 5.78 0.67 75.44
N ASP A 27 5.16 0.79 76.59
CA ASP A 27 5.13 -0.30 77.54
C ASP A 27 3.85 -1.10 77.33
N HIS A 28 3.01 -0.63 76.41
CA HIS A 28 1.73 -1.28 76.13
C HIS A 28 1.48 -1.56 74.66
N GLU A 29 2.18 -0.87 73.76
CA GLU A 29 1.97 -1.07 72.32
C GLU A 29 3.22 -1.45 71.55
N TYR A 30 3.02 -2.11 70.41
CA TYR A 30 4.12 -2.49 69.54
C TYR A 30 3.66 -2.35 68.10
N LEU A 31 4.61 -2.07 67.21
CA LEU A 31 4.30 -1.92 65.80
C LEU A 31 4.61 -3.22 65.09
N TYR A 32 3.66 -3.68 64.29
CA TYR A 32 3.88 -4.92 63.55
C TYR A 32 3.75 -4.62 62.07
N LYS A 33 4.89 -4.50 61.42
CA LYS A 33 4.92 -4.22 60.01
C LYS A 33 4.41 -5.40 59.22
N GLN A 34 3.94 -5.12 58.02
CA GLN A 34 3.45 -6.15 57.13
C GLN A 34 4.06 -5.89 55.76
N GLU A 35 3.70 -6.70 54.77
CA GLU A 35 4.24 -6.51 53.44
C GLU A 35 3.85 -5.14 52.92
N ASN A 36 2.64 -4.72 53.26
CA ASN A 36 2.12 -3.45 52.80
C ASN A 36 2.18 -2.31 53.82
N ASN A 37 1.41 -2.42 54.90
CA ASN A 37 1.39 -1.36 55.89
C ASN A 37 1.72 -1.75 57.32
N ILE A 38 2.02 -0.74 58.13
CA ILE A 38 2.39 -0.92 59.53
C ILE A 38 1.18 -0.77 60.44
N LEU A 39 1.00 -1.74 61.33
CA LEU A 39 -0.11 -1.71 62.27
C LEU A 39 0.43 -1.48 63.68
N VAL A 40 -0.43 -1.02 64.56
CA VAL A 40 -0.06 -0.80 65.94
C VAL A 40 -0.94 -1.74 66.75
N PHE A 41 -0.34 -2.51 67.63
CA PHE A 41 -1.08 -3.49 68.44
C PHE A 41 -1.13 -3.14 69.91
N ASN A 42 -2.23 -3.50 70.55
CA ASN A 42 -2.39 -3.28 71.98
C ASN A 42 -2.05 -4.64 72.60
N ALA A 43 -0.96 -4.69 73.35
CA ALA A 43 -0.50 -5.94 73.95
C ALA A 43 -1.50 -6.62 74.88
N GLU A 44 -2.23 -5.81 75.64
CA GLU A 44 -3.19 -6.34 76.58
C GLU A 44 -4.33 -7.11 75.95
N TYR A 45 -5.02 -6.47 75.01
CA TYR A 45 -6.17 -7.09 74.35
C TYR A 45 -5.89 -7.71 72.99
N GLY A 46 -4.89 -7.20 72.29
CA GLY A 46 -4.57 -7.75 70.98
C GLY A 46 -5.20 -7.02 69.82
N ASN A 47 -6.07 -6.05 70.10
CA ASN A 47 -6.71 -5.28 69.03
C ASN A 47 -5.65 -4.41 68.37
N SER A 48 -5.83 -4.14 67.08
CA SER A 48 -4.87 -3.33 66.34
C SER A 48 -5.53 -2.24 65.53
N SER A 49 -4.69 -1.35 64.99
CA SER A 49 -5.12 -0.24 64.17
C SER A 49 -4.01 -0.01 63.15
N VAL A 50 -4.32 0.67 62.05
CA VAL A 50 -3.33 0.95 61.04
C VAL A 50 -2.52 2.17 61.44
N PHE A 51 -1.21 2.02 61.54
CA PHE A 51 -0.36 3.14 61.90
C PHE A 51 -0.12 4.02 60.67
N LEU A 52 -0.02 3.38 59.50
CA LEU A 52 0.16 4.11 58.25
C LEU A 52 0.03 3.15 57.06
N GLU A 53 -0.83 3.53 56.11
CA GLU A 53 -1.12 2.75 54.91
C GLU A 53 0.07 2.51 54.00
N ASN A 54 0.05 1.38 53.29
CA ASN A 54 1.12 1.05 52.36
C ASN A 54 1.16 2.08 51.23
N SER A 55 -0.02 2.48 50.77
CA SER A 55 -0.16 3.45 49.70
C SER A 55 0.47 4.80 50.03
N THR A 56 0.53 5.12 51.32
CA THR A 56 1.09 6.39 51.78
C THR A 56 2.25 6.89 50.93
N PHE A 57 3.10 5.97 50.46
CA PHE A 57 4.26 6.36 49.66
C PHE A 57 4.27 5.77 48.25
N ASP A 58 3.09 5.67 47.64
CA ASP A 58 3.00 5.14 46.28
C ASP A 58 3.88 5.93 45.33
N GLU A 59 3.81 7.26 45.44
CA GLU A 59 4.59 8.11 44.56
C GLU A 59 5.76 8.82 45.22
N PHE A 60 6.42 8.11 46.13
CA PHE A 60 7.58 8.66 46.81
C PHE A 60 8.69 8.81 45.75
N GLY A 61 8.63 7.95 44.74
CA GLY A 61 9.60 8.02 43.67
C GLY A 61 10.89 7.28 43.96
N HIS A 62 10.93 6.56 45.08
CA HIS A 62 12.12 5.79 45.45
C HIS A 62 11.67 4.54 46.17
N SER A 63 12.48 3.49 46.06
CA SER A 63 12.14 2.26 46.75
C SER A 63 12.66 2.41 48.17
N ILE A 64 11.76 2.27 49.14
CA ILE A 64 12.11 2.40 50.55
C ILE A 64 12.44 1.03 51.12
N ASN A 65 13.68 0.82 51.54
CA ASN A 65 14.03 -0.48 52.10
C ASN A 65 13.92 -0.51 53.63
N ASP A 66 13.67 0.63 54.25
CA ASP A 66 13.54 0.63 55.71
C ASP A 66 12.92 1.92 56.27
N TYR A 67 12.19 1.77 57.36
CA TYR A 67 11.55 2.89 58.04
C TYR A 67 12.08 2.94 59.46
N SER A 68 11.89 4.08 60.12
CA SER A 68 12.32 4.25 61.50
C SER A 68 11.46 5.35 62.11
N ILE A 69 10.59 4.95 63.02
CA ILE A 69 9.69 5.89 63.67
C ILE A 69 10.27 6.46 64.95
N SER A 70 10.29 7.79 65.03
CA SER A 70 10.83 8.47 66.20
C SER A 70 10.12 7.96 67.44
N PRO A 71 10.84 7.83 68.55
CA PRO A 71 10.18 7.35 69.77
C PRO A 71 8.96 8.23 70.05
N ASP A 72 8.92 9.38 69.39
CA ASP A 72 7.83 10.35 69.50
C ASP A 72 6.54 9.81 68.92
N GLY A 73 6.67 9.06 67.82
CA GLY A 73 5.51 8.54 67.13
C GLY A 73 5.11 9.62 66.15
N GLN A 74 5.74 10.78 66.30
CA GLN A 74 5.49 11.96 65.49
C GLN A 74 6.11 11.92 64.09
N PHE A 75 7.29 11.32 63.96
CA PHE A 75 7.94 11.29 62.66
C PHE A 75 8.37 9.91 62.19
N ILE A 76 8.57 9.79 60.88
CA ILE A 76 9.01 8.54 60.28
C ILE A 76 10.21 8.82 59.40
N LEU A 77 11.32 8.14 59.69
CA LEU A 77 12.54 8.30 58.93
C LEU A 77 12.51 7.27 57.81
N LEU A 78 12.57 7.72 56.56
CA LEU A 78 12.52 6.83 55.40
C LEU A 78 13.90 6.63 54.79
N GLU A 79 14.35 5.38 54.78
CA GLU A 79 15.66 5.04 54.23
C GLU A 79 15.58 4.43 52.84
N TYR A 80 16.36 4.99 51.92
CA TYR A 80 16.40 4.50 50.55
C TYR A 80 17.78 4.75 49.95
N ASN A 81 18.01 4.22 48.75
CA ASN A 81 19.29 4.34 48.07
C ASN A 81 20.36 3.62 48.87
N TYR A 82 19.96 2.51 49.49
CA TYR A 82 20.84 1.69 50.31
C TYR A 82 22.03 1.15 49.53
N VAL A 83 23.21 1.29 50.11
CA VAL A 83 24.43 0.79 49.48
C VAL A 83 25.27 0.18 50.59
N LYS A 84 25.27 -1.15 50.66
CA LYS A 84 26.01 -1.87 51.68
C LYS A 84 27.51 -1.65 51.61
N GLN A 85 28.15 -1.62 52.78
CA GLN A 85 29.60 -1.48 52.83
C GLN A 85 30.11 -2.81 53.41
N TRP A 86 30.50 -2.82 54.68
CA TRP A 86 31.00 -4.05 55.30
C TRP A 86 29.88 -4.86 55.93
N ARG A 87 30.18 -5.65 56.95
CA ARG A 87 29.15 -6.48 57.57
C ARG A 87 27.96 -5.71 58.14
N HIS A 88 28.21 -4.54 58.73
CA HIS A 88 27.14 -3.73 59.31
C HIS A 88 26.97 -2.37 58.64
N SER A 89 28.10 -1.77 58.28
CA SER A 89 28.11 -0.45 57.68
C SER A 89 27.46 -0.35 56.30
N TYR A 90 26.98 0.84 55.97
CA TYR A 90 26.35 1.11 54.68
C TYR A 90 25.95 2.57 54.61
N THR A 91 25.68 3.06 53.41
CA THR A 91 25.25 4.44 53.22
C THR A 91 23.88 4.48 52.57
N ALA A 92 23.15 5.56 52.78
CA ALA A 92 21.82 5.68 52.21
C ALA A 92 21.33 7.14 52.20
N SER A 93 20.17 7.35 51.59
CA SER A 93 19.54 8.67 51.53
C SER A 93 18.39 8.60 52.51
N TYR A 94 18.06 9.73 53.12
CA TYR A 94 16.95 9.75 54.08
C TYR A 94 15.99 10.91 53.89
N ASP A 95 14.72 10.64 54.15
CA ASP A 95 13.67 11.65 54.07
C ASP A 95 12.86 11.47 55.35
N ILE A 96 12.41 12.58 55.91
CA ILE A 96 11.62 12.53 57.11
C ILE A 96 10.18 12.84 56.74
N TYR A 97 9.25 12.07 57.30
CA TYR A 97 7.84 12.26 57.03
C TYR A 97 7.16 12.70 58.31
N ASP A 98 6.48 13.84 58.26
CA ASP A 98 5.77 14.36 59.42
C ASP A 98 4.42 13.65 59.53
N LEU A 99 4.27 12.81 60.56
CA LEU A 99 3.03 12.07 60.77
C LEU A 99 1.93 12.96 61.28
N ASN A 100 2.31 14.14 61.79
CA ASN A 100 1.34 15.08 62.32
C ASN A 100 0.62 15.73 61.15
N LYS A 101 1.33 16.58 60.42
CA LYS A 101 0.76 17.27 59.27
C LYS A 101 0.74 16.40 58.02
N ARG A 102 1.13 15.13 58.18
CA ARG A 102 1.14 14.18 57.07
C ARG A 102 1.82 14.78 55.85
N GLN A 103 2.92 15.48 56.09
CA GLN A 103 3.66 16.12 55.02
C GLN A 103 5.11 15.62 54.98
N LEU A 104 5.68 15.58 53.79
CA LEU A 104 7.05 15.15 53.64
C LEU A 104 7.92 16.40 53.85
N ILE A 105 8.83 16.34 54.82
CA ILE A 105 9.69 17.49 55.08
C ILE A 105 10.68 17.65 53.95
N THR A 106 10.69 18.83 53.34
CA THR A 106 11.58 19.10 52.21
C THR A 106 12.71 20.09 52.48
N GLU A 107 12.70 20.75 53.62
CA GLU A 107 13.77 21.70 53.92
C GLU A 107 14.83 21.13 54.86
N GLU A 108 16.06 21.58 54.66
CA GLU A 108 17.18 21.15 55.50
C GLU A 108 17.18 19.63 55.66
N ARG A 109 17.09 18.91 54.55
CA ARG A 109 17.06 17.46 54.63
C ARG A 109 18.43 16.82 54.86
N ILE A 110 18.41 15.59 55.35
CA ILE A 110 19.61 14.82 55.62
C ILE A 110 20.34 14.59 54.30
N PRO A 111 21.67 14.80 54.28
CA PRO A 111 22.43 14.60 53.03
C PRO A 111 22.44 13.16 52.51
N ASN A 112 22.66 13.03 51.22
CA ASN A 112 22.74 11.70 50.62
C ASN A 112 24.09 11.14 51.04
N ASN A 113 24.26 9.83 50.93
CA ASN A 113 25.51 9.19 51.30
C ASN A 113 25.73 9.32 52.80
N THR A 114 24.65 9.45 53.56
CA THR A 114 24.75 9.54 55.00
C THR A 114 25.19 8.16 55.49
N GLN A 115 26.14 8.14 56.40
CA GLN A 115 26.69 6.90 56.95
C GLN A 115 25.90 6.30 58.10
N TRP A 116 25.22 7.12 58.89
CA TRP A 116 24.43 6.61 60.00
C TRP A 116 23.46 7.65 60.51
N VAL A 117 22.30 7.20 60.98
CA VAL A 117 21.31 8.10 61.51
C VAL A 117 20.59 7.41 62.66
N THR A 118 20.29 8.17 63.70
CA THR A 118 19.58 7.63 64.85
C THR A 118 18.78 8.70 65.58
N TRP A 119 17.56 8.36 65.96
CA TRP A 119 16.71 9.27 66.71
C TRP A 119 17.21 9.28 68.15
N SER A 120 16.85 10.30 68.91
CA SER A 120 17.25 10.38 70.30
C SER A 120 16.38 9.34 71.00
N PRO A 121 16.69 8.99 72.25
CA PRO A 121 15.87 7.99 72.96
C PRO A 121 14.41 8.37 73.17
N VAL A 122 14.11 9.65 73.34
CA VAL A 122 12.74 10.06 73.59
C VAL A 122 12.04 10.99 72.60
N GLY A 123 12.52 12.23 72.47
CA GLY A 123 11.87 13.16 71.57
C GLY A 123 11.83 12.78 70.11
N HIS A 124 12.40 13.65 69.27
CA HIS A 124 12.47 13.41 67.84
C HIS A 124 13.74 14.06 67.29
N LYS A 125 14.73 14.19 68.16
CA LYS A 125 16.02 14.76 67.78
C LYS A 125 16.68 13.76 66.83
N LEU A 126 17.56 14.24 65.98
CA LEU A 126 18.26 13.37 65.05
C LEU A 126 19.75 13.61 65.14
N ALA A 127 20.50 12.53 65.01
CA ALA A 127 21.97 12.59 65.02
C ALA A 127 22.38 11.73 63.84
N TYR A 128 23.19 12.27 62.95
CA TYR A 128 23.62 11.48 61.81
C TYR A 128 25.07 11.73 61.48
N VAL A 129 25.67 10.82 60.72
CA VAL A 129 27.06 10.95 60.34
C VAL A 129 27.18 11.05 58.83
N TRP A 130 27.88 12.06 58.37
CA TRP A 130 28.05 12.30 56.94
C TRP A 130 29.48 12.76 56.68
N ASN A 131 30.15 12.08 55.76
CA ASN A 131 31.54 12.40 55.47
C ASN A 131 32.41 12.31 56.73
N ASN A 132 32.10 11.31 57.57
CA ASN A 132 32.83 11.06 58.80
C ASN A 132 32.68 12.13 59.89
N ASP A 133 31.70 13.00 59.77
CA ASP A 133 31.47 14.02 60.78
C ASP A 133 30.08 13.85 61.35
N ILE A 134 29.88 14.32 62.58
CA ILE A 134 28.59 14.19 63.24
C ILE A 134 27.74 15.45 63.12
N TYR A 135 26.44 15.25 62.93
CA TYR A 135 25.49 16.33 62.82
C TYR A 135 24.28 16.03 63.68
N VAL A 136 23.79 17.05 64.36
CA VAL A 136 22.60 16.92 65.20
C VAL A 136 21.49 17.82 64.68
N LYS A 137 20.28 17.32 64.71
CA LYS A 137 19.11 18.05 64.26
C LYS A 137 18.10 18.04 65.41
N ILE A 138 17.87 19.18 66.04
CA ILE A 138 16.90 19.22 67.13
C ILE A 138 15.48 19.03 66.63
N GLU A 139 15.21 19.51 65.42
CA GLU A 139 13.89 19.38 64.81
C GLU A 139 14.10 18.92 63.37
N PRO A 140 13.31 17.95 62.91
CA PRO A 140 13.40 17.41 61.54
C PRO A 140 13.52 18.42 60.40
N ASN A 141 12.82 19.54 60.49
CA ASN A 141 12.86 20.55 59.43
C ASN A 141 13.87 21.68 59.67
N LEU A 142 14.52 21.68 60.83
CA LEU A 142 15.48 22.73 61.15
C LEU A 142 16.90 22.41 60.65
N PRO A 143 17.72 23.45 60.47
CA PRO A 143 19.10 23.30 60.00
C PRO A 143 19.90 22.40 60.94
N SER A 144 20.94 21.77 60.41
CA SER A 144 21.78 20.90 61.23
C SER A 144 22.86 21.63 62.00
N TYR A 145 23.30 21.00 63.08
CA TYR A 145 24.36 21.54 63.91
C TYR A 145 25.57 20.63 63.69
N ARG A 146 26.66 21.17 63.20
CA ARG A 146 27.86 20.37 62.98
C ARG A 146 28.47 20.15 64.35
N ILE A 147 28.83 18.92 64.64
CA ILE A 147 29.43 18.61 65.93
C ILE A 147 30.92 18.39 65.80
N THR A 148 31.34 17.85 64.67
CA THR A 148 32.75 17.58 64.46
C THR A 148 33.26 18.07 63.11
N TRP A 149 34.56 18.33 63.02
CA TRP A 149 35.16 18.88 61.81
C TRP A 149 36.40 18.14 61.36
N THR A 150 36.83 17.17 62.15
CA THR A 150 38.02 16.39 61.85
C THR A 150 37.76 15.22 60.89
N GLY A 151 36.49 14.99 60.57
CA GLY A 151 36.17 13.88 59.67
C GLY A 151 37.06 13.83 58.44
N LYS A 152 37.61 12.65 58.17
CA LYS A 152 38.46 12.45 57.00
C LYS A 152 38.47 10.99 56.54
N GLU A 153 37.95 10.76 55.34
CA GLU A 153 37.84 9.43 54.76
C GLU A 153 39.05 8.53 54.98
N ASP A 154 38.78 7.34 55.49
CA ASP A 154 39.82 6.34 55.76
C ASP A 154 40.87 6.77 56.76
N ILE A 155 40.67 7.93 57.40
CA ILE A 155 41.65 8.41 58.36
C ILE A 155 41.05 8.72 59.72
N ILE A 156 40.04 9.59 59.74
CA ILE A 156 39.41 9.97 60.99
C ILE A 156 37.91 9.72 60.95
N TYR A 157 37.44 8.91 61.89
CA TYR A 157 36.02 8.58 61.96
C TYR A 157 35.36 9.15 63.22
N ASN A 158 34.34 9.98 63.03
CA ASN A 158 33.61 10.57 64.15
C ASN A 158 32.20 9.98 64.18
N GLY A 159 31.84 9.30 65.28
CA GLY A 159 30.50 8.75 65.39
C GLY A 159 30.27 7.42 64.69
N ILE A 160 31.25 6.94 63.94
CA ILE A 160 31.15 5.65 63.27
C ILE A 160 32.47 4.91 63.49
N THR A 161 32.42 3.59 63.40
CA THR A 161 33.59 2.76 63.62
C THR A 161 34.38 2.56 62.34
N ASP A 162 35.67 2.24 62.48
CA ASP A 162 36.50 1.96 61.32
C ASP A 162 36.28 0.46 61.03
N TRP A 163 36.97 -0.10 60.05
CA TRP A 163 36.74 -1.50 59.73
C TRP A 163 36.84 -2.49 60.88
N VAL A 164 37.96 -2.46 61.60
CA VAL A 164 38.16 -3.41 62.68
C VAL A 164 37.24 -3.21 63.88
N TYR A 165 36.93 -1.97 64.23
CA TYR A 165 36.02 -1.75 65.34
C TYR A 165 34.61 -2.21 64.98
N GLU A 166 34.21 -2.02 63.73
CA GLU A 166 32.87 -2.43 63.30
C GLU A 166 32.69 -3.95 63.39
N GLU A 167 33.69 -4.65 62.90
CA GLU A 167 33.65 -6.10 62.86
C GLU A 167 34.00 -6.79 64.16
N GLU A 168 35.08 -6.34 64.81
CA GLU A 168 35.56 -7.01 66.02
C GLU A 168 35.08 -6.58 67.41
N VAL A 169 34.80 -5.30 67.61
CA VAL A 169 34.39 -4.89 68.94
C VAL A 169 32.96 -4.41 69.14
N PHE A 170 32.44 -3.61 68.24
CA PHE A 170 31.08 -3.12 68.40
C PHE A 170 30.00 -3.83 67.59
N SER A 171 30.39 -4.66 66.63
CA SER A 171 29.42 -5.36 65.79
C SER A 171 28.41 -4.36 65.24
N ALA A 172 28.89 -3.17 64.97
CA ALA A 172 28.05 -2.11 64.43
C ALA A 172 28.91 -1.04 63.78
N TYR A 173 28.27 -0.22 62.96
CA TYR A 173 28.93 0.87 62.27
C TYR A 173 28.84 2.09 63.20
N SER A 174 27.69 2.22 63.84
CA SER A 174 27.44 3.32 64.77
C SER A 174 28.45 3.38 65.92
N ALA A 175 28.91 4.60 66.20
CA ALA A 175 29.82 4.85 67.30
C ALA A 175 29.35 6.10 68.04
N LEU A 176 28.04 6.19 68.27
CA LEU A 176 27.50 7.31 69.03
C LEU A 176 26.39 6.81 69.94
N TRP A 177 26.31 7.38 71.14
CA TRP A 177 25.33 6.94 72.13
C TRP A 177 24.59 8.09 72.83
N TRP A 178 23.28 8.20 72.56
CA TRP A 178 22.44 9.22 73.18
C TRP A 178 22.25 8.89 74.66
N SER A 179 22.14 9.92 75.50
CA SER A 179 21.89 9.70 76.91
C SER A 179 20.41 9.31 77.01
N PRO A 180 19.97 8.82 78.18
CA PRO A 180 18.57 8.42 78.36
C PRO A 180 17.47 9.40 77.88
N ASN A 181 17.47 10.65 78.36
CA ASN A 181 16.42 11.59 77.92
C ASN A 181 16.78 12.37 76.65
N GLY A 182 17.92 12.07 76.07
CA GLY A 182 18.34 12.74 74.84
C GLY A 182 19.14 14.02 75.01
N THR A 183 19.43 14.40 76.25
CA THR A 183 20.19 15.62 76.48
C THR A 183 21.62 15.54 75.92
N PHE A 184 22.32 14.48 76.28
CA PHE A 184 23.70 14.32 75.84
C PHE A 184 23.87 13.34 74.70
N LEU A 185 24.88 13.60 73.88
CA LEU A 185 25.21 12.73 72.76
C LEU A 185 26.69 12.39 72.95
N ALA A 186 26.98 11.13 73.22
CA ALA A 186 28.36 10.70 73.41
C ALA A 186 28.81 10.04 72.12
N TYR A 187 30.10 10.07 71.83
CA TYR A 187 30.58 9.43 70.62
C TYR A 187 32.05 9.12 70.70
N ALA A 188 32.51 8.22 69.84
CA ALA A 188 33.91 7.85 69.80
C ALA A 188 34.51 8.37 68.51
N GLN A 189 35.83 8.61 68.52
CA GLN A 189 36.52 9.07 67.34
C GLN A 189 37.66 8.11 67.10
N PHE A 190 37.75 7.59 65.89
CA PHE A 190 38.81 6.66 65.56
C PHE A 190 39.80 7.27 64.58
N ASN A 191 41.08 7.01 64.81
CA ASN A 191 42.15 7.52 63.98
C ASN A 191 42.89 6.36 63.35
N ASP A 192 42.78 6.24 62.02
CA ASP A 192 43.43 5.16 61.28
C ASP A 192 44.68 5.66 60.55
N THR A 193 45.11 6.87 60.88
CA THR A 193 46.27 7.48 60.23
C THR A 193 47.41 6.54 59.85
N GLU A 194 47.91 5.77 60.82
CA GLU A 194 49.03 4.88 60.51
C GLU A 194 48.70 3.40 60.37
N VAL A 195 47.43 3.08 60.16
CA VAL A 195 47.02 1.70 59.99
C VAL A 195 47.31 1.25 58.57
N PRO A 196 48.02 0.13 58.40
CA PRO A 196 48.31 -0.31 57.04
C PRO A 196 47.01 -0.59 56.28
N LEU A 197 47.09 -0.50 54.95
CA LEU A 197 45.94 -0.74 54.11
C LEU A 197 46.00 -2.10 53.42
N ILE A 198 44.85 -2.74 53.30
CA ILE A 198 44.78 -4.00 52.58
C ILE A 198 44.28 -3.53 51.21
N GLU A 199 44.90 -4.01 50.15
CA GLU A 199 44.51 -3.62 48.80
C GLU A 199 44.17 -4.86 47.99
N TYR A 200 43.06 -4.80 47.26
CA TYR A 200 42.65 -5.91 46.41
C TYR A 200 41.84 -5.36 45.24
N SER A 201 41.75 -6.13 44.16
CA SER A 201 41.02 -5.71 42.98
C SER A 201 39.51 -5.92 43.04
N PHE A 202 38.79 -5.02 42.39
CA PHE A 202 37.35 -5.14 42.29
C PHE A 202 37.11 -4.96 40.80
N TYR A 203 36.53 -5.97 40.17
CA TYR A 203 36.30 -5.93 38.75
C TYR A 203 35.05 -5.20 38.28
N SER A 204 34.02 -5.18 39.13
CA SER A 204 32.77 -4.49 38.79
C SER A 204 32.11 -5.05 37.52
N ASP A 205 31.21 -4.27 36.93
CA ASP A 205 30.51 -4.68 35.72
C ASP A 205 31.47 -4.86 34.56
N GLU A 206 31.10 -5.74 33.65
CA GLU A 206 31.88 -6.04 32.47
C GLU A 206 32.41 -4.78 31.76
N SER A 207 31.62 -3.71 31.79
CA SER A 207 32.00 -2.47 31.12
C SER A 207 33.21 -1.73 31.70
N LEU A 208 33.59 -2.06 32.94
CA LEU A 208 34.74 -1.41 33.57
C LEU A 208 36.00 -1.90 32.84
N GLN A 209 36.65 -1.00 32.10
CA GLN A 209 37.84 -1.39 31.35
C GLN A 209 39.02 -1.76 32.23
N TYR A 210 39.29 -0.94 33.23
CA TYR A 210 40.38 -1.18 34.16
C TYR A 210 39.85 -1.52 35.55
N PRO A 211 40.30 -2.64 36.13
CA PRO A 211 39.83 -3.03 37.45
C PRO A 211 40.15 -1.92 38.44
N LYS A 212 39.37 -1.82 39.51
CA LYS A 212 39.66 -0.81 40.50
C LYS A 212 40.35 -1.47 41.69
N THR A 213 41.22 -0.72 42.34
CA THR A 213 41.92 -1.25 43.51
C THR A 213 41.29 -0.68 44.78
N VAL A 214 40.71 -1.57 45.56
CA VAL A 214 40.09 -1.17 46.82
C VAL A 214 41.15 -1.19 47.90
N ARG A 215 41.17 -0.17 48.73
CA ARG A 215 42.10 -0.12 49.82
C ARG A 215 41.38 0.32 51.08
N VAL A 216 41.54 -0.45 52.14
CA VAL A 216 40.89 -0.15 53.40
C VAL A 216 41.85 -0.33 54.57
N PRO A 217 41.83 0.63 55.51
CA PRO A 217 42.69 0.56 56.69
C PRO A 217 42.30 -0.71 57.44
N TYR A 218 43.22 -1.65 57.52
CA TYR A 218 42.99 -2.94 58.15
C TYR A 218 44.24 -3.39 58.88
N PRO A 219 44.21 -3.41 60.21
CA PRO A 219 45.39 -3.83 60.99
C PRO A 219 45.49 -5.34 61.13
N LYS A 220 46.48 -5.93 60.47
CA LYS A 220 46.68 -7.37 60.56
C LYS A 220 47.39 -7.66 61.90
N ALA A 221 47.43 -8.90 62.33
CA ALA A 221 48.04 -9.23 63.62
C ALA A 221 49.40 -8.58 63.86
N GLY A 222 49.51 -7.88 64.98
CA GLY A 222 50.75 -7.23 65.35
C GLY A 222 51.06 -5.89 64.68
N ALA A 223 50.18 -5.45 63.79
CA ALA A 223 50.38 -4.18 63.09
C ALA A 223 49.94 -3.00 63.93
N VAL A 224 50.10 -1.79 63.39
CA VAL A 224 49.70 -0.57 64.09
C VAL A 224 48.18 -0.48 64.12
N ASN A 225 47.63 -0.34 65.32
CA ASN A 225 46.18 -0.25 65.50
C ASN A 225 45.67 1.16 65.43
N PRO A 226 44.36 1.31 65.22
CA PRO A 226 43.83 2.68 65.17
C PRO A 226 43.76 3.16 66.62
N THR A 227 43.78 4.47 66.83
CA THR A 227 43.66 4.97 68.20
C THR A 227 42.23 5.48 68.37
N VAL A 228 41.83 5.65 69.63
CA VAL A 228 40.46 6.09 69.92
C VAL A 228 40.39 7.20 70.98
N LYS A 229 39.36 8.03 70.86
CA LYS A 229 39.10 9.10 71.81
C LYS A 229 37.60 9.10 72.04
N PHE A 230 37.17 9.60 73.19
CA PHE A 230 35.75 9.63 73.54
C PHE A 230 35.33 11.04 73.91
N PHE A 231 34.13 11.42 73.46
CA PHE A 231 33.61 12.75 73.75
C PHE A 231 32.13 12.72 74.09
N VAL A 232 31.69 13.75 74.79
CA VAL A 232 30.29 13.88 75.15
C VAL A 232 29.92 15.34 74.93
N VAL A 233 28.83 15.56 74.20
CA VAL A 233 28.39 16.90 73.92
C VAL A 233 26.96 17.10 74.38
N ASN A 234 26.69 18.28 74.93
CA ASN A 234 25.37 18.64 75.42
C ASN A 234 24.57 19.20 74.23
N THR A 235 23.64 18.42 73.72
CA THR A 235 22.86 18.85 72.57
C THR A 235 21.81 19.91 72.89
N ASP A 236 21.84 20.42 74.12
CA ASP A 236 20.91 21.47 74.52
C ASP A 236 21.66 22.79 74.60
N SER A 237 22.99 22.71 74.59
CA SER A 237 23.83 23.89 74.66
C SER A 237 24.53 24.20 73.34
N LEU A 238 23.76 24.20 72.26
CA LEU A 238 24.30 24.49 70.94
C LEU A 238 23.55 25.64 70.29
N SER A 239 24.31 26.64 69.85
CA SER A 239 23.76 27.83 69.21
C SER A 239 23.30 27.69 67.76
N SER A 240 24.19 28.05 66.84
CA SER A 240 23.94 27.99 65.39
C SER A 240 24.98 28.92 64.80
N VAL A 241 25.84 29.42 65.67
CA VAL A 241 26.90 30.33 65.28
C VAL A 241 28.19 29.88 65.97
N THR A 242 28.05 29.23 67.14
CA THR A 242 29.20 28.75 67.91
C THR A 242 29.48 27.32 67.55
N ASN A 243 30.75 26.97 67.36
CA ASN A 243 31.08 25.59 67.08
C ASN A 243 30.87 24.83 68.38
N ALA A 244 30.07 23.78 68.32
CA ALA A 244 29.77 22.97 69.50
C ALA A 244 31.02 22.58 70.26
N THR A 245 30.87 22.33 71.56
CA THR A 245 32.00 21.94 72.39
C THR A 245 31.82 20.50 72.85
N SER A 246 32.75 19.64 72.47
CA SER A 246 32.69 18.25 72.87
C SER A 246 33.64 18.11 74.02
N ILE A 247 33.18 17.51 75.12
CA ILE A 247 34.04 17.31 76.27
C ILE A 247 34.60 15.91 76.20
N GLN A 248 35.93 15.82 76.14
CA GLN A 248 36.59 14.53 76.07
C GLN A 248 36.74 13.86 77.43
N ILE A 249 36.60 12.54 77.40
CA ILE A 249 36.78 11.71 78.58
C ILE A 249 37.96 10.83 78.19
N THR A 250 39.07 10.96 78.91
CA THR A 250 40.29 10.22 78.58
C THR A 250 40.55 9.00 79.45
N ALA A 251 41.84 8.64 79.52
CA ALA A 251 42.34 7.55 80.34
C ALA A 251 41.46 6.32 80.23
N PRO A 252 41.50 5.43 81.25
CA PRO A 252 42.29 5.40 82.49
C PRO A 252 43.80 5.31 82.29
N ALA A 253 44.56 5.70 83.32
CA ALA A 253 46.02 5.65 83.27
C ALA A 253 46.52 4.25 82.95
N SER A 254 45.87 3.23 83.52
CA SER A 254 46.28 1.85 83.28
C SER A 254 46.12 1.44 81.81
N MET A 255 45.35 2.22 81.06
CA MET A 255 45.11 1.94 79.65
C MET A 255 46.06 2.74 78.76
N LEU A 256 46.21 4.02 79.10
CA LEU A 256 47.09 4.92 78.35
C LEU A 256 48.56 4.49 78.31
N ILE A 257 48.99 3.63 79.23
CA ILE A 257 50.38 3.19 79.24
C ILE A 257 50.78 2.48 77.94
N GLY A 258 49.79 2.03 77.18
CA GLY A 258 50.08 1.36 75.92
C GLY A 258 48.88 1.29 75.00
N ASP A 259 48.92 0.39 74.01
CA ASP A 259 47.80 0.23 73.08
C ASP A 259 46.57 -0.28 73.84
N HIS A 260 45.40 0.20 73.46
CA HIS A 260 44.17 -0.19 74.14
C HIS A 260 42.99 0.03 73.20
N TYR A 261 41.81 -0.38 73.67
CA TYR A 261 40.58 -0.22 72.90
C TYR A 261 39.44 0.28 73.77
N LEU A 262 38.42 0.82 73.12
CA LEU A 262 37.20 1.25 73.81
C LEU A 262 36.30 0.09 73.45
N CYS A 263 35.85 -0.69 74.44
CA CYS A 263 35.02 -1.84 74.13
C CYS A 263 33.58 -1.78 74.58
N ASP A 264 33.19 -0.72 75.25
CA ASP A 264 31.80 -0.59 75.69
C ASP A 264 31.47 0.77 76.29
N VAL A 265 30.27 1.24 75.97
CA VAL A 265 29.78 2.49 76.52
C VAL A 265 28.31 2.23 76.84
N THR A 266 27.94 2.51 78.08
CA THR A 266 26.58 2.29 78.52
C THR A 266 26.20 3.41 79.47
N TRP A 267 25.12 4.11 79.16
CA TRP A 267 24.65 5.19 80.00
C TRP A 267 24.04 4.59 81.26
N ALA A 268 24.30 5.22 82.39
CA ALA A 268 23.76 4.75 83.67
C ALA A 268 22.50 5.55 83.99
N THR A 269 22.63 6.88 83.96
CA THR A 269 21.53 7.78 84.23
C THR A 269 21.56 8.93 83.23
N GLN A 270 20.86 10.00 83.56
CA GLN A 270 20.82 11.17 82.69
C GLN A 270 22.15 11.90 82.72
N GLU A 271 22.88 11.76 83.82
CA GLU A 271 24.16 12.45 83.97
C GLU A 271 25.32 11.55 84.32
N ARG A 272 25.15 10.25 84.10
CA ARG A 272 26.21 9.30 84.41
C ARG A 272 26.36 8.29 83.27
N ILE A 273 27.59 8.14 82.78
CA ILE A 273 27.87 7.20 81.71
C ILE A 273 29.02 6.28 82.11
N SER A 274 28.92 5.01 81.70
CA SER A 274 29.98 4.04 82.00
C SER A 274 30.71 3.68 80.71
N LEU A 275 32.02 3.47 80.84
CA LEU A 275 32.89 3.14 79.72
C LEU A 275 33.78 2.00 80.13
N GLN A 276 34.01 1.07 79.22
CA GLN A 276 34.90 -0.05 79.48
C GLN A 276 36.02 0.00 78.46
N TRP A 277 37.26 -0.09 78.95
CA TRP A 277 38.45 -0.06 78.11
C TRP A 277 39.18 -1.39 78.23
N LEU A 278 39.83 -1.78 77.15
CA LEU A 278 40.54 -3.04 77.10
C LEU A 278 41.96 -2.83 76.58
N ARG A 279 42.94 -3.43 77.24
CA ARG A 279 44.32 -3.32 76.80
C ARG A 279 44.50 -4.11 75.51
N ARG A 280 45.51 -3.78 74.71
CA ARG A 280 45.70 -4.53 73.48
C ARG A 280 45.88 -6.02 73.82
N ILE A 281 46.49 -6.28 74.98
CA ILE A 281 46.61 -7.66 75.44
C ILE A 281 45.29 -7.76 76.21
N GLN A 282 44.28 -8.30 75.52
CA GLN A 282 42.93 -8.39 76.06
C GLN A 282 42.74 -9.29 77.26
N ASN A 283 43.65 -9.12 78.21
CA ASN A 283 43.74 -9.84 79.47
C ASN A 283 43.12 -8.97 80.56
N TYR A 284 43.23 -7.66 80.36
CA TYR A 284 42.84 -6.69 81.35
C TYR A 284 41.89 -5.58 80.85
N SER A 285 40.74 -5.45 81.51
CA SER A 285 39.77 -4.41 81.14
C SER A 285 39.43 -3.54 82.35
N VAL A 286 39.13 -2.27 82.08
CA VAL A 286 38.78 -1.33 83.14
C VAL A 286 37.50 -0.55 82.81
N MET A 287 36.62 -0.46 83.78
CA MET A 287 35.36 0.27 83.62
C MET A 287 35.41 1.58 84.37
N ASP A 288 35.05 2.66 83.69
CA ASP A 288 35.02 3.98 84.31
C ASP A 288 33.57 4.42 84.36
N ILE A 289 33.20 5.04 85.48
CA ILE A 289 31.85 5.54 85.63
C ILE A 289 32.06 7.04 85.81
N CYS A 290 31.52 7.81 84.87
CA CYS A 290 31.71 9.25 84.88
C CYS A 290 30.44 10.05 85.05
N ASP A 291 30.55 11.11 85.85
CA ASP A 291 29.41 11.98 86.13
C ASP A 291 29.62 13.36 85.52
N TYR A 292 28.50 13.96 85.10
CA TYR A 292 28.54 15.29 84.55
C TYR A 292 28.63 16.30 85.68
N ASP A 293 29.67 17.14 85.65
CA ASP A 293 29.87 18.16 86.67
C ASP A 293 29.10 19.41 86.28
N GLU A 294 27.97 19.64 86.94
CA GLU A 294 27.09 20.78 86.68
C GLU A 294 27.79 22.13 86.45
N SER A 295 28.38 22.69 87.50
CA SER A 295 29.04 23.99 87.40
C SER A 295 30.50 23.89 86.97
N SER A 296 30.74 23.12 85.92
CA SER A 296 32.08 22.93 85.40
C SER A 296 31.97 22.50 83.94
N GLY A 297 30.85 21.85 83.62
CA GLY A 297 30.61 21.40 82.26
C GLY A 297 31.34 20.14 81.83
N ARG A 298 32.42 19.78 82.53
CA ARG A 298 33.17 18.58 82.14
C ARG A 298 32.62 17.31 82.79
N TRP A 299 33.24 16.18 82.46
CA TRP A 299 32.85 14.89 83.00
C TRP A 299 33.98 14.33 83.85
N ASN A 300 33.64 13.84 85.03
CA ASN A 300 34.65 13.28 85.92
C ASN A 300 34.36 11.82 86.21
N CYS A 301 35.41 11.00 86.11
CA CYS A 301 35.30 9.58 86.35
C CYS A 301 36.11 9.27 87.59
N LEU A 302 35.45 9.30 88.74
CA LEU A 302 36.12 9.05 90.01
C LEU A 302 36.77 7.68 90.06
N VAL A 303 38.07 7.64 90.37
CA VAL A 303 38.71 6.35 90.51
C VAL A 303 37.89 5.88 91.70
N ALA A 304 37.97 4.62 92.10
CA ALA A 304 37.16 4.18 93.23
C ALA A 304 35.82 3.76 92.70
N ARG A 305 35.46 4.36 91.57
CA ARG A 305 34.22 4.02 90.92
C ARG A 305 34.53 3.17 89.70
N GLN A 306 35.81 2.92 89.46
CA GLN A 306 36.21 2.09 88.33
C GLN A 306 36.38 0.64 88.76
N HIS A 307 36.01 -0.27 87.87
CA HIS A 307 36.11 -1.69 88.17
C HIS A 307 36.96 -2.42 87.15
N ILE A 308 37.91 -3.18 87.67
CA ILE A 308 38.84 -3.96 86.88
C ILE A 308 38.28 -5.34 86.61
N GLU A 309 38.38 -5.79 85.37
CA GLU A 309 37.91 -7.13 85.02
C GLU A 309 39.04 -7.76 84.23
N MET A 310 39.66 -8.78 84.81
CA MET A 310 40.76 -9.44 84.15
C MET A 310 40.59 -10.96 84.14
N SER A 311 41.44 -11.63 83.39
CA SER A 311 41.40 -13.08 83.29
C SER A 311 42.81 -13.64 83.35
N THR A 312 42.99 -14.71 84.11
CA THR A 312 44.30 -15.34 84.23
C THR A 312 44.39 -16.57 83.35
N THR A 313 43.25 -17.05 82.89
CA THR A 313 43.21 -18.25 82.02
C THR A 313 43.06 -17.91 80.55
N GLY A 314 42.53 -16.72 80.24
CA GLY A 314 42.35 -16.34 78.84
C GLY A 314 42.11 -14.86 78.65
N TRP A 315 41.19 -14.52 77.75
CA TRP A 315 40.84 -13.14 77.47
C TRP A 315 39.63 -12.76 78.32
N VAL A 316 39.22 -11.50 78.26
CA VAL A 316 38.09 -11.05 79.04
C VAL A 316 36.77 -11.02 78.24
N GLY A 317 35.75 -11.68 78.77
CA GLY A 317 34.46 -11.71 78.08
C GLY A 317 34.40 -12.82 77.05
N ARG A 318 33.23 -13.02 76.44
CA ARG A 318 33.13 -14.06 75.42
C ARG A 318 33.85 -13.55 74.18
N PHE A 319 33.46 -12.36 73.73
CA PHE A 319 34.10 -11.72 72.59
C PHE A 319 34.63 -10.36 73.03
N ARG A 320 33.94 -9.76 74.00
CA ARG A 320 34.32 -8.47 74.57
C ARG A 320 33.67 -8.43 75.93
N PRO A 321 34.21 -7.64 76.86
CA PRO A 321 33.61 -7.56 78.19
C PRO A 321 32.12 -7.28 78.10
N SER A 322 31.34 -7.93 78.97
CA SER A 322 29.89 -7.76 78.98
C SER A 322 29.47 -6.35 79.35
N GLU A 323 28.24 -6.00 78.98
CA GLU A 323 27.69 -4.68 79.25
C GLU A 323 27.02 -4.66 80.63
N PRO A 324 27.11 -3.52 81.33
CA PRO A 324 26.48 -3.43 82.64
C PRO A 324 25.01 -3.01 82.52
N HIS A 325 24.21 -3.40 83.52
CA HIS A 325 22.80 -3.05 83.57
C HIS A 325 22.57 -2.31 84.89
N PHE A 326 22.43 -0.99 84.80
CA PHE A 326 22.26 -0.15 85.98
C PHE A 326 20.87 -0.10 86.56
N THR A 327 20.80 0.06 87.87
CA THR A 327 19.53 0.18 88.58
C THR A 327 19.05 1.62 88.32
N LEU A 328 17.76 1.84 88.52
CA LEU A 328 17.16 3.16 88.31
C LEU A 328 18.01 4.34 88.77
N ASP A 329 18.55 4.29 89.99
CA ASP A 329 19.36 5.40 90.49
C ASP A 329 20.81 5.39 90.01
N GLY A 330 21.16 4.42 89.16
CA GLY A 330 22.52 4.33 88.63
C GLY A 330 23.59 4.12 89.69
N ASN A 331 23.18 3.78 90.90
CA ASN A 331 24.11 3.58 92.00
C ASN A 331 24.63 2.15 92.12
N SER A 332 24.09 1.26 91.32
CA SER A 332 24.51 -0.13 91.33
C SER A 332 24.20 -0.74 89.97
N PHE A 333 24.82 -1.87 89.66
CA PHE A 333 24.58 -2.51 88.37
C PHE A 333 24.86 -4.00 88.36
N TYR A 334 24.30 -4.67 87.36
CA TYR A 334 24.48 -6.09 87.21
C TYR A 334 25.21 -6.35 85.89
N LYS A 335 26.19 -7.23 85.92
CA LYS A 335 26.90 -7.56 84.68
C LYS A 335 27.44 -8.98 84.75
N ILE A 336 27.40 -9.65 83.60
CA ILE A 336 27.88 -11.02 83.50
C ILE A 336 29.41 -11.07 83.51
N ILE A 337 29.96 -11.83 84.45
CA ILE A 337 31.40 -11.99 84.53
C ILE A 337 31.73 -13.45 84.80
N SER A 338 32.98 -13.83 84.58
CA SER A 338 33.38 -15.20 84.80
C SER A 338 33.55 -15.54 86.29
N ASN A 339 33.01 -16.71 86.66
CA ASN A 339 33.08 -17.24 88.03
C ASN A 339 34.49 -17.53 88.48
N GLU A 340 34.59 -17.92 89.75
CA GLU A 340 35.86 -18.31 90.33
C GLU A 340 36.02 -19.75 89.88
N GLU A 341 34.93 -20.30 89.36
CA GLU A 341 34.89 -21.67 88.87
C GLU A 341 34.96 -21.64 87.33
N GLY A 342 35.03 -20.44 86.76
CA GLY A 342 35.11 -20.32 85.32
C GLY A 342 33.79 -20.21 84.56
N TYR A 343 32.66 -20.16 85.28
CA TYR A 343 31.38 -20.04 84.62
C TYR A 343 30.85 -18.61 84.65
N ARG A 344 30.26 -18.17 83.55
CA ARG A 344 29.73 -16.82 83.46
C ARG A 344 28.37 -16.72 84.14
N HIS A 345 28.33 -15.83 85.14
CA HIS A 345 27.13 -15.58 85.93
C HIS A 345 26.99 -14.10 86.24
N ILE A 346 25.78 -13.71 86.65
CA ILE A 346 25.46 -12.34 86.98
C ILE A 346 26.03 -11.89 88.32
N CYS A 347 26.82 -10.82 88.32
CA CYS A 347 27.40 -10.29 89.55
C CYS A 347 26.81 -8.92 89.81
N TYR A 348 26.48 -8.65 91.06
CA TYR A 348 25.87 -7.39 91.49
C TYR A 348 26.90 -6.44 92.10
N PHE A 349 27.02 -5.25 91.50
CA PHE A 349 27.96 -4.23 91.96
C PHE A 349 27.36 -2.96 92.54
N GLN A 350 28.11 -2.35 93.44
CA GLN A 350 27.77 -1.06 94.02
C GLN A 350 28.79 -0.23 93.26
N ILE A 351 28.37 0.80 92.53
CA ILE A 351 29.34 1.57 91.75
C ILE A 351 30.63 1.98 92.44
N ASP A 352 30.59 2.15 93.77
CA ASP A 352 31.81 2.54 94.48
C ASP A 352 32.35 1.48 95.42
N LYS A 353 32.08 0.22 95.08
CA LYS A 353 32.54 -0.92 95.89
C LYS A 353 33.27 -1.88 94.96
N LYS A 354 34.49 -2.25 95.34
CA LYS A 354 35.33 -3.16 94.54
C LYS A 354 34.74 -4.55 94.29
N ASP A 355 34.31 -5.22 95.35
CA ASP A 355 33.77 -6.57 95.19
C ASP A 355 32.29 -6.66 94.90
N CYS A 356 31.94 -7.54 93.98
CA CYS A 356 30.55 -7.73 93.60
C CYS A 356 30.01 -9.03 94.19
N THR A 357 28.68 -9.18 94.18
CA THR A 357 28.09 -10.39 94.72
C THR A 357 27.39 -11.16 93.61
N PHE A 358 27.80 -12.41 93.39
CA PHE A 358 27.17 -13.23 92.37
C PHE A 358 25.76 -13.59 92.80
N ILE A 359 24.78 -13.35 91.94
CA ILE A 359 23.40 -13.66 92.29
C ILE A 359 22.95 -14.98 91.68
N THR A 360 23.74 -15.51 90.75
CA THR A 360 23.45 -16.81 90.15
C THR A 360 24.74 -17.61 90.19
N LYS A 361 24.64 -18.93 90.10
CA LYS A 361 25.81 -19.79 90.13
C LYS A 361 25.44 -21.19 89.65
N GLY A 362 26.45 -22.00 89.35
CA GLY A 362 26.19 -23.35 88.88
C GLY A 362 27.01 -23.70 87.66
N THR A 363 26.96 -24.95 87.25
CA THR A 363 27.70 -25.42 86.08
C THR A 363 26.90 -25.25 84.80
N TRP A 364 26.58 -23.99 84.52
CA TRP A 364 25.85 -23.58 83.33
C TRP A 364 26.18 -22.10 83.24
N GLU A 365 25.70 -21.40 82.22
CA GLU A 365 26.02 -19.99 82.12
C GLU A 365 24.85 -19.09 81.76
N VAL A 366 24.94 -17.84 82.20
CA VAL A 366 23.92 -16.85 81.88
C VAL A 366 24.36 -16.36 80.50
N ILE A 367 23.46 -16.40 79.54
CA ILE A 367 23.79 -15.95 78.19
C ILE A 367 23.72 -14.44 78.15
N GLY A 368 22.65 -13.90 78.69
CA GLY A 368 22.50 -12.46 78.72
C GLY A 368 21.42 -11.95 79.64
N ILE A 369 21.59 -10.70 80.07
CA ILE A 369 20.63 -10.03 80.92
C ILE A 369 19.67 -9.35 79.93
N GLU A 370 18.38 -9.66 80.01
CA GLU A 370 17.40 -9.11 79.08
C GLU A 370 16.58 -7.93 79.55
N ALA A 371 16.33 -7.86 80.85
CA ALA A 371 15.56 -6.75 81.42
C ALA A 371 15.80 -6.63 82.91
N LEU A 372 15.61 -5.43 83.42
CA LEU A 372 15.82 -5.17 84.82
C LEU A 372 14.77 -4.22 85.35
N THR A 373 13.97 -4.70 86.28
CA THR A 373 12.94 -3.88 86.90
C THR A 373 13.44 -3.65 88.32
N SER A 374 12.71 -2.87 89.09
CA SER A 374 13.13 -2.61 90.46
C SER A 374 12.84 -3.89 91.23
N ASP A 375 11.98 -4.70 90.65
CA ASP A 375 11.54 -5.96 91.22
C ASP A 375 12.37 -7.18 90.83
N TYR A 376 12.56 -7.38 89.53
CA TYR A 376 13.31 -8.53 89.04
C TYR A 376 14.37 -8.24 88.02
N LEU A 377 15.15 -9.29 87.75
CA LEU A 377 16.21 -9.29 86.76
C LEU A 377 15.82 -10.46 85.85
N TYR A 378 15.63 -10.18 84.56
CA TYR A 378 15.28 -11.23 83.62
C TYR A 378 16.52 -11.58 82.81
N TYR A 379 16.78 -12.87 82.66
CA TYR A 379 17.94 -13.31 81.92
C TYR A 379 17.71 -14.63 81.20
N ILE A 380 18.57 -14.89 80.23
CA ILE A 380 18.50 -16.11 79.44
C ILE A 380 19.73 -16.94 79.77
N SER A 381 19.55 -18.23 80.00
CA SER A 381 20.66 -19.12 80.31
C SER A 381 20.42 -20.50 79.73
N ASN A 382 21.43 -21.35 79.83
CA ASN A 382 21.33 -22.72 79.35
C ASN A 382 21.31 -23.69 80.53
N GLU A 383 20.71 -23.28 81.64
CA GLU A 383 20.66 -24.14 82.82
C GLU A 383 19.73 -25.35 82.68
N TYR A 384 18.56 -25.13 82.10
CA TYR A 384 17.55 -26.19 81.95
C TYR A 384 18.06 -27.50 81.36
N LYS A 385 17.74 -28.60 82.04
CA LYS A 385 18.13 -29.94 81.59
C LYS A 385 19.64 -30.09 81.45
N GLY A 386 20.39 -29.11 81.94
CA GLY A 386 21.84 -29.18 81.82
C GLY A 386 22.38 -29.20 80.39
N MET A 387 21.56 -28.83 79.42
CA MET A 387 22.02 -28.80 78.04
C MET A 387 22.45 -27.40 77.60
N PRO A 388 23.76 -27.20 77.44
CA PRO A 388 24.35 -25.92 77.01
C PRO A 388 23.88 -25.41 75.65
N GLY A 389 23.20 -26.27 74.88
CA GLY A 389 22.70 -25.86 73.58
C GLY A 389 21.25 -25.42 73.65
N GLY A 390 20.74 -25.26 74.86
CA GLY A 390 19.36 -24.82 75.03
C GLY A 390 19.34 -23.43 75.63
N ARG A 391 18.26 -22.69 75.42
CA ARG A 391 18.12 -21.33 75.93
C ARG A 391 16.73 -21.12 76.52
N ASN A 392 16.68 -20.54 77.71
CA ASN A 392 15.41 -20.27 78.36
C ASN A 392 15.43 -18.96 79.15
N LEU A 393 14.26 -18.34 79.26
CA LEU A 393 14.12 -17.08 79.98
C LEU A 393 13.85 -17.38 81.44
N TYR A 394 14.57 -16.69 82.32
CA TYR A 394 14.41 -16.84 83.75
C TYR A 394 14.31 -15.46 84.39
N LYS A 395 13.66 -15.40 85.55
CA LYS A 395 13.57 -14.15 86.28
C LYS A 395 14.01 -14.45 87.71
N ILE A 396 14.82 -13.57 88.28
CA ILE A 396 15.31 -13.77 89.63
C ILE A 396 14.89 -12.60 90.51
N GLN A 397 14.42 -12.93 91.70
CA GLN A 397 13.96 -11.93 92.65
C GLN A 397 15.14 -11.19 93.27
N LEU A 398 15.20 -9.88 93.06
CA LEU A 398 16.30 -9.08 93.60
C LEU A 398 16.34 -9.09 95.12
N SER A 399 15.18 -9.31 95.74
CA SER A 399 15.08 -9.35 97.19
C SER A 399 15.58 -10.68 97.75
N ASP A 400 15.55 -11.72 96.93
CA ASP A 400 15.98 -13.04 97.37
C ASP A 400 16.42 -13.89 96.18
N TYR A 401 17.72 -13.93 95.97
CA TYR A 401 18.32 -14.67 94.86
C TYR A 401 17.93 -16.14 94.88
N THR A 402 17.36 -16.56 96.00
CA THR A 402 16.90 -17.93 96.16
C THR A 402 15.72 -18.20 95.24
N LYS A 403 14.98 -17.14 94.92
CA LYS A 403 13.80 -17.25 94.08
C LYS A 403 14.01 -16.99 92.59
N VAL A 404 14.41 -18.02 91.85
CA VAL A 404 14.59 -17.88 90.41
C VAL A 404 13.49 -18.70 89.75
N THR A 405 12.79 -18.09 88.81
CA THR A 405 11.69 -18.76 88.13
C THR A 405 11.94 -18.90 86.63
N CYS A 406 11.79 -20.11 86.09
CA CYS A 406 11.95 -20.27 84.66
C CYS A 406 10.63 -19.91 83.99
N LEU A 407 10.67 -18.97 83.06
CA LEU A 407 9.47 -18.50 82.37
C LEU A 407 9.18 -19.17 81.02
N SER A 408 10.11 -19.98 80.51
CA SER A 408 9.90 -20.61 79.20
C SER A 408 10.04 -22.13 79.21
N CYS A 409 10.85 -22.66 80.12
CA CYS A 409 11.10 -24.09 80.23
C CYS A 409 9.92 -25.00 79.92
N GLU A 410 8.83 -24.82 80.68
CA GLU A 410 7.66 -25.67 80.54
C GLU A 410 6.56 -25.27 79.57
N LEU A 411 6.70 -24.15 78.87
CA LEU A 411 5.66 -23.72 77.92
C LEU A 411 5.31 -24.81 76.92
N ASN A 412 6.31 -25.50 76.42
CA ASN A 412 6.12 -26.58 75.44
C ASN A 412 7.49 -27.24 75.25
N PRO A 413 7.97 -27.93 76.28
CA PRO A 413 9.25 -28.63 76.36
C PRO A 413 9.61 -29.55 75.18
N GLU A 414 8.61 -29.99 74.43
CA GLU A 414 8.87 -30.87 73.30
C GLU A 414 9.30 -30.07 72.09
N ARG A 415 8.55 -29.01 71.81
CA ARG A 415 8.80 -28.15 70.67
C ARG A 415 9.73 -26.97 70.92
N CYS A 416 9.84 -26.54 72.16
CA CYS A 416 10.65 -25.37 72.48
C CYS A 416 11.70 -25.49 73.57
N GLN A 417 12.97 -25.43 73.16
CA GLN A 417 14.08 -25.53 74.10
C GLN A 417 15.13 -24.44 73.81
N TYR A 418 14.78 -23.50 72.93
CA TYR A 418 15.68 -22.42 72.57
C TYR A 418 14.87 -21.13 72.43
N TYR A 419 14.99 -20.25 73.41
CA TYR A 419 14.25 -19.00 73.38
C TYR A 419 15.10 -17.74 73.39
N SER A 420 14.51 -16.67 72.87
CA SER A 420 15.10 -15.33 72.83
C SER A 420 13.88 -14.52 73.26
N VAL A 421 14.09 -13.33 73.82
CA VAL A 421 12.94 -12.56 74.27
C VAL A 421 13.00 -11.07 73.91
N SER A 422 11.84 -10.43 73.88
CA SER A 422 11.73 -9.01 73.56
C SER A 422 10.71 -8.34 74.51
N PHE A 423 11.21 -7.53 75.44
CA PHE A 423 10.36 -6.83 76.41
C PHE A 423 9.85 -5.48 75.95
N SER A 424 8.69 -5.08 76.49
CA SER A 424 8.12 -3.79 76.16
C SER A 424 8.93 -2.78 76.96
N LYS A 425 8.73 -1.48 76.71
CA LYS A 425 9.49 -0.44 77.37
C LYS A 425 9.78 -0.62 78.86
N GLU A 426 8.76 -0.87 79.66
CA GLU A 426 8.99 -1.06 81.09
C GLU A 426 8.86 -2.52 81.49
N ALA A 427 9.08 -3.43 80.54
CA ALA A 427 8.99 -4.85 80.82
C ALA A 427 7.64 -5.26 81.40
N LYS A 428 6.57 -4.62 80.92
CA LYS A 428 5.21 -4.94 81.38
C LYS A 428 4.74 -6.14 80.58
N TYR A 429 5.27 -6.27 79.37
CA TYR A 429 4.93 -7.36 78.48
C TYR A 429 6.20 -7.83 77.79
N TYR A 430 6.17 -9.06 77.29
CA TYR A 430 7.31 -9.59 76.57
C TYR A 430 6.88 -10.64 75.57
N GLN A 431 7.60 -10.71 74.47
CA GLN A 431 7.35 -11.67 73.43
C GLN A 431 8.42 -12.74 73.55
N LEU A 432 8.02 -14.00 73.46
CA LEU A 432 8.96 -15.11 73.51
C LEU A 432 9.14 -15.65 72.11
N ARG A 433 10.38 -15.92 71.75
CA ARG A 433 10.69 -16.46 70.43
C ARG A 433 11.36 -17.81 70.55
N CYS A 434 10.58 -18.83 70.28
CA CYS A 434 11.03 -20.21 70.30
C CYS A 434 11.56 -20.50 68.90
N SER A 435 12.80 -20.98 68.81
CA SER A 435 13.38 -21.28 67.49
C SER A 435 13.78 -22.75 67.30
N GLY A 436 13.33 -23.61 68.21
CA GLY A 436 13.65 -25.02 68.09
C GLY A 436 13.44 -25.80 69.36
N PRO A 437 13.50 -27.14 69.31
CA PRO A 437 13.78 -27.98 68.13
C PRO A 437 12.64 -28.08 67.11
N GLY A 438 11.44 -27.74 67.55
CA GLY A 438 10.30 -27.80 66.65
C GLY A 438 10.21 -26.52 65.83
N LEU A 439 9.10 -26.34 65.12
CA LEU A 439 8.92 -25.15 64.32
C LEU A 439 8.84 -23.93 65.21
N PRO A 440 9.46 -22.82 64.78
CA PRO A 440 9.47 -21.56 65.53
C PRO A 440 8.08 -21.15 65.98
N LEU A 441 7.99 -20.73 67.24
CA LEU A 441 6.73 -20.32 67.84
C LEU A 441 6.89 -18.97 68.56
N TYR A 442 6.05 -18.00 68.22
CA TYR A 442 6.10 -16.67 68.82
C TYR A 442 4.85 -16.39 69.65
N THR A 443 5.06 -16.01 70.90
CA THR A 443 3.95 -15.74 71.81
C THR A 443 4.10 -14.45 72.62
N LEU A 444 2.99 -13.97 73.18
CA LEU A 444 2.98 -12.76 74.00
C LEU A 444 2.64 -13.08 75.45
N HIS A 445 3.27 -12.37 76.37
CA HIS A 445 3.04 -12.59 77.79
C HIS A 445 3.05 -11.28 78.57
N SER A 446 2.39 -11.28 79.73
CA SER A 446 2.37 -10.11 80.59
C SER A 446 3.20 -10.44 81.82
N SER A 447 4.13 -9.56 82.14
CA SER A 447 5.06 -9.75 83.26
C SER A 447 4.47 -9.84 84.67
N VAL A 448 3.35 -9.17 84.90
CA VAL A 448 2.74 -9.17 86.24
C VAL A 448 2.55 -10.58 86.83
N ASN A 449 2.09 -11.52 86.01
CA ASN A 449 1.88 -12.90 86.45
C ASN A 449 2.52 -13.90 85.49
N ASP A 450 3.17 -13.39 84.46
CA ASP A 450 3.80 -14.24 83.46
C ASP A 450 2.72 -15.07 82.76
N LYS A 451 1.57 -14.43 82.55
CA LYS A 451 0.45 -15.08 81.87
C LYS A 451 0.67 -15.07 80.38
N GLY A 452 0.31 -16.17 79.73
CA GLY A 452 0.43 -16.22 78.29
C GLY A 452 -0.78 -15.49 77.75
N LEU A 453 -0.57 -14.44 76.97
CA LEU A 453 -1.69 -13.68 76.42
C LEU A 453 -2.25 -14.32 75.16
N ARG A 454 -1.37 -14.75 74.26
CA ARG A 454 -1.80 -15.37 73.02
C ARG A 454 -0.62 -15.75 72.12
N VAL A 455 -0.90 -16.62 71.16
CA VAL A 455 0.10 -17.05 70.19
C VAL A 455 0.11 -16.02 69.08
N LEU A 456 1.30 -15.58 68.69
CA LEU A 456 1.46 -14.58 67.62
C LEU A 456 1.67 -15.25 66.27
N GLU A 457 2.49 -16.30 66.25
CA GLU A 457 2.77 -17.05 65.02
C GLU A 457 3.24 -18.45 65.40
N ASP A 458 2.62 -19.47 64.81
CA ASP A 458 2.97 -20.85 65.12
C ASP A 458 3.45 -21.63 63.89
N ASN A 459 3.65 -20.94 62.78
CA ASN A 459 4.12 -21.59 61.56
C ASN A 459 3.32 -22.83 61.20
N SER A 460 2.00 -22.73 61.32
CA SER A 460 1.12 -23.85 61.00
C SER A 460 1.11 -24.08 59.50
N ALA A 461 1.23 -23.01 58.73
CA ALA A 461 1.25 -23.10 57.27
C ALA A 461 2.45 -23.93 56.81
N LEU A 462 3.61 -23.67 57.40
CA LEU A 462 4.83 -24.41 57.07
C LEU A 462 4.68 -25.85 57.54
N ASP A 463 3.96 -26.03 58.64
CA ASP A 463 3.77 -27.36 59.20
C ASP A 463 2.98 -28.25 58.25
N LYS A 464 1.90 -27.70 57.70
CA LYS A 464 1.06 -28.46 56.78
C LYS A 464 1.88 -28.86 55.57
N MET A 465 2.69 -27.93 55.08
CA MET A 465 3.52 -28.16 53.92
C MET A 465 4.56 -29.26 54.12
N LEU A 466 5.24 -29.23 55.27
CA LEU A 466 6.27 -30.21 55.56
C LEU A 466 5.83 -31.65 55.83
N GLN A 467 4.55 -31.87 56.09
CA GLN A 467 4.11 -33.23 56.35
C GLN A 467 3.98 -34.03 55.06
N ASN A 468 4.23 -33.36 53.94
CA ASN A 468 4.19 -34.00 52.63
C ASN A 468 5.59 -34.23 52.10
N VAL A 469 6.59 -34.07 52.96
CA VAL A 469 7.98 -34.25 52.56
C VAL A 469 8.77 -35.04 53.60
N GLN A 470 9.65 -35.91 53.12
CA GLN A 470 10.48 -36.73 54.00
C GLN A 470 11.59 -35.88 54.61
N MET A 471 11.29 -35.28 55.75
CA MET A 471 12.26 -34.43 56.45
C MET A 471 13.21 -35.23 57.33
N PRO A 472 14.45 -34.73 57.48
CA PRO A 472 15.46 -35.40 58.31
C PRO A 472 15.18 -35.11 59.77
N SER A 473 15.84 -35.83 60.66
CA SER A 473 15.64 -35.63 62.08
C SER A 473 16.94 -35.12 62.69
N LYS A 474 16.87 -34.57 63.89
CA LYS A 474 18.06 -34.04 64.54
C LYS A 474 18.33 -34.69 65.89
N LYS A 475 19.55 -35.18 66.06
CA LYS A 475 19.96 -35.81 67.31
C LYS A 475 20.97 -34.92 68.03
N LEU A 476 20.63 -34.57 69.27
CA LEU A 476 21.48 -33.73 70.12
C LEU A 476 21.89 -34.60 71.29
N ASP A 477 23.19 -34.81 71.44
CA ASP A 477 23.68 -35.67 72.51
C ASP A 477 25.13 -35.32 72.79
N PHE A 478 25.80 -36.12 73.61
CA PHE A 478 27.18 -35.84 73.92
C PHE A 478 28.00 -37.10 74.05
N ILE A 479 29.32 -36.92 74.01
CA ILE A 479 30.26 -38.01 74.18
C ILE A 479 31.14 -37.58 75.34
N ILE A 480 32.05 -38.45 75.74
CA ILE A 480 32.92 -38.12 76.86
C ILE A 480 34.40 -38.27 76.58
N LEU A 481 35.10 -37.13 76.56
CA LEU A 481 36.53 -37.13 76.35
C LEU A 481 37.12 -36.91 77.74
N ASN A 482 38.02 -37.81 78.14
CA ASN A 482 38.65 -37.78 79.46
C ASN A 482 37.99 -36.87 80.50
N GLU A 483 36.96 -37.41 81.15
CA GLU A 483 36.22 -36.72 82.20
C GLU A 483 35.15 -35.72 81.77
N THR A 484 35.42 -34.96 80.71
CA THR A 484 34.46 -33.96 80.27
C THR A 484 33.54 -34.40 79.14
N LYS A 485 32.31 -33.90 79.16
CA LYS A 485 31.36 -34.23 78.11
C LYS A 485 31.34 -33.13 77.05
N PHE A 486 31.30 -33.54 75.79
CA PHE A 486 31.27 -32.60 74.68
C PHE A 486 30.10 -32.93 73.78
N TRP A 487 29.26 -31.94 73.53
CA TRP A 487 28.06 -32.12 72.73
C TRP A 487 28.25 -32.13 71.21
N TYR A 488 27.32 -32.79 70.54
CA TYR A 488 27.34 -32.90 69.10
C TYR A 488 25.89 -33.02 68.62
N GLN A 489 25.67 -32.76 67.35
CA GLN A 489 24.32 -32.88 66.79
C GLN A 489 24.48 -33.56 65.44
N MET A 490 23.47 -34.31 65.02
CA MET A 490 23.53 -34.99 63.74
C MET A 490 22.22 -34.81 62.99
N ILE A 491 22.31 -34.34 61.75
CA ILE A 491 21.11 -34.19 60.92
C ILE A 491 20.99 -35.56 60.26
N LEU A 492 20.03 -36.35 60.73
CA LEU A 492 19.81 -37.70 60.23
C LEU A 492 18.82 -37.79 59.09
N PRO A 493 19.14 -38.59 58.07
CA PRO A 493 18.28 -38.78 56.91
C PRO A 493 16.94 -39.37 57.34
N PRO A 494 15.89 -39.15 56.53
CA PRO A 494 14.57 -39.68 56.88
C PRO A 494 14.65 -41.20 56.95
N HIS A 495 13.87 -41.81 57.85
CA HIS A 495 13.85 -43.26 58.00
C HIS A 495 15.24 -43.78 58.38
N PHE A 496 15.93 -43.04 59.25
CA PHE A 496 17.25 -43.45 59.69
C PHE A 496 17.23 -44.89 60.16
N ASP A 497 18.24 -45.65 59.76
CA ASP A 497 18.35 -47.05 60.13
C ASP A 497 19.73 -47.28 60.73
N LYS A 498 19.80 -47.27 62.06
CA LYS A 498 21.06 -47.48 62.76
C LYS A 498 21.79 -48.74 62.31
N SER A 499 21.11 -49.56 61.52
CA SER A 499 21.70 -50.81 61.04
C SER A 499 22.53 -50.55 59.78
N LYS A 500 22.12 -49.54 59.01
CA LYS A 500 22.78 -49.15 57.78
C LYS A 500 24.06 -48.32 58.07
N LYS A 501 24.94 -48.21 57.07
CA LYS A 501 26.17 -47.44 57.20
C LYS A 501 26.11 -46.24 56.26
N TYR A 502 25.93 -45.05 56.83
CA TYR A 502 25.83 -43.84 56.02
C TYR A 502 27.12 -43.05 55.92
N PRO A 503 27.26 -42.26 54.83
CA PRO A 503 28.46 -41.45 54.65
C PRO A 503 28.25 -40.28 55.61
N LEU A 504 29.32 -39.70 56.13
CA LEU A 504 29.14 -38.60 57.07
C LEU A 504 29.93 -37.35 56.70
N LEU A 505 29.28 -36.21 56.90
CA LEU A 505 29.86 -34.90 56.62
C LEU A 505 29.99 -34.14 57.94
N LEU A 506 31.21 -33.78 58.31
CA LEU A 506 31.39 -33.03 59.55
C LEU A 506 31.31 -31.54 59.20
N ASP A 507 30.20 -30.92 59.57
CA ASP A 507 29.95 -29.49 59.35
C ASP A 507 30.66 -28.81 60.52
N VAL A 508 31.70 -28.04 60.22
CA VAL A 508 32.47 -27.43 61.29
C VAL A 508 32.70 -25.94 61.28
N TYR A 509 32.76 -25.37 62.47
CA TYR A 509 33.07 -23.95 62.65
C TYR A 509 34.22 -23.98 63.67
N ALA A 510 33.88 -24.32 64.91
CA ALA A 510 34.87 -24.48 65.97
C ALA A 510 35.67 -23.27 66.45
N GLY A 511 35.26 -22.07 66.11
CA GLY A 511 36.00 -20.90 66.59
C GLY A 511 35.83 -20.74 68.09
N PRO A 512 36.64 -19.87 68.74
CA PRO A 512 36.51 -19.67 70.19
C PRO A 512 35.14 -19.14 70.60
N CYS A 513 34.50 -19.85 71.53
CA CYS A 513 33.17 -19.51 72.05
C CYS A 513 32.08 -19.78 71.03
N SER A 514 32.32 -20.76 70.16
CA SER A 514 31.33 -21.11 69.14
C SER A 514 30.46 -22.24 69.67
N GLN A 515 29.33 -22.46 69.01
CA GLN A 515 28.42 -23.52 69.38
C GLN A 515 27.72 -24.00 68.13
N LYS A 516 28.01 -25.23 67.72
CA LYS A 516 27.41 -25.81 66.52
C LYS A 516 26.45 -26.92 66.88
N ALA A 517 26.35 -27.22 68.18
CA ALA A 517 25.45 -28.26 68.64
C ALA A 517 24.39 -27.60 69.52
N ASP A 518 23.19 -27.42 68.97
CA ASP A 518 22.10 -26.78 69.72
C ASP A 518 20.74 -27.36 69.35
N THR A 519 19.69 -26.79 69.93
CA THR A 519 18.33 -27.26 69.69
C THR A 519 17.56 -26.37 68.70
N VAL A 520 18.29 -25.61 67.89
CA VAL A 520 17.67 -24.72 66.93
C VAL A 520 17.17 -25.45 65.68
N PHE A 521 15.98 -25.07 65.22
CA PHE A 521 15.40 -25.67 64.03
C PHE A 521 15.95 -24.94 62.81
N ARG A 522 16.42 -25.69 61.82
CA ARG A 522 16.97 -25.08 60.62
C ARG A 522 16.62 -25.79 59.32
N LEU A 523 16.53 -24.98 58.26
CA LEU A 523 16.26 -25.46 56.92
C LEU A 523 17.44 -24.92 56.13
N ASN A 524 18.45 -25.75 55.93
CA ASN A 524 19.63 -25.32 55.19
C ASN A 524 20.16 -26.40 54.27
N TRP A 525 21.42 -26.22 53.85
CA TRP A 525 22.08 -27.16 52.96
C TRP A 525 22.12 -28.56 53.59
N ALA A 526 22.40 -28.61 54.89
CA ALA A 526 22.45 -29.89 55.60
C ALA A 526 21.12 -30.64 55.52
N THR A 527 20.02 -29.90 55.54
CA THR A 527 18.69 -30.48 55.45
C THR A 527 18.58 -31.25 54.14
N TYR A 528 19.00 -30.61 53.06
CA TYR A 528 19.00 -31.21 51.73
C TYR A 528 19.90 -32.44 51.68
N LEU A 529 21.14 -32.28 52.15
CA LEU A 529 22.10 -33.39 52.13
C LEU A 529 21.59 -34.63 52.83
N ALA A 530 20.87 -34.45 53.93
CA ALA A 530 20.33 -35.57 54.69
C ALA A 530 19.03 -36.12 54.10
N SER A 531 18.11 -35.22 53.80
CA SER A 531 16.82 -35.58 53.24
C SER A 531 16.87 -36.22 51.85
N THR A 532 17.58 -35.57 50.93
CA THR A 532 17.68 -36.08 49.57
C THR A 532 18.85 -37.02 49.28
N GLU A 533 20.01 -36.74 49.86
CA GLU A 533 21.20 -37.54 49.60
C GLU A 533 21.52 -38.59 50.66
N ASN A 534 20.75 -38.62 51.73
CA ASN A 534 20.97 -39.59 52.80
C ASN A 534 22.37 -39.53 53.41
N ILE A 535 22.83 -38.31 53.64
CA ILE A 535 24.13 -38.07 54.24
C ILE A 535 23.88 -37.59 55.65
N ILE A 536 24.65 -38.09 56.60
CA ILE A 536 24.52 -37.65 57.98
C ILE A 536 25.40 -36.41 58.11
N VAL A 537 24.84 -35.32 58.62
CA VAL A 537 25.63 -34.10 58.79
C VAL A 537 25.78 -33.83 60.28
N ALA A 538 26.99 -34.04 60.79
CA ALA A 538 27.25 -33.83 62.20
C ALA A 538 28.07 -32.58 62.49
N SER A 539 27.98 -32.12 63.74
CA SER A 539 28.73 -30.97 64.20
C SER A 539 29.11 -31.27 65.64
N PHE A 540 30.33 -30.90 66.01
CA PHE A 540 30.83 -31.17 67.35
C PHE A 540 31.39 -29.93 68.04
N ASP A 541 31.08 -29.77 69.32
CA ASP A 541 31.60 -28.63 70.09
C ASP A 541 32.67 -29.15 71.04
N GLY A 542 33.92 -28.98 70.64
CA GLY A 542 35.02 -29.45 71.47
C GLY A 542 35.69 -28.35 72.24
N ARG A 543 36.96 -28.58 72.60
CA ARG A 543 37.75 -27.60 73.34
C ARG A 543 37.64 -26.26 72.60
N GLY A 544 37.51 -25.18 73.35
CA GLY A 544 37.37 -23.88 72.72
C GLY A 544 35.92 -23.43 72.59
N SER A 545 34.99 -24.40 72.57
CA SER A 545 33.55 -24.09 72.47
C SER A 545 33.11 -23.15 73.59
N GLY A 546 31.97 -22.50 73.41
CA GLY A 546 31.49 -21.57 74.43
C GLY A 546 30.27 -22.02 75.21
N TYR A 547 29.90 -21.20 76.19
CA TYR A 547 28.72 -21.43 77.03
C TYR A 547 28.81 -22.63 77.96
N GLN A 548 30.02 -23.10 78.21
CA GLN A 548 30.23 -24.26 79.07
C GLN A 548 31.29 -24.02 80.14
N GLY A 549 31.67 -22.76 80.35
CA GLY A 549 32.70 -22.47 81.34
C GLY A 549 34.05 -22.27 80.67
N ASP A 550 34.94 -21.55 81.32
CA ASP A 550 36.27 -21.28 80.78
C ASP A 550 37.25 -22.45 80.67
N LYS A 551 37.08 -23.48 81.48
CA LYS A 551 38.00 -24.62 81.39
C LYS A 551 37.96 -25.16 79.97
N ILE A 552 36.79 -25.09 79.37
CA ILE A 552 36.60 -25.56 78.01
C ILE A 552 36.91 -24.46 76.99
N MET A 553 36.31 -23.29 77.17
CA MET A 553 36.52 -22.19 76.24
C MET A 553 37.96 -21.67 76.15
N HIS A 554 38.61 -21.49 77.29
CA HIS A 554 39.99 -21.00 77.32
C HIS A 554 41.06 -22.07 77.06
N ALA A 555 40.62 -23.29 76.79
CA ALA A 555 41.56 -24.38 76.54
C ALA A 555 42.51 -24.06 75.39
N ILE A 556 42.01 -23.37 74.35
CA ILE A 556 42.84 -23.02 73.21
C ILE A 556 43.49 -21.64 73.31
N ASN A 557 43.55 -21.10 74.52
CA ASN A 557 44.15 -19.78 74.72
C ASN A 557 45.58 -19.77 74.20
N ARG A 558 45.93 -18.76 73.42
CA ARG A 558 47.27 -18.63 72.85
C ARG A 558 47.65 -19.86 72.03
N ARG A 559 46.68 -20.73 71.78
CA ARG A 559 46.93 -21.98 71.06
C ARG A 559 45.94 -22.29 69.96
N LEU A 560 45.55 -21.30 69.18
CA LEU A 560 44.60 -21.55 68.10
C LEU A 560 45.17 -22.58 67.13
N GLY A 561 44.29 -23.39 66.57
CA GLY A 561 44.71 -24.40 65.62
C GLY A 561 45.27 -25.67 66.24
N THR A 562 44.96 -25.90 67.52
CA THR A 562 45.44 -27.10 68.18
C THR A 562 44.31 -28.01 68.67
N PHE A 563 43.95 -27.89 69.95
CA PHE A 563 42.90 -28.73 70.52
C PHE A 563 41.56 -28.65 69.78
N GLU A 564 41.18 -27.48 69.28
CA GLU A 564 39.90 -27.39 68.60
C GLU A 564 39.83 -28.20 67.31
N VAL A 565 40.96 -28.32 66.59
CA VAL A 565 40.94 -29.12 65.36
C VAL A 565 41.11 -30.59 65.72
N GLU A 566 41.95 -30.86 66.71
CA GLU A 566 42.18 -32.23 67.18
C GLU A 566 40.87 -32.88 67.66
N ASP A 567 40.11 -32.15 68.46
CA ASP A 567 38.85 -32.68 68.96
C ASP A 567 37.86 -32.96 67.84
N GLN A 568 37.97 -32.19 66.76
CA GLN A 568 37.08 -32.36 65.63
C GLN A 568 37.41 -33.71 64.98
N ILE A 569 38.69 -34.03 64.92
CA ILE A 569 39.15 -35.30 64.36
C ILE A 569 38.69 -36.43 65.27
N GLU A 570 38.91 -36.24 66.57
CA GLU A 570 38.53 -37.22 67.57
C GLU A 570 37.04 -37.50 67.55
N ALA A 571 36.24 -36.48 67.26
CA ALA A 571 34.80 -36.65 67.22
C ALA A 571 34.42 -37.56 66.06
N ALA A 572 34.98 -37.29 64.89
CA ALA A 572 34.71 -38.09 63.69
C ALA A 572 35.14 -39.51 63.96
N ARG A 573 36.28 -39.65 64.63
CA ARG A 573 36.82 -40.96 64.97
C ARG A 573 35.78 -41.72 65.81
N GLN A 574 35.13 -41.03 66.75
CA GLN A 574 34.12 -41.69 67.58
C GLN A 574 32.80 -41.90 66.85
N PHE A 575 32.51 -41.05 65.88
CA PHE A 575 31.27 -41.19 65.14
C PHE A 575 31.36 -42.43 64.25
N SER A 576 32.50 -42.62 63.61
CA SER A 576 32.71 -43.75 62.71
C SER A 576 32.72 -45.06 63.50
N LYS A 577 32.52 -44.97 64.81
CA LYS A 577 32.52 -46.16 65.65
C LYS A 577 31.15 -46.39 66.31
N MET A 578 30.16 -45.61 65.93
CA MET A 578 28.82 -45.75 66.48
C MET A 578 28.02 -46.81 65.75
N GLY A 579 28.58 -47.33 64.67
CA GLY A 579 27.92 -48.39 63.93
C GLY A 579 27.11 -48.06 62.69
N PHE A 580 26.67 -46.81 62.55
CA PHE A 580 25.89 -46.43 61.39
C PHE A 580 26.65 -45.49 60.45
N VAL A 581 27.98 -45.53 60.54
CA VAL A 581 28.79 -44.67 59.71
C VAL A 581 29.79 -45.43 58.86
N ASP A 582 29.78 -45.15 57.56
CA ASP A 582 30.72 -45.78 56.63
C ASP A 582 32.03 -45.00 56.76
N ASN A 583 32.96 -45.53 57.54
CA ASN A 583 34.23 -44.83 57.75
C ASN A 583 35.07 -44.68 56.49
N LYS A 584 34.56 -45.17 55.36
CA LYS A 584 35.28 -45.02 54.11
C LYS A 584 34.80 -43.74 53.43
N ARG A 585 33.70 -43.21 53.93
CA ARG A 585 33.14 -41.99 53.37
C ARG A 585 32.84 -40.92 54.42
N ILE A 586 33.88 -40.36 55.00
CA ILE A 586 33.72 -39.30 55.99
C ILE A 586 34.34 -38.02 55.41
N ALA A 587 33.54 -36.98 55.30
CA ALA A 587 34.02 -35.71 54.77
C ALA A 587 33.93 -34.62 55.83
N ILE A 588 34.46 -33.44 55.50
CA ILE A 588 34.44 -32.32 56.43
C ILE A 588 34.43 -30.99 55.69
N TRP A 589 33.60 -30.05 56.13
CA TRP A 589 33.56 -28.75 55.49
C TRP A 589 33.28 -27.65 56.49
N GLY A 590 33.67 -26.43 56.14
CA GLY A 590 33.48 -25.30 57.02
C GLY A 590 33.75 -23.98 56.31
N TRP A 591 33.23 -22.91 56.89
CA TRP A 591 33.35 -21.57 56.34
C TRP A 591 34.04 -20.69 57.40
N SER A 592 34.80 -19.70 56.95
CA SER A 592 35.49 -18.79 57.87
C SER A 592 36.45 -19.55 58.78
N TYR A 593 36.21 -19.45 60.07
CA TYR A 593 37.05 -20.17 61.03
C TYR A 593 36.93 -21.66 60.75
N GLY A 594 35.74 -22.08 60.34
CA GLY A 594 35.53 -23.49 60.03
C GLY A 594 36.32 -23.91 58.81
N GLY A 595 36.67 -22.94 57.97
CA GLY A 595 37.44 -23.24 56.77
C GLY A 595 38.86 -23.52 57.21
N TYR A 596 39.33 -22.72 58.15
CA TYR A 596 40.67 -22.87 58.70
C TYR A 596 40.76 -24.26 59.35
N VAL A 597 39.82 -24.58 60.22
CA VAL A 597 39.80 -25.86 60.92
C VAL A 597 39.71 -27.00 59.91
N THR A 598 38.82 -26.88 58.94
CA THR A 598 38.68 -27.91 57.92
C THR A 598 40.04 -28.16 57.25
N SER A 599 40.74 -27.08 56.90
CA SER A 599 42.03 -27.19 56.26
C SER A 599 43.08 -27.81 57.17
N MET A 600 43.08 -27.41 58.45
CA MET A 600 44.03 -27.95 59.41
C MET A 600 43.77 -29.44 59.61
N VAL A 601 42.50 -29.83 59.58
CA VAL A 601 42.14 -31.23 59.76
C VAL A 601 42.58 -32.04 58.54
N LEU A 602 42.26 -31.54 57.36
CA LEU A 602 42.64 -32.22 56.14
C LEU A 602 44.16 -32.31 56.00
N GLY A 603 44.88 -31.39 56.64
CA GLY A 603 46.33 -31.41 56.54
C GLY A 603 47.00 -32.01 57.77
N SER A 604 46.20 -32.66 58.61
CA SER A 604 46.71 -33.26 59.84
C SER A 604 47.33 -34.62 59.61
N GLY A 605 46.98 -35.24 58.49
CA GLY A 605 47.50 -36.56 58.18
C GLY A 605 46.84 -37.62 59.07
N SER A 606 45.61 -37.36 59.50
CA SER A 606 44.91 -38.30 60.36
C SER A 606 44.36 -39.47 59.54
N GLY A 607 44.08 -39.22 58.27
CA GLY A 607 43.56 -40.27 57.41
C GLY A 607 42.09 -40.56 57.62
N VAL A 608 41.49 -39.93 58.63
CA VAL A 608 40.08 -40.14 58.94
C VAL A 608 39.14 -39.63 57.84
N PHE A 609 39.50 -38.51 57.22
CA PHE A 609 38.66 -37.89 56.20
C PHE A 609 39.08 -38.14 54.75
N LYS A 610 38.11 -38.47 53.92
CA LYS A 610 38.36 -38.73 52.50
C LYS A 610 38.46 -37.44 51.69
N CYS A 611 37.58 -36.50 52.02
CA CYS A 611 37.53 -35.22 51.30
C CYS A 611 37.09 -34.07 52.20
N GLY A 612 37.21 -32.86 51.69
CA GLY A 612 36.82 -31.71 52.49
C GLY A 612 36.74 -30.40 51.71
N ILE A 613 35.87 -29.51 52.16
CA ILE A 613 35.70 -28.22 51.52
C ILE A 613 35.97 -27.07 52.50
N ALA A 614 36.81 -26.14 52.08
CA ALA A 614 37.13 -24.98 52.91
C ALA A 614 36.68 -23.75 52.15
N VAL A 615 35.80 -22.97 52.76
CA VAL A 615 35.30 -21.75 52.13
C VAL A 615 35.84 -20.54 52.89
N ALA A 616 36.51 -19.64 52.17
CA ALA A 616 37.08 -18.42 52.74
C ALA A 616 37.76 -18.69 54.08
N PRO A 617 38.72 -19.62 54.09
CA PRO A 617 39.45 -19.95 55.32
C PRO A 617 40.60 -19.02 55.66
N VAL A 618 40.92 -18.96 56.95
CA VAL A 618 42.08 -18.20 57.40
C VAL A 618 43.17 -19.27 57.19
N SER A 619 44.36 -18.87 56.75
CA SER A 619 45.44 -19.84 56.52
C SER A 619 46.61 -19.65 57.48
N ARG A 620 46.79 -18.42 57.97
CA ARG A 620 47.84 -18.14 58.93
C ARG A 620 47.38 -16.87 59.64
N TRP A 621 47.43 -16.91 60.97
CA TRP A 621 46.95 -15.80 61.77
C TRP A 621 47.56 -14.43 61.55
N GLU A 622 48.79 -14.35 61.07
CA GLU A 622 49.37 -13.04 60.82
C GLU A 622 48.64 -12.31 59.70
N TYR A 623 47.77 -13.03 58.97
CA TYR A 623 47.01 -12.41 57.87
C TYR A 623 45.67 -11.84 58.34
N TYR A 624 45.18 -12.29 59.50
CA TYR A 624 43.88 -11.82 59.98
C TYR A 624 44.02 -10.57 60.84
N ASP A 625 42.91 -9.87 61.12
CA ASP A 625 42.99 -8.64 61.89
C ASP A 625 43.47 -8.79 63.32
N SER A 626 44.05 -7.70 63.83
CA SER A 626 44.61 -7.65 65.17
C SER A 626 43.66 -7.89 66.34
N VAL A 627 42.53 -7.19 66.36
CA VAL A 627 41.58 -7.32 67.46
C VAL A 627 41.11 -8.75 67.70
N TYR A 628 40.74 -9.46 66.64
CA TYR A 628 40.29 -10.83 66.79
C TYR A 628 41.44 -11.82 67.05
N THR A 629 42.44 -11.80 66.19
CA THR A 629 43.57 -12.71 66.31
C THR A 629 44.31 -12.60 67.63
N GLU A 630 44.74 -11.39 67.97
CA GLU A 630 45.49 -11.15 69.20
C GLU A 630 44.73 -11.50 70.48
N ARG A 631 43.40 -11.39 70.44
CA ARG A 631 42.58 -11.73 71.60
C ARG A 631 42.86 -13.16 72.05
N TYR A 632 43.03 -14.06 71.09
CA TYR A 632 43.28 -15.46 71.40
C TYR A 632 44.73 -15.88 71.19
N MET A 633 45.49 -15.11 70.43
CA MET A 633 46.88 -15.45 70.12
C MET A 633 47.97 -14.57 70.69
N GLY A 634 47.61 -13.45 71.30
CA GLY A 634 48.64 -12.56 71.81
C GLY A 634 49.32 -11.92 70.60
N LEU A 635 50.50 -11.36 70.82
CA LEU A 635 51.24 -10.70 69.75
C LEU A 635 52.17 -11.63 68.99
N PRO A 636 52.33 -11.42 67.68
CA PRO A 636 53.20 -12.26 66.85
C PRO A 636 54.67 -11.81 66.93
N THR A 637 55.22 -11.79 68.13
CA THR A 637 56.61 -11.37 68.33
C THR A 637 57.36 -12.47 69.07
N PRO A 638 58.67 -12.59 68.83
CA PRO A 638 59.43 -13.63 69.53
C PRO A 638 59.28 -13.52 71.05
N GLU A 639 59.06 -12.32 71.56
CA GLU A 639 58.92 -12.15 72.99
C GLU A 639 57.56 -12.66 73.50
N ASP A 640 56.60 -12.77 72.59
CA ASP A 640 55.26 -13.21 72.97
C ASP A 640 54.85 -14.58 72.45
N ASN A 641 54.17 -14.62 71.31
CA ASN A 641 53.68 -15.89 70.79
C ASN A 641 53.98 -16.17 69.32
N LEU A 642 55.01 -15.54 68.77
CA LEU A 642 55.34 -15.74 67.37
C LEU A 642 55.51 -17.20 66.97
N ASP A 643 56.22 -17.99 67.77
CA ASP A 643 56.41 -19.39 67.45
C ASP A 643 55.13 -20.14 67.14
N HIS A 644 54.10 -19.97 67.98
CA HIS A 644 52.86 -20.67 67.69
C HIS A 644 52.15 -20.07 66.49
N TYR A 645 52.38 -18.78 66.24
CA TYR A 645 51.78 -18.12 65.09
C TYR A 645 52.32 -18.83 63.84
N ARG A 646 53.60 -19.16 63.87
CA ARG A 646 54.26 -19.82 62.75
C ARG A 646 53.97 -21.32 62.66
N ASN A 647 53.60 -21.92 63.79
CA ASN A 647 53.30 -23.36 63.84
C ASN A 647 51.86 -23.71 63.51
N SER A 648 50.98 -22.71 63.44
CA SER A 648 49.57 -22.97 63.18
C SER A 648 49.05 -22.53 61.81
N THR A 649 49.89 -22.61 60.79
CA THR A 649 49.46 -22.22 59.44
C THR A 649 48.99 -23.46 58.67
N VAL A 650 48.18 -23.24 57.65
CA VAL A 650 47.70 -24.33 56.82
C VAL A 650 48.78 -24.80 55.84
N MET A 651 49.52 -23.84 55.27
CA MET A 651 50.54 -24.19 54.28
C MET A 651 51.63 -25.10 54.79
N SER A 652 51.95 -25.00 56.08
CA SER A 652 52.99 -25.84 56.65
C SER A 652 52.60 -27.30 56.58
N ARG A 653 51.30 -27.56 56.37
CA ARG A 653 50.80 -28.93 56.30
C ARG A 653 50.48 -29.38 54.87
N ALA A 654 50.89 -28.58 53.89
CA ALA A 654 50.62 -28.88 52.48
C ALA A 654 50.87 -30.33 52.06
N GLU A 655 51.99 -30.88 52.49
CA GLU A 655 52.37 -32.24 52.14
C GLU A 655 51.28 -33.28 52.46
N ASN A 656 50.65 -33.14 53.63
CA ASN A 656 49.63 -34.07 54.06
C ASN A 656 48.37 -34.08 53.21
N PHE A 657 48.19 -33.05 52.37
CA PHE A 657 47.00 -33.00 51.54
C PHE A 657 47.02 -34.02 50.41
N LYS A 658 48.15 -34.70 50.23
CA LYS A 658 48.26 -35.72 49.18
C LYS A 658 47.27 -36.85 49.43
N GLN A 659 46.89 -37.04 50.69
CA GLN A 659 45.97 -38.11 51.08
C GLN A 659 44.49 -37.76 51.01
N VAL A 660 44.15 -36.56 50.56
CA VAL A 660 42.74 -36.17 50.53
C VAL A 660 42.32 -35.38 49.31
N GLU A 661 41.00 -35.29 49.12
CA GLU A 661 40.39 -34.53 48.04
C GLU A 661 39.93 -33.22 48.69
N TYR A 662 40.55 -32.12 48.27
CA TYR A 662 40.30 -30.81 48.83
C TYR A 662 39.69 -29.84 47.82
N LEU A 663 38.69 -29.08 48.26
CA LEU A 663 38.03 -28.08 47.42
C LEU A 663 38.22 -26.75 48.16
N LEU A 664 38.93 -25.81 47.53
CA LEU A 664 39.22 -24.49 48.13
C LEU A 664 38.36 -23.43 47.45
N ILE A 665 37.55 -22.71 48.23
CA ILE A 665 36.68 -21.67 47.67
C ILE A 665 36.91 -20.33 48.37
N HIS A 666 36.88 -19.24 47.61
CA HIS A 666 37.12 -17.93 48.19
C HIS A 666 36.65 -16.79 47.29
N GLY A 667 36.01 -15.78 47.89
CA GLY A 667 35.54 -14.64 47.12
C GLY A 667 36.71 -13.68 46.90
N THR A 668 36.87 -13.16 45.68
CA THR A 668 37.98 -12.26 45.40
C THR A 668 37.90 -10.90 46.11
N ALA A 669 36.69 -10.47 46.45
CA ALA A 669 36.52 -9.19 47.14
C ALA A 669 36.29 -9.36 48.64
N ASP A 670 36.91 -10.37 49.24
CA ASP A 670 36.74 -10.61 50.68
C ASP A 670 37.58 -9.61 51.46
N ASP A 671 36.91 -8.64 52.06
CA ASP A 671 37.54 -7.59 52.85
C ASP A 671 37.89 -8.07 54.26
N ASN A 672 37.27 -9.18 54.67
CA ASN A 672 37.44 -9.76 56.00
C ASN A 672 38.60 -10.76 55.99
N VAL A 673 38.37 -11.92 55.39
CA VAL A 673 39.42 -12.93 55.24
C VAL A 673 39.88 -12.72 53.80
N HIS A 674 40.96 -11.97 53.64
CA HIS A 674 41.49 -11.64 52.32
C HIS A 674 41.79 -12.83 51.43
N PHE A 675 41.48 -12.68 50.15
CA PHE A 675 41.71 -13.74 49.17
C PHE A 675 43.15 -14.25 49.35
N GLN A 676 44.01 -13.34 49.79
CA GLN A 676 45.42 -13.63 50.06
C GLN A 676 45.58 -14.93 50.83
N GLN A 677 44.74 -15.15 51.84
CA GLN A 677 44.82 -16.36 52.67
C GLN A 677 44.68 -17.66 51.86
N SER A 678 43.77 -17.69 50.90
CA SER A 678 43.61 -18.88 50.06
C SER A 678 44.68 -18.91 48.96
N ALA A 679 45.14 -17.73 48.56
CA ALA A 679 46.15 -17.63 47.51
C ALA A 679 47.42 -18.29 48.01
N GLN A 680 47.69 -18.14 49.30
CA GLN A 680 48.88 -18.74 49.89
C GLN A 680 48.70 -20.24 50.11
N ILE A 681 47.47 -20.67 50.37
CA ILE A 681 47.22 -22.10 50.55
C ILE A 681 47.44 -22.82 49.22
N SER A 682 46.80 -22.32 48.16
CA SER A 682 46.94 -22.92 46.84
C SER A 682 48.41 -22.98 46.41
N LYS A 683 49.14 -21.90 46.67
CA LYS A 683 50.54 -21.85 46.28
C LYS A 683 51.38 -22.91 47.00
N ALA A 684 51.14 -23.12 48.29
CA ALA A 684 51.91 -24.13 49.02
C ALA A 684 51.57 -25.53 48.52
N LEU A 685 50.32 -25.72 48.09
CA LEU A 685 49.89 -27.03 47.59
C LEU A 685 50.54 -27.30 46.24
N VAL A 686 50.63 -26.27 45.42
CA VAL A 686 51.22 -26.41 44.09
C VAL A 686 52.72 -26.69 44.23
N ASP A 687 53.37 -25.96 45.14
CA ASP A 687 54.79 -26.14 45.36
C ASP A 687 55.16 -27.52 45.87
N VAL A 688 54.19 -28.23 46.43
CA VAL A 688 54.44 -29.56 46.97
C VAL A 688 53.93 -30.66 46.06
N GLY A 689 53.28 -30.27 44.96
CA GLY A 689 52.77 -31.24 44.01
C GLY A 689 51.45 -31.91 44.39
N VAL A 690 50.61 -31.19 45.14
CA VAL A 690 49.33 -31.74 45.55
C VAL A 690 48.22 -31.24 44.65
N ASP A 691 47.44 -32.16 44.09
CA ASP A 691 46.33 -31.75 43.24
C ASP A 691 45.11 -31.51 44.12
N PHE A 692 44.30 -30.54 43.73
CA PHE A 692 43.09 -30.20 44.48
C PHE A 692 42.16 -29.43 43.57
N GLN A 693 40.99 -29.11 44.10
CA GLN A 693 39.98 -28.38 43.36
C GLN A 693 39.91 -26.95 43.90
N ALA A 694 39.56 -26.00 43.06
CA ALA A 694 39.45 -24.63 43.51
C ALA A 694 38.32 -23.91 42.80
N MET A 695 37.89 -22.81 43.39
CA MET A 695 36.83 -21.98 42.80
C MET A 695 36.88 -20.60 43.43
N TRP A 696 37.11 -19.58 42.60
CA TRP A 696 37.11 -18.23 43.11
C TRP A 696 35.74 -17.65 42.76
N TYR A 697 35.28 -16.67 43.53
CA TYR A 697 34.01 -16.01 43.26
C TYR A 697 34.28 -14.53 43.08
N THR A 698 34.35 -14.12 41.81
CA THR A 698 34.66 -12.75 41.45
C THR A 698 33.74 -11.70 42.05
N ASP A 699 34.35 -10.77 42.78
CA ASP A 699 33.67 -9.65 43.44
C ASP A 699 32.79 -9.99 44.63
N GLU A 700 32.84 -11.23 45.10
CA GLU A 700 32.05 -11.64 46.27
C GLU A 700 32.91 -11.48 47.52
N ASP A 701 32.29 -11.12 48.64
CA ASP A 701 33.06 -10.97 49.86
C ASP A 701 32.98 -12.22 50.74
N HIS A 702 33.22 -12.06 52.04
CA HIS A 702 33.21 -13.17 52.96
C HIS A 702 31.89 -13.94 53.04
N GLY A 703 30.79 -13.29 52.67
CA GLY A 703 29.51 -13.95 52.72
C GLY A 703 29.13 -14.71 51.46
N ILE A 704 29.76 -14.36 50.33
CA ILE A 704 29.46 -14.98 49.04
C ILE A 704 27.95 -15.17 49.07
N ALA A 705 27.27 -14.09 49.40
CA ALA A 705 25.83 -14.14 49.57
C ALA A 705 24.96 -13.54 48.48
N SER A 706 25.55 -13.02 47.41
CA SER A 706 24.71 -12.48 46.36
C SER A 706 23.86 -13.68 45.90
N SER A 707 22.64 -13.42 45.44
CA SER A 707 21.72 -14.47 45.02
C SER A 707 22.35 -15.51 44.10
N THR A 708 22.95 -15.04 43.01
CA THR A 708 23.58 -15.95 42.06
C THR A 708 24.80 -16.68 42.60
N ALA A 709 25.68 -15.99 43.31
CA ALA A 709 26.87 -16.65 43.85
C ALA A 709 26.47 -17.71 44.89
N HIS A 710 25.46 -17.39 45.69
CA HIS A 710 24.95 -18.28 46.73
C HIS A 710 24.48 -19.61 46.17
N GLN A 711 23.63 -19.55 45.15
CA GLN A 711 23.12 -20.76 44.53
C GLN A 711 24.25 -21.53 43.84
N HIS A 712 25.15 -20.78 43.21
CA HIS A 712 26.27 -21.39 42.50
C HIS A 712 27.27 -22.11 43.43
N ILE A 713 27.63 -21.52 44.56
CA ILE A 713 28.59 -22.18 45.43
C ILE A 713 28.02 -23.44 46.09
N TYR A 714 26.76 -23.40 46.49
CA TYR A 714 26.15 -24.57 47.11
C TYR A 714 25.89 -25.68 46.10
N THR A 715 25.72 -25.30 44.84
CA THR A 715 25.50 -26.26 43.78
C THR A 715 26.83 -26.93 43.48
N HIS A 716 27.89 -26.11 43.44
CA HIS A 716 29.25 -26.62 43.17
C HIS A 716 29.68 -27.57 44.29
N MET A 717 29.38 -27.19 45.53
CA MET A 717 29.76 -28.02 46.67
C MET A 717 28.94 -29.30 46.76
N SER A 718 27.71 -29.27 46.29
CA SER A 718 26.88 -30.47 46.31
C SER A 718 27.49 -31.51 45.37
N HIS A 719 27.87 -31.08 44.17
CA HIS A 719 28.49 -31.99 43.20
C HIS A 719 29.75 -32.62 43.79
N PHE A 720 30.59 -31.79 44.41
CA PHE A 720 31.83 -32.27 45.03
C PHE A 720 31.59 -33.33 46.10
N ILE A 721 30.68 -33.05 47.03
CA ILE A 721 30.39 -34.01 48.08
C ILE A 721 29.83 -35.32 47.52
N LYS A 722 28.87 -35.22 46.61
CA LYS A 722 28.27 -36.42 46.04
C LYS A 722 29.31 -37.25 45.30
N GLN A 723 30.22 -36.59 44.58
CA GLN A 723 31.27 -37.30 43.85
C GLN A 723 32.16 -38.05 44.85
N CYS A 724 32.52 -37.39 45.93
CA CYS A 724 33.36 -37.99 46.96
C CYS A 724 32.70 -39.19 47.65
N PHE A 725 31.38 -39.10 47.82
CA PHE A 725 30.59 -40.14 48.48
C PHE A 725 30.01 -41.22 47.57
N SER A 726 29.76 -40.89 46.32
CA SER A 726 29.19 -41.88 45.41
C SER A 726 30.35 -42.54 44.69
N SER B 1 54.11 -54.32 23.76
CA SER B 1 55.45 -53.71 23.62
C SER B 1 55.70 -52.69 24.73
N ARG B 2 56.99 -52.46 25.02
CA ARG B 2 57.47 -51.52 26.04
C ARG B 2 56.53 -50.45 26.61
N LYS B 3 57.08 -49.30 26.97
CA LYS B 3 56.28 -48.24 27.56
C LYS B 3 55.85 -47.15 26.59
N THR B 4 54.99 -46.27 27.10
CA THR B 4 54.47 -45.14 26.34
C THR B 4 55.10 -43.86 26.87
N TYR B 5 54.87 -42.74 26.18
CA TYR B 5 55.41 -41.45 26.61
C TYR B 5 54.44 -40.91 27.66
N THR B 6 54.84 -40.98 28.93
CA THR B 6 53.99 -40.54 30.04
C THR B 6 53.99 -39.07 30.37
N LEU B 7 53.08 -38.69 31.26
CA LEU B 7 52.98 -37.31 31.71
C LEU B 7 54.26 -36.97 32.44
N THR B 8 54.73 -37.91 33.27
CA THR B 8 55.96 -37.70 34.01
C THR B 8 57.14 -37.46 33.06
N ASP B 9 57.18 -38.20 31.95
CA ASP B 9 58.25 -38.02 30.97
C ASP B 9 58.24 -36.59 30.48
N TYR B 10 57.05 -36.08 30.20
CA TYR B 10 56.89 -34.71 29.72
C TYR B 10 57.26 -33.70 30.81
N LEU B 11 56.72 -33.89 32.01
CA LEU B 11 56.99 -32.95 33.11
C LEU B 11 58.40 -33.02 33.65
N LYS B 12 59.00 -34.20 33.60
CA LYS B 12 60.37 -34.38 34.10
C LYS B 12 61.42 -34.37 33.00
N ASN B 13 60.96 -34.21 31.77
CA ASN B 13 61.85 -34.15 30.61
C ASN B 13 62.84 -35.32 30.58
N THR B 14 62.31 -36.54 30.57
CA THR B 14 63.14 -37.74 30.53
C THR B 14 63.76 -37.95 29.14
N TYR B 15 63.09 -37.45 28.10
CA TYR B 15 63.59 -37.57 26.73
C TYR B 15 63.98 -36.18 26.24
N ARG B 16 65.25 -35.85 26.40
CA ARG B 16 65.79 -34.53 26.06
C ARG B 16 66.24 -34.35 24.61
N LEU B 17 65.82 -33.24 24.00
CA LEU B 17 66.22 -32.93 22.64
C LEU B 17 67.56 -32.22 22.68
N LYS B 18 68.52 -32.69 21.90
CA LYS B 18 69.83 -32.04 21.85
C LYS B 18 69.82 -30.95 20.79
N LEU B 19 70.48 -29.84 21.10
CA LEU B 19 70.56 -28.72 20.16
C LEU B 19 72.03 -28.50 19.86
N TYR B 20 72.30 -27.49 19.04
CA TYR B 20 73.67 -27.13 18.70
C TYR B 20 73.68 -25.63 18.50
N SER B 21 73.56 -24.91 19.60
CA SER B 21 73.55 -23.45 19.59
C SER B 21 74.96 -22.91 19.46
N LEU B 22 75.24 -22.29 18.33
CA LEU B 22 76.56 -21.73 18.09
C LEU B 22 76.42 -20.22 17.91
N ARG B 23 77.54 -19.51 18.04
CA ARG B 23 77.51 -18.07 17.89
C ARG B 23 78.68 -17.64 17.00
N TRP B 24 78.35 -17.20 15.79
CA TRP B 24 79.36 -16.76 14.84
C TRP B 24 80.07 -15.51 15.34
N ILE B 25 81.41 -15.53 15.30
CA ILE B 25 82.18 -14.38 15.73
C ILE B 25 82.95 -13.80 14.55
N SER B 26 82.92 -14.52 13.43
CA SER B 26 83.60 -14.06 12.23
C SER B 26 82.92 -14.70 11.04
N ASP B 27 83.59 -14.65 9.89
CA ASP B 27 83.05 -15.25 8.69
C ASP B 27 83.60 -16.66 8.56
N HIS B 28 84.48 -17.04 9.49
CA HIS B 28 85.12 -18.36 9.46
C HIS B 28 85.04 -19.13 10.78
N GLU B 29 84.79 -18.43 11.89
CA GLU B 29 84.72 -19.10 13.18
C GLU B 29 83.43 -18.86 13.95
N TYR B 30 83.12 -19.81 14.83
CA TYR B 30 81.93 -19.70 15.67
C TYR B 30 82.24 -20.25 17.05
N LEU B 31 81.56 -19.72 18.06
CA LEU B 31 81.78 -20.18 19.42
C LEU B 31 80.71 -21.19 19.78
N TYR B 32 81.12 -22.31 20.33
CA TYR B 32 80.18 -23.34 20.71
C TYR B 32 80.31 -23.60 22.19
N LYS B 33 79.41 -23.00 22.95
CA LYS B 33 79.44 -23.16 24.40
C LYS B 33 79.09 -24.58 24.78
N GLN B 34 79.52 -24.96 25.97
CA GLN B 34 79.24 -26.28 26.48
C GLN B 34 78.77 -26.10 27.92
N GLU B 35 78.52 -27.20 28.62
CA GLU B 35 78.07 -27.11 29.99
C GLU B 35 79.15 -26.43 30.84
N ASN B 36 80.40 -26.73 30.51
CA ASN B 36 81.52 -26.18 31.25
C ASN B 36 82.23 -25.01 30.58
N ASN B 37 82.88 -25.24 29.45
CA ASN B 37 83.61 -24.16 28.79
C ASN B 37 83.23 -23.88 27.33
N ILE B 38 83.64 -22.70 26.87
CA ILE B 38 83.36 -22.25 25.51
C ILE B 38 84.50 -22.60 24.57
N LEU B 39 84.16 -23.21 23.44
CA LEU B 39 85.16 -23.57 22.44
C LEU B 39 84.98 -22.69 21.21
N VAL B 40 86.02 -22.60 20.40
CA VAL B 40 85.97 -21.83 19.18
C VAL B 40 86.19 -22.86 18.06
N PHE B 41 85.32 -22.85 17.07
CA PHE B 41 85.43 -23.80 15.97
C PHE B 41 85.80 -23.15 14.65
N ASN B 42 86.53 -23.91 13.82
CA ASN B 42 86.91 -23.44 12.50
C ASN B 42 85.88 -24.12 11.59
N ALA B 43 85.04 -23.31 10.95
CA ALA B 43 83.99 -23.82 10.08
C ALA B 43 84.49 -24.66 8.91
N GLU B 44 85.62 -24.27 8.32
CA GLU B 44 86.17 -24.97 7.18
C GLU B 44 86.58 -26.42 7.48
N TYR B 45 87.43 -26.58 8.50
CA TYR B 45 87.94 -27.89 8.84
C TYR B 45 87.25 -28.58 9.99
N GLY B 46 86.68 -27.80 10.90
CA GLY B 46 85.98 -28.38 12.03
C GLY B 46 86.81 -28.51 13.30
N ASN B 47 88.09 -28.20 13.20
CA ASN B 47 88.96 -28.29 14.36
C ASN B 47 88.55 -27.20 15.35
N SER B 48 88.77 -27.46 16.63
CA SER B 48 88.40 -26.48 17.65
C SER B 48 89.50 -26.24 18.67
N SER B 49 89.28 -25.23 19.50
CA SER B 49 90.21 -24.85 20.56
C SER B 49 89.37 -24.31 21.70
N VAL B 50 89.93 -24.28 22.89
CA VAL B 50 89.20 -23.75 24.05
C VAL B 50 89.30 -22.24 24.07
N PHE B 51 88.15 -21.56 24.06
CA PHE B 51 88.16 -20.09 24.09
C PHE B 51 88.36 -19.62 25.53
N LEU B 52 87.82 -20.37 26.48
CA LEU B 52 87.99 -20.07 27.89
C LEU B 52 87.44 -21.20 28.77
N GLU B 53 88.28 -21.67 29.69
CA GLU B 53 87.94 -22.76 30.61
C GLU B 53 86.77 -22.49 31.53
N ASN B 54 86.06 -23.57 31.90
CA ASN B 54 84.92 -23.46 32.80
C ASN B 54 85.39 -22.95 34.16
N SER B 55 86.54 -23.47 34.59
CA SER B 55 87.13 -23.10 35.87
C SER B 55 87.44 -21.61 35.98
N THR B 56 87.68 -20.98 34.84
CA THR B 56 88.01 -19.55 34.79
C THR B 56 87.29 -18.72 35.84
N PHE B 57 86.04 -19.06 36.14
CA PHE B 57 85.27 -18.31 37.11
C PHE B 57 84.79 -19.12 38.31
N ASP B 58 85.62 -20.06 38.76
CA ASP B 58 85.27 -20.90 39.91
C ASP B 58 84.95 -20.03 41.12
N GLU B 59 85.79 -19.03 41.36
CA GLU B 59 85.57 -18.17 42.51
C GLU B 59 85.11 -16.76 42.17
N PHE B 60 84.23 -16.67 41.17
CA PHE B 60 83.67 -15.38 40.78
C PHE B 60 82.78 -14.91 41.92
N GLY B 61 82.24 -15.87 42.67
CA GLY B 61 81.40 -15.54 43.80
C GLY B 61 79.95 -15.29 43.45
N HIS B 62 79.60 -15.50 42.19
CA HIS B 62 78.25 -15.29 41.72
C HIS B 62 77.91 -16.31 40.65
N SER B 63 76.65 -16.69 40.54
CA SER B 63 76.26 -17.63 39.52
C SER B 63 76.05 -16.83 38.25
N ILE B 64 76.77 -17.19 37.20
CA ILE B 64 76.70 -16.51 35.92
C ILE B 64 75.68 -17.20 35.02
N ASN B 65 74.59 -16.52 34.68
CA ASN B 65 73.60 -17.15 33.82
C ASN B 65 73.81 -16.83 32.35
N ASP B 66 74.73 -15.93 32.04
CA ASP B 66 74.96 -15.60 30.63
C ASP B 66 76.25 -14.82 30.38
N TYR B 67 76.85 -15.07 29.22
CA TYR B 67 78.07 -14.39 28.82
C TYR B 67 77.81 -13.65 27.51
N SER B 68 78.68 -12.71 27.18
CA SER B 68 78.56 -11.95 25.95
C SER B 68 79.93 -11.44 25.56
N ILE B 69 80.49 -12.01 24.50
CA ILE B 69 81.82 -11.64 24.05
C ILE B 69 81.80 -10.52 23.04
N SER B 70 82.57 -9.47 23.33
CA SER B 70 82.64 -8.31 22.45
C SER B 70 83.04 -8.77 21.06
N PRO B 71 82.47 -8.13 20.03
CA PRO B 71 82.83 -8.54 18.67
C PRO B 71 84.35 -8.50 18.51
N ASP B 72 84.99 -7.85 19.47
CA ASP B 72 86.44 -7.72 19.51
C ASP B 72 87.12 -9.04 19.81
N GLY B 73 86.49 -9.83 20.67
CA GLY B 73 87.07 -11.11 21.06
C GLY B 73 87.94 -10.78 22.26
N GLN B 74 88.12 -9.48 22.48
CA GLN B 74 88.93 -8.96 23.58
C GLN B 74 88.28 -9.00 24.96
N PHE B 75 86.97 -8.80 25.03
CA PHE B 75 86.30 -8.81 26.33
C PHE B 75 85.11 -9.75 26.44
N ILE B 76 84.77 -10.09 27.68
CA ILE B 76 83.64 -10.96 27.97
C ILE B 76 82.75 -10.25 29.00
N LEU B 77 81.49 -10.07 28.64
CA LEU B 77 80.52 -9.43 29.52
C LEU B 77 79.86 -10.56 30.31
N LEU B 78 79.97 -10.50 31.64
CA LEU B 78 79.37 -11.53 32.49
C LEU B 78 78.10 -11.05 33.14
N GLU B 79 77.00 -11.75 32.87
CA GLU B 79 75.70 -11.39 33.43
C GLU B 79 75.30 -12.28 34.59
N TYR B 80 74.92 -11.67 35.70
CA TYR B 80 74.48 -12.40 36.88
C TYR B 80 73.45 -11.56 37.65
N ASN B 81 72.84 -12.16 38.67
CA ASN B 81 71.82 -11.49 39.46
C ASN B 81 70.61 -11.20 38.59
N TYR B 82 70.35 -12.12 37.67
CA TYR B 82 69.23 -12.00 36.75
C TYR B 82 67.90 -11.95 37.47
N VAL B 83 67.06 -11.00 37.07
CA VAL B 83 65.72 -10.84 37.64
C VAL B 83 64.80 -10.51 36.48
N LYS B 84 64.03 -11.50 36.07
CA LYS B 84 63.10 -11.34 34.96
C LYS B 84 62.01 -10.31 35.23
N GLN B 85 61.62 -9.59 34.19
CA GLN B 85 60.53 -8.64 34.31
C GLN B 85 59.40 -9.20 33.45
N TRP B 86 59.18 -8.63 32.27
CA TRP B 86 58.11 -9.10 31.39
C TRP B 86 58.60 -10.21 30.46
N ARG B 87 57.99 -10.34 29.29
CA ARG B 87 58.38 -11.41 28.36
C ARG B 87 59.83 -11.35 27.90
N HIS B 88 60.36 -10.15 27.70
CA HIS B 88 61.74 -10.01 27.26
C HIS B 88 62.62 -9.24 28.24
N SER B 89 62.03 -8.22 28.87
CA SER B 89 62.76 -7.37 29.82
C SER B 89 63.21 -8.07 31.09
N TYR B 90 64.27 -7.53 31.69
CA TYR B 90 64.83 -8.05 32.92
C TYR B 90 66.00 -7.17 33.35
N THR B 91 66.40 -7.29 34.62
CA THR B 91 67.53 -6.53 35.14
C THR B 91 68.60 -7.50 35.62
N ALA B 92 69.84 -7.03 35.63
CA ALA B 92 70.95 -7.86 36.09
C ALA B 92 72.19 -7.04 36.44
N SER B 93 73.18 -7.73 37.00
CA SER B 93 74.44 -7.10 37.36
C SER B 93 75.43 -7.55 36.30
N TYR B 94 76.40 -6.71 35.99
CA TYR B 94 77.39 -7.07 34.98
C TYR B 94 78.83 -6.80 35.37
N ASP B 95 79.71 -7.69 34.93
CA ASP B 95 81.14 -7.55 35.18
C ASP B 95 81.81 -7.81 33.85
N ILE B 96 82.87 -7.07 33.57
CA ILE B 96 83.59 -7.23 32.32
C ILE B 96 84.90 -7.93 32.62
N TYR B 97 85.23 -8.92 31.80
CA TYR B 97 86.47 -9.68 31.98
C TYR B 97 87.39 -9.39 30.81
N ASP B 98 88.60 -8.94 31.11
CA ASP B 98 89.57 -8.63 30.07
C ASP B 98 90.24 -9.93 29.63
N LEU B 99 89.97 -10.37 28.40
CA LEU B 99 90.54 -11.60 27.89
C LEU B 99 92.00 -11.42 27.54
N ASN B 100 92.44 -10.18 27.42
CA ASN B 100 93.81 -9.88 27.10
C ASN B 100 94.68 -10.12 28.32
N LYS B 101 94.55 -9.25 29.32
CA LYS B 101 95.31 -9.36 30.54
C LYS B 101 94.70 -10.39 31.50
N ARG B 102 93.67 -11.10 31.03
CA ARG B 102 93.00 -12.11 31.84
C ARG B 102 92.68 -11.59 33.23
N GLN B 103 92.23 -10.35 33.30
CA GLN B 103 91.92 -9.72 34.57
C GLN B 103 90.46 -9.27 34.60
N LEU B 104 89.87 -9.29 35.79
CA LEU B 104 88.49 -8.84 35.93
C LEU B 104 88.54 -7.35 36.16
N ILE B 105 87.88 -6.58 35.30
CA ILE B 105 87.87 -5.13 35.44
C ILE B 105 87.06 -4.74 36.67
N THR B 106 87.69 -4.00 37.58
CA THR B 106 87.03 -3.59 38.82
C THR B 106 86.73 -2.10 38.94
N GLU B 107 87.21 -1.29 38.01
CA GLU B 107 86.93 0.14 38.07
C GLU B 107 85.84 0.59 37.12
N GLU B 108 85.08 1.61 37.54
CA GLU B 108 83.99 2.15 36.74
C GLU B 108 83.13 1.03 36.17
N ARG B 109 82.69 0.11 37.03
CA ARG B 109 81.87 -0.99 36.56
C ARG B 109 80.41 -0.60 36.29
N ILE B 110 79.75 -1.42 35.48
CA ILE B 110 78.35 -1.22 35.13
C ILE B 110 77.52 -1.33 36.40
N PRO B 111 76.56 -0.41 36.60
CA PRO B 111 75.73 -0.47 37.82
C PRO B 111 74.84 -1.70 37.91
N ASN B 112 74.45 -2.05 39.14
CA ASN B 112 73.57 -3.18 39.35
C ASN B 112 72.19 -2.70 38.93
N ASN B 113 71.27 -3.62 38.71
CA ASN B 113 69.93 -3.26 38.29
C ASN B 113 69.96 -2.63 36.91
N THR B 114 70.97 -2.98 36.12
CA THR B 114 71.06 -2.46 34.76
C THR B 114 69.96 -3.12 33.94
N GLN B 115 69.26 -2.31 33.15
CA GLN B 115 68.14 -2.79 32.36
C GLN B 115 68.51 -3.40 31.01
N TRP B 116 69.60 -2.95 30.43
CA TRP B 116 70.05 -3.48 29.15
C TRP B 116 71.48 -3.10 28.84
N VAL B 117 72.19 -4.00 28.17
CA VAL B 117 73.57 -3.76 27.82
C VAL B 117 73.85 -4.40 26.47
N THR B 118 74.63 -3.69 25.66
CA THR B 118 74.98 -4.21 24.33
C THR B 118 76.31 -3.66 23.85
N TRP B 119 77.13 -4.53 23.27
CA TRP B 119 78.41 -4.12 22.72
C TRP B 119 78.13 -3.42 21.40
N SER B 120 79.09 -2.63 20.92
CA SER B 120 78.93 -1.97 19.64
C SER B 120 79.10 -3.09 18.61
N PRO B 121 78.75 -2.82 17.33
CA PRO B 121 78.88 -3.85 16.30
C PRO B 121 80.29 -4.37 16.07
N VAL B 122 81.29 -3.51 16.23
CA VAL B 122 82.67 -3.93 15.98
C VAL B 122 83.68 -3.91 17.12
N GLY B 123 84.03 -2.72 17.61
CA GLY B 123 85.01 -2.63 18.67
C GLY B 123 84.67 -3.34 19.98
N HIS B 124 84.68 -2.58 21.06
CA HIS B 124 84.35 -3.11 22.37
C HIS B 124 83.66 -2.03 23.20
N LYS B 125 83.02 -1.09 22.49
CA LYS B 125 82.27 -0.02 23.14
C LYS B 125 81.07 -0.67 23.83
N LEU B 126 80.56 -0.02 24.86
CA LEU B 126 79.41 -0.54 25.58
C LEU B 126 78.35 0.55 25.70
N ALA B 127 77.09 0.13 25.62
CA ALA B 127 75.97 1.03 25.75
C ALA B 127 75.03 0.29 26.68
N TYR B 128 74.61 0.93 27.76
CA TYR B 128 73.70 0.26 28.67
C TYR B 128 72.64 1.22 29.20
N VAL B 129 71.56 0.66 29.72
CA VAL B 129 70.47 1.48 30.25
C VAL B 129 70.32 1.18 31.74
N TRP B 130 70.30 2.24 32.53
CA TRP B 130 70.18 2.12 33.97
C TRP B 130 69.28 3.23 34.48
N ASN B 131 68.25 2.86 35.24
CA ASN B 131 67.29 3.83 35.74
C ASN B 131 66.66 4.61 34.59
N ASN B 132 66.40 3.91 33.50
CA ASN B 132 65.77 4.49 32.31
C ASN B 132 66.60 5.51 31.53
N ASP B 133 67.89 5.58 31.81
CA ASP B 133 68.77 6.50 31.08
C ASP B 133 69.84 5.71 30.35
N ILE B 134 70.37 6.30 29.30
CA ILE B 134 71.39 5.64 28.50
C ILE B 134 72.81 6.06 28.86
N TYR B 135 73.71 5.09 28.88
CA TYR B 135 75.11 5.34 29.19
C TYR B 135 76.00 4.63 28.18
N VAL B 136 77.05 5.33 27.75
CA VAL B 136 77.99 4.76 26.81
C VAL B 136 79.38 4.67 27.44
N LYS B 137 80.06 3.57 27.15
CA LYS B 137 81.40 3.33 27.69
C LYS B 137 82.29 3.03 26.49
N ILE B 138 83.20 3.94 26.18
CA ILE B 138 84.10 3.71 25.05
C ILE B 138 85.12 2.61 25.36
N GLU B 139 85.49 2.49 26.62
CA GLU B 139 86.43 1.45 27.04
C GLU B 139 85.87 0.82 28.33
N PRO B 140 85.90 -0.51 28.42
CA PRO B 140 85.40 -1.25 29.58
C PRO B 140 85.78 -0.72 30.96
N ASN B 141 87.01 -0.24 31.11
CA ASN B 141 87.47 0.26 32.40
C ASN B 141 87.35 1.78 32.59
N LEU B 142 86.93 2.48 31.54
CA LEU B 142 86.77 3.92 31.61
C LEU B 142 85.41 4.37 32.12
N PRO B 143 85.34 5.60 32.67
CA PRO B 143 84.09 6.16 33.20
C PRO B 143 83.01 6.19 32.13
N SER B 144 81.75 6.18 32.57
CA SER B 144 80.64 6.22 31.62
C SER B 144 80.26 7.61 31.19
N TYR B 145 79.63 7.69 30.02
CA TYR B 145 79.15 8.94 29.47
C TYR B 145 77.64 8.90 29.55
N ARG B 146 77.03 9.83 30.27
CA ARG B 146 75.58 9.86 30.36
C ARG B 146 75.06 10.44 29.07
N ILE B 147 74.09 9.78 28.46
CA ILE B 147 73.54 10.25 27.21
C ILE B 147 72.18 10.91 27.43
N THR B 148 71.44 10.42 28.41
CA THR B 148 70.13 10.99 28.65
C THR B 148 69.90 11.29 30.13
N TRP B 149 68.99 12.22 30.41
CA TRP B 149 68.72 12.64 31.78
C TRP B 149 67.24 12.68 32.13
N THR B 150 66.39 12.41 31.14
CA THR B 150 64.96 12.43 31.34
C THR B 150 64.42 11.12 31.91
N GLY B 151 65.27 10.11 32.05
CA GLY B 151 64.80 8.85 32.57
C GLY B 151 63.94 8.95 33.81
N LYS B 152 62.78 8.30 33.81
CA LYS B 152 61.89 8.32 34.95
C LYS B 152 61.00 7.08 34.99
N GLU B 153 61.17 6.28 36.03
CA GLU B 153 60.43 5.03 36.21
C GLU B 153 58.94 5.12 35.87
N ASP B 154 58.50 4.18 35.03
CA ASP B 154 57.11 4.09 34.60
C ASP B 154 56.60 5.33 33.86
N ILE B 155 57.50 6.26 33.54
CA ILE B 155 57.07 7.47 32.85
C ILE B 155 57.85 7.74 31.56
N ILE B 156 59.17 7.82 31.68
CA ILE B 156 60.02 8.09 30.53
C ILE B 156 61.08 7.03 30.38
N TYR B 157 61.06 6.37 29.22
CA TYR B 157 62.03 5.31 28.91
C TYR B 157 63.00 5.71 27.80
N ASN B 158 64.29 5.71 28.11
CA ASN B 158 65.31 6.04 27.12
C ASN B 158 66.11 4.77 26.80
N GLY B 159 66.09 4.35 25.54
CA GLY B 159 66.86 3.17 25.17
C GLY B 159 66.20 1.82 25.44
N ILE B 160 65.07 1.83 26.12
CA ILE B 160 64.32 0.60 26.40
C ILE B 160 62.86 0.86 26.09
N THR B 161 62.12 -0.22 25.83
CA THR B 161 60.70 -0.09 25.51
C THR B 161 59.84 -0.13 26.76
N ASP B 162 58.63 0.39 26.66
CA ASP B 162 57.69 0.35 27.79
C ASP B 162 56.99 -1.00 27.62
N TRP B 163 56.01 -1.30 28.48
CA TRP B 163 55.35 -2.60 28.38
C TRP B 163 54.79 -2.96 27.02
N VAL B 164 53.97 -2.09 26.45
CA VAL B 164 53.34 -2.41 25.17
C VAL B 164 54.31 -2.47 24.00
N TYR B 165 55.32 -1.59 23.97
CA TYR B 165 56.27 -1.64 22.88
C TYR B 165 57.12 -2.92 22.95
N GLU B 166 57.45 -3.35 24.17
CA GLU B 166 58.24 -4.57 24.35
C GLU B 166 57.51 -5.80 23.83
N GLU B 167 56.25 -5.92 24.22
CA GLU B 167 55.43 -7.06 23.84
C GLU B 167 54.84 -7.01 22.43
N GLU B 168 54.29 -5.88 22.02
CA GLU B 168 53.62 -5.78 20.73
C GLU B 168 54.38 -5.33 19.48
N VAL B 169 55.37 -4.46 19.61
CA VAL B 169 56.06 -4.02 18.40
C VAL B 169 57.51 -4.43 18.20
N PHE B 170 58.32 -4.38 19.25
CA PHE B 170 59.72 -4.75 19.09
C PHE B 170 60.12 -6.13 19.57
N SER B 171 59.24 -6.81 20.31
CA SER B 171 59.52 -8.15 20.83
C SER B 171 60.88 -8.12 21.53
N ALA B 172 61.17 -6.99 22.16
CA ALA B 172 62.42 -6.81 22.87
C ALA B 172 62.30 -5.66 23.87
N TYR B 173 63.23 -5.64 24.82
CA TYR B 173 63.27 -4.62 25.85
C TYR B 173 64.13 -3.49 25.29
N SER B 174 65.17 -3.88 24.57
CA SER B 174 66.10 -2.94 23.98
C SER B 174 65.44 -1.98 22.99
N ALA B 175 65.81 -0.71 23.09
CA ALA B 175 65.31 0.32 22.20
C ALA B 175 66.46 1.20 21.77
N LEU B 176 67.60 0.58 21.46
CA LEU B 176 68.76 1.33 20.99
C LEU B 176 69.44 0.54 19.88
N TRP B 177 69.93 1.26 18.88
CA TRP B 177 70.56 0.64 17.72
C TRP B 177 71.89 1.26 17.29
N TRP B 178 72.99 0.51 17.46
CA TRP B 178 74.30 0.98 17.06
C TRP B 178 74.39 1.03 15.54
N SER B 179 75.17 1.96 15.00
CA SER B 179 75.36 2.05 13.56
C SER B 179 76.35 0.91 13.21
N PRO B 180 76.52 0.61 11.92
CA PRO B 180 77.43 -0.46 11.51
C PRO B 180 78.83 -0.49 12.14
N ASN B 181 79.60 0.58 12.02
CA ASN B 181 80.95 0.59 12.60
C ASN B 181 81.01 1.05 14.04
N GLY B 182 79.86 1.32 14.64
CA GLY B 182 79.82 1.73 16.03
C GLY B 182 79.93 3.22 16.31
N THR B 183 80.03 4.01 15.25
CA THR B 183 80.15 5.45 15.43
C THR B 183 78.91 6.08 16.06
N PHE B 184 77.74 5.80 15.51
CA PHE B 184 76.50 6.36 16.02
C PHE B 184 75.68 5.39 16.86
N LEU B 185 74.95 5.95 17.81
CA LEU B 185 74.08 5.16 18.67
C LEU B 185 72.72 5.83 18.54
N ALA B 186 71.77 5.09 17.96
CA ALA B 186 70.43 5.63 17.80
C ALA B 186 69.56 5.02 18.90
N TYR B 187 68.51 5.71 19.29
CA TYR B 187 67.64 5.18 20.33
C TYR B 187 66.27 5.83 20.30
N ALA B 188 65.31 5.16 20.93
CA ALA B 188 63.96 5.69 21.00
C ALA B 188 63.67 6.08 22.43
N GLN B 189 62.75 7.01 22.60
CA GLN B 189 62.35 7.46 23.94
C GLN B 189 60.85 7.31 24.00
N PHE B 190 60.37 6.65 25.04
CA PHE B 190 58.94 6.46 25.20
C PHE B 190 58.42 7.23 26.40
N ASN B 191 57.26 7.85 26.22
CA ASN B 191 56.62 8.63 27.25
C ASN B 191 55.28 8.00 27.63
N ASP B 192 55.20 7.48 28.85
CA ASP B 192 53.99 6.83 29.35
C ASP B 192 53.21 7.74 30.30
N THR B 193 53.59 9.01 30.35
CA THR B 193 52.95 9.97 31.25
C THR B 193 51.45 9.83 31.45
N GLU B 194 50.68 9.79 30.37
CA GLU B 194 49.23 9.68 30.53
C GLU B 194 48.62 8.32 30.24
N VAL B 195 49.45 7.27 30.24
CA VAL B 195 48.96 5.92 29.98
C VAL B 195 48.34 5.35 31.24
N PRO B 196 47.08 4.86 31.16
CA PRO B 196 46.48 4.31 32.37
C PRO B 196 47.30 3.14 32.89
N LEU B 197 47.17 2.90 34.18
CA LEU B 197 47.89 1.81 34.84
C LEU B 197 46.99 0.63 35.14
N ILE B 198 47.53 -0.57 34.97
CA ILE B 198 46.79 -1.76 35.31
C ILE B 198 47.34 -2.09 36.69
N GLU B 199 46.45 -2.37 37.64
CA GLU B 199 46.89 -2.68 38.99
C GLU B 199 46.39 -4.05 39.40
N TYR B 200 47.26 -4.85 40.00
CA TYR B 200 46.87 -6.16 40.48
C TYR B 200 47.73 -6.56 41.68
N SER B 201 47.25 -7.50 42.48
CA SER B 201 47.98 -7.92 43.67
C SER B 201 49.08 -8.94 43.43
N PHE B 202 50.13 -8.84 44.22
CA PHE B 202 51.21 -9.80 44.16
C PHE B 202 51.39 -10.22 45.61
N TYR B 203 51.20 -11.51 45.88
CA TYR B 203 51.29 -12.02 47.24
C TYR B 203 52.68 -12.33 47.76
N SER B 204 53.60 -12.66 46.87
CA SER B 204 54.97 -12.96 47.26
C SER B 204 55.06 -14.11 48.26
N ASP B 205 56.21 -14.21 48.93
CA ASP B 205 56.41 -15.25 49.92
C ASP B 205 55.42 -15.15 51.08
N GLU B 206 55.15 -16.29 51.68
CA GLU B 206 54.24 -16.40 52.81
C GLU B 206 54.49 -15.33 53.88
N SER B 207 55.74 -14.95 54.06
CA SER B 207 56.10 -13.96 55.07
C SER B 207 55.61 -12.53 54.83
N LEU B 208 55.20 -12.21 53.60
CA LEU B 208 54.72 -10.87 53.29
C LEU B 208 53.37 -10.73 53.98
N GLN B 209 53.29 -9.85 54.98
CA GLN B 209 52.04 -9.68 55.72
C GLN B 209 50.96 -9.01 54.88
N TYR B 210 51.32 -7.97 54.14
CA TYR B 210 50.37 -7.27 53.29
C TYR B 210 50.73 -7.46 51.83
N PRO B 211 49.75 -7.89 51.02
CA PRO B 211 50.03 -8.09 49.59
C PRO B 211 50.49 -6.77 48.98
N LYS B 212 51.27 -6.85 47.91
CA LYS B 212 51.72 -5.63 47.27
C LYS B 212 50.89 -5.42 46.02
N THR B 213 50.69 -4.16 45.66
CA THR B 213 49.92 -3.84 44.47
C THR B 213 50.87 -3.44 43.37
N VAL B 214 50.87 -4.23 42.31
CA VAL B 214 51.72 -3.94 41.16
C VAL B 214 50.95 -3.05 40.21
N ARG B 215 51.61 -2.02 39.71
CA ARG B 215 50.98 -1.14 38.75
C ARG B 215 51.93 -0.88 37.61
N VAL B 216 51.43 -1.08 36.39
CA VAL B 216 52.25 -0.88 35.22
C VAL B 216 51.47 -0.13 34.14
N PRO B 217 52.13 0.84 33.49
CA PRO B 217 51.49 1.63 32.42
C PRO B 217 51.13 0.63 31.32
N TYR B 218 49.84 0.46 31.09
CA TYR B 218 49.34 -0.48 30.10
C TYR B 218 48.12 0.11 29.40
N PRO B 219 48.24 0.44 28.10
CA PRO B 219 47.12 1.02 27.36
C PRO B 219 46.17 -0.05 26.84
N LYS B 220 44.95 -0.10 27.38
CA LYS B 220 43.97 -1.07 26.92
C LYS B 220 43.35 -0.49 25.65
N ALA B 221 42.63 -1.31 24.88
CA ALA B 221 42.05 -0.85 23.62
C ALA B 221 41.35 0.51 23.70
N GLY B 222 41.77 1.43 22.81
CA GLY B 222 41.18 2.75 22.76
C GLY B 222 41.66 3.77 23.79
N ALA B 223 42.55 3.35 24.68
CA ALA B 223 43.06 4.25 25.72
C ALA B 223 44.19 5.12 25.20
N VAL B 224 44.71 5.99 26.06
CA VAL B 224 45.81 6.88 25.69
C VAL B 224 47.10 6.08 25.53
N ASN B 225 47.72 6.18 24.36
CA ASN B 225 48.95 5.45 24.09
C ASN B 225 50.20 6.22 24.49
N PRO B 226 51.32 5.51 24.61
CA PRO B 226 52.54 6.23 24.98
C PRO B 226 53.01 6.96 23.71
N THR B 227 53.77 8.03 23.87
CA THR B 227 54.28 8.72 22.69
C THR B 227 55.74 8.33 22.53
N VAL B 228 56.29 8.55 21.33
CA VAL B 228 57.67 8.18 21.04
C VAL B 228 58.45 9.27 20.31
N LYS B 229 59.75 9.28 20.55
CA LYS B 229 60.67 10.20 19.91
C LYS B 229 61.91 9.40 19.54
N PHE B 230 62.63 9.84 18.51
CA PHE B 230 63.83 9.14 18.07
C PHE B 230 65.04 10.06 18.07
N PHE B 231 66.19 9.54 18.49
CA PHE B 231 67.40 10.33 18.53
C PHE B 231 68.60 9.54 18.06
N VAL B 232 69.64 10.26 17.63
CA VAL B 232 70.87 9.65 17.18
C VAL B 232 72.00 10.50 17.76
N VAL B 233 72.94 9.84 18.41
CA VAL B 233 74.06 10.53 19.00
C VAL B 233 75.38 9.98 18.47
N ASN B 234 76.33 10.87 18.25
CA ASN B 234 77.65 10.49 17.76
C ASN B 234 78.50 10.13 18.98
N THR B 235 78.78 8.83 19.16
CA THR B 235 79.56 8.39 20.30
C THR B 235 81.04 8.69 20.19
N ASP B 236 81.42 9.43 19.15
CA ASP B 236 82.82 9.80 18.97
C ASP B 236 83.00 11.26 19.33
N SER B 237 81.89 11.98 19.44
CA SER B 237 81.91 13.40 19.76
C SER B 237 81.42 13.68 21.18
N LEU B 238 81.93 12.92 22.14
CA LEU B 238 81.54 13.10 23.53
C LEU B 238 82.77 13.35 24.40
N SER B 239 82.70 14.42 25.18
CA SER B 239 83.79 14.86 26.05
C SER B 239 83.95 14.08 27.36
N SER B 240 83.36 14.63 28.43
CA SER B 240 83.41 14.05 29.77
C SER B 240 83.05 15.20 30.69
N VAL B 241 82.73 16.33 30.06
CA VAL B 241 82.39 17.54 30.77
C VAL B 241 81.14 18.15 30.11
N THR B 242 80.97 17.89 28.81
CA THR B 242 79.82 18.40 28.06
C THR B 242 78.72 17.37 28.03
N ASN B 243 77.48 17.80 28.23
CA ASN B 243 76.38 16.85 28.17
C ASN B 243 76.22 16.50 26.69
N ALA B 244 76.25 15.20 26.39
CA ALA B 244 76.12 14.74 25.02
C ALA B 244 74.94 15.39 24.29
N THR B 245 75.04 15.45 22.98
CA THR B 245 73.98 16.04 22.18
C THR B 245 73.31 14.96 21.33
N SER B 246 72.03 14.75 21.55
CA SER B 246 71.29 13.77 20.78
C SER B 246 70.52 14.54 19.71
N ILE B 247 70.65 14.10 18.47
CA ILE B 247 69.94 14.77 17.40
C ILE B 247 68.66 14.00 17.14
N GLN B 248 67.54 14.69 17.29
CA GLN B 248 66.24 14.08 17.07
C GLN B 248 65.83 14.03 15.60
N ILE B 249 65.18 12.93 15.25
CA ILE B 249 64.66 12.72 13.90
C ILE B 249 63.16 12.63 14.16
N THR B 250 62.41 13.56 13.62
CA THR B 250 60.97 13.60 13.85
C THR B 250 60.12 13.07 12.70
N ALA B 251 58.87 13.56 12.67
CA ALA B 251 57.89 13.26 11.63
C ALA B 251 57.87 11.78 11.31
N PRO B 252 57.39 11.39 10.10
CA PRO B 252 56.86 12.16 8.97
C PRO B 252 55.56 12.92 9.26
N ALA B 253 55.28 13.93 8.44
CA ALA B 253 54.07 14.73 8.61
C ALA B 253 52.81 13.86 8.59
N SER B 254 52.80 12.86 7.74
CA SER B 254 51.64 11.99 7.63
C SER B 254 51.40 11.17 8.90
N MET B 255 52.41 11.11 9.76
CA MET B 255 52.31 10.38 11.02
C MET B 255 51.93 11.32 12.17
N LEU B 256 52.58 12.47 12.21
CA LEU B 256 52.34 13.46 13.25
C LEU B 256 50.90 13.97 13.32
N ILE B 257 50.14 13.81 12.24
CA ILE B 257 48.77 14.29 12.24
C ILE B 257 47.91 13.61 13.32
N GLY B 258 48.39 12.49 13.85
CA GLY B 258 47.65 11.80 14.90
C GLY B 258 48.51 10.80 15.64
N ASP B 259 47.87 9.88 16.36
CA ASP B 259 48.59 8.86 17.11
C ASP B 259 49.33 7.96 16.12
N HIS B 260 50.54 7.54 16.49
CA HIS B 260 51.36 6.71 15.63
C HIS B 260 52.37 5.93 16.47
N TYR B 261 53.12 5.05 15.81
CA TYR B 261 54.13 4.23 16.47
C TYR B 261 55.42 4.20 15.67
N LEU B 262 56.52 3.84 16.34
CA LEU B 262 57.79 3.66 15.67
C LEU B 262 57.82 2.14 15.62
N CYS B 263 57.81 1.56 14.43
CA CYS B 263 57.78 0.11 14.32
C CYS B 263 59.01 -0.58 13.78
N ASP B 264 60.03 0.20 13.39
CA ASP B 264 61.25 -0.39 12.88
C ASP B 264 62.36 0.62 12.63
N VAL B 265 63.57 0.21 12.95
CA VAL B 265 64.75 1.03 12.72
C VAL B 265 65.80 0.06 12.20
N THR B 266 66.36 0.40 11.05
CA THR B 266 67.37 -0.43 10.45
C THR B 266 68.42 0.47 9.80
N TRP B 267 69.68 0.29 10.20
CA TRP B 267 70.76 1.06 9.63
C TRP B 267 71.01 0.58 8.21
N ALA B 268 71.26 1.53 7.31
CA ALA B 268 71.54 1.21 5.92
C ALA B 268 73.05 1.18 5.70
N THR B 269 73.71 2.26 6.11
CA THR B 269 75.15 2.39 5.98
C THR B 269 75.71 3.01 7.26
N GLN B 270 76.94 3.50 7.18
CA GLN B 270 77.58 4.13 8.32
C GLN B 270 76.94 5.48 8.61
N GLU B 271 76.37 6.09 7.58
CA GLU B 271 75.74 7.39 7.76
C GLU B 271 74.31 7.49 7.27
N ARG B 272 73.66 6.34 7.13
CA ARG B 272 72.27 6.31 6.68
C ARG B 272 71.46 5.32 7.51
N ILE B 273 70.33 5.79 8.04
CA ILE B 273 69.46 4.94 8.85
C ILE B 273 68.02 5.01 8.34
N SER B 274 67.34 3.87 8.36
CA SER B 274 65.95 3.83 7.90
C SER B 274 65.03 3.62 9.11
N LEU B 275 63.87 4.27 9.05
CA LEU B 275 62.88 4.21 10.12
C LEU B 275 61.52 3.98 9.51
N GLN B 276 60.74 3.14 10.15
CA GLN B 276 59.39 2.88 9.68
C GLN B 276 58.42 3.29 10.77
N TRP B 277 57.41 4.07 10.38
CA TRP B 277 56.40 4.56 11.31
C TRP B 277 55.05 3.99 10.91
N LEU B 278 54.19 3.79 11.90
CA LEU B 278 52.87 3.22 11.67
C LEU B 278 51.81 4.07 12.38
N ARG B 279 50.73 4.36 11.67
CA ARG B 279 49.63 5.14 12.26
C ARG B 279 48.91 4.28 13.29
N ARG B 280 48.24 4.89 14.25
CA ARG B 280 47.53 4.09 15.24
C ARG B 280 46.54 3.16 14.52
N ILE B 281 46.01 3.61 13.40
CA ILE B 281 45.14 2.77 12.58
C ILE B 281 46.20 2.12 11.70
N GLN B 282 46.65 0.95 12.12
CA GLN B 282 47.73 0.23 11.47
C GLN B 282 47.46 -0.24 10.04
N ASN B 283 46.89 0.69 9.27
CA ASN B 283 46.52 0.53 7.87
C ASN B 283 47.61 1.13 7.00
N TYR B 284 48.28 2.14 7.56
CA TYR B 284 49.27 2.93 6.84
C TYR B 284 50.62 3.07 7.53
N SER B 285 51.69 2.70 6.83
CA SER B 285 53.04 2.82 7.38
C SER B 285 53.93 3.62 6.42
N VAL B 286 54.91 4.34 6.98
CA VAL B 286 55.82 5.14 6.18
C VAL B 286 57.26 4.92 6.59
N MET B 287 58.12 4.72 5.60
CA MET B 287 59.53 4.51 5.85
C MET B 287 60.33 5.76 5.48
N ASP B 288 61.18 6.19 6.40
CA ASP B 288 62.03 7.34 6.17
C ASP B 288 63.47 6.86 6.09
N ILE B 289 64.22 7.43 5.15
CA ILE B 289 65.63 7.09 5.01
C ILE B 289 66.33 8.40 5.27
N CYS B 290 67.16 8.42 6.32
CA CYS B 290 67.84 9.63 6.72
C CYS B 290 69.36 9.53 6.65
N ASP B 291 69.96 10.62 6.19
CA ASP B 291 71.41 10.71 6.06
C ASP B 291 72.01 11.71 7.01
N TYR B 292 73.21 11.41 7.48
CA TYR B 292 73.92 12.29 8.40
C TYR B 292 74.52 13.43 7.59
N ASP B 293 74.18 14.65 7.94
CA ASP B 293 74.71 15.82 7.25
C ASP B 293 76.04 16.24 7.91
N GLU B 294 77.14 15.92 7.24
CA GLU B 294 78.49 16.21 7.72
C GLU B 294 78.69 17.58 8.37
N SER B 295 78.64 18.64 7.57
CA SER B 295 78.85 19.99 8.07
C SER B 295 77.57 20.65 8.59
N SER B 296 76.84 19.91 9.41
CA SER B 296 75.60 20.41 10.00
C SER B 296 75.30 19.60 11.26
N GLY B 297 75.80 18.38 11.28
CA GLY B 297 75.62 17.52 12.44
C GLY B 297 74.26 16.88 12.59
N ARG B 298 73.24 17.41 11.91
CA ARG B 298 71.90 16.84 12.02
C ARG B 298 71.64 15.73 11.00
N TRP B 299 70.46 15.13 11.09
CA TRP B 299 70.07 14.07 10.17
C TRP B 299 68.91 14.53 9.32
N ASN B 300 69.01 14.28 8.02
CA ASN B 300 67.95 14.69 7.11
C ASN B 300 67.33 13.49 6.40
N CYS B 301 66.00 13.46 6.38
CA CYS B 301 65.27 12.37 5.75
C CYS B 301 64.55 12.96 4.57
N LEU B 302 65.19 12.90 3.41
CA LEU B 302 64.62 13.43 2.19
C LEU B 302 63.29 12.77 1.84
N VAL B 303 62.25 13.58 1.66
CA VAL B 303 60.99 13.00 1.22
C VAL B 303 61.49 12.50 -0.13
N ALA B 304 60.68 11.73 -0.86
CA ALA B 304 61.16 11.22 -2.14
C ALA B 304 61.98 9.97 -1.86
N ARG B 305 62.51 9.89 -0.65
CA ARG B 305 63.28 8.73 -0.23
C ARG B 305 62.42 7.92 0.73
N GLN B 306 61.21 8.40 0.98
CA GLN B 306 60.33 7.69 1.90
C GLN B 306 59.38 6.81 1.12
N HIS B 307 59.08 5.65 1.69
CA HIS B 307 58.19 4.70 1.04
C HIS B 307 57.00 4.34 1.88
N ILE B 308 55.84 4.48 1.26
CA ILE B 308 54.57 4.19 1.90
C ILE B 308 54.19 2.73 1.74
N GLU B 309 53.73 2.12 2.82
CA GLU B 309 53.30 0.72 2.75
C GLU B 309 51.95 0.69 3.44
N MET B 310 50.90 0.43 2.67
CA MET B 310 49.57 0.38 3.22
C MET B 310 48.81 -0.88 2.80
N SER B 311 47.67 -1.11 3.42
CA SER B 311 46.86 -2.26 3.10
C SER B 311 45.39 -1.85 3.02
N THR B 312 44.70 -2.35 2.02
CA THR B 312 43.28 -2.04 1.86
C THR B 312 42.40 -3.17 2.37
N THR B 313 43.02 -4.34 2.59
CA THR B 313 42.28 -5.49 3.08
C THR B 313 42.46 -5.74 4.58
N GLY B 314 43.55 -5.23 5.14
CA GLY B 314 43.80 -5.42 6.57
C GLY B 314 44.84 -4.48 7.14
N TRP B 315 45.70 -5.01 8.00
CA TRP B 315 46.76 -4.23 8.62
C TRP B 315 48.04 -4.41 7.79
N VAL B 316 49.10 -3.70 8.15
CA VAL B 316 50.35 -3.81 7.42
C VAL B 316 51.35 -4.76 8.08
N GLY B 317 51.84 -5.72 7.30
CA GLY B 317 52.80 -6.68 7.81
C GLY B 317 52.11 -7.85 8.51
N ARG B 318 52.88 -8.85 8.91
CA ARG B 318 52.27 -9.98 9.60
C ARG B 318 51.89 -9.51 10.99
N PHE B 319 52.85 -8.96 11.71
CA PHE B 319 52.61 -8.41 13.05
C PHE B 319 53.03 -6.94 13.04
N ARG B 320 54.02 -6.62 12.23
CA ARG B 320 54.52 -5.26 12.05
C ARG B 320 55.19 -5.23 10.69
N PRO B 321 55.28 -4.05 10.08
CA PRO B 321 55.93 -3.98 8.76
C PRO B 321 57.29 -4.68 8.79
N SER B 322 57.61 -5.37 7.70
CA SER B 322 58.88 -6.09 7.60
C SER B 322 60.08 -5.15 7.59
N GLU B 323 61.24 -5.71 7.93
CA GLU B 323 62.49 -4.96 7.97
C GLU B 323 63.17 -4.95 6.60
N PRO B 324 63.81 -3.83 6.24
CA PRO B 324 64.49 -3.75 4.95
C PRO B 324 65.92 -4.30 5.04
N HIS B 325 66.42 -4.80 3.91
CA HIS B 325 67.76 -5.34 3.81
C HIS B 325 68.49 -4.55 2.73
N PHE B 326 69.36 -3.65 3.16
CA PHE B 326 70.09 -2.78 2.25
C PHE B 326 71.32 -3.38 1.56
N THR B 327 71.54 -2.94 0.33
CA THR B 327 72.71 -3.39 -0.43
C THR B 327 73.91 -2.65 0.15
N LEU B 328 75.10 -3.16 -0.12
CA LEU B 328 76.34 -2.58 0.39
C LEU B 328 76.39 -1.06 0.36
N ASP B 329 76.00 -0.47 -0.76
CA ASP B 329 76.04 0.99 -0.85
C ASP B 329 74.83 1.70 -0.26
N GLY B 330 73.91 0.92 0.34
CA GLY B 330 72.73 1.51 0.95
C GLY B 330 71.82 2.27 -0.02
N ASN B 331 72.05 2.11 -1.31
CA ASN B 331 71.27 2.81 -2.33
C ASN B 331 70.03 2.04 -2.78
N SER B 332 69.89 0.81 -2.30
CA SER B 332 68.73 0.00 -2.65
C SER B 332 68.51 -1.03 -1.55
N PHE B 333 67.32 -1.62 -1.50
CA PHE B 333 67.05 -2.60 -0.46
C PHE B 333 65.95 -3.58 -0.83
N TYR B 334 65.93 -4.69 -0.11
CA TYR B 334 64.92 -5.72 -0.33
C TYR B 334 64.09 -5.84 0.93
N LYS B 335 62.78 -5.94 0.76
CA LYS B 335 61.92 -6.13 1.92
C LYS B 335 60.65 -6.87 1.52
N ILE B 336 60.18 -7.72 2.42
CA ILE B 336 58.98 -8.51 2.19
C ILE B 336 57.73 -7.65 2.31
N ILE B 337 56.91 -7.66 1.26
CA ILE B 337 55.66 -6.91 1.30
C ILE B 337 54.58 -7.77 0.66
N SER B 338 53.33 -7.39 0.88
CA SER B 338 52.21 -8.15 0.34
C SER B 338 52.00 -7.91 -1.16
N ASN B 339 51.79 -9.00 -1.90
CA ASN B 339 51.56 -9.00 -3.33
C ASN B 339 50.29 -8.26 -3.72
N GLU B 340 50.09 -8.16 -5.03
CA GLU B 340 48.88 -7.54 -5.58
C GLU B 340 47.86 -8.69 -5.51
N GLU B 341 48.38 -9.89 -5.27
CA GLU B 341 47.58 -11.09 -5.16
C GLU B 341 47.40 -11.46 -3.68
N GLY B 342 48.03 -10.66 -2.82
CA GLY B 342 47.90 -10.90 -1.39
C GLY B 342 48.94 -11.79 -0.76
N TYR B 343 49.95 -12.21 -1.52
CA TYR B 343 51.00 -13.06 -0.98
C TYR B 343 52.25 -12.27 -0.68
N ARG B 344 52.89 -12.60 0.43
CA ARG B 344 54.10 -11.89 0.83
C ARG B 344 55.32 -12.40 0.09
N HIS B 345 55.96 -11.49 -0.63
CA HIS B 345 57.14 -11.78 -1.42
C HIS B 345 58.15 -10.64 -1.32
N ILE B 346 59.38 -10.93 -1.74
CA ILE B 346 60.47 -9.98 -1.71
C ILE B 346 60.40 -8.94 -2.83
N CYS B 347 60.36 -7.66 -2.46
CA CYS B 347 60.31 -6.59 -3.44
C CYS B 347 61.62 -5.79 -3.36
N TYR B 348 62.15 -5.45 -4.54
CA TYR B 348 63.42 -4.73 -4.65
C TYR B 348 63.20 -3.23 -4.88
N PHE B 349 63.75 -2.41 -3.99
CA PHE B 349 63.60 -0.96 -4.06
C PHE B 349 64.90 -0.18 -4.34
N GLN B 350 64.72 0.97 -4.95
CA GLN B 350 65.80 1.92 -5.19
C GLN B 350 65.38 2.96 -4.15
N ILE B 351 66.26 3.31 -3.21
CA ILE B 351 65.86 4.24 -2.15
C ILE B 351 65.13 5.50 -2.59
N ASP B 352 65.37 5.96 -3.81
CA ASP B 352 64.68 7.15 -4.27
C ASP B 352 63.71 6.90 -5.42
N LYS B 353 63.15 5.69 -5.47
CA LYS B 353 62.19 5.30 -6.49
C LYS B 353 60.95 4.74 -5.80
N LYS B 354 59.80 5.28 -6.16
CA LYS B 354 58.52 4.86 -5.58
C LYS B 354 58.15 3.38 -5.75
N ASP B 355 58.20 2.90 -6.98
CA ASP B 355 57.82 1.52 -7.25
C ASP B 355 58.95 0.51 -7.13
N CYS B 356 58.66 -0.63 -6.50
CA CYS B 356 59.65 -1.67 -6.33
C CYS B 356 59.38 -2.82 -7.30
N THR B 357 60.35 -3.71 -7.45
CA THR B 357 60.18 -4.85 -8.35
C THR B 357 60.19 -6.15 -7.56
N PHE B 358 59.12 -6.92 -7.66
CA PHE B 358 59.04 -8.19 -6.96
C PHE B 358 60.01 -9.17 -7.60
N ILE B 359 60.86 -9.80 -6.80
CA ILE B 359 61.81 -10.74 -7.34
C ILE B 359 61.34 -12.19 -7.17
N THR B 360 60.33 -12.39 -6.34
CA THR B 360 59.74 -13.71 -6.13
C THR B 360 58.23 -13.56 -6.29
N LYS B 361 57.54 -14.65 -6.57
CA LYS B 361 56.09 -14.61 -6.73
C LYS B 361 55.55 -16.02 -6.66
N GLY B 362 54.23 -16.14 -6.54
CA GLY B 362 53.60 -17.45 -6.46
C GLY B 362 52.64 -17.59 -5.29
N THR B 363 51.89 -18.68 -5.26
CA THR B 363 50.92 -18.91 -4.20
C THR B 363 51.56 -19.61 -2.99
N TRP B 364 52.53 -18.92 -2.42
CA TRP B 364 53.28 -19.35 -1.25
C TRP B 364 53.87 -18.05 -0.72
N GLU B 365 54.55 -18.07 0.41
CA GLU B 365 55.12 -16.83 0.93
C GLU B 365 56.55 -16.92 1.40
N VAL B 366 57.25 -15.80 1.33
CA VAL B 366 58.62 -15.73 1.81
C VAL B 366 58.44 -15.48 3.29
N ILE B 367 59.06 -16.31 4.12
CA ILE B 367 58.93 -16.13 5.55
C ILE B 367 59.86 -15.03 6.01
N GLY B 368 61.11 -15.08 5.54
CA GLY B 368 62.05 -14.06 5.91
C GLY B 368 63.31 -14.05 5.07
N ILE B 369 63.94 -12.88 5.01
CA ILE B 369 65.18 -12.69 4.28
C ILE B 369 66.25 -13.01 5.33
N GLU B 370 67.12 -13.97 5.05
CA GLU B 370 68.14 -14.38 6.00
C GLU B 370 69.54 -13.82 5.79
N ALA B 371 69.91 -13.54 4.54
CA ALA B 371 71.23 -13.00 4.24
C ALA B 371 71.22 -12.36 2.87
N LEU B 372 72.11 -11.38 2.69
CA LEU B 372 72.21 -10.70 1.42
C LEU B 372 73.67 -10.45 1.07
N THR B 373 74.13 -11.03 -0.02
CA THR B 373 75.49 -10.83 -0.48
C THR B 373 75.34 -9.95 -1.71
N SER B 374 76.45 -9.57 -2.32
CA SER B 374 76.38 -8.75 -3.53
C SER B 374 75.93 -9.70 -4.64
N ASP B 375 76.12 -10.99 -4.40
CA ASP B 375 75.79 -12.05 -5.35
C ASP B 375 74.36 -12.61 -5.22
N TYR B 376 74.00 -13.02 -4.00
CA TYR B 376 72.68 -13.61 -3.78
C TYR B 376 71.89 -13.05 -2.60
N LEU B 377 70.64 -13.48 -2.57
CA LEU B 377 69.69 -13.12 -1.52
C LEU B 377 69.24 -14.49 -0.99
N TYR B 378 69.47 -14.74 0.28
CA TYR B 378 69.05 -16.00 0.88
C TYR B 378 67.77 -15.77 1.68
N TYR B 379 66.79 -16.64 1.49
CA TYR B 379 65.52 -16.50 2.19
C TYR B 379 64.88 -17.85 2.49
N ILE B 380 63.95 -17.82 3.44
CA ILE B 380 63.21 -19.00 3.84
C ILE B 380 61.76 -18.82 3.42
N SER B 381 61.18 -19.87 2.84
CA SER B 381 59.80 -19.81 2.40
C SER B 381 59.13 -21.16 2.56
N ASN B 382 57.82 -21.20 2.31
CA ASN B 382 57.06 -22.43 2.40
C ASN B 382 56.61 -22.86 1.00
N GLU B 383 57.43 -22.60 -0.01
CA GLU B 383 57.07 -22.95 -1.38
C GLU B 383 57.10 -24.45 -1.66
N TYR B 384 58.12 -25.13 -1.15
CA TYR B 384 58.31 -26.56 -1.40
C TYR B 384 57.08 -27.42 -1.14
N LYS B 385 56.75 -28.27 -2.12
CA LYS B 385 55.62 -29.19 -2.03
C LYS B 385 54.30 -28.47 -1.79
N GLY B 386 54.31 -27.14 -1.90
CA GLY B 386 53.08 -26.38 -1.68
C GLY B 386 52.52 -26.48 -0.27
N MET B 387 53.33 -26.93 0.68
CA MET B 387 52.84 -27.02 2.05
C MET B 387 53.27 -25.82 2.90
N PRO B 388 52.31 -24.96 3.25
CA PRO B 388 52.55 -23.76 4.05
C PRO B 388 53.11 -24.00 5.45
N GLY B 389 53.09 -25.26 5.88
CA GLY B 389 53.61 -25.61 7.20
C GLY B 389 55.05 -26.10 7.12
N GLY B 390 55.67 -25.95 5.96
CA GLY B 390 57.05 -26.36 5.78
C GLY B 390 57.93 -25.15 5.59
N ARG B 391 59.22 -25.28 5.90
CA ARG B 391 60.17 -24.17 5.75
C ARG B 391 61.48 -24.66 5.12
N ASN B 392 61.96 -23.92 4.13
CA ASN B 392 63.20 -24.27 3.45
C ASN B 392 63.99 -23.04 3.07
N LEU B 393 65.31 -23.21 3.02
CA LEU B 393 66.23 -22.15 2.66
C LEU B 393 66.40 -22.14 1.15
N TYR B 394 66.30 -20.95 0.56
CA TYR B 394 66.47 -20.76 -0.87
C TYR B 394 67.43 -19.59 -1.12
N LYS B 395 68.08 -19.59 -2.27
CA LYS B 395 68.94 -18.48 -2.64
C LYS B 395 68.54 -18.08 -4.04
N ILE B 396 68.43 -16.77 -4.27
CA ILE B 396 68.03 -16.27 -5.58
C ILE B 396 69.13 -15.38 -6.13
N GLN B 397 69.46 -15.59 -7.40
CA GLN B 397 70.50 -14.84 -8.08
C GLN B 397 70.02 -13.42 -8.36
N LEU B 398 70.69 -12.43 -7.79
CA LEU B 398 70.33 -11.03 -8.00
C LEU B 398 70.43 -10.58 -9.47
N SER B 399 71.28 -11.26 -10.24
CA SER B 399 71.47 -10.95 -11.65
C SER B 399 70.35 -11.53 -12.50
N ASP B 400 69.71 -12.58 -12.00
CA ASP B 400 68.63 -13.22 -12.73
C ASP B 400 67.67 -13.93 -11.77
N TYR B 401 66.56 -13.26 -11.46
CA TYR B 401 65.55 -13.79 -10.54
C TYR B 401 65.03 -15.13 -11.02
N THR B 402 65.35 -15.48 -12.25
CA THR B 402 64.92 -16.74 -12.84
C THR B 402 65.65 -17.90 -12.15
N LYS B 403 66.81 -17.59 -11.59
CA LYS B 403 67.63 -18.60 -10.93
C LYS B 403 67.49 -18.70 -9.42
N VAL B 404 66.48 -19.43 -8.97
CA VAL B 404 66.29 -19.63 -7.53
C VAL B 404 66.64 -21.08 -7.21
N THR B 405 67.50 -21.27 -6.22
CA THR B 405 67.93 -22.62 -5.85
C THR B 405 67.52 -23.00 -4.42
N CYS B 406 66.90 -24.18 -4.26
CA CYS B 406 66.54 -24.57 -2.90
C CYS B 406 67.74 -25.26 -2.29
N LEU B 407 68.17 -24.75 -1.14
CA LEU B 407 69.34 -25.29 -0.46
C LEU B 407 69.07 -26.33 0.63
N SER B 408 67.82 -26.56 0.98
CA SER B 408 67.50 -27.52 2.04
C SER B 408 66.50 -28.60 1.64
N CYS B 409 65.64 -28.28 0.66
CA CYS B 409 64.60 -29.20 0.20
C CYS B 409 64.99 -30.66 0.15
N GLU B 410 66.04 -30.96 -0.62
CA GLU B 410 66.48 -32.32 -0.84
C GLU B 410 67.51 -32.94 0.10
N LEU B 411 67.98 -32.19 1.09
CA LEU B 411 68.98 -32.72 2.01
C LEU B 411 68.55 -34.04 2.65
N ASN B 412 67.29 -34.12 3.03
CA ASN B 412 66.73 -35.32 3.66
C ASN B 412 65.23 -35.08 3.78
N PRO B 413 64.52 -35.04 2.65
CA PRO B 413 63.08 -34.82 2.51
C PRO B 413 62.17 -35.63 3.41
N GLU B 414 62.64 -36.76 3.92
CA GLU B 414 61.83 -37.59 4.79
C GLU B 414 61.84 -37.06 6.21
N ARG B 415 63.02 -36.74 6.70
CA ARG B 415 63.23 -36.27 8.05
C ARG B 415 63.16 -34.75 8.22
N CYS B 416 63.46 -34.02 7.15
CA CYS B 416 63.50 -32.56 7.25
C CYS B 416 62.69 -31.73 6.27
N GLN B 417 61.66 -31.08 6.80
CA GLN B 417 60.80 -30.24 5.99
C GLN B 417 60.57 -28.88 6.66
N TYR B 418 61.31 -28.62 7.73
CA TYR B 418 61.19 -27.36 8.46
C TYR B 418 62.58 -26.87 8.86
N TYR B 419 63.09 -25.87 8.17
CA TYR B 419 64.42 -25.36 8.47
C TYR B 419 64.46 -23.89 8.89
N SER B 420 65.51 -23.57 9.64
CA SER B 420 65.83 -22.22 10.08
C SER B 420 67.33 -22.18 9.79
N VAL B 421 67.91 -21.00 9.59
CA VAL B 421 69.33 -20.94 9.26
C VAL B 421 70.11 -19.88 10.03
N SER B 422 71.43 -20.06 10.09
CA SER B 422 72.32 -19.14 10.78
C SER B 422 73.60 -18.97 9.97
N PHE B 423 73.75 -17.80 9.33
CA PHE B 423 74.93 -17.50 8.50
C PHE B 423 76.09 -16.90 9.28
N SER B 424 77.30 -17.11 8.77
CA SER B 424 78.49 -16.54 9.39
C SER B 424 78.48 -15.05 8.99
N LYS B 425 79.39 -14.26 9.54
CA LYS B 425 79.44 -12.84 9.24
C LYS B 425 79.23 -12.40 7.78
N GLU B 426 79.98 -12.98 6.85
CA GLU B 426 79.82 -12.60 5.45
C GLU B 426 79.10 -13.68 4.66
N ALA B 427 78.33 -14.51 5.35
CA ALA B 427 77.57 -15.57 4.70
C ALA B 427 78.48 -16.51 3.90
N LYS B 428 79.67 -16.79 4.44
CA LYS B 428 80.64 -17.68 3.79
C LYS B 428 80.24 -19.10 4.17
N TYR B 429 79.65 -19.22 5.35
CA TYR B 429 79.20 -20.50 5.89
C TYR B 429 77.84 -20.30 6.53
N TYR B 430 77.10 -21.40 6.65
CA TYR B 430 75.80 -21.34 7.31
C TYR B 430 75.45 -22.67 7.94
N GLN B 431 74.72 -22.59 9.04
CA GLN B 431 74.27 -23.77 9.76
C GLN B 431 72.79 -23.93 9.47
N LEU B 432 72.38 -25.15 9.17
CA LEU B 432 70.98 -25.43 8.90
C LEU B 432 70.39 -26.12 10.12
N ARG B 433 69.19 -25.70 10.50
CA ARG B 433 68.53 -26.29 11.64
C ARG B 433 67.21 -26.90 11.22
N CYS B 434 67.21 -28.22 11.14
CA CYS B 434 66.05 -29.02 10.77
C CYS B 434 65.31 -29.31 12.09
N SER B 435 64.03 -28.98 12.16
CA SER B 435 63.28 -29.24 13.39
C SER B 435 62.09 -30.17 13.21
N GLY B 436 62.03 -30.85 12.07
CA GLY B 436 60.93 -31.77 11.83
C GLY B 436 60.75 -32.13 10.37
N PRO B 437 59.90 -33.12 10.06
CA PRO B 437 59.10 -33.93 10.98
C PRO B 437 59.85 -34.96 11.81
N GLY B 438 61.08 -35.29 11.39
CA GLY B 438 61.86 -36.24 12.14
C GLY B 438 62.61 -35.55 13.27
N LEU B 439 63.56 -36.25 13.88
CA LEU B 439 64.33 -35.66 14.96
C LEU B 439 65.20 -34.54 14.44
N PRO B 440 65.30 -33.43 15.20
CA PRO B 440 66.10 -32.26 14.83
C PRO B 440 67.50 -32.63 14.38
N LEU B 441 67.93 -32.02 13.27
CA LEU B 441 69.24 -32.28 12.71
C LEU B 441 69.93 -30.95 12.41
N TYR B 442 71.16 -30.80 12.91
CA TYR B 442 71.96 -29.58 12.71
C TYR B 442 73.21 -29.87 11.87
N THR B 443 73.38 -29.11 10.78
CA THR B 443 74.51 -29.31 9.88
C THR B 443 75.21 -28.01 9.49
N LEU B 444 76.42 -28.14 8.95
CA LEU B 444 77.21 -26.98 8.51
C LEU B 444 77.42 -27.03 7.01
N HIS B 445 77.41 -25.87 6.37
CA HIS B 445 77.59 -25.78 4.92
C HIS B 445 78.42 -24.56 4.54
N SER B 446 79.03 -24.62 3.37
CA SER B 446 79.82 -23.51 2.87
C SER B 446 79.06 -22.93 1.68
N SER B 447 78.85 -21.62 1.69
CA SER B 447 78.10 -20.93 0.65
C SER B 447 78.65 -20.96 -0.77
N VAL B 448 79.97 -21.02 -0.94
CA VAL B 448 80.57 -21.03 -2.27
C VAL B 448 79.95 -22.03 -3.23
N ASN B 449 79.70 -23.25 -2.75
CA ASN B 449 79.12 -24.31 -3.57
C ASN B 449 77.93 -24.97 -2.87
N ASP B 450 77.61 -24.48 -1.67
CA ASP B 450 76.51 -25.04 -0.89
C ASP B 450 76.84 -26.49 -0.54
N LYS B 451 78.12 -26.73 -0.28
CA LYS B 451 78.59 -28.06 0.09
C LYS B 451 78.29 -28.34 1.55
N GLY B 452 77.89 -29.58 1.83
CA GLY B 452 77.62 -29.94 3.21
C GLY B 452 78.98 -30.24 3.80
N LEU B 453 79.34 -29.53 4.86
CA LEU B 453 80.64 -29.75 5.50
C LEU B 453 80.62 -30.91 6.48
N ARG B 454 79.58 -30.96 7.31
CA ARG B 454 79.45 -32.02 8.29
C ARG B 454 78.21 -31.88 9.15
N VAL B 455 77.85 -32.99 9.81
CA VAL B 455 76.70 -33.01 10.70
C VAL B 455 77.19 -32.51 12.05
N LEU B 456 76.44 -31.58 12.66
CA LEU B 456 76.80 -31.02 13.96
C LEU B 456 76.14 -31.77 15.11
N GLU B 457 74.86 -32.11 14.91
CA GLU B 457 74.09 -32.84 15.91
C GLU B 457 72.92 -33.54 15.22
N ASP B 458 72.78 -34.84 15.44
CA ASP B 458 71.72 -35.62 14.80
C ASP B 458 70.78 -36.27 15.80
N ASN B 459 70.90 -35.93 17.08
CA ASN B 459 70.04 -36.49 18.11
C ASN B 459 69.94 -38.01 18.06
N SER B 460 71.07 -38.67 17.83
CA SER B 460 71.09 -40.12 17.74
C SER B 460 70.82 -40.72 19.13
N ALA B 461 71.29 -40.02 20.17
CA ALA B 461 71.09 -40.49 21.54
C ALA B 461 69.60 -40.56 21.86
N LEU B 462 68.87 -39.53 21.47
CA LEU B 462 67.43 -39.48 21.71
C LEU B 462 66.74 -40.52 20.85
N ASP B 463 67.32 -40.78 19.69
CA ASP B 463 66.75 -41.76 18.77
C ASP B 463 66.78 -43.15 19.38
N LYS B 464 67.93 -43.51 19.94
CA LYS B 464 68.08 -44.84 20.54
C LYS B 464 67.08 -45.00 21.67
N MET B 465 66.93 -43.94 22.46
CA MET B 465 66.02 -43.96 23.60
C MET B 465 64.56 -44.14 23.20
N LEU B 466 64.13 -43.40 22.17
CA LEU B 466 62.75 -43.46 21.72
C LEU B 466 62.28 -44.74 21.04
N GLN B 467 63.22 -45.59 20.61
CA GLN B 467 62.80 -46.82 19.94
C GLN B 467 62.32 -47.85 20.94
N ASN B 468 62.42 -47.51 22.22
CA ASN B 468 61.97 -48.38 23.31
C ASN B 468 60.65 -47.89 23.88
N VAL B 469 60.02 -46.95 23.18
CA VAL B 469 58.75 -46.38 23.65
C VAL B 469 57.74 -46.25 22.51
N GLN B 470 56.48 -46.52 22.82
CA GLN B 470 55.40 -46.42 21.84
C GLN B 470 55.05 -44.96 21.59
N MET B 471 55.72 -44.36 20.62
CA MET B 471 55.51 -42.96 20.28
C MET B 471 54.36 -42.76 19.31
N PRO B 472 53.66 -41.64 19.43
CA PRO B 472 52.52 -41.32 18.55
C PRO B 472 53.06 -40.87 17.19
N SER B 473 52.18 -40.79 16.20
CA SER B 473 52.59 -40.35 14.87
C SER B 473 51.88 -39.05 14.55
N LYS B 474 52.37 -38.32 13.55
CA LYS B 474 51.77 -37.05 13.19
C LYS B 474 51.29 -37.03 11.74
N LYS B 475 50.04 -36.63 11.55
CA LYS B 475 49.45 -36.53 10.24
C LYS B 475 49.23 -35.05 9.88
N LEU B 476 49.81 -34.64 8.76
CA LEU B 476 49.69 -33.27 8.26
C LEU B 476 48.95 -33.38 6.93
N ASP B 477 47.79 -32.74 6.84
CA ASP B 477 47.00 -32.82 5.61
C ASP B 477 46.07 -31.62 5.58
N PHE B 478 45.13 -31.63 4.65
CA PHE B 478 44.20 -30.52 4.57
C PHE B 478 42.80 -30.95 4.17
N ILE B 479 41.84 -30.06 4.40
CA ILE B 479 40.47 -30.31 4.02
C ILE B 479 40.10 -29.15 3.12
N ILE B 480 38.90 -29.16 2.56
CA ILE B 480 38.49 -28.11 1.66
C ILE B 480 37.18 -27.43 2.02
N LEU B 481 37.28 -26.16 2.43
CA LEU B 481 36.11 -25.37 2.77
C LEU B 481 35.88 -24.48 1.55
N ASN B 482 34.68 -24.53 1.00
CA ASN B 482 34.29 -23.78 -0.19
C ASN B 482 35.45 -23.20 -1.00
N GLU B 483 36.01 -24.03 -1.87
CA GLU B 483 37.10 -23.64 -2.76
C GLU B 483 38.51 -23.62 -2.17
N THR B 484 38.65 -23.18 -0.93
CA THR B 484 39.98 -23.09 -0.32
C THR B 484 40.36 -24.27 0.55
N LYS B 485 41.64 -24.61 0.56
CA LYS B 485 42.13 -25.70 1.38
C LYS B 485 42.69 -25.15 2.70
N PHE B 486 42.37 -25.84 3.79
CA PHE B 486 42.84 -25.45 5.11
C PHE B 486 43.52 -26.63 5.77
N TRP B 487 44.76 -26.43 6.19
CA TRP B 487 45.55 -27.50 6.80
C TRP B 487 45.25 -27.81 8.26
N TYR B 488 45.56 -29.05 8.63
CA TYR B 488 45.36 -29.51 9.99
C TYR B 488 46.43 -30.57 10.27
N GLN B 489 46.63 -30.87 11.54
CA GLN B 489 47.59 -31.89 11.92
C GLN B 489 46.95 -32.70 13.03
N MET B 490 47.30 -33.97 13.14
CA MET B 490 46.75 -34.80 14.20
C MET B 490 47.83 -35.64 14.84
N ILE B 491 47.92 -35.57 16.17
CA ILE B 491 48.90 -36.37 16.88
C ILE B 491 48.14 -37.68 17.13
N LEU B 492 48.49 -38.70 16.36
CA LEU B 492 47.84 -40.00 16.46
C LEU B 492 48.49 -40.97 17.44
N PRO B 493 47.67 -41.66 18.23
CA PRO B 493 48.15 -42.64 19.22
C PRO B 493 48.93 -43.76 18.52
N PRO B 494 49.84 -44.42 19.26
CA PRO B 494 50.63 -45.50 18.66
C PRO B 494 49.68 -46.60 18.18
N HIS B 495 50.04 -47.26 17.09
CA HIS B 495 49.20 -48.35 16.56
C HIS B 495 47.81 -47.82 16.18
N PHE B 496 47.78 -46.63 15.61
CA PHE B 496 46.51 -46.05 15.19
C PHE B 496 45.71 -47.03 14.34
N ASP B 497 44.44 -47.14 14.64
CA ASP B 497 43.55 -48.04 13.91
C ASP B 497 42.36 -47.24 13.39
N LYS B 498 42.42 -46.82 12.13
CA LYS B 498 41.35 -46.05 11.51
C LYS B 498 39.99 -46.70 11.67
N SER B 499 39.98 -47.95 12.13
CA SER B 499 38.72 -48.70 12.32
C SER B 499 38.10 -48.35 13.68
N LYS B 500 38.95 -48.03 14.64
CA LYS B 500 38.53 -47.69 15.99
C LYS B 500 38.00 -46.23 16.06
N LYS B 501 37.29 -45.91 17.13
CA LYS B 501 36.77 -44.56 17.33
C LYS B 501 37.43 -43.93 18.55
N TYR B 502 38.32 -42.97 18.32
CA TYR B 502 39.03 -42.33 19.42
C TYR B 502 38.44 -41.00 19.86
N PRO B 503 38.68 -40.62 21.12
CA PRO B 503 38.17 -39.34 21.62
C PRO B 503 39.13 -38.32 20.99
N LEU B 504 38.66 -37.10 20.77
CA LEU B 504 39.53 -36.11 20.14
C LEU B 504 39.61 -34.79 20.90
N LEU B 505 40.81 -34.25 20.96
CA LEU B 505 41.08 -32.98 21.64
C LEU B 505 41.54 -31.97 20.59
N LEU B 506 40.79 -30.88 20.45
CA LEU B 506 41.19 -29.86 19.49
C LEU B 506 42.10 -28.86 20.22
N ASP B 507 43.39 -28.94 19.93
CA ASP B 507 44.40 -28.05 20.51
C ASP B 507 44.32 -26.80 19.64
N VAL B 508 43.90 -25.68 20.22
CA VAL B 508 43.74 -24.47 19.44
C VAL B 508 44.43 -23.20 19.90
N TYR B 509 44.84 -22.39 18.92
CA TYR B 509 45.42 -21.08 19.16
C TYR B 509 44.56 -20.16 18.27
N ALA B 510 44.74 -20.27 16.96
CA ALA B 510 43.95 -19.53 15.98
C ALA B 510 44.05 -18.01 15.92
N GLY B 511 45.06 -17.42 16.54
CA GLY B 511 45.19 -15.98 16.47
C GLY B 511 45.56 -15.52 15.07
N PRO B 512 45.46 -14.22 14.74
CA PRO B 512 45.81 -13.74 13.40
C PRO B 512 47.26 -14.03 13.03
N CYS B 513 47.44 -14.68 11.88
CA CYS B 513 48.75 -15.05 11.36
C CYS B 513 49.38 -16.19 12.17
N SER B 514 48.55 -17.03 12.76
CA SER B 514 49.04 -18.15 13.53
C SER B 514 49.13 -19.38 12.63
N GLN B 515 49.86 -20.39 13.10
CA GLN B 515 50.00 -21.64 12.37
C GLN B 515 50.18 -22.76 13.39
N LYS B 516 49.19 -23.62 13.47
CA LYS B 516 49.22 -24.74 14.41
C LYS B 516 49.38 -26.06 13.66
N ALA B 517 49.40 -25.99 12.33
CA ALA B 517 49.56 -27.18 11.51
C ALA B 517 50.89 -27.06 10.75
N ASP B 518 51.91 -27.77 11.23
CA ASP B 518 53.21 -27.73 10.58
C ASP B 518 53.94 -29.07 10.64
N THR B 519 55.18 -29.09 10.15
CA THR B 519 55.98 -30.31 10.12
C THR B 519 57.01 -30.35 11.25
N VAL B 520 56.82 -29.55 12.28
CA VAL B 520 57.76 -29.50 13.38
C VAL B 520 57.63 -30.70 14.33
N PHE B 521 58.77 -31.24 14.76
CA PHE B 521 58.79 -32.35 15.69
C PHE B 521 58.66 -31.82 17.12
N ARG B 522 57.75 -32.39 17.90
CA ARG B 522 57.56 -31.92 19.28
C ARG B 522 57.31 -33.02 20.28
N LEU B 523 57.76 -32.76 21.52
CA LEU B 523 57.59 -33.65 22.65
C LEU B 523 56.87 -32.78 23.67
N ASN B 524 55.56 -32.88 23.73
CA ASN B 524 54.80 -32.05 24.65
C ASN B 524 53.65 -32.80 25.28
N TRP B 525 52.71 -32.05 25.84
CA TRP B 525 51.54 -32.63 26.51
C TRP B 525 50.74 -33.49 25.54
N ALA B 526 50.63 -33.03 24.29
CA ALA B 526 49.89 -33.76 23.29
C ALA B 526 50.50 -35.14 23.03
N THR B 527 51.83 -35.21 23.10
CA THR B 527 52.56 -36.47 22.91
C THR B 527 52.08 -37.47 23.95
N TYR B 528 52.02 -37.02 25.19
CA TYR B 528 51.56 -37.86 26.29
C TYR B 528 50.11 -38.28 26.09
N LEU B 529 49.24 -37.31 25.79
CA LEU B 529 47.82 -37.59 25.61
C LEU B 529 47.55 -38.66 24.55
N ALA B 530 48.35 -38.64 23.48
CA ALA B 530 48.19 -39.60 22.41
C ALA B 530 48.87 -40.94 22.72
N SER B 531 50.11 -40.88 23.16
CA SER B 531 50.89 -42.07 23.47
C SER B 531 50.35 -42.89 24.63
N THR B 532 50.08 -42.24 25.75
CA THR B 532 49.58 -42.94 26.93
C THR B 532 48.07 -43.05 27.05
N GLU B 533 47.35 -41.99 26.68
CA GLU B 533 45.91 -41.99 26.83
C GLU B 533 45.11 -42.32 25.58
N ASN B 534 45.80 -42.51 24.46
CA ASN B 534 45.13 -42.82 23.20
C ASN B 534 44.11 -41.79 22.77
N ILE B 535 44.48 -40.53 22.91
CA ILE B 535 43.62 -39.43 22.52
C ILE B 535 44.23 -38.82 21.26
N ILE B 536 43.38 -38.48 20.29
CA ILE B 536 43.87 -37.83 19.09
C ILE B 536 43.90 -36.34 19.39
N VAL B 537 45.05 -35.69 19.15
CA VAL B 537 45.13 -34.25 19.38
C VAL B 537 45.29 -33.56 18.04
N ALA B 538 44.24 -32.86 17.62
CA ALA B 538 44.27 -32.17 16.34
C ALA B 538 44.38 -30.65 16.48
N SER B 539 44.83 -30.01 15.40
CA SER B 539 44.95 -28.55 15.34
C SER B 539 44.59 -28.17 13.92
N PHE B 540 43.87 -27.07 13.77
CA PHE B 540 43.41 -26.62 12.47
C PHE B 540 43.75 -25.16 12.20
N ASP B 541 44.20 -24.86 10.99
CA ASP B 541 44.52 -23.49 10.61
C ASP B 541 43.43 -23.00 9.66
N GLY B 542 42.49 -22.24 10.20
CA GLY B 542 41.39 -21.73 9.39
C GLY B 542 41.57 -20.28 9.02
N ARG B 543 40.46 -19.63 8.72
CA ARG B 543 40.45 -18.22 8.35
C ARG B 543 41.25 -17.47 9.41
N GLY B 544 42.07 -16.51 8.98
CA GLY B 544 42.87 -15.76 9.94
C GLY B 544 44.28 -16.31 10.03
N SER B 545 44.47 -17.59 9.71
CA SER B 545 45.80 -18.22 9.74
C SER B 545 46.82 -17.45 8.89
N GLY B 546 48.09 -17.68 9.13
CA GLY B 546 49.11 -16.97 8.37
C GLY B 546 49.90 -17.81 7.38
N TYR B 547 50.77 -17.13 6.64
CA TYR B 547 51.66 -17.77 5.66
C TYR B 547 50.98 -18.36 4.45
N GLN B 548 49.73 -17.96 4.19
CA GLN B 548 48.96 -18.48 3.07
C GLN B 548 48.34 -17.38 2.21
N GLY B 549 48.79 -16.14 2.37
CA GLY B 549 48.22 -15.04 1.60
C GLY B 549 47.19 -14.31 2.42
N ASP B 550 46.94 -13.04 2.08
CA ASP B 550 45.99 -12.22 2.81
C ASP B 550 44.50 -12.57 2.69
N LYS B 551 44.10 -13.24 1.61
CA LYS B 551 42.68 -13.58 1.46
C LYS B 551 42.27 -14.40 2.68
N ILE B 552 43.21 -15.21 3.16
CA ILE B 552 42.98 -16.05 4.34
C ILE B 552 43.29 -15.31 5.63
N MET B 553 44.47 -14.71 5.72
CA MET B 553 44.86 -14.00 6.94
C MET B 553 43.98 -12.80 7.29
N HIS B 554 43.67 -11.96 6.32
CA HIS B 554 42.86 -10.78 6.56
C HIS B 554 41.35 -11.04 6.62
N ALA B 555 40.95 -12.30 6.48
CA ALA B 555 39.54 -12.65 6.52
C ALA B 555 38.86 -12.17 7.81
N ILE B 556 39.58 -12.21 8.92
CA ILE B 556 39.02 -11.78 10.21
C ILE B 556 39.31 -10.32 10.55
N ASN B 557 39.68 -9.53 9.55
CA ASN B 557 39.97 -8.12 9.76
C ASN B 557 38.77 -7.42 10.39
N ARG B 558 39.02 -6.65 11.45
CA ARG B 558 37.96 -5.93 12.16
C ARG B 558 36.87 -6.88 12.65
N ARG B 559 37.11 -8.19 12.54
CA ARG B 559 36.13 -9.18 12.92
C ARG B 559 36.66 -10.30 13.81
N LEU B 560 37.50 -9.98 14.77
CA LEU B 560 38.02 -11.03 15.64
C LEU B 560 36.88 -11.75 16.36
N GLY B 561 37.06 -13.04 16.60
CA GLY B 561 36.03 -13.81 17.28
C GLY B 561 34.90 -14.29 16.39
N THR B 562 35.14 -14.32 15.07
CA THR B 562 34.10 -14.78 14.16
C THR B 562 34.53 -15.97 13.32
N PHE B 563 35.00 -15.73 12.11
CA PHE B 563 35.40 -16.84 11.24
C PHE B 563 36.45 -17.77 11.84
N GLU B 564 37.38 -17.22 12.61
CA GLU B 564 38.42 -18.10 13.16
C GLU B 564 37.89 -19.10 14.18
N VAL B 565 36.85 -18.75 14.93
CA VAL B 565 36.30 -19.70 15.90
C VAL B 565 35.32 -20.62 15.16
N GLU B 566 34.57 -20.06 14.21
CA GLU B 566 33.63 -20.85 13.42
C GLU B 566 34.34 -21.97 12.66
N ASP B 567 35.45 -21.65 12.03
CA ASP B 567 36.21 -22.66 11.27
C ASP B 567 36.75 -23.75 12.18
N GLN B 568 37.01 -23.40 13.43
CA GLN B 568 37.53 -24.36 14.38
C GLN B 568 36.42 -25.38 14.65
N ILE B 569 35.19 -24.89 14.76
CA ILE B 569 34.02 -25.74 15.00
C ILE B 569 33.82 -26.62 13.77
N GLU B 570 33.86 -25.99 12.60
CA GLU B 570 33.68 -26.69 11.35
C GLU B 570 34.72 -27.79 11.14
N ALA B 571 35.95 -27.55 11.60
CA ALA B 571 36.99 -28.53 11.47
C ALA B 571 36.66 -29.77 12.30
N ALA B 572 36.27 -29.54 13.55
CA ALA B 572 35.91 -30.64 14.45
C ALA B 572 34.76 -31.41 13.84
N ARG B 573 33.83 -30.67 13.27
CA ARG B 573 32.66 -31.27 12.65
C ARG B 573 33.11 -32.23 11.54
N GLN B 574 34.11 -31.82 10.77
CA GLN B 574 34.62 -32.68 9.69
C GLN B 574 35.52 -33.81 10.21
N PHE B 575 36.17 -33.59 11.35
CA PHE B 575 37.02 -34.63 11.91
C PHE B 575 36.14 -35.77 12.43
N SER B 576 35.05 -35.42 13.10
CA SER B 576 34.13 -36.42 13.66
C SER B 576 33.43 -37.20 12.56
N LYS B 577 33.76 -36.88 11.31
CA LYS B 577 33.15 -37.55 10.18
C LYS B 577 34.15 -38.34 9.34
N MET B 578 35.39 -38.43 9.83
CA MET B 578 36.43 -39.18 9.13
C MET B 578 36.39 -40.66 9.47
N GLY B 579 35.55 -41.03 10.44
CA GLY B 579 35.39 -42.43 10.78
C GLY B 579 36.12 -42.98 11.99
N PHE B 580 37.18 -42.32 12.43
CA PHE B 580 37.94 -42.82 13.56
C PHE B 580 37.80 -41.92 14.78
N VAL B 581 36.72 -41.14 14.80
CA VAL B 581 36.48 -40.23 15.91
C VAL B 581 35.15 -40.46 16.63
N ASP B 582 35.21 -40.61 17.95
CA ASP B 582 34.02 -40.80 18.75
C ASP B 582 33.43 -39.39 18.96
N ASN B 583 32.43 -39.03 18.17
CA ASN B 583 31.83 -37.70 18.28
C ASN B 583 31.13 -37.44 19.60
N LYS B 584 31.15 -38.43 20.50
CA LYS B 584 30.55 -38.23 21.81
C LYS B 584 31.62 -37.71 22.75
N ARG B 585 32.88 -37.81 22.31
CA ARG B 585 33.99 -37.36 23.12
C ARG B 585 34.97 -36.45 22.39
N ILE B 586 34.50 -35.24 22.08
CA ILE B 586 35.33 -34.26 21.41
C ILE B 586 35.51 -33.09 22.36
N ALA B 587 36.77 -32.77 22.66
CA ALA B 587 37.08 -31.67 23.57
C ALA B 587 37.88 -30.60 22.85
N ILE B 588 38.13 -29.48 23.53
CA ILE B 588 38.88 -28.39 22.95
C ILE B 588 39.60 -27.59 24.02
N TRP B 589 40.85 -27.20 23.76
CA TRP B 589 41.59 -26.42 24.73
C TRP B 589 42.55 -25.46 24.04
N GLY B 590 42.90 -24.40 24.76
CA GLY B 590 43.82 -23.42 24.20
C GLY B 590 44.31 -22.46 25.27
N TRP B 591 45.40 -21.78 24.95
CA TRP B 591 46.04 -20.84 25.87
C TRP B 591 46.09 -19.48 25.16
N SER B 592 45.99 -18.41 25.93
CA SER B 592 46.05 -17.06 25.37
C SER B 592 44.94 -16.86 24.37
N TYR B 593 45.30 -16.51 23.14
CA TYR B 593 44.30 -16.31 22.09
C TYR B 593 43.50 -17.61 21.94
N GLY B 594 44.18 -18.73 22.12
CA GLY B 594 43.50 -20.01 22.02
C GLY B 594 42.52 -20.22 23.16
N GLY B 595 42.71 -19.50 24.26
CA GLY B 595 41.80 -19.61 25.39
C GLY B 595 40.53 -18.87 25.02
N TYR B 596 40.71 -17.72 24.38
CA TYR B 596 39.59 -16.92 23.93
C TYR B 596 38.76 -17.73 22.94
N VAL B 597 39.42 -18.28 21.92
CA VAL B 597 38.75 -19.09 20.91
C VAL B 597 38.06 -20.28 21.56
N THR B 598 38.77 -20.98 22.43
CA THR B 598 38.18 -22.12 23.13
C THR B 598 36.88 -21.71 23.82
N SER B 599 36.92 -20.57 24.51
CA SER B 599 35.74 -20.08 25.23
C SER B 599 34.62 -19.69 24.28
N MET B 600 34.96 -19.03 23.18
CA MET B 600 33.97 -18.62 22.19
C MET B 600 33.32 -19.85 21.56
N VAL B 601 34.11 -20.90 21.35
CA VAL B 601 33.60 -22.13 20.76
C VAL B 601 32.66 -22.80 21.75
N LEU B 602 33.10 -22.95 23.00
CA LEU B 602 32.29 -23.58 24.03
C LEU B 602 31.00 -22.80 24.28
N GLY B 603 31.03 -21.51 23.98
CA GLY B 603 29.85 -20.70 24.20
C GLY B 603 29.07 -20.41 22.93
N SER B 604 29.41 -21.14 21.86
CA SER B 604 28.74 -20.98 20.58
C SER B 604 27.42 -21.71 20.49
N GLY B 605 27.23 -22.70 21.37
CA GLY B 605 26.01 -23.49 21.35
C GLY B 605 26.00 -24.43 20.16
N SER B 606 27.18 -24.84 19.69
CA SER B 606 27.28 -25.75 18.55
C SER B 606 26.95 -27.17 18.97
N GLY B 607 27.24 -27.48 20.24
CA GLY B 607 27.00 -28.82 20.75
C GLY B 607 28.04 -29.86 20.33
N VAL B 608 28.94 -29.45 19.46
CA VAL B 608 29.98 -30.35 18.97
C VAL B 608 30.93 -30.82 20.05
N PHE B 609 31.24 -29.93 20.98
CA PHE B 609 32.19 -30.23 22.06
C PHE B 609 31.58 -30.57 23.42
N LYS B 610 32.10 -31.61 24.04
CA LYS B 610 31.64 -32.07 25.34
C LYS B 610 32.23 -31.25 26.46
N CYS B 611 33.52 -30.94 26.35
CA CYS B 611 34.23 -30.20 27.37
C CYS B 611 35.34 -29.33 26.77
N GLY B 612 35.91 -28.47 27.59
CA GLY B 612 36.97 -27.61 27.12
C GLY B 612 37.72 -26.86 28.21
N ILE B 613 38.98 -26.56 27.94
CA ILE B 613 39.83 -25.86 28.89
C ILE B 613 40.37 -24.57 28.29
N ALA B 614 40.21 -23.48 29.03
CA ALA B 614 40.71 -22.18 28.58
C ALA B 614 41.72 -21.72 29.60
N VAL B 615 42.94 -21.46 29.15
CA VAL B 615 44.00 -20.99 30.04
C VAL B 615 44.34 -19.55 29.69
N ALA B 616 44.29 -18.67 30.68
CA ALA B 616 44.58 -17.25 30.50
C ALA B 616 43.98 -16.68 29.21
N PRO B 617 42.66 -16.83 29.04
CA PRO B 617 41.99 -16.32 27.84
C PRO B 617 41.64 -14.85 27.89
N VAL B 618 41.53 -14.24 26.71
CA VAL B 618 41.07 -12.86 26.59
C VAL B 618 39.55 -13.11 26.61
N SER B 619 38.78 -12.24 27.25
CA SER B 619 37.33 -12.41 27.30
C SER B 619 36.57 -11.32 26.53
N ARG B 620 37.19 -10.14 26.43
CA ARG B 620 36.60 -9.04 25.67
C ARG B 620 37.77 -8.14 25.30
N TRP B 621 37.83 -7.79 24.02
CA TRP B 621 38.93 -7.00 23.52
C TRP B 621 39.22 -5.65 24.15
N GLU B 622 38.23 -5.01 24.76
CA GLU B 622 38.51 -3.73 25.40
C GLU B 622 39.44 -3.93 26.61
N TYR B 623 39.64 -5.17 27.02
CA TYR B 623 40.52 -5.46 28.16
C TYR B 623 41.98 -5.68 27.75
N TYR B 624 42.22 -5.98 26.47
CA TYR B 624 43.58 -6.24 26.01
C TYR B 624 44.29 -4.96 25.53
N ASP B 625 45.61 -5.02 25.36
CA ASP B 625 46.33 -3.81 24.97
C ASP B 625 45.98 -3.25 23.60
N SER B 626 46.19 -1.95 23.46
CA SER B 626 45.88 -1.21 22.24
C SER B 626 46.60 -1.64 20.98
N VAL B 627 47.93 -1.75 21.04
CA VAL B 627 48.71 -2.10 19.86
C VAL B 627 48.28 -3.39 19.19
N TYR B 628 48.06 -4.44 19.98
CA TYR B 628 47.63 -5.71 19.42
C TYR B 628 46.16 -5.73 19.01
N THR B 629 45.28 -5.37 19.95
CA THR B 629 43.85 -5.38 19.69
C THR B 629 43.43 -4.49 18.52
N GLU B 630 43.82 -3.23 18.56
CA GLU B 630 43.48 -2.27 17.51
C GLU B 630 43.99 -2.64 16.13
N ARG B 631 45.11 -3.33 16.08
CA ARG B 631 45.67 -3.74 14.79
C ARG B 631 44.64 -4.55 13.99
N TYR B 632 43.89 -5.40 14.68
CA TYR B 632 42.90 -6.24 14.02
C TYR B 632 41.47 -5.76 14.27
N MET B 633 41.26 -4.92 15.27
CA MET B 633 39.91 -4.47 15.61
C MET B 633 39.60 -3.00 15.41
N GLY B 634 40.59 -2.19 15.09
CA GLY B 634 40.33 -0.79 14.94
C GLY B 634 40.05 -0.23 16.31
N LEU B 635 39.44 0.94 16.38
CA LEU B 635 39.14 1.58 17.66
C LEU B 635 37.78 1.22 18.20
N PRO B 636 37.66 1.11 19.54
CA PRO B 636 36.40 0.77 20.18
C PRO B 636 35.49 1.99 20.37
N THR B 637 35.16 2.66 19.27
CA THR B 637 34.29 3.83 19.33
C THR B 637 33.11 3.63 18.40
N PRO B 638 31.96 4.24 18.72
CA PRO B 638 30.81 4.07 17.84
C PRO B 638 31.10 4.48 16.40
N GLU B 639 32.04 5.41 16.21
CA GLU B 639 32.40 5.86 14.87
C GLU B 639 33.23 4.82 14.12
N ASP B 640 33.87 3.93 14.87
CA ASP B 640 34.72 2.92 14.26
C ASP B 640 34.20 1.47 14.34
N ASN B 641 34.63 0.74 15.36
CA ASN B 641 34.25 -0.66 15.47
C ASN B 641 33.70 -1.11 16.84
N LEU B 642 33.20 -0.18 17.63
CA LEU B 642 32.67 -0.51 18.96
C LEU B 642 31.65 -1.64 18.96
N ASP B 643 30.68 -1.59 18.05
CA ASP B 643 29.67 -2.65 17.99
C ASP B 643 30.26 -4.05 17.95
N HIS B 644 31.26 -4.29 17.10
CA HIS B 644 31.82 -5.64 17.06
C HIS B 644 32.64 -5.93 18.32
N TYR B 645 33.20 -4.88 18.92
CA TYR B 645 33.96 -5.03 20.16
C TYR B 645 33.00 -5.60 21.21
N ARG B 646 31.77 -5.09 21.21
CA ARG B 646 30.77 -5.53 22.17
C ARG B 646 30.12 -6.87 21.80
N ASN B 647 30.16 -7.24 20.54
CA ASN B 647 29.56 -8.49 20.08
C ASN B 647 30.48 -9.70 20.17
N SER B 648 31.77 -9.46 20.40
CA SER B 648 32.73 -10.55 20.45
C SER B 648 33.30 -10.89 21.82
N THR B 649 32.50 -10.75 22.87
CA THR B 649 32.94 -11.07 24.22
C THR B 649 32.53 -12.50 24.58
N VAL B 650 33.22 -13.08 25.56
CA VAL B 650 32.90 -14.42 26.00
C VAL B 650 31.67 -14.41 26.91
N MET B 651 31.59 -13.42 27.80
CA MET B 651 30.47 -13.35 28.74
C MET B 651 29.10 -13.26 28.11
N SER B 652 29.02 -12.67 26.92
CA SER B 652 27.74 -12.54 26.25
C SER B 652 27.20 -13.91 25.85
N ARG B 653 28.08 -14.92 25.88
CA ARG B 653 27.67 -16.28 25.53
C ARG B 653 27.54 -17.19 26.76
N ALA B 654 27.61 -16.61 27.94
CA ALA B 654 27.52 -17.38 29.18
C ALA B 654 26.43 -18.46 29.22
N GLU B 655 25.23 -18.10 28.75
CA GLU B 655 24.10 -19.04 28.76
C GLU B 655 24.38 -20.37 28.06
N ASN B 656 25.09 -20.30 26.93
CA ASN B 656 25.40 -21.49 26.16
C ASN B 656 26.35 -22.47 26.85
N PHE B 657 27.01 -22.03 27.91
CA PHE B 657 27.93 -22.92 28.62
C PHE B 657 27.21 -23.99 29.43
N LYS B 658 25.88 -23.90 29.51
CA LYS B 658 25.11 -24.90 30.25
C LYS B 658 25.27 -26.29 29.63
N GLN B 659 25.57 -26.31 28.34
CA GLN B 659 25.73 -27.55 27.60
C GLN B 659 27.13 -28.17 27.62
N VAL B 660 28.07 -27.55 28.33
CA VAL B 660 29.43 -28.08 28.33
C VAL B 660 30.12 -28.08 29.67
N GLU B 661 31.21 -28.83 29.75
CA GLU B 661 32.05 -28.89 30.95
C GLU B 661 33.23 -27.98 30.65
N TYR B 662 33.34 -26.91 31.40
CA TYR B 662 34.37 -25.90 31.20
C TYR B 662 35.35 -25.79 32.37
N LEU B 663 36.64 -25.68 32.05
CA LEU B 663 37.69 -25.52 33.07
C LEU B 663 38.38 -24.19 32.74
N LEU B 664 38.30 -23.23 33.66
CA LEU B 664 38.89 -21.90 33.47
C LEU B 664 40.14 -21.79 34.35
N ILE B 665 41.29 -21.48 33.72
CA ILE B 665 42.54 -21.35 34.46
C ILE B 665 43.21 -20.01 34.17
N HIS B 666 43.79 -19.39 35.20
CA HIS B 666 44.43 -18.10 35.01
C HIS B 666 45.41 -17.76 36.14
N GLY B 667 46.56 -17.19 35.78
CA GLY B 667 47.54 -16.79 36.78
C GLY B 667 47.15 -15.44 37.35
N THR B 668 47.21 -15.29 38.67
CA THR B 668 46.81 -14.03 39.30
C THR B 668 47.72 -12.84 38.97
N ALA B 669 48.98 -13.13 38.66
CA ALA B 669 49.93 -12.07 38.33
C ALA B 669 50.16 -11.92 36.83
N ASP B 670 49.12 -12.16 36.04
CA ASP B 670 49.24 -12.04 34.58
C ASP B 670 49.21 -10.57 34.18
N ASP B 671 50.39 -10.07 33.80
CA ASP B 671 50.55 -8.68 33.38
C ASP B 671 50.13 -8.46 31.94
N ASN B 672 49.99 -9.56 31.19
CA ASN B 672 49.64 -9.52 29.78
C ASN B 672 48.12 -9.61 29.63
N VAL B 673 47.57 -10.80 29.87
CA VAL B 673 46.12 -10.99 29.84
C VAL B 673 45.75 -10.96 31.32
N HIS B 674 45.31 -9.80 31.78
CA HIS B 674 44.95 -9.60 33.17
C HIS B 674 43.94 -10.59 33.72
N PHE B 675 44.15 -11.00 34.97
CA PHE B 675 43.24 -11.94 35.63
C PHE B 675 41.82 -11.44 35.45
N GLN B 676 41.70 -10.12 35.37
CA GLN B 676 40.41 -9.44 35.16
C GLN B 676 39.58 -10.14 34.08
N GLN B 677 40.23 -10.51 32.97
CA GLN B 677 39.54 -11.17 31.87
C GLN B 677 38.81 -12.46 32.27
N SER B 678 39.44 -13.28 33.10
CA SER B 678 38.80 -14.51 33.57
C SER B 678 37.82 -14.21 34.70
N ALA B 679 38.11 -13.17 35.47
CA ALA B 679 37.25 -12.79 36.59
C ALA B 679 35.89 -12.42 36.03
N GLN B 680 35.88 -11.76 34.89
CA GLN B 680 34.62 -11.36 34.26
C GLN B 680 33.91 -12.57 33.64
N ILE B 681 34.68 -13.55 33.16
CA ILE B 681 34.06 -14.73 32.58
C ILE B 681 33.34 -15.51 33.67
N SER B 682 34.06 -15.80 34.75
CA SER B 682 33.47 -16.54 35.85
C SER B 682 32.21 -15.83 36.38
N LYS B 683 32.28 -14.51 36.51
CA LYS B 683 31.14 -13.77 37.02
C LYS B 683 29.90 -13.89 36.14
N ALA B 684 30.08 -13.83 34.82
CA ALA B 684 28.95 -13.96 33.91
C ALA B 684 28.35 -15.38 33.96
N LEU B 685 29.21 -16.36 34.21
CA LEU B 685 28.75 -17.74 34.29
C LEU B 685 27.96 -17.94 35.57
N VAL B 686 28.43 -17.33 36.66
CA VAL B 686 27.73 -17.45 37.94
C VAL B 686 26.37 -16.76 37.87
N ASP B 687 26.35 -15.58 37.25
CA ASP B 687 25.12 -14.81 37.13
C ASP B 687 24.07 -15.52 36.30
N VAL B 688 24.50 -16.46 35.47
CA VAL B 688 23.57 -17.19 34.62
C VAL B 688 23.24 -18.58 35.15
N GLY B 689 23.90 -18.97 36.24
CA GLY B 689 23.64 -20.27 36.84
C GLY B 689 24.34 -21.43 36.16
N VAL B 690 25.51 -21.18 35.58
CA VAL B 690 26.27 -22.24 34.92
C VAL B 690 27.39 -22.75 35.81
N ASP B 691 27.42 -24.06 36.04
CA ASP B 691 28.48 -24.63 36.85
C ASP B 691 29.68 -24.93 35.97
N PHE B 692 30.87 -24.78 36.53
CA PHE B 692 32.10 -25.02 35.79
C PHE B 692 33.22 -25.22 36.78
N GLN B 693 34.41 -25.51 36.25
CA GLN B 693 35.59 -25.73 37.07
C GLN B 693 36.54 -24.55 36.92
N ALA B 694 37.30 -24.26 37.96
CA ALA B 694 38.22 -23.15 37.89
C ALA B 694 39.50 -23.45 38.66
N MET B 695 40.55 -22.69 38.35
CA MET B 695 41.82 -22.84 39.02
C MET B 695 42.65 -21.59 38.82
N TRP B 696 42.98 -20.92 39.90
CA TRP B 696 43.81 -19.73 39.78
C TRP B 696 45.23 -20.19 40.16
N TYR B 697 46.24 -19.49 39.64
CA TYR B 697 47.62 -19.81 39.97
C TYR B 697 48.26 -18.56 40.56
N THR B 698 48.34 -18.55 41.89
CA THR B 698 48.86 -17.42 42.63
C THR B 698 50.27 -16.99 42.27
N ASP B 699 50.38 -15.73 41.87
CA ASP B 699 51.64 -15.09 41.49
C ASP B 699 52.27 -15.55 40.17
N GLU B 700 51.54 -16.33 39.39
CA GLU B 700 52.02 -16.79 38.08
C GLU B 700 51.52 -15.82 37.01
N ASP B 701 52.33 -15.59 35.98
CA ASP B 701 51.92 -14.70 34.90
C ASP B 701 51.35 -15.46 33.72
N HIS B 702 51.36 -14.83 32.55
CA HIS B 702 50.79 -15.43 31.35
C HIS B 702 51.40 -16.77 30.94
N GLY B 703 52.64 -17.01 31.36
CA GLY B 703 53.30 -18.26 31.03
C GLY B 703 53.04 -19.39 31.99
N ILE B 704 52.64 -19.08 33.23
CA ILE B 704 52.39 -20.10 34.26
C ILE B 704 53.50 -21.11 34.04
N ALA B 705 54.71 -20.60 33.95
CA ALA B 705 55.86 -21.42 33.64
C ALA B 705 56.82 -21.77 34.77
N SER B 706 56.56 -21.33 36.00
CA SER B 706 57.45 -21.69 37.07
C SER B 706 57.40 -23.23 37.09
N SER B 707 58.50 -23.86 37.50
CA SER B 707 58.58 -25.31 37.53
C SER B 707 57.39 -26.00 38.20
N THR B 708 57.06 -25.59 39.42
CA THR B 708 55.95 -26.17 40.15
C THR B 708 54.58 -25.88 39.54
N ALA B 709 54.35 -24.65 39.12
CA ALA B 709 53.06 -24.30 38.54
C ALA B 709 52.85 -25.06 37.23
N HIS B 710 53.93 -25.19 36.46
CA HIS B 710 53.89 -25.88 35.17
C HIS B 710 53.44 -27.33 35.30
N GLN B 711 54.07 -28.04 36.22
CA GLN B 711 53.73 -29.44 36.43
C GLN B 711 52.31 -29.56 36.98
N HIS B 712 51.96 -28.64 37.87
CA HIS B 712 50.65 -28.64 38.48
C HIS B 712 49.51 -28.36 37.50
N ILE B 713 49.65 -27.36 36.62
CA ILE B 713 48.56 -27.08 35.69
C ILE B 713 48.34 -28.21 34.67
N TYR B 714 49.43 -28.79 34.17
CA TYR B 714 49.29 -29.88 33.20
C TYR B 714 48.77 -31.14 33.86
N THR B 715 49.00 -31.27 35.16
CA THR B 715 48.51 -32.45 35.88
C THR B 715 47.03 -32.26 36.11
N HIS B 716 46.63 -31.04 36.46
CA HIS B 716 45.24 -30.72 36.71
C HIS B 716 44.43 -30.87 35.42
N MET B 717 44.99 -30.42 34.31
CA MET B 717 44.31 -30.51 33.03
C MET B 717 44.23 -31.95 32.52
N SER B 718 45.20 -32.79 32.87
CA SER B 718 45.16 -34.17 32.43
C SER B 718 43.99 -34.87 33.11
N HIS B 719 43.82 -34.64 34.42
CA HIS B 719 42.71 -35.25 35.15
C HIS B 719 41.38 -34.83 34.52
N PHE B 720 41.25 -33.54 34.24
CA PHE B 720 40.02 -33.01 33.64
C PHE B 720 39.69 -33.66 32.30
N ILE B 721 40.66 -33.73 31.41
CA ILE B 721 40.42 -34.33 30.11
C ILE B 721 40.05 -35.81 30.24
N LYS B 722 40.81 -36.54 31.04
CA LYS B 722 40.54 -37.97 31.22
C LYS B 722 39.15 -38.20 31.78
N GLN B 723 38.76 -37.39 32.75
CA GLN B 723 37.43 -37.51 33.36
C GLN B 723 36.34 -37.28 32.29
N CYS B 724 36.55 -36.26 31.44
CA CYS B 724 35.61 -35.94 30.38
C CYS B 724 35.51 -37.06 29.34
N PHE B 725 36.64 -37.72 29.08
CA PHE B 725 36.70 -38.79 28.08
C PHE B 725 36.46 -40.19 28.60
N SER B 726 36.75 -40.43 29.86
CA SER B 726 36.56 -41.76 30.42
C SER B 726 35.18 -41.79 31.03
N SER C 1 -83.30 -9.91 -33.91
CA SER C 1 -83.72 -8.70 -33.15
C SER C 1 -82.89 -7.47 -33.55
N ARG C 2 -83.58 -6.35 -33.75
CA ARG C 2 -82.99 -5.07 -34.13
C ARG C 2 -81.59 -5.05 -34.77
N LYS C 3 -80.97 -3.89 -34.80
CA LYS C 3 -79.66 -3.76 -35.42
C LYS C 3 -78.52 -3.82 -34.41
N THR C 4 -77.30 -3.93 -34.94
CA THR C 4 -76.10 -4.00 -34.11
C THR C 4 -75.48 -2.63 -33.94
N TYR C 5 -74.49 -2.53 -33.07
CA TYR C 5 -73.78 -1.28 -32.84
C TYR C 5 -72.75 -1.25 -33.98
N THR C 6 -72.93 -0.31 -34.90
CA THR C 6 -72.04 -0.23 -36.05
C THR C 6 -70.88 0.74 -35.90
N LEU C 7 -69.99 0.71 -36.89
CA LEU C 7 -68.83 1.59 -36.90
C LEU C 7 -69.29 3.03 -36.91
N THR C 8 -70.25 3.32 -37.78
CA THR C 8 -70.80 4.67 -37.89
C THR C 8 -71.36 5.14 -36.55
N ASP C 9 -72.04 4.25 -35.82
CA ASP C 9 -72.59 4.61 -34.52
C ASP C 9 -71.45 5.09 -33.63
N TYR C 10 -70.32 4.38 -33.69
CA TYR C 10 -69.16 4.73 -32.90
C TYR C 10 -68.55 6.04 -33.39
N LEU C 11 -68.28 6.11 -34.70
CA LEU C 11 -67.67 7.29 -35.29
C LEU C 11 -68.55 8.53 -35.27
N LYS C 12 -69.86 8.36 -35.30
CA LYS C 12 -70.75 9.50 -35.29
C LYS C 12 -71.37 9.72 -33.91
N ASN C 13 -70.94 8.91 -32.94
CA ASN C 13 -71.44 9.03 -31.58
C ASN C 13 -72.97 9.08 -31.51
N THR C 14 -73.64 8.17 -32.22
CA THR C 14 -75.10 8.15 -32.23
C THR C 14 -75.68 7.82 -30.84
N TYR C 15 -74.98 7.02 -30.06
CA TYR C 15 -75.44 6.66 -28.72
C TYR C 15 -74.63 7.41 -27.68
N ARG C 16 -75.12 8.58 -27.32
CA ARG C 16 -74.47 9.48 -26.36
C ARG C 16 -74.63 9.13 -24.88
N LEU C 17 -73.54 9.33 -24.13
CA LEU C 17 -73.54 9.09 -22.70
C LEU C 17 -73.71 10.44 -22.00
N LYS C 18 -74.67 10.53 -21.10
CA LYS C 18 -74.91 11.77 -20.37
C LYS C 18 -74.03 11.86 -19.12
N LEU C 19 -73.54 13.06 -18.85
CA LEU C 19 -72.70 13.29 -17.68
C LEU C 19 -73.42 14.27 -16.78
N TYR C 20 -72.79 14.60 -15.66
CA TYR C 20 -73.34 15.58 -14.75
C TYR C 20 -72.16 16.24 -14.08
N SER C 21 -71.53 17.15 -14.82
CA SER C 21 -70.36 17.85 -14.35
C SER C 21 -70.74 19.12 -13.61
N LEU C 22 -70.54 19.11 -12.30
CA LEU C 22 -70.86 20.26 -11.47
C LEU C 22 -69.56 20.84 -10.91
N ARG C 23 -69.64 22.04 -10.37
CA ARG C 23 -68.47 22.67 -9.80
C ARG C 23 -68.84 23.31 -8.47
N TRP C 24 -68.41 22.71 -7.38
CA TRP C 24 -68.71 23.22 -6.05
C TRP C 24 -68.11 24.61 -5.87
N ILE C 25 -68.95 25.57 -5.51
CA ILE C 25 -68.49 26.93 -5.31
C ILE C 25 -68.49 27.26 -3.83
N SER C 26 -69.09 26.36 -3.05
CA SER C 26 -69.17 26.50 -1.61
C SER C 26 -69.32 25.12 -1.00
N ASP C 27 -69.75 25.06 0.24
CA ASP C 27 -69.95 23.78 0.90
C ASP C 27 -71.43 23.44 0.88
N HIS C 28 -72.21 24.27 0.19
CA HIS C 28 -73.66 24.07 0.11
C HIS C 28 -74.19 24.20 -1.31
N GLU C 29 -73.41 24.80 -2.20
CA GLU C 29 -73.82 25.00 -3.58
C GLU C 29 -72.79 24.58 -4.62
N TYR C 30 -73.29 24.34 -5.83
CA TYR C 30 -72.43 23.96 -6.95
C TYR C 30 -73.03 24.56 -8.21
N LEU C 31 -72.18 24.82 -9.19
CA LEU C 31 -72.65 25.38 -10.45
C LEU C 31 -72.81 24.26 -11.45
N TYR C 32 -73.92 24.29 -12.19
CA TYR C 32 -74.16 23.27 -13.19
C TYR C 32 -74.26 23.89 -14.56
N LYS C 33 -73.12 23.94 -15.24
CA LYS C 33 -73.05 24.52 -16.57
C LYS C 33 -73.90 23.79 -17.58
N GLN C 34 -74.92 24.46 -18.09
CA GLN C 34 -75.78 23.85 -19.10
C GLN C 34 -75.40 24.38 -20.48
N GLU C 35 -75.95 23.76 -21.52
CA GLU C 35 -75.63 24.13 -22.90
C GLU C 35 -75.81 25.61 -23.25
N ASN C 36 -76.59 26.32 -22.47
CA ASN C 36 -76.84 27.74 -22.72
C ASN C 36 -76.35 28.61 -21.59
N ASN C 37 -76.91 28.39 -20.40
CA ASN C 37 -76.57 29.16 -19.23
C ASN C 37 -76.02 28.31 -18.08
N ILE C 38 -75.66 28.97 -17.00
CA ILE C 38 -75.13 28.28 -15.83
C ILE C 38 -76.10 28.43 -14.67
N LEU C 39 -76.46 27.31 -14.06
CA LEU C 39 -77.36 27.31 -12.92
C LEU C 39 -76.60 27.04 -11.64
N VAL C 40 -77.08 27.61 -10.53
CA VAL C 40 -76.47 27.40 -9.23
C VAL C 40 -77.46 26.53 -8.45
N PHE C 41 -76.97 25.41 -7.93
CA PHE C 41 -77.82 24.49 -7.18
C PHE C 41 -77.54 24.46 -5.68
N ASN C 42 -78.59 24.25 -4.90
CA ASN C 42 -78.46 24.13 -3.46
C ASN C 42 -78.44 22.63 -3.23
N ALA C 43 -77.28 22.10 -2.83
CA ALA C 43 -77.11 20.68 -2.61
C ALA C 43 -78.10 20.08 -1.61
N GLU C 44 -78.51 20.87 -0.62
CA GLU C 44 -79.43 20.39 0.39
C GLU C 44 -80.82 20.03 -0.14
N TYR C 45 -81.45 20.99 -0.80
CA TYR C 45 -82.80 20.79 -1.32
C TYR C 45 -82.86 20.43 -2.80
N GLY C 46 -81.84 20.79 -3.56
CA GLY C 46 -81.83 20.48 -4.98
C GLY C 46 -82.45 21.58 -5.81
N ASN C 47 -82.85 22.66 -5.16
CA ASN C 47 -83.44 23.81 -5.84
C ASN C 47 -82.32 24.62 -6.47
N SER C 48 -82.59 25.22 -7.62
CA SER C 48 -81.57 26.00 -8.31
C SER C 48 -82.06 27.36 -8.75
N SER C 49 -81.18 28.07 -9.45
CA SER C 49 -81.48 29.41 -9.95
C SER C 49 -80.49 29.70 -11.07
N VAL C 50 -80.89 30.51 -12.04
CA VAL C 50 -79.99 30.85 -13.13
C VAL C 50 -78.85 31.70 -12.58
N PHE C 51 -77.61 31.25 -12.76
CA PHE C 51 -76.48 32.02 -12.26
C PHE C 51 -76.09 33.11 -13.23
N LEU C 52 -76.23 32.84 -14.53
CA LEU C 52 -75.95 33.83 -15.56
C LEU C 52 -76.43 33.33 -16.92
N GLU C 53 -77.37 34.09 -17.48
CA GLU C 53 -77.98 33.79 -18.77
C GLU C 53 -77.00 33.50 -19.90
N ASN C 54 -77.44 32.70 -20.85
CA ASN C 54 -76.64 32.35 -22.02
C ASN C 54 -76.49 33.64 -22.80
N SER C 55 -77.58 34.41 -22.81
CA SER C 55 -77.65 35.68 -23.52
C SER C 55 -76.78 36.79 -22.93
N THR C 56 -76.24 36.57 -21.74
CA THR C 56 -75.40 37.57 -21.09
C THR C 56 -74.22 38.00 -21.95
N PHE C 57 -73.89 37.20 -22.97
CA PHE C 57 -72.76 37.50 -23.84
C PHE C 57 -73.08 37.26 -25.31
N ASP C 58 -74.34 37.39 -25.69
CA ASP C 58 -74.76 37.16 -27.07
C ASP C 58 -73.93 37.95 -28.06
N GLU C 59 -73.53 39.16 -27.68
CA GLU C 59 -72.73 39.99 -28.55
C GLU C 59 -71.40 40.35 -27.92
N PHE C 60 -70.73 39.34 -27.37
CA PHE C 60 -69.43 39.48 -26.74
C PHE C 60 -68.42 39.62 -27.88
N GLY C 61 -68.83 39.21 -29.07
CA GLY C 61 -67.98 39.28 -30.24
C GLY C 61 -67.07 38.08 -30.40
N HIS C 62 -67.04 37.23 -29.39
CA HIS C 62 -66.19 36.05 -29.42
C HIS C 62 -66.87 34.80 -28.87
N SER C 63 -66.44 33.64 -29.34
CA SER C 63 -66.98 32.37 -28.89
C SER C 63 -66.24 31.96 -27.62
N ILE C 64 -66.96 31.98 -26.50
CA ILE C 64 -66.37 31.65 -25.21
C ILE C 64 -66.33 30.13 -25.03
N ASN C 65 -65.13 29.58 -24.90
CA ASN C 65 -65.02 28.13 -24.73
C ASN C 65 -65.01 27.71 -23.26
N ASP C 66 -64.91 28.68 -22.35
CA ASP C 66 -64.91 28.35 -20.94
C ASP C 66 -65.08 29.55 -20.02
N TYR C 67 -65.62 29.30 -18.84
CA TYR C 67 -65.83 30.32 -17.83
C TYR C 67 -65.08 29.91 -16.56
N SER C 68 -64.89 30.87 -15.65
CA SER C 68 -64.20 30.60 -14.40
C SER C 68 -64.57 31.65 -13.36
N ILE C 69 -65.39 31.25 -12.41
CA ILE C 69 -65.85 32.17 -11.37
C ILE C 69 -64.93 32.21 -10.17
N SER C 70 -64.55 33.43 -9.78
CA SER C 70 -63.67 33.64 -8.64
C SER C 70 -64.32 33.05 -7.39
N PRO C 71 -63.51 32.58 -6.44
CA PRO C 71 -64.09 32.01 -5.21
C PRO C 71 -64.88 33.09 -4.45
N ASP C 72 -64.90 34.29 -5.04
CA ASP C 72 -65.61 35.44 -4.47
C ASP C 72 -67.07 35.41 -4.85
N GLY C 73 -67.35 34.89 -6.03
CA GLY C 73 -68.70 34.85 -6.53
C GLY C 73 -68.93 36.21 -7.15
N GLN C 74 -67.91 37.06 -7.02
CA GLN C 74 -67.94 38.44 -7.53
C GLN C 74 -67.55 38.59 -9.00
N PHE C 75 -66.61 37.79 -9.46
CA PHE C 75 -66.14 37.91 -10.84
C PHE C 75 -66.16 36.61 -11.64
N ILE C 76 -66.24 36.76 -12.95
CA ILE C 76 -66.25 35.62 -13.86
C ILE C 76 -65.14 35.81 -14.89
N LEU C 77 -64.34 34.76 -15.07
CA LEU C 77 -63.27 34.78 -16.03
C LEU C 77 -63.80 34.17 -17.32
N LEU C 78 -63.70 34.89 -18.43
CA LEU C 78 -64.19 34.39 -19.70
C LEU C 78 -63.00 34.02 -20.59
N GLU C 79 -62.95 32.76 -21.01
CA GLU C 79 -61.87 32.28 -21.86
C GLU C 79 -62.28 32.11 -23.31
N TYR C 80 -61.47 32.65 -24.21
CA TYR C 80 -61.73 32.53 -25.65
C TYR C 80 -60.43 32.48 -26.44
N ASN C 81 -60.52 32.42 -27.77
CA ASN C 81 -59.35 32.31 -28.62
C ASN C 81 -58.46 31.16 -28.16
N TYR C 82 -59.10 30.05 -27.78
CA TYR C 82 -58.40 28.87 -27.29
C TYR C 82 -57.55 28.19 -28.37
N VAL C 83 -56.26 28.04 -28.08
CA VAL C 83 -55.34 27.39 -29.01
C VAL C 83 -54.55 26.35 -28.24
N LYS C 84 -54.84 25.08 -28.50
CA LYS C 84 -54.17 24.00 -27.81
C LYS C 84 -52.70 23.87 -28.16
N GLN C 85 -51.90 23.45 -27.19
CA GLN C 85 -50.49 23.22 -27.43
C GLN C 85 -50.25 21.72 -27.28
N TRP C 86 -49.82 21.29 -26.10
CA TRP C 86 -49.54 19.88 -25.88
C TRP C 86 -50.75 19.19 -25.25
N ARG C 87 -50.49 18.21 -24.39
CA ARG C 87 -51.58 17.48 -23.73
C ARG C 87 -52.43 18.33 -22.79
N HIS C 88 -51.79 19.22 -22.04
CA HIS C 88 -52.49 20.07 -21.09
C HIS C 88 -52.38 21.56 -21.40
N SER C 89 -51.23 21.95 -21.96
CA SER C 89 -50.96 23.34 -22.29
C SER C 89 -51.79 23.91 -23.44
N TYR C 90 -51.99 25.22 -23.40
CA TYR C 90 -52.72 25.96 -24.42
C TYR C 90 -52.66 27.44 -24.07
N THR C 91 -52.99 28.29 -25.03
CA THR C 91 -53.01 29.74 -24.81
C THR C 91 -54.41 30.25 -25.14
N ALA C 92 -54.75 31.41 -24.60
CA ALA C 92 -56.06 31.98 -24.86
C ALA C 92 -56.15 33.46 -24.44
N SER C 93 -57.30 34.05 -24.72
CA SER C 93 -57.57 35.43 -24.36
C SER C 93 -58.55 35.39 -23.20
N TYR C 94 -58.46 36.37 -22.29
CA TYR C 94 -59.35 36.39 -21.14
C TYR C 94 -59.95 37.76 -20.86
N ASP C 95 -61.22 37.75 -20.49
CA ASP C 95 -61.95 38.97 -20.13
C ASP C 95 -62.57 38.69 -18.77
N ILE C 96 -62.58 39.70 -17.91
CA ILE C 96 -63.14 39.56 -16.59
C ILE C 96 -64.47 40.31 -16.51
N TYR C 97 -65.51 39.60 -16.10
CA TYR C 97 -66.85 40.17 -15.99
C TYR C 97 -67.17 40.42 -14.52
N ASP C 98 -67.67 41.62 -14.23
CA ASP C 98 -68.04 41.98 -12.87
C ASP C 98 -69.48 41.55 -12.64
N LEU C 99 -69.69 40.63 -11.71
CA LEU C 99 -71.03 40.15 -11.41
C LEU C 99 -71.82 41.18 -10.64
N ASN C 100 -71.12 42.03 -9.89
CA ASN C 100 -71.77 43.07 -9.11
C ASN C 100 -72.38 44.11 -10.04
N LYS C 101 -71.54 44.91 -10.68
CA LYS C 101 -72.00 45.95 -11.58
C LYS C 101 -72.45 45.41 -12.93
N ARG C 102 -72.33 44.09 -13.10
CA ARG C 102 -72.72 43.46 -14.36
C ARG C 102 -72.04 44.15 -15.54
N GLN C 103 -70.72 44.24 -15.51
CA GLN C 103 -69.99 44.91 -16.55
C GLN C 103 -68.73 44.15 -16.92
N LEU C 104 -68.25 44.37 -18.15
CA LEU C 104 -67.02 43.77 -18.60
C LEU C 104 -65.94 44.76 -18.19
N ILE C 105 -64.84 44.27 -17.64
CA ILE C 105 -63.77 45.17 -17.25
C ILE C 105 -62.91 45.41 -18.49
N THR C 106 -62.85 46.67 -18.92
CA THR C 106 -62.09 47.03 -20.11
C THR C 106 -60.69 47.55 -19.88
N GLU C 107 -60.35 47.91 -18.64
CA GLU C 107 -59.01 48.43 -18.37
C GLU C 107 -58.09 47.39 -17.75
N GLU C 108 -56.80 47.51 -18.05
CA GLU C 108 -55.80 46.60 -17.53
C GLU C 108 -56.18 45.14 -17.76
N ARG C 109 -56.76 44.82 -18.90
CA ARG C 109 -57.16 43.45 -19.15
C ARG C 109 -55.97 42.51 -19.27
N ILE C 110 -56.25 41.22 -19.09
CA ILE C 110 -55.24 40.19 -19.21
C ILE C 110 -54.88 40.12 -20.69
N PRO C 111 -53.57 40.00 -20.99
CA PRO C 111 -53.07 39.94 -22.37
C PRO C 111 -53.50 38.70 -23.15
N ASN C 112 -53.47 38.83 -24.47
CA ASN C 112 -53.80 37.73 -25.35
C ASN C 112 -52.60 36.79 -25.32
N ASN C 113 -52.82 35.54 -25.73
CA ASN C 113 -51.76 34.55 -25.75
C ASN C 113 -51.32 34.22 -24.33
N THR C 114 -52.23 34.39 -23.38
CA THR C 114 -51.93 34.08 -21.99
C THR C 114 -51.80 32.58 -21.87
N GLN C 115 -50.77 32.13 -21.18
CA GLN C 115 -50.48 30.72 -21.02
C GLN C 115 -51.19 30.04 -19.85
N TRP C 116 -51.52 30.82 -18.82
CA TRP C 116 -52.20 30.26 -17.67
C TRP C 116 -52.76 31.33 -16.75
N VAL C 117 -53.99 31.12 -16.30
CA VAL C 117 -54.65 32.05 -15.42
C VAL C 117 -55.27 31.30 -14.26
N THR C 118 -55.22 31.88 -13.06
CA THR C 118 -55.81 31.22 -11.90
C THR C 118 -56.16 32.21 -10.79
N TRP C 119 -57.40 32.09 -10.30
CA TRP C 119 -57.86 32.94 -9.21
C TRP C 119 -57.11 32.49 -7.96
N SER C 120 -57.15 33.33 -6.93
CA SER C 120 -56.53 33.00 -5.67
C SER C 120 -57.53 32.05 -5.01
N PRO C 121 -57.11 31.31 -3.98
CA PRO C 121 -58.01 30.38 -3.30
C PRO C 121 -59.27 30.96 -2.65
N VAL C 122 -59.21 32.21 -2.18
CA VAL C 122 -60.36 32.80 -1.52
C VAL C 122 -61.01 34.08 -2.06
N GLY C 123 -60.21 35.09 -2.37
CA GLY C 123 -60.79 36.33 -2.86
C GLY C 123 -61.03 36.38 -4.36
N HIS C 124 -60.43 37.38 -5.01
CA HIS C 124 -60.55 37.53 -6.44
C HIS C 124 -59.23 37.99 -7.03
N LYS C 125 -58.13 37.59 -6.39
CA LYS C 125 -56.80 37.91 -6.87
C LYS C 125 -56.57 37.06 -8.12
N LEU C 126 -55.66 37.51 -8.97
CA LEU C 126 -55.34 36.77 -10.19
C LEU C 126 -53.85 36.63 -10.40
N ALA C 127 -53.46 35.46 -10.88
CA ALA C 127 -52.07 35.18 -11.18
C ALA C 127 -52.12 34.57 -12.57
N TYR C 128 -51.33 35.10 -13.48
CA TYR C 128 -51.31 34.57 -14.83
C TYR C 128 -49.92 34.58 -15.41
N VAL C 129 -49.67 33.69 -16.37
CA VAL C 129 -48.37 33.60 -17.00
C VAL C 129 -48.52 34.05 -18.44
N TRP C 130 -47.62 34.92 -18.87
CA TRP C 130 -47.65 35.44 -20.24
C TRP C 130 -46.21 35.63 -20.69
N ASN C 131 -45.89 35.11 -21.88
CA ASN C 131 -44.54 35.18 -22.40
C ASN C 131 -43.56 34.57 -21.40
N ASN C 132 -44.01 33.49 -20.75
CA ASN C 132 -43.21 32.78 -19.78
C ASN C 132 -42.91 33.50 -18.47
N ASP C 133 -43.55 34.64 -18.23
CA ASP C 133 -43.34 35.37 -16.98
C ASP C 133 -44.62 35.42 -16.16
N ILE C 134 -44.48 35.50 -14.85
CA ILE C 134 -45.62 35.53 -13.95
C ILE C 134 -46.08 36.95 -13.62
N TYR C 135 -47.40 37.14 -13.62
CA TYR C 135 -48.00 38.43 -13.30
C TYR C 135 -49.08 38.24 -12.26
N VAL C 136 -49.25 39.23 -11.40
CA VAL C 136 -50.27 39.17 -10.35
C VAL C 136 -51.19 40.39 -10.37
N LYS C 137 -52.48 40.13 -10.35
CA LYS C 137 -53.50 41.17 -10.36
C LYS C 137 -54.29 41.07 -9.06
N ILE C 138 -54.09 42.04 -8.17
CA ILE C 138 -54.79 42.04 -6.89
C ILE C 138 -56.26 42.37 -7.06
N GLU C 139 -56.56 43.25 -8.01
CA GLU C 139 -57.94 43.63 -8.31
C GLU C 139 -58.11 43.48 -9.81
N PRO C 140 -59.22 42.85 -10.24
CA PRO C 140 -59.53 42.63 -11.65
C PRO C 140 -59.29 43.79 -12.61
N ASN C 141 -59.52 45.02 -12.15
CA ASN C 141 -59.35 46.18 -13.02
C ASN C 141 -58.10 47.02 -12.77
N LEU C 142 -57.26 46.59 -11.84
CA LEU C 142 -56.02 47.32 -11.54
C LEU C 142 -54.82 46.79 -12.31
N PRO C 143 -53.77 47.61 -12.44
CA PRO C 143 -52.57 47.19 -13.16
C PRO C 143 -51.98 45.93 -12.54
N SER C 144 -51.35 45.11 -13.38
CA SER C 144 -50.76 43.87 -12.92
C SER C 144 -49.32 44.07 -12.45
N TYR C 145 -48.89 43.26 -11.49
CA TYR C 145 -47.53 43.33 -10.98
C TYR C 145 -46.66 42.28 -11.66
N ARG C 146 -45.53 42.70 -12.22
CA ARG C 146 -44.61 41.77 -12.86
C ARG C 146 -43.86 41.06 -11.75
N ILE C 147 -43.99 39.74 -11.68
CA ILE C 147 -43.29 38.98 -10.66
C ILE C 147 -41.95 38.47 -11.14
N THR C 148 -41.85 38.16 -12.43
CA THR C 148 -40.61 37.63 -12.98
C THR C 148 -40.25 38.31 -14.29
N TRP C 149 -38.95 38.37 -14.59
CA TRP C 149 -38.47 39.03 -15.80
C TRP C 149 -37.51 38.16 -16.62
N THR C 150 -37.39 36.90 -16.25
CA THR C 150 -36.47 36.00 -16.96
C THR C 150 -37.11 35.14 -18.04
N GLY C 151 -38.44 35.20 -18.15
CA GLY C 151 -39.13 34.41 -19.13
C GLY C 151 -38.56 34.50 -20.54
N LYS C 152 -38.41 33.36 -21.20
CA LYS C 152 -37.91 33.31 -22.57
C LYS C 152 -38.31 32.02 -23.27
N GLU C 153 -39.04 32.18 -24.37
CA GLU C 153 -39.55 31.07 -25.17
C GLU C 153 -38.59 29.89 -25.30
N ASP C 154 -39.09 28.71 -24.96
CA ASP C 154 -38.33 27.47 -25.06
C ASP C 154 -37.09 27.41 -24.19
N ILE C 155 -36.85 28.44 -23.39
CA ILE C 155 -35.65 28.43 -22.56
C ILE C 155 -35.91 28.52 -21.06
N ILE C 156 -36.64 29.55 -20.63
CA ILE C 156 -36.93 29.73 -19.22
C ILE C 156 -38.43 29.84 -18.99
N TYR C 157 -38.95 28.93 -18.16
CA TYR C 157 -40.36 28.87 -17.85
C TYR C 157 -40.64 29.25 -16.39
N ASN C 158 -41.42 30.32 -16.21
CA ASN C 158 -41.77 30.77 -14.86
C ASN C 158 -43.26 30.54 -14.63
N GLY C 159 -43.59 29.69 -13.65
CA GLY C 159 -44.98 29.44 -13.36
C GLY C 159 -45.66 28.44 -14.29
N ILE C 160 -44.92 27.99 -15.31
CA ILE C 160 -45.46 27.02 -16.24
C ILE C 160 -44.41 25.94 -16.48
N THR C 161 -44.87 24.75 -16.83
CA THR C 161 -43.97 23.64 -17.05
C THR C 161 -43.49 23.59 -18.48
N ASP C 162 -42.33 22.97 -18.70
CA ASP C 162 -41.80 22.78 -20.04
C ASP C 162 -42.45 21.48 -20.57
N TRP C 163 -42.10 21.04 -21.77
CA TRP C 163 -42.73 19.85 -22.32
C TRP C 163 -42.73 18.63 -21.41
N VAL C 164 -41.54 18.18 -21.02
CA VAL C 164 -41.43 16.98 -20.19
C VAL C 164 -42.08 17.06 -18.81
N TYR C 165 -41.99 18.21 -18.14
CA TYR C 165 -42.62 18.34 -16.83
C TYR C 165 -44.14 18.35 -16.98
N GLU C 166 -44.62 18.89 -18.09
CA GLU C 166 -46.07 18.96 -18.35
C GLU C 166 -46.63 17.56 -18.54
N GLU C 167 -45.96 16.80 -19.40
CA GLU C 167 -46.38 15.44 -19.73
C GLU C 167 -46.07 14.36 -18.69
N GLU C 168 -44.84 14.35 -18.18
CA GLU C 168 -44.43 13.31 -17.24
C GLU C 168 -44.54 13.47 -15.73
N VAL C 169 -44.48 14.68 -15.21
CA VAL C 169 -44.56 14.80 -13.76
C VAL C 169 -45.74 15.54 -13.16
N PHE C 170 -46.08 16.71 -13.71
CA PHE C 170 -47.20 17.48 -13.15
C PHE C 170 -48.53 17.26 -13.85
N SER C 171 -48.50 16.69 -15.05
CA SER C 171 -49.74 16.46 -15.81
C SER C 171 -50.54 17.75 -15.91
N ALA C 172 -49.84 18.86 -16.02
CA ALA C 172 -50.48 20.17 -16.15
C ALA C 172 -49.47 21.16 -16.72
N TYR C 173 -49.99 22.27 -17.22
CA TYR C 173 -49.16 23.32 -17.80
C TYR C 173 -48.76 24.30 -16.71
N SER C 174 -49.62 24.41 -15.70
CA SER C 174 -49.44 25.29 -14.56
C SER C 174 -48.34 24.86 -13.59
N ALA C 175 -47.55 25.83 -13.16
CA ALA C 175 -46.47 25.57 -12.20
C ALA C 175 -46.47 26.65 -11.11
N LEU C 176 -47.66 26.99 -10.63
CA LEU C 176 -47.76 27.97 -9.55
C LEU C 176 -48.80 27.49 -8.54
N TRP C 177 -48.58 27.83 -7.28
CA TRP C 177 -49.46 27.38 -6.21
C TRP C 177 -49.75 28.44 -5.14
N TRP C 178 -50.98 28.94 -5.13
CA TRP C 178 -51.36 29.92 -4.12
C TRP C 178 -51.39 29.27 -2.74
N SER C 179 -51.12 30.05 -1.71
CA SER C 179 -51.17 29.55 -0.35
C SER C 179 -52.66 29.48 -0.03
N PRO C 180 -53.06 28.68 0.97
CA PRO C 180 -54.47 28.54 1.33
C PRO C 180 -55.33 29.81 1.30
N ASN C 181 -54.88 30.88 1.94
CA ASN C 181 -55.66 32.13 1.97
C ASN C 181 -55.28 33.10 0.84
N GLY C 182 -54.30 32.72 0.02
CA GLY C 182 -53.90 33.57 -1.08
C GLY C 182 -52.86 34.65 -0.81
N THR C 183 -52.21 34.59 0.34
CA THR C 183 -51.20 35.58 0.66
C THR C 183 -49.93 35.34 -0.14
N PHE C 184 -49.50 34.09 -0.18
CA PHE C 184 -48.30 33.72 -0.91
C PHE C 184 -48.59 33.07 -2.25
N LEU C 185 -47.64 33.19 -3.17
CA LEU C 185 -47.73 32.58 -4.49
C LEU C 185 -46.43 31.85 -4.71
N ALA C 186 -46.49 30.52 -4.72
CA ALA C 186 -45.30 29.71 -4.94
C ALA C 186 -45.27 29.33 -6.41
N TYR C 187 -44.06 29.18 -6.96
CA TYR C 187 -43.91 28.80 -8.34
C TYR C 187 -42.56 28.17 -8.63
N ALA C 188 -42.54 27.34 -9.66
CA ALA C 188 -41.30 26.69 -10.08
C ALA C 188 -40.82 27.40 -11.34
N GLN C 189 -39.52 27.34 -11.57
CA GLN C 189 -38.93 27.93 -12.76
C GLN C 189 -38.12 26.83 -13.44
N PHE C 190 -38.41 26.58 -14.71
CA PHE C 190 -37.69 25.54 -15.45
C PHE C 190 -36.72 26.15 -16.46
N ASN C 191 -35.54 25.55 -16.54
CA ASN C 191 -34.50 26.02 -17.45
C ASN C 191 -34.17 24.94 -18.48
N ASP C 192 -34.65 25.14 -19.71
CA ASP C 192 -34.42 24.19 -20.80
C ASP C 192 -33.25 24.60 -21.67
N THR C 193 -32.46 25.55 -21.20
CA THR C 193 -31.31 26.06 -21.95
C THR C 193 -30.50 25.02 -22.72
N GLU C 194 -30.07 23.96 -22.05
CA GLU C 194 -29.27 22.97 -22.75
C GLU C 194 -29.96 21.66 -23.13
N VAL C 195 -31.29 21.67 -23.16
CA VAL C 195 -32.06 20.49 -23.54
C VAL C 195 -32.08 20.42 -25.07
N PRO C 196 -31.73 19.26 -25.64
CA PRO C 196 -31.74 19.18 -27.11
C PRO C 196 -33.15 19.39 -27.64
N LEU C 197 -33.24 19.72 -28.93
CA LEU C 197 -34.54 19.95 -29.55
C LEU C 197 -34.97 18.85 -30.50
N ILE C 198 -36.24 18.48 -30.43
CA ILE C 198 -36.77 17.51 -31.37
C ILE C 198 -37.30 18.41 -32.48
N GLU C 199 -37.06 18.05 -33.73
CA GLU C 199 -37.54 18.87 -34.84
C GLU C 199 -38.31 18.02 -35.82
N TYR C 200 -39.46 18.54 -36.26
CA TYR C 200 -40.28 17.83 -37.22
C TYR C 200 -41.08 18.82 -38.04
N SER C 201 -41.49 18.41 -39.24
CA SER C 201 -42.24 19.27 -40.15
C SER C 201 -43.74 19.35 -39.85
N PHE C 202 -44.31 20.51 -40.12
CA PHE C 202 -45.75 20.71 -39.97
C PHE C 202 -46.14 21.29 -41.31
N TYR C 203 -47.03 20.60 -42.01
CA TYR C 203 -47.43 21.04 -43.34
C TYR C 203 -48.50 22.11 -43.40
N SER C 204 -49.36 22.16 -42.39
CA SER C 204 -50.43 23.16 -42.35
C SER C 204 -51.37 23.07 -43.55
N ASP C 205 -52.15 24.11 -43.78
CA ASP C 205 -53.09 24.14 -44.89
C ASP C 205 -52.38 24.07 -46.23
N GLU C 206 -53.09 23.54 -47.21
CA GLU C 206 -52.58 23.40 -48.56
C GLU C 206 -51.89 24.69 -49.06
N SER C 207 -52.41 25.84 -48.62
CA SER C 207 -51.87 27.13 -49.03
C SER C 207 -50.44 27.44 -48.61
N LEU C 208 -49.99 26.84 -47.51
CA LEU C 208 -48.62 27.05 -47.03
C LEU C 208 -47.67 26.50 -48.09
N GLN C 209 -46.88 27.37 -48.72
CA GLN C 209 -45.96 26.90 -49.76
C GLN C 209 -44.79 26.11 -49.21
N TYR C 210 -44.20 26.58 -48.12
CA TYR C 210 -43.09 25.87 -47.50
C TYR C 210 -43.48 25.30 -46.14
N PRO C 211 -43.24 24.00 -45.93
CA PRO C 211 -43.58 23.38 -44.66
C PRO C 211 -42.77 24.08 -43.57
N LYS C 212 -43.31 24.17 -42.36
CA LYS C 212 -42.56 24.81 -41.30
C LYS C 212 -41.98 23.75 -40.36
N THR C 213 -40.84 24.05 -39.78
CA THR C 213 -40.19 23.12 -38.87
C THR C 213 -40.52 23.47 -37.44
N VAL C 214 -41.13 22.53 -36.74
CA VAL C 214 -41.48 22.70 -35.34
C VAL C 214 -40.31 22.15 -34.52
N ARG C 215 -39.87 22.91 -33.53
CA ARG C 215 -38.78 22.45 -32.69
C ARG C 215 -39.08 22.75 -31.25
N VAL C 216 -38.99 21.73 -30.42
CA VAL C 216 -39.27 21.89 -29.01
C VAL C 216 -38.26 21.19 -28.14
N PRO C 217 -37.91 21.82 -27.00
CA PRO C 217 -36.94 21.28 -26.04
C PRO C 217 -37.55 19.96 -25.51
N TYR C 218 -36.92 18.85 -25.87
CA TYR C 218 -37.39 17.54 -25.47
C TYR C 218 -36.20 16.66 -25.13
N PRO C 219 -36.02 16.34 -23.83
CA PRO C 219 -34.90 15.50 -23.43
C PRO C 219 -35.20 14.02 -23.67
N LYS C 220 -34.45 13.39 -24.56
CA LYS C 220 -34.65 11.96 -24.79
C LYS C 220 -33.87 11.22 -23.70
N ALA C 221 -34.09 9.93 -23.56
CA ALA C 221 -33.42 9.14 -22.53
C ALA C 221 -31.90 9.36 -22.46
N GLY C 222 -31.42 9.73 -21.27
CA GLY C 222 -30.00 9.94 -21.06
C GLY C 222 -29.44 11.28 -21.49
N ALA C 223 -30.28 12.13 -22.07
CA ALA C 223 -29.84 13.44 -22.53
C ALA C 223 -29.89 14.46 -21.40
N VAL C 224 -29.41 15.67 -21.69
CA VAL C 224 -29.42 16.74 -20.71
C VAL C 224 -30.85 17.13 -20.35
N ASN C 225 -31.16 17.04 -19.06
CA ASN C 225 -32.49 17.38 -18.55
C ASN C 225 -32.58 18.83 -18.17
N PRO C 226 -33.81 19.35 -18.06
CA PRO C 226 -34.00 20.74 -17.68
C PRO C 226 -33.78 20.84 -16.16
N THR C 227 -33.31 22.00 -15.71
CA THR C 227 -33.09 22.19 -14.29
C THR C 227 -34.28 22.94 -13.72
N VAL C 228 -34.43 22.88 -12.40
CA VAL C 228 -35.57 23.53 -11.75
C VAL C 228 -35.23 24.31 -10.47
N LYS C 229 -35.99 25.36 -10.25
CA LYS C 229 -35.84 26.20 -9.05
C LYS C 229 -37.23 26.45 -8.51
N PHE C 230 -37.31 26.70 -7.21
CA PHE C 230 -38.60 26.97 -6.58
C PHE C 230 -38.56 28.30 -5.83
N PHE C 231 -39.62 29.09 -5.95
CA PHE C 231 -39.70 30.37 -5.26
C PHE C 231 -41.07 30.56 -4.65
N VAL C 232 -41.15 31.50 -3.72
CA VAL C 232 -42.40 31.86 -3.05
C VAL C 232 -42.37 33.38 -2.89
N VAL C 233 -43.46 34.03 -3.32
CA VAL C 233 -43.54 35.49 -3.25
C VAL C 233 -44.80 35.91 -2.48
N ASN C 234 -44.65 36.95 -1.67
CA ASN C 234 -45.75 37.48 -0.88
C ASN C 234 -46.53 38.48 -1.73
N THR C 235 -47.75 38.12 -2.10
CA THR C 235 -48.58 38.99 -2.93
C THR C 235 -49.22 40.17 -2.19
N ASP C 236 -48.87 40.33 -0.91
CA ASP C 236 -49.41 41.44 -0.13
C ASP C 236 -48.35 42.52 0.04
N SER C 237 -47.18 42.29 -0.52
CA SER C 237 -46.06 43.22 -0.39
C SER C 237 -45.63 43.87 -1.69
N LEU C 238 -46.45 43.77 -2.73
CA LEU C 238 -46.08 44.36 -4.01
C LEU C 238 -46.56 45.80 -4.16
N SER C 239 -45.67 46.62 -4.73
CA SER C 239 -45.94 48.05 -4.91
C SER C 239 -46.29 48.48 -6.33
N SER C 240 -45.28 48.61 -7.18
CA SER C 240 -45.43 49.04 -8.57
C SER C 240 -44.19 49.86 -8.88
N VAL C 241 -43.56 50.34 -7.82
CA VAL C 241 -42.35 51.14 -7.92
C VAL C 241 -41.15 50.21 -7.71
N THR C 242 -41.32 49.26 -6.79
CA THR C 242 -40.28 48.29 -6.48
C THR C 242 -40.62 46.93 -7.07
N ASN C 243 -39.60 46.19 -7.48
CA ASN C 243 -39.79 44.86 -8.06
C ASN C 243 -40.12 43.84 -6.97
N ALA C 244 -41.06 42.95 -7.27
CA ALA C 244 -41.46 41.92 -6.32
C ALA C 244 -40.27 41.06 -5.93
N THR C 245 -40.24 40.61 -4.68
CA THR C 245 -39.15 39.76 -4.21
C THR C 245 -39.56 38.30 -4.10
N SER C 246 -38.81 37.43 -4.76
CA SER C 246 -39.09 36.01 -4.74
C SER C 246 -38.06 35.28 -3.88
N ILE C 247 -38.50 34.74 -2.75
CA ILE C 247 -37.58 34.01 -1.89
C ILE C 247 -37.51 32.59 -2.42
N GLN C 248 -36.29 32.13 -2.68
CA GLN C 248 -36.07 30.81 -3.23
C GLN C 248 -35.90 29.75 -2.15
N ILE C 249 -36.52 28.59 -2.37
CA ILE C 249 -36.41 27.46 -1.46
C ILE C 249 -35.55 26.46 -2.24
N THR C 250 -34.33 26.24 -1.77
CA THR C 250 -33.39 25.37 -2.47
C THR C 250 -33.34 23.94 -1.93
N ALA C 251 -32.15 23.35 -2.09
CA ALA C 251 -31.87 21.99 -1.61
C ALA C 251 -32.97 21.02 -2.01
N PRO C 252 -33.04 19.84 -1.37
CA PRO C 252 -32.22 19.27 -0.30
C PRO C 252 -30.83 18.85 -0.75
N ALA C 253 -29.90 18.73 0.19
CA ALA C 253 -28.54 18.33 -0.13
C ALA C 253 -28.52 16.97 -0.83
N SER C 254 -29.34 16.05 -0.34
CA SER C 254 -29.41 14.71 -0.90
C SER C 254 -29.87 14.71 -2.35
N MET C 255 -30.40 15.85 -2.79
CA MET C 255 -30.87 15.95 -4.17
C MET C 255 -29.93 16.80 -5.03
N LEU C 256 -29.39 17.87 -4.45
CA LEU C 256 -28.48 18.77 -5.17
C LEU C 256 -27.21 18.11 -5.68
N ILE C 257 -26.86 16.95 -5.12
CA ILE C 257 -25.66 16.23 -5.53
C ILE C 257 -25.66 15.85 -7.00
N GLY C 258 -26.83 15.86 -7.64
CA GLY C 258 -26.91 15.51 -9.04
C GLY C 258 -28.24 15.91 -9.66
N ASP C 259 -28.54 15.36 -10.83
CA ASP C 259 -29.80 15.67 -11.50
C ASP C 259 -30.96 15.25 -10.61
N HIS C 260 -32.03 16.02 -10.66
CA HIS C 260 -33.19 15.74 -9.85
C HIS C 260 -34.41 16.45 -10.42
N TYR C 261 -35.56 16.22 -9.81
CA TYR C 261 -36.80 16.82 -10.25
C TYR C 261 -37.61 17.31 -9.06
N LEU C 262 -38.54 18.22 -9.33
CA LEU C 262 -39.48 18.70 -8.33
C LEU C 262 -40.71 17.91 -8.75
N CYS C 263 -41.20 17.03 -7.89
CA CYS C 263 -42.35 16.22 -8.27
C CYS C 263 -43.65 16.52 -7.55
N ASP C 264 -43.60 17.41 -6.56
CA ASP C 264 -44.80 17.75 -5.81
C ASP C 264 -44.62 18.95 -4.90
N VAL C 265 -45.70 19.72 -4.78
CA VAL C 265 -45.71 20.89 -3.93
C VAL C 265 -47.12 20.98 -3.37
N THR C 266 -47.22 20.90 -2.05
CA THR C 266 -48.52 20.96 -1.39
C THR C 266 -48.46 21.88 -0.19
N TRP C 267 -49.32 22.90 -0.18
CA TRP C 267 -49.37 23.83 0.94
C TRP C 267 -49.98 23.13 2.15
N ALA C 268 -49.38 23.32 3.31
CA ALA C 268 -49.87 22.72 4.56
C ALA C 268 -50.74 23.70 5.31
N THR C 269 -50.27 24.94 5.44
CA THR C 269 -51.00 25.99 6.14
C THR C 269 -50.74 27.34 5.47
N GLN C 270 -51.19 28.41 6.12
CA GLN C 270 -50.98 29.76 5.59
C GLN C 270 -49.50 30.10 5.56
N GLU C 271 -48.70 29.38 6.36
CA GLU C 271 -47.27 29.64 6.43
C GLU C 271 -46.38 28.40 6.41
N ARG C 272 -46.91 27.30 5.91
CA ARG C 272 -46.14 26.06 5.81
C ARG C 272 -46.43 25.44 4.46
N ILE C 273 -45.37 25.10 3.73
CA ILE C 273 -45.50 24.49 2.42
C ILE C 273 -44.62 23.24 2.34
N SER C 274 -45.14 22.17 1.75
CA SER C 274 -44.37 20.94 1.62
C SER C 274 -43.92 20.75 0.17
N LEU C 275 -42.68 20.29 0.02
CA LEU C 275 -42.10 20.05 -1.28
C LEU C 275 -41.56 18.62 -1.36
N GLN C 276 -41.72 18.01 -2.53
CA GLN C 276 -41.20 16.66 -2.72
C GLN C 276 -40.26 16.68 -3.92
N TRP C 277 -39.04 16.20 -3.73
CA TRP C 277 -38.05 16.14 -4.79
C TRP C 277 -37.74 14.70 -5.12
N LEU C 278 -37.30 14.47 -6.35
CA LEU C 278 -36.97 13.13 -6.80
C LEU C 278 -35.66 13.14 -7.60
N ARG C 279 -34.78 12.19 -7.31
CA ARG C 279 -33.51 12.10 -8.03
C ARG C 279 -33.77 11.62 -9.44
N ARG C 280 -32.84 11.90 -10.36
CA ARG C 280 -33.01 11.45 -11.74
C ARG C 280 -33.20 9.94 -11.72
N ILE C 281 -32.50 9.27 -10.81
CA ILE C 281 -32.67 7.84 -10.64
C ILE C 281 -33.82 7.83 -9.65
N GLN C 282 -35.04 7.82 -10.21
CA GLN C 282 -36.28 7.87 -9.43
C GLN C 282 -36.50 6.77 -8.42
N ASN C 283 -35.41 6.47 -7.71
CA ASN C 283 -35.32 5.46 -6.64
C ASN C 283 -35.57 6.12 -5.28
N TYR C 284 -35.08 7.34 -5.17
CA TYR C 284 -35.11 8.11 -3.94
C TYR C 284 -35.77 9.49 -4.04
N SER C 285 -36.71 9.76 -3.15
CA SER C 285 -37.41 11.05 -3.13
C SER C 285 -37.42 11.60 -1.70
N VAL C 286 -37.31 12.92 -1.58
CA VAL C 286 -37.30 13.55 -0.27
C VAL C 286 -38.37 14.63 -0.16
N MET C 287 -39.09 14.62 0.95
CA MET C 287 -40.13 15.60 1.17
C MET C 287 -39.63 16.62 2.17
N ASP C 288 -39.74 17.89 1.83
CA ASP C 288 -39.33 18.96 2.72
C ASP C 288 -40.57 19.68 3.20
N ILE C 289 -40.54 20.13 4.45
CA ILE C 289 -41.64 20.87 5.04
C ILE C 289 -41.03 22.20 5.47
N CYS C 290 -41.39 23.28 4.78
CA CYS C 290 -40.83 24.59 5.05
C CYS C 290 -41.78 25.61 5.68
N ASP C 291 -41.29 26.30 6.68
CA ASP C 291 -42.10 27.31 7.39
C ASP C 291 -41.58 28.72 7.10
N TYR C 292 -42.52 29.66 7.02
CA TYR C 292 -42.16 31.06 6.78
C TYR C 292 -41.58 31.66 8.05
N ASP C 293 -40.52 32.44 7.91
CA ASP C 293 -39.89 33.08 9.05
C ASP C 293 -40.39 34.52 9.17
N GLU C 294 -41.43 34.71 9.98
CA GLU C 294 -42.03 36.03 10.18
C GLU C 294 -41.03 37.17 10.14
N SER C 295 -40.04 37.13 11.02
CA SER C 295 -39.02 38.19 11.07
C SER C 295 -37.71 37.78 10.43
N SER C 296 -37.78 37.49 9.13
CA SER C 296 -36.60 37.10 8.36
C SER C 296 -36.98 37.16 6.88
N GLY C 297 -38.24 36.83 6.60
CA GLY C 297 -38.71 36.85 5.24
C GLY C 297 -38.46 35.54 4.50
N ARG C 298 -37.42 34.81 4.90
CA ARG C 298 -37.11 33.55 4.23
C ARG C 298 -37.93 32.36 4.75
N TRP C 299 -37.89 31.29 3.97
CA TRP C 299 -38.59 30.04 4.29
C TRP C 299 -37.54 29.02 4.68
N ASN C 300 -37.72 28.40 5.85
CA ASN C 300 -36.76 27.40 6.29
C ASN C 300 -37.38 26.02 6.36
N CYS C 301 -36.65 25.04 5.85
CA CYS C 301 -37.10 23.66 5.84
C CYS C 301 -36.21 22.87 6.78
N LEU C 302 -36.65 22.71 8.02
CA LEU C 302 -35.88 21.99 9.01
C LEU C 302 -35.57 20.55 8.64
N VAL C 303 -34.29 20.20 8.58
CA VAL C 303 -33.92 18.82 8.30
C VAL C 303 -34.52 18.09 9.49
N ALA C 304 -34.55 16.77 9.48
CA ALA C 304 -35.15 16.04 10.60
C ALA C 304 -36.66 16.24 10.52
N ARG C 305 -37.11 17.20 9.71
CA ARG C 305 -38.53 17.44 9.53
C ARG C 305 -38.87 16.99 8.09
N GLN C 306 -37.87 16.49 7.38
CA GLN C 306 -38.07 16.02 6.01
C GLN C 306 -38.24 14.50 6.03
N HIS C 307 -39.06 13.98 5.12
CA HIS C 307 -39.31 12.55 5.06
C HIS C 307 -38.83 11.92 3.76
N ILE C 308 -38.10 10.82 3.90
CA ILE C 308 -37.56 10.10 2.76
C ILE C 308 -38.47 8.96 2.31
N GLU C 309 -38.71 8.88 1.01
CA GLU C 309 -39.54 7.82 0.45
C GLU C 309 -38.75 7.19 -0.68
N MET C 310 -38.25 5.98 -0.46
CA MET C 310 -37.47 5.29 -1.47
C MET C 310 -38.05 3.90 -1.75
N SER C 311 -37.52 3.23 -2.77
CA SER C 311 -37.95 1.90 -3.14
C SER C 311 -36.76 1.07 -3.58
N THR C 312 -36.70 -0.18 -3.13
CA THR C 312 -35.60 -1.07 -3.48
C THR C 312 -36.02 -2.01 -4.61
N THR C 313 -37.32 -2.12 -4.85
CA THR C 313 -37.82 -3.01 -5.89
C THR C 313 -38.09 -2.28 -7.21
N GLY C 314 -38.34 -0.99 -7.13
CA GLY C 314 -38.61 -0.22 -8.34
C GLY C 314 -38.42 1.26 -8.17
N TRP C 315 -39.37 2.03 -8.69
CA TRP C 315 -39.34 3.48 -8.61
C TRP C 315 -40.27 3.93 -7.48
N VAL C 316 -40.39 5.23 -7.26
CA VAL C 316 -41.24 5.75 -6.20
C VAL C 316 -42.58 6.25 -6.71
N GLY C 317 -43.67 5.76 -6.12
CA GLY C 317 -45.01 6.17 -6.50
C GLY C 317 -45.49 5.38 -7.71
N ARG C 318 -46.76 5.54 -8.06
CA ARG C 318 -47.29 4.82 -9.22
C ARG C 318 -46.68 5.42 -10.48
N PHE C 319 -46.69 6.74 -10.55
CA PHE C 319 -46.10 7.46 -11.67
C PHE C 319 -45.20 8.55 -11.09
N ARG C 320 -45.58 9.03 -9.91
CA ARG C 320 -44.84 10.07 -9.20
C ARG C 320 -45.17 9.85 -7.73
N PRO C 321 -44.28 10.28 -6.83
CA PRO C 321 -44.59 10.09 -5.41
C PRO C 321 -45.96 10.72 -5.11
N SER C 322 -46.74 10.07 -4.24
CA SER C 322 -48.07 10.56 -3.87
C SER C 322 -48.05 11.92 -3.19
N GLU C 323 -49.18 12.61 -3.23
CA GLU C 323 -49.28 13.93 -2.62
C GLU C 323 -49.82 13.81 -1.18
N PRO C 324 -49.28 14.62 -0.25
CA PRO C 324 -49.71 14.59 1.14
C PRO C 324 -51.03 15.30 1.39
N HIS C 325 -51.67 14.98 2.51
CA HIS C 325 -52.94 15.58 2.91
C HIS C 325 -52.80 15.96 4.38
N PHE C 326 -52.52 17.25 4.62
CA PHE C 326 -52.32 17.74 5.97
C PHE C 326 -53.59 17.94 6.78
N THR C 327 -53.48 17.69 8.08
CA THR C 327 -54.59 17.92 8.99
C THR C 327 -54.67 19.45 9.06
N LEU C 328 -55.80 19.98 9.50
CA LEU C 328 -55.97 21.43 9.58
C LEU C 328 -54.79 22.20 10.18
N ASP C 329 -54.32 21.78 11.35
CA ASP C 329 -53.21 22.48 12.02
C ASP C 329 -51.86 22.34 11.33
N GLY C 330 -51.78 21.48 10.33
CA GLY C 330 -50.54 21.30 9.58
C GLY C 330 -49.39 20.65 10.33
N ASN C 331 -49.69 19.88 11.37
CA ASN C 331 -48.64 19.23 12.14
C ASN C 331 -48.53 17.73 11.82
N SER C 332 -49.46 17.25 11.03
CA SER C 332 -49.47 15.84 10.63
C SER C 332 -50.16 15.74 9.27
N PHE C 333 -49.93 14.63 8.57
CA PHE C 333 -50.54 14.45 7.27
C PHE C 333 -50.67 12.98 6.89
N TYR C 334 -51.52 12.73 5.90
CA TYR C 334 -51.73 11.37 5.41
C TYR C 334 -51.34 11.33 3.94
N LYS C 335 -50.66 10.25 3.55
CA LYS C 335 -50.28 10.08 2.17
C LYS C 335 -50.08 8.61 1.86
N ILE C 336 -50.42 8.23 0.64
CA ILE C 336 -50.31 6.85 0.18
C ILE C 336 -48.87 6.46 -0.15
N ILE C 337 -48.39 5.37 0.46
CA ILE C 337 -47.04 4.89 0.17
C ILE C 337 -47.07 3.37 0.08
N SER C 338 -45.99 2.77 -0.40
CA SER C 338 -45.95 1.33 -0.55
C SER C 338 -45.66 0.58 0.76
N ASN C 339 -46.49 -0.42 1.04
CA ASN C 339 -46.38 -1.27 2.23
C ASN C 339 -45.04 -1.97 2.32
N GLU C 340 -44.83 -2.67 3.42
CA GLU C 340 -43.63 -3.45 3.60
C GLU C 340 -43.93 -4.70 2.77
N GLU C 341 -45.22 -4.91 2.54
CA GLU C 341 -45.70 -6.04 1.75
C GLU C 341 -45.82 -5.68 0.28
N GLY C 342 -45.60 -4.40 -0.04
CA GLY C 342 -45.67 -3.97 -1.43
C GLY C 342 -46.99 -3.37 -1.88
N TYR C 343 -47.96 -3.27 -0.98
CA TYR C 343 -49.26 -2.70 -1.33
C TYR C 343 -49.33 -1.25 -0.84
N ARG C 344 -49.90 -0.39 -1.66
CA ARG C 344 -50.01 1.02 -1.32
C ARG C 344 -51.20 1.33 -0.43
N HIS C 345 -50.90 1.86 0.75
CA HIS C 345 -51.92 2.22 1.74
C HIS C 345 -51.65 3.60 2.34
N ILE C 346 -52.63 4.10 3.07
CA ILE C 346 -52.52 5.40 3.71
C ILE C 346 -51.66 5.34 4.96
N CYS C 347 -50.63 6.20 5.02
CA CYS C 347 -49.78 6.25 6.20
C CYS C 347 -49.96 7.60 6.86
N TYR C 348 -49.93 7.60 8.19
CA TYR C 348 -50.13 8.81 8.98
C TYR C 348 -48.80 9.32 9.54
N PHE C 349 -48.43 10.54 9.17
CA PHE C 349 -47.17 11.15 9.60
C PHE C 349 -47.33 12.31 10.59
N GLN C 350 -46.26 12.53 11.35
CA GLN C 350 -46.14 13.63 12.29
C GLN C 350 -45.00 14.38 11.60
N ILE C 351 -45.22 15.63 11.22
CA ILE C 351 -44.19 16.37 10.49
C ILE C 351 -42.76 16.27 11.00
N ASP C 352 -42.58 15.85 12.25
CA ASP C 352 -41.23 15.71 12.78
C ASP C 352 -40.86 14.27 13.11
N LYS C 353 -41.83 13.37 13.16
CA LYS C 353 -41.57 11.96 13.45
C LYS C 353 -41.19 11.26 12.14
N LYS C 354 -40.07 10.54 12.17
CA LYS C 354 -39.58 9.84 10.99
C LYS C 354 -40.41 8.63 10.56
N ASP C 355 -41.11 8.00 11.50
CA ASP C 355 -41.91 6.84 11.17
C ASP C 355 -43.41 7.12 11.17
N CYS C 356 -44.09 6.71 10.10
CA CYS C 356 -45.53 6.90 9.98
C CYS C 356 -46.27 5.63 10.37
N THR C 357 -47.58 5.75 10.52
CA THR C 357 -48.41 4.62 10.91
C THR C 357 -49.48 4.35 9.86
N PHE C 358 -49.45 3.16 9.28
CA PHE C 358 -50.42 2.78 8.28
C PHE C 358 -51.77 2.66 8.96
N ILE C 359 -52.81 3.20 8.32
CA ILE C 359 -54.15 3.13 8.89
C ILE C 359 -55.02 2.16 8.09
N THR C 360 -54.47 1.66 6.99
CA THR C 360 -55.15 0.69 6.14
C THR C 360 -54.11 -0.34 5.77
N LYS C 361 -54.57 -1.52 5.34
CA LYS C 361 -53.67 -2.59 4.95
C LYS C 361 -54.49 -3.70 4.30
N GLY C 362 -53.80 -4.66 3.70
CA GLY C 362 -54.48 -5.77 3.04
C GLY C 362 -53.96 -5.94 1.63
N THR C 363 -54.36 -7.04 1.00
CA THR C 363 -53.93 -7.33 -0.36
C THR C 363 -54.84 -6.64 -1.39
N TRP C 364 -54.82 -5.31 -1.33
CA TRP C 364 -55.56 -4.42 -2.21
C TRP C 364 -54.90 -3.07 -2.02
N GLU C 365 -55.30 -2.07 -2.79
CA GLU C 365 -54.65 -0.76 -2.65
C GLU C 365 -55.59 0.41 -2.58
N VAL C 366 -55.13 1.47 -1.93
CA VAL C 366 -55.87 2.71 -1.83
C VAL C 366 -55.50 3.43 -3.13
N ILE C 367 -56.49 3.87 -3.89
CA ILE C 367 -56.22 4.56 -5.15
C ILE C 367 -55.88 6.02 -4.90
N GLY C 368 -56.62 6.65 -4.00
CA GLY C 368 -56.37 8.04 -3.69
C GLY C 368 -57.18 8.57 -2.52
N ILE C 369 -56.60 9.55 -1.83
CA ILE C 369 -57.26 10.20 -0.70
C ILE C 369 -58.10 11.33 -1.32
N GLU C 370 -59.41 11.25 -1.09
CA GLU C 370 -60.34 12.23 -1.66
C GLU C 370 -60.75 13.37 -0.75
N ALA C 371 -60.78 13.14 0.55
CA ALA C 371 -61.17 14.18 1.49
C ALA C 371 -60.70 13.88 2.90
N LEU C 372 -60.52 14.95 3.66
CA LEU C 372 -60.06 14.83 5.04
C LEU C 372 -60.72 15.88 5.92
N THR C 373 -61.42 15.40 6.95
CA THR C 373 -62.08 16.28 7.90
C THR C 373 -61.44 15.97 9.24
N SER C 374 -61.71 16.83 10.23
CA SER C 374 -61.16 16.61 11.55
C SER C 374 -61.77 15.33 12.07
N ASP C 375 -62.80 14.86 11.37
CA ASP C 375 -63.50 13.63 11.74
C ASP C 375 -63.07 12.38 10.97
N TYR C 376 -63.28 12.40 9.66
CA TYR C 376 -62.94 11.25 8.82
C TYR C 376 -61.96 11.52 7.69
N LEU C 377 -61.46 10.42 7.13
CA LEU C 377 -60.54 10.43 6.00
C LEU C 377 -61.27 9.64 4.92
N TYR C 378 -61.60 10.30 3.81
CA TYR C 378 -62.30 9.62 2.73
C TYR C 378 -61.30 9.19 1.67
N TYR C 379 -61.49 7.99 1.13
CA TYR C 379 -60.60 7.50 0.11
C TYR C 379 -61.27 6.48 -0.79
N ILE C 380 -60.65 6.24 -1.94
CA ILE C 380 -61.14 5.27 -2.90
C ILE C 380 -60.13 4.14 -2.98
N SER C 381 -60.62 2.91 -3.08
CA SER C 381 -59.75 1.74 -3.18
C SER C 381 -60.45 0.64 -3.98
N ASN C 382 -59.71 -0.41 -4.28
CA ASN C 382 -60.25 -1.54 -5.03
C ASN C 382 -60.43 -2.76 -4.13
N GLU C 383 -60.66 -2.51 -2.84
CA GLU C 383 -60.83 -3.59 -1.87
C GLU C 383 -62.08 -4.43 -2.08
N TYR C 384 -63.21 -3.77 -2.32
CA TYR C 384 -64.47 -4.48 -2.49
C TYR C 384 -64.38 -5.68 -3.42
N LYS C 385 -64.85 -6.82 -2.91
CA LYS C 385 -64.86 -8.04 -3.70
C LYS C 385 -63.49 -8.51 -4.18
N GLY C 386 -62.44 -7.92 -3.64
CA GLY C 386 -61.11 -8.33 -4.06
C GLY C 386 -60.81 -8.11 -5.55
N MET C 387 -61.54 -7.22 -6.21
CA MET C 387 -61.25 -6.98 -7.62
C MET C 387 -60.58 -5.63 -7.85
N PRO C 388 -59.31 -5.66 -8.24
CA PRO C 388 -58.44 -4.52 -8.53
C PRO C 388 -58.99 -3.60 -9.60
N GLY C 389 -59.95 -4.09 -10.36
CA GLY C 389 -60.55 -3.30 -11.44
C GLY C 389 -61.80 -2.56 -11.04
N GLY C 390 -62.12 -2.60 -9.74
CA GLY C 390 -63.28 -1.90 -9.24
C GLY C 390 -62.83 -0.72 -8.39
N ARG C 391 -63.73 0.25 -8.20
CA ARG C 391 -63.41 1.44 -7.41
C ARG C 391 -64.58 1.82 -6.51
N ASN C 392 -64.31 1.99 -5.22
CA ASN C 392 -65.35 2.37 -4.28
C ASN C 392 -64.85 3.38 -3.26
N LEU C 393 -65.78 4.22 -2.80
CA LEU C 393 -65.47 5.24 -1.81
C LEU C 393 -65.65 4.72 -0.39
N TYR C 394 -64.63 4.93 0.45
CA TYR C 394 -64.69 4.52 1.84
C TYR C 394 -64.33 5.70 2.72
N LYS C 395 -64.70 5.61 4.00
CA LYS C 395 -64.35 6.64 4.96
C LYS C 395 -63.88 5.90 6.20
N ILE C 396 -62.75 6.32 6.74
CA ILE C 396 -62.20 5.69 7.91
C ILE C 396 -62.25 6.67 9.07
N GLN C 397 -62.81 6.23 10.19
CA GLN C 397 -62.90 7.07 11.38
C GLN C 397 -61.52 7.28 11.99
N LEU C 398 -61.08 8.54 12.02
CA LEU C 398 -59.77 8.90 12.56
C LEU C 398 -59.57 8.46 14.01
N SER C 399 -60.68 8.39 14.75
CA SER C 399 -60.64 8.00 16.16
C SER C 399 -60.32 6.51 16.29
N ASP C 400 -60.90 5.70 15.40
CA ASP C 400 -60.70 4.27 15.42
C ASP C 400 -60.55 3.71 14.01
N TYR C 401 -59.30 3.54 13.58
CA TYR C 401 -59.02 3.02 12.25
C TYR C 401 -59.70 1.68 12.03
N THR C 402 -60.19 1.07 13.10
CA THR C 402 -60.87 -0.21 13.00
C THR C 402 -62.22 -0.03 12.33
N LYS C 403 -62.75 1.19 12.39
CA LYS C 403 -64.05 1.49 11.81
C LYS C 403 -63.97 2.13 10.43
N VAL C 404 -64.10 1.29 9.39
CA VAL C 404 -64.05 1.75 8.00
C VAL C 404 -65.40 1.43 7.35
N THR C 405 -66.04 2.45 6.80
CA THR C 405 -67.34 2.28 6.19
C THR C 405 -67.32 2.49 4.69
N CYS C 406 -67.78 1.51 3.92
CA CYS C 406 -67.79 1.70 2.48
C CYS C 406 -69.04 2.49 2.15
N LEU C 407 -68.86 3.64 1.51
CA LEU C 407 -69.98 4.51 1.18
C LEU C 407 -70.66 4.27 -0.16
N SER C 408 -70.08 3.40 -0.99
CA SER C 408 -70.67 3.14 -2.30
C SER C 408 -70.82 1.68 -2.68
N CYS C 409 -70.13 0.79 -1.98
CA CYS C 409 -70.17 -0.65 -2.29
C CYS C 409 -71.57 -1.23 -2.50
N GLU C 410 -72.51 -0.82 -1.66
CA GLU C 410 -73.86 -1.36 -1.73
C GLU C 410 -74.94 -0.51 -2.40
N LEU C 411 -74.61 0.73 -2.76
CA LEU C 411 -75.61 1.58 -3.40
C LEU C 411 -76.34 0.85 -4.53
N ASN C 412 -75.59 0.08 -5.32
CA ASN C 412 -76.17 -0.68 -6.42
C ASN C 412 -75.07 -1.57 -7.00
N PRO C 413 -74.73 -2.66 -6.29
CA PRO C 413 -73.70 -3.63 -6.65
C PRO C 413 -73.83 -4.21 -8.06
N GLU C 414 -75.05 -4.31 -8.55
CA GLU C 414 -75.29 -4.85 -9.89
C GLU C 414 -74.73 -3.95 -10.98
N ARG C 415 -75.15 -2.70 -10.95
CA ARG C 415 -74.76 -1.70 -11.93
C ARG C 415 -73.52 -0.88 -11.63
N CYS C 416 -73.17 -0.74 -10.35
CA CYS C 416 -72.03 0.10 -9.98
C CYS C 416 -70.93 -0.53 -9.15
N GLN C 417 -69.76 -0.63 -9.77
CA GLN C 417 -68.59 -1.21 -9.12
C GLN C 417 -67.38 -0.32 -9.36
N TYR C 418 -67.59 0.82 -10.02
CA TYR C 418 -66.51 1.76 -10.31
C TYR C 418 -66.96 3.20 -10.03
N TYR C 419 -66.48 3.76 -8.92
CA TYR C 419 -66.84 5.12 -8.53
C TYR C 419 -65.67 6.11 -8.49
N SER C 420 -66.02 7.39 -8.60
CA SER C 420 -65.08 8.52 -8.51
C SER C 420 -65.90 9.48 -7.64
N VAL C 421 -65.28 10.46 -6.99
CA VAL C 421 -66.08 11.34 -6.14
C VAL C 421 -65.69 12.81 -6.15
N SER C 422 -66.69 13.66 -5.91
CA SER C 422 -66.50 15.11 -5.87
C SER C 422 -67.14 15.69 -4.62
N PHE C 423 -66.32 16.05 -3.63
CA PHE C 423 -66.80 16.62 -2.38
C PHE C 423 -67.00 18.14 -2.44
N SER C 424 -67.89 18.64 -1.59
CA SER C 424 -68.16 20.08 -1.51
C SER C 424 -66.99 20.69 -0.73
N LYS C 425 -66.93 22.03 -0.70
CA LYS C 425 -65.84 22.73 -0.02
C LYS C 425 -65.41 22.16 1.33
N GLU C 426 -66.34 21.90 2.23
CA GLU C 426 -66.00 21.35 3.54
C GLU C 426 -66.47 19.91 3.70
N ALA C 427 -66.63 19.21 2.57
CA ALA C 427 -67.06 17.82 2.58
C ALA C 427 -68.45 17.64 3.21
N LYS C 428 -69.28 18.67 3.13
CA LYS C 428 -70.63 18.58 3.67
C LYS C 428 -71.43 17.65 2.77
N TYR C 429 -71.18 17.74 1.46
CA TYR C 429 -71.85 16.92 0.47
C TYR C 429 -70.83 16.32 -0.48
N TYR C 430 -71.24 15.25 -1.16
CA TYR C 430 -70.36 14.62 -2.14
C TYR C 430 -71.16 13.97 -3.26
N GLN C 431 -70.71 14.19 -4.49
CA GLN C 431 -71.36 13.60 -5.64
C GLN C 431 -70.59 12.34 -6.04
N LEU C 432 -71.31 11.23 -6.17
CA LEU C 432 -70.69 9.97 -6.58
C LEU C 432 -70.94 9.77 -8.07
N ARG C 433 -69.90 9.32 -8.76
CA ARG C 433 -70.00 9.09 -10.19
C ARG C 433 -69.67 7.64 -10.51
N CYS C 434 -70.70 6.90 -10.83
CA CYS C 434 -70.59 5.50 -11.16
C CYS C 434 -70.36 5.38 -12.67
N SER C 435 -69.30 4.68 -13.06
CA SER C 435 -69.00 4.53 -14.48
C SER C 435 -69.05 3.10 -15.04
N GLY C 436 -69.57 2.17 -14.25
CA GLY C 436 -69.65 0.78 -14.71
C GLY C 436 -69.90 -0.21 -13.60
N PRO C 437 -70.20 -1.48 -13.94
CA PRO C 437 -70.33 -2.01 -15.30
C PRO C 437 -71.59 -1.60 -16.06
N GLY C 438 -72.57 -1.08 -15.33
CA GLY C 438 -73.80 -0.65 -15.97
C GLY C 438 -73.63 0.76 -16.52
N LEU C 439 -74.74 1.38 -16.90
CA LEU C 439 -74.70 2.73 -17.44
C LEU C 439 -74.34 3.71 -16.33
N PRO C 440 -73.49 4.69 -16.64
CA PRO C 440 -73.05 5.71 -15.68
C PRO C 440 -74.23 6.30 -14.89
N LEU C 441 -74.05 6.42 -13.58
CA LEU C 441 -75.08 6.95 -12.70
C LEU C 441 -74.49 8.01 -11.77
N TYR C 442 -75.09 9.20 -11.76
CA TYR C 442 -74.61 10.29 -10.93
C TYR C 442 -75.58 10.61 -9.80
N THR C 443 -75.08 10.55 -8.57
CA THR C 443 -75.90 10.81 -7.40
C THR C 443 -75.28 11.85 -6.47
N LEU C 444 -76.10 12.40 -5.59
CA LEU C 444 -75.66 13.42 -4.62
C LEU C 444 -75.89 12.87 -3.22
N HIS C 445 -74.98 13.16 -2.30
CA HIS C 445 -75.12 12.66 -0.94
C HIS C 445 -74.73 13.69 0.12
N SER C 446 -75.19 13.44 1.35
CA SER C 446 -74.88 14.30 2.48
C SER C 446 -73.97 13.51 3.41
N SER C 447 -72.82 14.08 3.75
CA SER C 447 -71.85 13.40 4.61
C SER C 447 -72.33 13.11 6.03
N VAL C 448 -73.08 14.05 6.62
CA VAL C 448 -73.58 13.91 7.98
C VAL C 448 -73.95 12.48 8.35
N ASN C 449 -74.79 11.84 7.54
CA ASN C 449 -75.21 10.47 7.78
C ASN C 449 -75.10 9.65 6.51
N ASP C 450 -74.36 10.17 5.54
CA ASP C 450 -74.15 9.50 4.26
C ASP C 450 -75.47 9.13 3.60
N LYS C 451 -76.44 10.03 3.68
CA LYS C 451 -77.75 9.81 3.09
C LYS C 451 -77.72 10.16 1.63
N GLY C 452 -78.46 9.40 0.83
CA GLY C 452 -78.53 9.69 -0.59
C GLY C 452 -79.58 10.77 -0.78
N LEU C 453 -79.15 11.94 -1.25
CA LEU C 453 -80.09 13.04 -1.46
C LEU C 453 -80.94 12.84 -2.71
N ARG C 454 -80.34 12.40 -3.81
CA ARG C 454 -81.10 12.21 -5.04
C ARG C 454 -80.24 11.78 -6.22
N VAL C 455 -80.90 11.40 -7.31
CA VAL C 455 -80.23 10.98 -8.52
C VAL C 455 -80.11 12.20 -9.43
N LEU C 456 -78.90 12.49 -9.89
CA LEU C 456 -78.65 13.64 -10.75
C LEU C 456 -78.75 13.30 -12.24
N GLU C 457 -78.34 12.08 -12.59
CA GLU C 457 -78.38 11.61 -13.97
C GLU C 457 -78.20 10.10 -14.00
N ASP C 458 -79.19 9.40 -14.58
CA ASP C 458 -79.15 7.95 -14.65
C ASP C 458 -79.05 7.38 -16.05
N ASN C 459 -78.86 8.26 -17.04
CA ASN C 459 -78.75 7.83 -18.43
C ASN C 459 -79.91 6.95 -18.89
N SER C 460 -81.11 7.25 -18.39
CA SER C 460 -82.29 6.49 -18.76
C SER C 460 -82.59 6.66 -20.23
N ALA C 461 -82.17 7.79 -20.80
CA ALA C 461 -82.40 8.07 -22.23
C ALA C 461 -81.56 7.10 -23.07
N LEU C 462 -80.28 7.00 -22.76
CA LEU C 462 -79.39 6.10 -23.49
C LEU C 462 -79.88 4.68 -23.30
N ASP C 463 -80.40 4.39 -22.12
CA ASP C 463 -80.90 3.05 -21.81
C ASP C 463 -82.04 2.65 -22.73
N LYS C 464 -83.00 3.55 -22.92
CA LYS C 464 -84.14 3.27 -23.79
C LYS C 464 -83.67 3.09 -25.22
N MET C 465 -82.68 3.89 -25.59
CA MET C 465 -82.12 3.87 -26.94
C MET C 465 -81.42 2.54 -27.24
N LEU C 466 -80.67 2.04 -26.25
CA LEU C 466 -79.91 0.80 -26.41
C LEU C 466 -80.69 -0.52 -26.49
N GLN C 467 -81.95 -0.53 -26.05
CA GLN C 467 -82.70 -1.79 -26.12
C GLN C 467 -83.19 -2.08 -27.53
N ASN C 468 -82.92 -1.15 -28.44
CA ASN C 468 -83.30 -1.31 -29.83
C ASN C 468 -82.08 -1.75 -30.63
N VAL C 469 -81.03 -2.15 -29.91
CA VAL C 469 -79.78 -2.59 -30.55
C VAL C 469 -79.14 -3.78 -29.84
N GLN C 470 -78.56 -4.69 -30.62
CA GLN C 470 -77.91 -5.87 -30.06
C GLN C 470 -76.53 -5.53 -29.52
N MET C 471 -76.46 -5.18 -28.24
CA MET C 471 -75.19 -4.83 -27.62
C MET C 471 -74.39 -6.06 -27.23
N PRO C 472 -73.06 -5.95 -27.27
CA PRO C 472 -72.21 -7.08 -26.89
C PRO C 472 -72.21 -7.09 -25.36
N SER C 473 -71.59 -8.09 -24.76
CA SER C 473 -71.53 -8.13 -23.30
C SER C 473 -70.07 -8.12 -22.87
N LYS C 474 -69.82 -7.85 -21.59
CA LYS C 474 -68.47 -7.81 -21.10
C LYS C 474 -68.24 -8.75 -19.94
N LYS C 475 -67.12 -9.46 -19.98
CA LYS C 475 -66.77 -10.40 -18.93
C LYS C 475 -65.47 -9.95 -18.27
N LEU C 476 -65.51 -9.81 -16.95
CA LEU C 476 -64.32 -9.40 -16.21
C LEU C 476 -63.99 -10.60 -15.35
N ASP C 477 -62.79 -11.13 -15.49
CA ASP C 477 -62.42 -12.29 -14.70
C ASP C 477 -60.92 -12.45 -14.65
N PHE C 478 -60.44 -13.53 -14.05
CA PHE C 478 -59.01 -13.76 -13.99
C PHE C 478 -58.59 -15.21 -14.21
N ILE C 479 -57.31 -15.37 -14.51
CA ILE C 479 -56.73 -16.70 -14.69
C ILE C 479 -55.60 -16.76 -13.68
N ILE C 480 -55.03 -17.93 -13.47
CA ILE C 480 -53.94 -18.05 -12.50
C ILE C 480 -52.68 -18.53 -13.18
N LEU C 481 -51.67 -17.66 -13.23
CA LEU C 481 -50.40 -18.02 -13.82
C LEU C 481 -49.48 -18.27 -12.64
N ASN C 482 -48.92 -19.48 -12.59
CA ASN C 482 -48.04 -19.93 -11.52
C ASN C 482 -48.14 -19.15 -10.22
N GLU C 483 -49.13 -19.52 -9.40
CA GLU C 483 -49.35 -18.91 -8.10
C GLU C 483 -50.14 -17.61 -8.03
N THR C 484 -50.01 -16.77 -9.05
CA THR C 484 -50.69 -15.48 -9.05
C THR C 484 -51.89 -15.38 -9.97
N LYS C 485 -52.83 -14.52 -9.62
CA LYS C 485 -54.01 -14.30 -10.44
C LYS C 485 -53.85 -13.01 -11.26
N PHE C 486 -54.11 -13.12 -12.57
CA PHE C 486 -54.03 -11.95 -13.45
C PHE C 486 -55.38 -11.77 -14.12
N TRP C 487 -55.90 -10.56 -14.04
CA TRP C 487 -57.22 -10.23 -14.60
C TRP C 487 -57.23 -9.89 -16.09
N TYR C 488 -58.37 -10.19 -16.71
CA TYR C 488 -58.57 -9.92 -18.12
C TYR C 488 -60.04 -9.55 -18.29
N GLN C 489 -60.37 -9.03 -19.47
CA GLN C 489 -61.76 -8.68 -19.76
C GLN C 489 -62.01 -9.01 -21.22
N MET C 490 -63.23 -9.41 -21.54
CA MET C 490 -63.56 -9.74 -22.92
C MET C 490 -64.86 -9.08 -23.34
N ILE C 491 -64.83 -8.40 -24.47
CA ILE C 491 -66.02 -7.77 -25.01
C ILE C 491 -66.57 -8.89 -25.91
N LEU C 492 -67.65 -9.51 -25.47
CA LEU C 492 -68.25 -10.63 -26.18
C LEU C 492 -69.40 -10.27 -27.12
N PRO C 493 -69.40 -10.88 -28.32
CA PRO C 493 -70.43 -10.65 -29.34
C PRO C 493 -71.80 -11.03 -28.80
N PRO C 494 -72.86 -10.42 -29.34
CA PRO C 494 -74.22 -10.74 -28.88
C PRO C 494 -74.53 -12.22 -29.07
N HIS C 495 -75.36 -12.78 -28.19
CA HIS C 495 -75.73 -14.19 -28.28
C HIS C 495 -74.48 -15.05 -28.31
N PHE C 496 -73.51 -14.71 -27.47
CA PHE C 496 -72.26 -15.44 -27.40
C PHE C 496 -72.47 -16.94 -27.19
N ASP C 497 -71.88 -17.75 -28.06
CA ASP C 497 -71.98 -19.21 -27.99
C ASP C 497 -70.59 -19.81 -27.76
N LYS C 498 -70.28 -20.16 -26.52
CA LYS C 498 -68.97 -20.72 -26.18
C LYS C 498 -68.63 -22.04 -26.89
N SER C 499 -69.57 -22.60 -27.64
CA SER C 499 -69.30 -23.84 -28.37
C SER C 499 -68.71 -23.47 -29.72
N LYS C 500 -69.03 -22.26 -30.16
CA LYS C 500 -68.58 -21.72 -31.44
C LYS C 500 -67.13 -21.19 -31.28
N LYS C 501 -66.46 -20.93 -32.39
CA LYS C 501 -65.10 -20.41 -32.34
C LYS C 501 -65.03 -19.03 -32.95
N TYR C 502 -64.67 -18.04 -32.12
CA TYR C 502 -64.57 -16.66 -32.58
C TYR C 502 -63.15 -16.17 -32.82
N PRO C 503 -62.99 -15.25 -33.78
CA PRO C 503 -61.65 -14.73 -34.03
C PRO C 503 -61.43 -13.81 -32.83
N LEU C 504 -60.19 -13.63 -32.39
CA LEU C 504 -59.98 -12.78 -31.23
C LEU C 504 -59.01 -11.64 -31.46
N LEU C 505 -59.38 -10.47 -30.96
CA LEU C 505 -58.55 -9.29 -31.08
C LEU C 505 -58.04 -8.91 -29.69
N LEU C 506 -56.72 -8.96 -29.51
CA LEU C 506 -56.14 -8.61 -28.23
C LEU C 506 -55.87 -7.10 -28.23
N ASP C 507 -56.65 -6.38 -27.41
CA ASP C 507 -56.52 -4.93 -27.26
C ASP C 507 -55.52 -4.76 -26.12
N VAL C 508 -54.33 -4.26 -26.45
CA VAL C 508 -53.30 -4.12 -25.43
C VAL C 508 -52.70 -2.72 -25.23
N TYR C 509 -52.25 -2.49 -24.00
CA TYR C 509 -51.56 -1.27 -23.62
C TYR C 509 -50.34 -1.80 -22.85
N ALA C 510 -50.60 -2.30 -21.64
CA ALA C 510 -49.58 -2.91 -20.77
C ALA C 510 -48.41 -2.08 -20.27
N GLY C 511 -48.57 -0.76 -20.20
CA GLY C 511 -47.49 0.05 -19.70
C GLY C 511 -47.39 -0.09 -18.20
N PRO C 512 -46.27 0.29 -17.58
CA PRO C 512 -46.13 0.17 -16.13
C PRO C 512 -47.28 0.84 -15.38
N CYS C 513 -47.90 0.08 -14.48
CA CYS C 513 -49.02 0.54 -13.64
C CYS C 513 -50.29 0.81 -14.46
N SER C 514 -50.45 0.10 -15.56
CA SER C 514 -51.64 0.27 -16.39
C SER C 514 -52.68 -0.74 -15.94
N GLN C 515 -53.93 -0.53 -16.38
CA GLN C 515 -55.03 -1.44 -16.06
C GLN C 515 -55.99 -1.41 -17.24
N LYS C 516 -56.09 -2.53 -17.95
CA LYS C 516 -56.97 -2.65 -19.11
C LYS C 516 -58.15 -3.56 -18.82
N ALA C 517 -58.19 -4.11 -17.61
CA ALA C 517 -59.28 -4.99 -17.22
C ALA C 517 -59.97 -4.34 -16.03
N ASP C 518 -61.13 -3.73 -16.29
CA ASP C 518 -61.87 -3.07 -15.22
C ASP C 518 -63.37 -3.25 -15.36
N THR C 519 -64.13 -2.54 -14.53
CA THR C 519 -65.58 -2.63 -14.55
C THR C 519 -66.24 -1.41 -15.20
N VAL C 520 -65.47 -0.63 -15.96
CA VAL C 520 -66.00 0.57 -16.59
C VAL C 520 -66.84 0.29 -17.83
N PHE C 521 -67.93 1.01 -17.97
CA PHE C 521 -68.82 0.87 -19.13
C PHE C 521 -68.23 1.68 -20.28
N ARG C 522 -68.12 1.06 -21.45
CA ARG C 522 -67.55 1.76 -22.61
C ARG C 522 -68.27 1.48 -23.93
N LEU C 523 -68.35 2.52 -24.74
CA LEU C 523 -68.94 2.47 -26.07
C LEU C 523 -67.81 2.90 -26.99
N ASN C 524 -67.08 1.94 -27.53
CA ASN C 524 -65.96 2.25 -28.40
C ASN C 524 -65.85 1.33 -29.62
N TRP C 525 -64.66 1.29 -30.20
CA TRP C 525 -64.39 0.47 -31.39
C TRP C 525 -64.62 -1.01 -31.10
N ALA C 526 -64.21 -1.46 -29.92
CA ALA C 526 -64.38 -2.85 -29.50
C ALA C 526 -65.86 -3.21 -29.52
N THR C 527 -66.70 -2.30 -29.03
CA THR C 527 -68.14 -2.51 -29.01
C THR C 527 -68.62 -2.87 -30.41
N TYR C 528 -68.17 -2.09 -31.40
CA TYR C 528 -68.54 -2.33 -32.78
C TYR C 528 -68.01 -3.67 -33.30
N LEU C 529 -66.74 -3.96 -33.03
CA LEU C 529 -66.14 -5.20 -33.49
C LEU C 529 -66.87 -6.43 -32.97
N ALA C 530 -67.27 -6.38 -31.70
CA ALA C 530 -67.97 -7.50 -31.08
C ALA C 530 -69.44 -7.58 -31.53
N SER C 531 -70.12 -6.44 -31.47
CA SER C 531 -71.53 -6.34 -31.84
C SER C 531 -71.83 -6.61 -33.31
N THR C 532 -71.06 -5.98 -34.20
CA THR C 532 -71.27 -6.13 -35.63
C THR C 532 -70.43 -7.21 -36.29
N GLU C 533 -69.13 -7.21 -36.04
CA GLU C 533 -68.23 -8.17 -36.65
C GLU C 533 -68.09 -9.49 -35.89
N ASN C 534 -68.74 -9.61 -34.75
CA ASN C 534 -68.67 -10.83 -33.96
C ASN C 534 -67.24 -11.26 -33.65
N ILE C 535 -66.44 -10.28 -33.24
CA ILE C 535 -65.06 -10.52 -32.86
C ILE C 535 -64.97 -10.38 -31.34
N ILE C 536 -64.19 -11.24 -30.71
CA ILE C 536 -63.99 -11.14 -29.28
C ILE C 536 -62.80 -10.21 -29.08
N VAL C 537 -62.99 -9.17 -28.30
CA VAL C 537 -61.94 -8.20 -28.01
C VAL C 537 -61.54 -8.36 -26.56
N ALA C 538 -60.33 -8.87 -26.33
CA ALA C 538 -59.85 -9.09 -24.97
C ALA C 538 -58.67 -8.21 -24.58
N SER C 539 -58.54 -8.01 -23.27
CA SER C 539 -57.44 -7.23 -22.72
C SER C 539 -56.96 -8.01 -21.50
N PHE C 540 -55.66 -7.93 -21.22
CA PHE C 540 -55.07 -8.67 -20.12
C PHE C 540 -54.09 -7.81 -19.33
N ASP C 541 -54.19 -7.85 -18.00
CA ASP C 541 -53.28 -7.09 -17.14
C ASP C 541 -52.24 -8.04 -16.54
N GLY C 542 -51.07 -8.10 -17.16
CA GLY C 542 -50.02 -8.97 -16.67
C GLY C 542 -48.95 -8.30 -15.83
N ARG C 543 -47.75 -8.87 -15.84
CA ARG C 543 -46.63 -8.32 -15.10
C ARG C 543 -46.47 -6.86 -15.45
N GLY C 544 -46.29 -6.01 -14.45
CA GLY C 544 -46.13 -4.60 -14.71
C GLY C 544 -47.42 -3.84 -14.44
N SER C 545 -48.55 -4.55 -14.40
CA SER C 545 -49.85 -3.94 -14.13
C SER C 545 -49.87 -3.27 -12.76
N GLY C 546 -50.75 -2.28 -12.60
CA GLY C 546 -50.83 -1.57 -11.33
C GLY C 546 -52.05 -1.89 -10.49
N TYR C 547 -52.12 -1.28 -9.31
CA TYR C 547 -53.24 -1.45 -8.39
C TYR C 547 -53.33 -2.86 -7.80
N GLN C 548 -52.24 -3.61 -7.90
CA GLN C 548 -52.20 -4.98 -7.42
C GLN C 548 -50.97 -5.25 -6.55
N GLY C 549 -50.25 -4.19 -6.19
CA GLY C 549 -49.06 -4.37 -5.38
C GLY C 549 -47.81 -4.31 -6.22
N ASP C 550 -46.69 -4.00 -5.58
CA ASP C 550 -45.40 -3.88 -6.27
C ASP C 550 -44.82 -5.17 -6.82
N LYS C 551 -45.16 -6.31 -6.24
CA LYS C 551 -44.60 -7.55 -6.76
C LYS C 551 -44.95 -7.68 -8.24
N ILE C 552 -46.18 -7.30 -8.59
CA ILE C 552 -46.62 -7.36 -9.97
C ILE C 552 -46.16 -6.15 -10.77
N MET C 553 -46.36 -4.96 -10.22
CA MET C 553 -45.99 -3.73 -10.93
C MET C 553 -44.49 -3.55 -11.17
N HIS C 554 -43.67 -3.86 -10.18
CA HIS C 554 -42.22 -3.69 -10.32
C HIS C 554 -41.55 -4.88 -10.97
N ALA C 555 -42.33 -5.83 -11.44
CA ALA C 555 -41.78 -7.02 -12.09
C ALA C 555 -40.97 -6.66 -13.35
N ILE C 556 -41.32 -5.55 -14.00
CA ILE C 556 -40.62 -5.14 -15.21
C ILE C 556 -39.60 -4.05 -14.97
N ASN C 557 -39.32 -3.75 -13.71
CA ASN C 557 -38.35 -2.72 -13.34
C ASN C 557 -37.05 -2.92 -14.14
N ARG C 558 -36.57 -1.87 -14.78
CA ARG C 558 -35.34 -1.92 -15.58
C ARG C 558 -35.45 -2.98 -16.68
N ARG C 559 -36.64 -3.54 -16.86
CA ARG C 559 -36.81 -4.58 -17.85
C ARG C 559 -38.02 -4.42 -18.77
N LEU C 560 -38.22 -3.23 -19.30
CA LEU C 560 -39.34 -2.99 -20.20
C LEU C 560 -39.16 -3.82 -21.48
N GLY C 561 -40.29 -4.26 -22.04
CA GLY C 561 -40.24 -5.05 -23.24
C GLY C 561 -39.93 -6.51 -22.98
N THR C 562 -40.21 -6.98 -21.77
CA THR C 562 -39.95 -8.38 -21.45
C THR C 562 -41.20 -9.08 -20.94
N PHE C 563 -41.40 -9.10 -19.64
CA PHE C 563 -42.55 -9.77 -19.06
C PHE C 563 -43.92 -9.24 -19.50
N GLU C 564 -44.10 -7.92 -19.56
CA GLU C 564 -45.40 -7.42 -19.95
C GLU C 564 -45.78 -7.85 -21.37
N VAL C 565 -44.80 -8.07 -22.23
CA VAL C 565 -45.10 -8.52 -23.59
C VAL C 565 -45.27 -10.04 -23.63
N GLU C 566 -44.44 -10.75 -22.87
CA GLU C 566 -44.53 -12.21 -22.77
C GLU C 566 -45.89 -12.61 -22.21
N ASP C 567 -46.36 -11.87 -21.21
CA ASP C 567 -47.64 -12.18 -20.59
C ASP C 567 -48.80 -11.93 -21.56
N GLN C 568 -48.61 -11.01 -22.48
CA GLN C 568 -49.65 -10.69 -23.45
C GLN C 568 -49.78 -11.89 -24.40
N ILE C 569 -48.65 -12.53 -24.69
CA ILE C 569 -48.64 -13.69 -25.57
C ILE C 569 -49.28 -14.89 -24.86
N GLU C 570 -48.92 -15.07 -23.59
CA GLU C 570 -49.45 -16.17 -22.79
C GLU C 570 -50.95 -16.01 -22.59
N ALA C 571 -51.41 -14.77 -22.49
CA ALA C 571 -52.83 -14.50 -22.30
C ALA C 571 -53.62 -15.06 -23.47
N ALA C 572 -53.18 -14.73 -24.69
CA ALA C 572 -53.82 -15.21 -25.90
C ALA C 572 -53.83 -16.75 -25.90
N ARG C 573 -52.76 -17.34 -25.40
CA ARG C 573 -52.63 -18.79 -25.32
C ARG C 573 -53.69 -19.35 -24.40
N GLN C 574 -53.92 -18.65 -23.29
CA GLN C 574 -54.90 -19.06 -22.30
C GLN C 574 -56.30 -18.88 -22.86
N PHE C 575 -56.51 -17.81 -23.62
CA PHE C 575 -57.83 -17.56 -24.19
C PHE C 575 -58.20 -18.59 -25.24
N SER C 576 -57.25 -18.90 -26.13
CA SER C 576 -57.51 -19.86 -27.19
C SER C 576 -57.84 -21.22 -26.59
N LYS C 577 -57.06 -21.63 -25.59
CA LYS C 577 -57.30 -22.91 -24.96
C LYS C 577 -58.54 -22.88 -24.06
N MET C 578 -59.30 -21.79 -24.12
CA MET C 578 -60.53 -21.69 -23.34
C MET C 578 -61.64 -22.34 -24.16
N GLY C 579 -61.35 -22.61 -25.43
CA GLY C 579 -62.32 -23.28 -26.29
C GLY C 579 -63.10 -22.52 -27.35
N PHE C 580 -63.49 -21.28 -27.06
CA PHE C 580 -64.28 -20.50 -28.00
C PHE C 580 -63.46 -19.57 -28.90
N VAL C 581 -62.19 -19.90 -29.11
CA VAL C 581 -61.33 -19.06 -29.92
C VAL C 581 -60.75 -19.75 -31.15
N ASP C 582 -60.94 -19.12 -32.31
CA ASP C 582 -60.40 -19.65 -33.54
C ASP C 582 -58.92 -19.23 -33.56
N ASN C 583 -58.04 -20.17 -33.24
CA ASN C 583 -56.61 -19.88 -33.18
C ASN C 583 -55.97 -19.53 -34.53
N LYS C 584 -56.71 -19.64 -35.61
CA LYS C 584 -56.18 -19.27 -36.93
C LYS C 584 -56.44 -17.78 -37.13
N ARG C 585 -57.24 -17.20 -36.25
CA ARG C 585 -57.58 -15.80 -36.32
C ARG C 585 -57.45 -15.03 -35.00
N ILE C 586 -56.21 -14.85 -34.57
CA ILE C 586 -55.93 -14.13 -33.35
C ILE C 586 -55.10 -12.91 -33.73
N ALA C 587 -55.62 -11.73 -33.42
CA ALA C 587 -54.93 -10.48 -33.73
C ALA C 587 -54.61 -9.74 -32.45
N ILE C 588 -53.77 -8.73 -32.59
CA ILE C 588 -53.37 -7.91 -31.47
C ILE C 588 -53.17 -6.48 -31.96
N TRP C 589 -53.58 -5.50 -31.16
CA TRP C 589 -53.40 -4.12 -31.54
C TRP C 589 -53.24 -3.23 -30.33
N GLY C 590 -52.51 -2.14 -30.50
CA GLY C 590 -52.28 -1.22 -29.41
C GLY C 590 -51.87 0.14 -29.92
N TRP C 591 -52.00 1.13 -29.03
CA TRP C 591 -51.67 2.52 -29.34
C TRP C 591 -50.67 2.96 -28.27
N SER C 592 -49.71 3.78 -28.65
CA SER C 592 -48.73 4.29 -27.69
C SER C 592 -47.89 3.15 -27.11
N TYR C 593 -47.92 2.97 -25.79
CA TYR C 593 -47.15 1.88 -25.19
C TYR C 593 -47.71 0.56 -25.75
N GLY C 594 -49.01 0.54 -26.01
CA GLY C 594 -49.63 -0.64 -26.56
C GLY C 594 -49.13 -0.89 -27.98
N GLY C 595 -48.66 0.18 -28.62
CA GLY C 595 -48.13 0.04 -29.97
C GLY C 595 -46.78 -0.66 -29.90
N TYR C 596 -46.02 -0.33 -28.86
CA TYR C 596 -44.71 -0.93 -28.65
C TYR C 596 -44.86 -2.42 -28.34
N VAL C 597 -45.71 -2.75 -27.37
CA VAL C 597 -45.92 -4.13 -26.97
C VAL C 597 -46.46 -4.96 -28.14
N THR C 598 -47.45 -4.42 -28.85
CA THR C 598 -48.03 -5.09 -30.01
C THR C 598 -46.93 -5.44 -31.01
N SER C 599 -46.04 -4.49 -31.26
CA SER C 599 -44.95 -4.70 -32.20
C SER C 599 -43.96 -5.73 -31.67
N MET C 600 -43.64 -5.64 -30.38
CA MET C 600 -42.70 -6.60 -29.76
C MET C 600 -43.30 -8.01 -29.85
N VAL C 601 -44.61 -8.12 -29.61
CA VAL C 601 -45.28 -9.41 -29.69
C VAL C 601 -45.21 -9.95 -31.12
N LEU C 602 -45.59 -9.12 -32.08
CA LEU C 602 -45.57 -9.51 -33.48
C LEU C 602 -44.17 -9.91 -33.95
N GLY C 603 -43.15 -9.34 -33.33
CA GLY C 603 -41.79 -9.67 -33.71
C GLY C 603 -41.15 -10.72 -32.81
N SER C 604 -41.97 -11.38 -31.99
CA SER C 604 -41.46 -12.38 -31.06
C SER C 604 -41.31 -13.74 -31.71
N GLY C 605 -42.03 -13.97 -32.81
CA GLY C 605 -41.98 -15.25 -33.50
C GLY C 605 -42.75 -16.34 -32.77
N SER C 606 -43.70 -15.93 -31.92
CA SER C 606 -44.49 -16.88 -31.14
C SER C 606 -45.43 -17.72 -32.00
N GLY C 607 -45.74 -17.23 -33.19
CA GLY C 607 -46.64 -17.96 -34.08
C GLY C 607 -48.10 -17.93 -33.62
N VAL C 608 -48.36 -17.25 -32.51
CA VAL C 608 -49.70 -17.14 -31.95
C VAL C 608 -50.61 -16.16 -32.68
N PHE C 609 -50.04 -15.06 -33.16
CA PHE C 609 -50.82 -14.02 -33.83
C PHE C 609 -50.68 -13.96 -35.35
N LYS C 610 -51.81 -13.83 -36.03
CA LYS C 610 -51.83 -13.75 -37.48
C LYS C 610 -51.50 -12.35 -37.99
N CYS C 611 -52.07 -11.34 -37.34
CA CYS C 611 -51.85 -9.96 -37.74
C CYS C 611 -51.87 -9.02 -36.55
N GLY C 612 -51.52 -7.76 -36.78
CA GLY C 612 -51.51 -6.80 -35.69
C GLY C 612 -51.36 -5.38 -36.16
N ILE C 613 -51.83 -4.45 -35.33
CA ILE C 613 -51.76 -3.04 -35.66
C ILE C 613 -51.10 -2.25 -34.53
N ALA C 614 -50.11 -1.44 -34.90
CA ALA C 614 -49.41 -0.62 -33.93
C ALA C 614 -49.62 0.84 -34.30
N VAL C 615 -50.17 1.61 -33.38
CA VAL C 615 -50.41 3.03 -33.62
C VAL C 615 -49.50 3.88 -32.72
N ALA C 616 -48.73 4.77 -33.35
CA ALA C 616 -47.80 5.65 -32.66
C ALA C 616 -47.00 4.91 -31.59
N PRO C 617 -46.35 3.81 -31.99
CA PRO C 617 -45.55 3.01 -31.06
C PRO C 617 -44.16 3.52 -30.75
N VAL C 618 -43.68 3.19 -29.56
CA VAL C 618 -42.32 3.50 -29.19
C VAL C 618 -41.59 2.33 -29.85
N SER C 619 -40.42 2.57 -30.44
CA SER C 619 -39.66 1.49 -31.08
C SER C 619 -38.34 1.20 -30.36
N ARG C 620 -37.83 2.19 -29.64
CA ARG C 620 -36.61 2.02 -28.85
C ARG C 620 -36.64 3.11 -27.80
N TRP C 621 -36.39 2.72 -26.55
CA TRP C 621 -36.46 3.62 -25.43
C TRP C 621 -35.57 4.86 -25.42
N GLU C 622 -34.45 4.81 -26.13
CA GLU C 622 -33.57 5.98 -26.19
C GLU C 622 -34.23 7.10 -27.01
N TYR C 623 -35.34 6.79 -27.67
CA TYR C 623 -36.04 7.81 -28.46
C TYR C 623 -37.10 8.53 -27.66
N TYR C 624 -37.56 7.92 -26.57
CA TYR C 624 -38.61 8.53 -25.76
C TYR C 624 -38.00 9.44 -24.68
N ASP C 625 -38.83 10.26 -24.05
CA ASP C 625 -38.32 11.20 -23.04
C ASP C 625 -37.71 10.57 -21.79
N SER C 626 -36.79 11.30 -21.19
CA SER C 626 -36.05 10.87 -19.99
C SER C 626 -36.86 10.56 -18.73
N VAL C 627 -37.71 11.49 -18.32
CA VAL C 627 -38.48 11.30 -17.08
C VAL C 627 -39.32 10.02 -17.04
N TYR C 628 -39.99 9.69 -18.13
CA TYR C 628 -40.80 8.48 -18.18
C TYR C 628 -39.95 7.24 -18.38
N THR C 629 -39.13 7.26 -19.42
CA THR C 629 -38.28 6.13 -19.74
C THR C 629 -37.32 5.72 -18.62
N GLU C 630 -36.55 6.68 -18.11
CA GLU C 630 -35.57 6.40 -17.06
C GLU C 630 -36.19 5.90 -15.78
N ARG C 631 -37.42 6.31 -15.52
CA ARG C 631 -38.12 5.89 -14.33
C ARG C 631 -38.19 4.36 -14.25
N TYR C 632 -38.31 3.71 -15.40
CA TYR C 632 -38.42 2.26 -15.46
C TYR C 632 -37.17 1.60 -16.04
N MET C 633 -36.36 2.36 -16.76
CA MET C 633 -35.19 1.78 -17.40
C MET C 633 -33.82 2.25 -16.91
N GLY C 634 -33.78 3.21 -16.00
CA GLY C 634 -32.50 3.70 -15.56
C GLY C 634 -31.87 4.49 -16.69
N LEU C 635 -30.55 4.64 -16.66
CA LEU C 635 -29.84 5.40 -17.69
C LEU C 635 -29.24 4.53 -18.80
N PRO C 636 -29.33 5.00 -20.05
CA PRO C 636 -28.80 4.27 -21.19
C PRO C 636 -27.28 4.41 -21.31
N THR C 637 -26.57 4.01 -20.26
CA THR C 637 -25.11 4.07 -20.24
C THR C 637 -24.59 2.68 -19.93
N PRO C 638 -23.40 2.34 -20.45
CA PRO C 638 -22.84 1.02 -20.19
C PRO C 638 -22.73 0.70 -18.71
N GLU C 639 -22.57 1.73 -17.89
CA GLU C 639 -22.46 1.54 -16.45
C GLU C 639 -23.82 1.25 -15.81
N ASP C 640 -24.90 1.59 -16.51
CA ASP C 640 -26.23 1.38 -15.95
C ASP C 640 -27.07 0.31 -16.64
N ASN C 641 -27.89 0.71 -17.59
CA ASN C 641 -28.78 -0.24 -18.26
C ASN C 641 -28.74 -0.20 -19.79
N LEU C 642 -27.65 0.30 -20.36
CA LEU C 642 -27.54 0.40 -21.81
C LEU C 642 -27.82 -0.91 -22.56
N ASP C 643 -27.27 -2.01 -22.06
CA ASP C 643 -27.46 -3.29 -22.73
C ASP C 643 -28.92 -3.64 -22.94
N HIS C 644 -29.75 -3.46 -21.92
CA HIS C 644 -31.16 -3.78 -22.09
C HIS C 644 -31.87 -2.74 -22.98
N TYR C 645 -31.38 -1.51 -22.96
CA TYR C 645 -31.95 -0.47 -23.80
C TYR C 645 -31.83 -0.94 -25.25
N ARG C 646 -30.66 -1.49 -25.58
CA ARG C 646 -30.36 -1.97 -26.92
C ARG C 646 -31.05 -3.29 -27.24
N ASN C 647 -31.34 -4.07 -26.20
CA ASN C 647 -31.99 -5.36 -26.37
C ASN C 647 -33.52 -5.30 -26.52
N SER C 648 -34.12 -4.21 -26.06
CA SER C 648 -35.57 -4.07 -26.12
C SER C 648 -36.16 -3.22 -27.27
N THR C 649 -35.46 -3.16 -28.39
CA THR C 649 -35.98 -2.38 -29.52
C THR C 649 -36.84 -3.24 -30.44
N VAL C 650 -37.78 -2.59 -31.12
CA VAL C 650 -38.63 -3.30 -32.07
C VAL C 650 -37.85 -3.73 -33.30
N MET C 651 -36.97 -2.85 -33.79
CA MET C 651 -36.18 -3.12 -35.00
C MET C 651 -35.31 -4.35 -34.95
N SER C 652 -34.82 -4.72 -33.76
CA SER C 652 -33.97 -5.90 -33.63
C SER C 652 -34.77 -7.18 -33.94
N ARG C 653 -36.09 -7.05 -33.94
CA ARG C 653 -36.98 -8.19 -34.21
C ARG C 653 -37.57 -8.15 -35.61
N ALA C 654 -37.08 -7.25 -36.45
CA ALA C 654 -37.58 -7.10 -37.82
C ALA C 654 -37.77 -8.41 -38.57
N GLU C 655 -36.75 -9.26 -38.51
CA GLU C 655 -36.78 -10.55 -39.21
C GLU C 655 -38.04 -11.37 -38.94
N ASN C 656 -38.47 -11.40 -37.68
CA ASN C 656 -39.65 -12.17 -37.29
C ASN C 656 -40.96 -11.67 -37.88
N PHE C 657 -40.99 -10.43 -38.39
CA PHE C 657 -42.23 -9.90 -38.94
C PHE C 657 -42.66 -10.58 -40.23
N LYS C 658 -41.76 -11.39 -40.79
CA LYS C 658 -42.06 -12.13 -42.02
C LYS C 658 -43.22 -13.09 -41.75
N GLN C 659 -43.41 -13.46 -40.50
CA GLN C 659 -44.45 -14.40 -40.13
C GLN C 659 -45.82 -13.80 -39.82
N VAL C 660 -45.95 -12.48 -39.90
CA VAL C 660 -47.24 -11.86 -39.59
C VAL C 660 -47.64 -10.74 -40.54
N GLU C 661 -48.89 -10.29 -40.41
CA GLU C 661 -49.42 -9.19 -41.21
C GLU C 661 -49.41 -7.99 -40.25
N TYR C 662 -48.58 -6.99 -40.59
CA TYR C 662 -48.40 -5.82 -39.75
C TYR C 662 -48.87 -4.51 -40.38
N LEU C 663 -49.56 -3.70 -39.58
CA LEU C 663 -50.05 -2.40 -40.01
C LEU C 663 -49.43 -1.38 -39.06
N LEU C 664 -48.59 -0.50 -39.58
CA LEU C 664 -47.90 0.54 -38.79
C LEU C 664 -48.53 1.90 -39.08
N ILE C 665 -48.99 2.57 -38.03
CA ILE C 665 -49.63 3.89 -38.19
C ILE C 665 -49.03 4.95 -37.28
N HIS C 666 -48.85 6.16 -37.79
CA HIS C 666 -48.25 7.22 -37.00
C HIS C 666 -48.59 8.63 -37.52
N GLY C 667 -48.84 9.54 -36.58
CA GLY C 667 -49.12 10.92 -36.96
C GLY C 667 -47.79 11.62 -37.19
N THR C 668 -47.68 12.42 -38.24
CA THR C 668 -46.41 13.10 -38.55
C THR C 668 -46.04 14.22 -37.59
N ALA C 669 -47.03 14.79 -36.92
CA ALA C 669 -46.76 15.87 -35.97
C ALA C 669 -46.79 15.39 -34.52
N ASP C 670 -46.47 14.12 -34.30
CA ASP C 670 -46.46 13.57 -32.95
C ASP C 670 -45.29 14.16 -32.17
N ASP C 671 -45.59 14.99 -31.18
CA ASP C 671 -44.58 15.63 -30.35
C ASP C 671 -44.17 14.73 -29.19
N ASN C 672 -45.03 13.75 -28.89
CA ASN C 672 -44.81 12.82 -27.78
C ASN C 672 -43.94 11.66 -28.24
N VAL C 673 -44.54 10.71 -28.96
CA VAL C 673 -43.80 9.59 -29.53
C VAL C 673 -43.51 10.05 -30.96
N HIS C 674 -42.31 10.57 -31.18
CA HIS C 674 -41.92 11.12 -32.46
C HIS C 674 -42.03 10.16 -33.64
N PHE C 675 -42.43 10.71 -34.80
CA PHE C 675 -42.61 9.92 -36.00
C PHE C 675 -41.36 9.09 -36.23
N GLN C 676 -40.22 9.66 -35.84
CA GLN C 676 -38.92 9.00 -35.95
C GLN C 676 -39.00 7.53 -35.52
N GLN C 677 -39.71 7.25 -34.43
CA GLN C 677 -39.82 5.88 -33.94
C GLN C 677 -40.37 4.91 -34.97
N SER C 678 -41.44 5.30 -35.67
CA SER C 678 -42.02 4.45 -36.71
C SER C 678 -41.14 4.46 -37.95
N ALA C 679 -40.52 5.62 -38.21
CA ALA C 679 -39.64 5.76 -39.37
C ALA C 679 -38.50 4.76 -39.24
N GLN C 680 -38.06 4.48 -38.01
CA GLN C 680 -36.98 3.52 -37.82
C GLN C 680 -37.50 2.08 -37.91
N ILE C 681 -38.75 1.85 -37.51
CA ILE C 681 -39.32 0.51 -37.60
C ILE C 681 -39.44 0.11 -39.06
N SER C 682 -40.09 0.97 -39.86
CA SER C 682 -40.28 0.68 -41.27
C SER C 682 -38.95 0.47 -41.96
N LYS C 683 -37.98 1.33 -41.67
CA LYS C 683 -36.66 1.21 -42.29
C LYS C 683 -36.03 -0.15 -41.99
N ALA C 684 -36.16 -0.60 -40.74
CA ALA C 684 -35.62 -1.89 -40.33
C ALA C 684 -36.32 -3.04 -41.06
N LEU C 685 -37.63 -2.90 -41.27
CA LEU C 685 -38.40 -3.93 -41.95
C LEU C 685 -38.02 -3.95 -43.43
N VAL C 686 -37.78 -2.76 -43.98
CA VAL C 686 -37.39 -2.65 -45.38
C VAL C 686 -36.02 -3.27 -45.58
N ASP C 687 -35.10 -3.00 -44.66
CA ASP C 687 -33.75 -3.53 -44.76
C ASP C 687 -33.69 -5.04 -44.69
N VAL C 688 -34.69 -5.64 -44.05
CA VAL C 688 -34.72 -7.09 -43.91
C VAL C 688 -35.62 -7.76 -44.95
N GLY C 689 -36.25 -6.94 -45.79
CA GLY C 689 -37.12 -7.45 -46.83
C GLY C 689 -38.47 -7.94 -46.35
N VAL C 690 -39.05 -7.27 -45.37
CA VAL C 690 -40.35 -7.66 -44.85
C VAL C 690 -41.44 -6.73 -45.34
N ASP C 691 -42.48 -7.30 -45.92
CA ASP C 691 -43.58 -6.50 -46.42
C ASP C 691 -44.55 -6.25 -45.27
N PHE C 692 -45.11 -5.05 -45.24
CA PHE C 692 -46.05 -4.68 -44.20
C PHE C 692 -46.94 -3.56 -44.74
N GLN C 693 -47.89 -3.12 -43.93
CA GLN C 693 -48.83 -2.07 -44.31
C GLN C 693 -48.51 -0.83 -43.46
N ALA C 694 -48.72 0.34 -44.04
CA ALA C 694 -48.43 1.57 -43.31
C ALA C 694 -49.45 2.66 -43.59
N MET C 695 -49.45 3.67 -42.72
CA MET C 695 -50.34 4.81 -42.86
C MET C 695 -49.88 5.95 -41.97
N TRP C 696 -49.53 7.07 -42.59
CA TRP C 696 -49.11 8.24 -41.84
C TRP C 696 -50.32 9.16 -41.81
N TYR C 697 -50.38 10.03 -40.81
CA TYR C 697 -51.47 11.00 -40.72
C TYR C 697 -50.80 12.35 -40.59
N THR C 698 -50.78 13.10 -41.69
CA THR C 698 -50.11 14.38 -41.67
C THR C 698 -50.73 15.38 -40.71
N ASP C 699 -49.85 16.02 -39.94
CA ASP C 699 -50.19 17.03 -38.95
C ASP C 699 -50.97 16.54 -37.73
N GLU C 700 -51.12 15.22 -37.60
CA GLU C 700 -51.82 14.66 -36.43
C GLU C 700 -50.79 14.34 -35.37
N ASP C 701 -51.12 14.56 -34.10
CA ASP C 701 -50.15 14.26 -33.06
C ASP C 701 -50.41 12.88 -32.44
N HIS C 702 -49.95 12.68 -31.21
CA HIS C 702 -50.10 11.38 -30.58
C HIS C 702 -51.54 10.88 -30.42
N GLY C 703 -52.49 11.80 -30.38
CA GLY C 703 -53.87 11.40 -30.23
C GLY C 703 -54.61 11.12 -31.53
N ILE C 704 -54.08 11.60 -32.65
CA ILE C 704 -54.72 11.42 -33.95
C ILE C 704 -56.21 11.58 -33.67
N ALA C 705 -56.55 12.70 -33.05
CA ALA C 705 -57.92 12.96 -32.63
C ALA C 705 -58.75 14.00 -33.35
N SER C 706 -58.26 14.53 -34.48
CA SER C 706 -59.09 15.50 -35.19
C SER C 706 -60.30 14.69 -35.65
N SER C 707 -61.44 15.34 -35.81
CA SER C 707 -62.65 14.64 -36.24
C SER C 707 -62.44 13.75 -37.44
N THR C 708 -61.87 14.31 -38.50
CA THR C 708 -61.63 13.54 -39.71
C THR C 708 -60.56 12.45 -39.56
N ALA C 709 -59.43 12.76 -38.93
CA ALA C 709 -58.39 11.75 -38.77
C ALA C 709 -58.86 10.58 -37.92
N HIS C 710 -59.64 10.90 -36.89
CA HIS C 710 -60.18 9.88 -35.98
C HIS C 710 -61.03 8.87 -36.74
N GLN C 711 -61.96 9.37 -37.55
CA GLN C 711 -62.84 8.50 -38.32
C GLN C 711 -62.06 7.72 -39.37
N HIS C 712 -61.03 8.33 -39.93
CA HIS C 712 -60.23 7.68 -40.96
C HIS C 712 -59.39 6.51 -40.45
N ILE C 713 -58.69 6.70 -39.34
CA ILE C 713 -57.86 5.63 -38.81
C ILE C 713 -58.68 4.41 -38.38
N TYR C 714 -59.81 4.64 -37.71
CA TYR C 714 -60.63 3.52 -37.28
C TYR C 714 -61.29 2.81 -38.44
N THR C 715 -61.61 3.55 -39.49
CA THR C 715 -62.20 2.93 -40.67
C THR C 715 -61.11 2.07 -41.32
N HIS C 716 -59.91 2.64 -41.44
CA HIS C 716 -58.79 1.93 -42.05
C HIS C 716 -58.38 0.68 -41.25
N MET C 717 -58.40 0.78 -39.93
CA MET C 717 -58.05 -0.38 -39.09
C MET C 717 -59.13 -1.45 -39.19
N SER C 718 -60.38 -1.02 -39.33
CA SER C 718 -61.49 -1.95 -39.44
C SER C 718 -61.31 -2.82 -40.69
N HIS C 719 -60.93 -2.19 -41.81
CA HIS C 719 -60.71 -2.92 -43.06
C HIS C 719 -59.60 -3.94 -42.91
N PHE C 720 -58.52 -3.51 -42.26
CA PHE C 720 -57.36 -4.39 -42.04
C PHE C 720 -57.76 -5.61 -41.22
N ILE C 721 -58.47 -5.38 -40.12
CA ILE C 721 -58.90 -6.46 -39.24
C ILE C 721 -59.86 -7.42 -39.92
N LYS C 722 -60.89 -6.87 -40.58
CA LYS C 722 -61.87 -7.69 -41.29
C LYS C 722 -61.16 -8.55 -42.33
N GLN C 723 -60.22 -7.93 -43.05
CA GLN C 723 -59.44 -8.63 -44.08
C GLN C 723 -58.64 -9.77 -43.48
N CYS C 724 -57.96 -9.52 -42.37
CA CYS C 724 -57.15 -10.54 -41.73
C CYS C 724 -58.01 -11.66 -41.16
N PHE C 725 -59.23 -11.31 -40.75
CA PHE C 725 -60.15 -12.28 -40.17
C PHE C 725 -61.11 -12.99 -41.12
N SER C 726 -61.68 -12.25 -42.06
CA SER C 726 -62.61 -12.90 -42.97
C SER C 726 -61.78 -13.62 -44.01
N SER D 1 -43.65 -24.45 -71.76
CA SER D 1 -42.21 -24.19 -72.02
C SER D 1 -41.59 -23.36 -70.90
N ARG D 2 -40.40 -23.77 -70.45
CA ARG D 2 -39.64 -23.11 -69.39
C ARG D 2 -40.36 -22.17 -68.42
N LYS D 3 -39.59 -21.38 -67.69
CA LYS D 3 -40.17 -20.47 -66.72
C LYS D 3 -40.37 -19.07 -67.24
N THR D 4 -41.09 -18.27 -66.48
CA THR D 4 -41.37 -16.88 -66.83
C THR D 4 -40.37 -15.93 -66.19
N TYR D 5 -40.40 -14.67 -66.61
CA TYR D 5 -39.51 -13.66 -66.05
C TYR D 5 -40.23 -13.26 -64.76
N THR D 6 -39.62 -13.58 -63.62
CA THR D 6 -40.24 -13.29 -62.33
C THR D 6 -39.80 -11.98 -61.70
N LEU D 7 -40.48 -11.65 -60.60
CA LEU D 7 -40.17 -10.43 -59.86
C LEU D 7 -38.74 -10.50 -59.37
N THR D 8 -38.37 -11.64 -58.78
CA THR D 8 -37.02 -11.85 -58.28
C THR D 8 -35.98 -11.64 -59.38
N ASP D 9 -36.29 -12.12 -60.60
CA ASP D 9 -35.37 -11.95 -61.72
C ASP D 9 -35.11 -10.46 -61.92
N TYR D 10 -36.18 -9.68 -61.85
CA TYR D 10 -36.08 -8.25 -62.00
C TYR D 10 -35.34 -7.60 -60.82
N LEU D 11 -35.77 -7.92 -59.60
CA LEU D 11 -35.17 -7.37 -58.39
C LEU D 11 -33.73 -7.82 -58.14
N LYS D 12 -33.39 -9.02 -58.59
CA LYS D 12 -32.03 -9.53 -58.40
C LYS D 12 -31.19 -9.41 -59.66
N ASN D 13 -31.77 -8.81 -60.70
CA ASN D 13 -31.06 -8.62 -61.95
C ASN D 13 -30.41 -9.92 -62.46
N THR D 14 -31.17 -11.02 -62.45
CA THR D 14 -30.62 -12.29 -62.90
C THR D 14 -30.25 -12.29 -64.39
N TYR D 15 -30.98 -11.52 -65.18
CA TYR D 15 -30.71 -11.43 -66.62
C TYR D 15 -30.06 -10.09 -66.93
N ARG D 16 -28.74 -10.09 -66.88
CA ARG D 16 -27.93 -8.91 -67.12
C ARG D 16 -27.72 -8.48 -68.57
N LEU D 17 -27.73 -7.16 -68.79
CA LEU D 17 -27.51 -6.59 -70.11
C LEU D 17 -26.06 -6.12 -70.16
N LYS D 18 -25.35 -6.54 -71.19
CA LYS D 18 -23.95 -6.13 -71.34
C LYS D 18 -23.84 -4.82 -72.09
N LEU D 19 -22.89 -3.99 -71.67
CA LEU D 19 -22.66 -2.70 -72.30
C LEU D 19 -21.25 -2.70 -72.86
N TYR D 20 -20.88 -1.59 -73.47
CA TYR D 20 -19.53 -1.44 -73.99
C TYR D 20 -19.22 0.04 -73.91
N SER D 21 -18.90 0.49 -72.70
CA SER D 21 -18.60 1.88 -72.44
C SER D 21 -17.13 2.18 -72.63
N LEU D 22 -16.82 2.91 -73.70
CA LEU D 22 -15.44 3.25 -74.00
C LEU D 22 -15.27 4.77 -73.83
N ARG D 23 -14.03 5.22 -73.79
CA ARG D 23 -13.75 6.64 -73.64
C ARG D 23 -12.65 7.03 -74.61
N TRP D 24 -13.02 7.74 -75.67
CA TRP D 24 -12.05 8.17 -76.66
C TRP D 24 -11.01 9.09 -76.03
N ILE D 25 -9.74 8.75 -76.18
CA ILE D 25 -8.67 9.56 -75.62
C ILE D 25 -7.95 10.27 -76.74
N SER D 26 -8.26 9.88 -77.97
CA SER D 26 -7.66 10.48 -79.16
C SER D 26 -8.63 10.27 -80.31
N ASP D 27 -8.14 10.43 -81.52
CA ASP D 27 -8.97 10.24 -82.70
C ASP D 27 -8.69 8.86 -83.29
N HIS D 28 -7.88 8.07 -82.58
CA HIS D 28 -7.51 6.73 -83.04
C HIS D 28 -7.63 5.68 -81.93
N GLU D 29 -7.68 6.14 -80.69
CA GLU D 29 -7.77 5.21 -79.56
C GLU D 29 -8.85 5.55 -78.54
N TYR D 30 -9.24 4.55 -77.76
CA TYR D 30 -10.23 4.72 -76.71
C TYR D 30 -9.87 3.80 -75.58
N LEU D 31 -10.26 4.17 -74.37
CA LEU D 31 -9.97 3.35 -73.20
C LEU D 31 -11.19 2.50 -72.88
N TYR D 32 -10.96 1.24 -72.57
CA TYR D 32 -12.05 0.34 -72.25
C TYR D 32 -11.88 -0.19 -70.84
N LYS D 33 -12.49 0.52 -69.89
CA LYS D 33 -12.42 0.14 -68.50
C LYS D 33 -13.04 -1.22 -68.21
N GLN D 34 -12.20 -2.17 -67.81
CA GLN D 34 -12.69 -3.50 -67.48
C GLN D 34 -12.81 -3.63 -65.96
N GLU D 35 -13.45 -4.71 -65.50
CA GLU D 35 -13.67 -4.94 -64.08
C GLU D 35 -12.43 -4.90 -63.19
N ASN D 36 -11.26 -5.07 -63.79
CA ASN D 36 -10.01 -5.06 -63.04
C ASN D 36 -9.09 -3.93 -63.48
N ASN D 37 -8.71 -3.96 -64.75
CA ASN D 37 -7.81 -2.96 -65.31
C ASN D 37 -8.43 -2.20 -66.48
N ILE D 38 -7.65 -1.27 -67.02
CA ILE D 38 -8.12 -0.46 -68.14
C ILE D 38 -7.25 -0.76 -69.35
N LEU D 39 -7.91 -1.07 -70.47
CA LEU D 39 -7.21 -1.37 -71.71
C LEU D 39 -7.35 -0.20 -72.68
N VAL D 40 -6.34 -0.01 -73.51
CA VAL D 40 -6.36 1.03 -74.53
C VAL D 40 -6.50 0.31 -75.86
N PHE D 41 -7.49 0.69 -76.65
CA PHE D 41 -7.74 0.06 -77.93
C PHE D 41 -7.42 0.94 -79.13
N ASN D 42 -6.98 0.31 -80.21
CA ASN D 42 -6.69 1.02 -81.45
C ASN D 42 -7.93 0.80 -82.29
N ALA D 43 -8.72 1.85 -82.48
CA ALA D 43 -9.95 1.76 -83.25
C ALA D 43 -9.79 1.19 -84.65
N GLU D 44 -8.64 1.44 -85.27
CA GLU D 44 -8.40 0.96 -86.63
C GLU D 44 -8.34 -0.56 -86.74
N TYR D 45 -7.46 -1.16 -85.97
CA TYR D 45 -7.26 -2.61 -86.02
C TYR D 45 -7.99 -3.40 -84.94
N GLY D 46 -8.30 -2.75 -83.84
CA GLY D 46 -9.00 -3.44 -82.77
C GLY D 46 -8.07 -4.07 -81.76
N ASN D 47 -6.77 -3.87 -81.97
CA ASN D 47 -5.75 -4.41 -81.08
C ASN D 47 -5.68 -3.52 -79.85
N SER D 48 -5.40 -4.11 -78.71
CA SER D 48 -5.33 -3.34 -77.48
C SER D 48 -4.08 -3.64 -76.66
N SER D 49 -4.01 -3.01 -75.49
CA SER D 49 -2.88 -3.17 -74.57
C SER D 49 -3.36 -2.72 -73.20
N VAL D 50 -2.80 -3.30 -72.14
CA VAL D 50 -3.19 -2.90 -70.79
C VAL D 50 -2.71 -1.48 -70.56
N PHE D 51 -3.63 -0.59 -70.20
CA PHE D 51 -3.25 0.79 -69.97
C PHE D 51 -2.74 0.97 -68.54
N LEU D 52 -3.32 0.23 -67.60
CA LEU D 52 -2.88 0.26 -66.22
C LEU D 52 -3.54 -0.86 -65.43
N GLU D 53 -2.69 -1.74 -64.91
CA GLU D 53 -3.10 -2.91 -64.13
C GLU D 53 -4.07 -2.61 -63.01
N ASN D 54 -4.88 -3.60 -62.68
CA ASN D 54 -5.85 -3.49 -61.60
C ASN D 54 -5.03 -3.39 -60.32
N SER D 55 -3.94 -4.16 -60.31
CA SER D 55 -3.01 -4.24 -59.19
C SER D 55 -2.21 -2.96 -58.94
N THR D 56 -2.25 -2.02 -59.88
CA THR D 56 -1.51 -0.77 -59.75
C THR D 56 -1.86 -0.02 -58.47
N PHE D 57 -2.98 -0.36 -57.85
CA PHE D 57 -3.42 0.32 -56.63
C PHE D 57 -3.96 -0.66 -55.58
N ASP D 58 -3.46 -1.89 -55.60
CA ASP D 58 -3.93 -2.90 -54.65
C ASP D 58 -3.86 -2.43 -53.21
N GLU D 59 -2.85 -1.62 -52.90
CA GLU D 59 -2.71 -1.12 -51.55
C GLU D 59 -2.70 0.41 -51.53
N PHE D 60 -3.67 0.98 -52.23
CA PHE D 60 -3.86 2.42 -52.31
C PHE D 60 -4.47 2.85 -50.97
N GLY D 61 -5.04 1.87 -50.27
CA GLY D 61 -5.65 2.13 -48.97
C GLY D 61 -7.10 2.57 -49.08
N HIS D 62 -7.56 2.82 -50.31
CA HIS D 62 -8.93 3.26 -50.53
C HIS D 62 -9.58 2.62 -51.74
N SER D 63 -10.91 2.52 -51.70
CA SER D 63 -11.67 1.94 -52.80
C SER D 63 -11.91 3.04 -53.83
N ILE D 64 -11.28 2.91 -54.99
CA ILE D 64 -11.41 3.90 -56.05
C ILE D 64 -12.69 3.65 -56.85
N ASN D 65 -13.60 4.61 -56.82
CA ASN D 65 -14.86 4.46 -57.56
C ASN D 65 -14.78 5.00 -58.97
N ASP D 66 -13.70 5.70 -59.30
CA ASP D 66 -13.57 6.23 -60.65
C ASP D 66 -12.17 6.77 -60.96
N TYR D 67 -11.83 6.74 -62.25
CA TYR D 67 -10.54 7.24 -62.73
C TYR D 67 -10.80 8.34 -63.75
N SER D 68 -9.77 9.13 -64.05
CA SER D 68 -9.90 10.21 -65.02
C SER D 68 -8.53 10.59 -65.55
N ILE D 69 -8.25 10.18 -66.78
CA ILE D 69 -6.97 10.46 -67.41
C ILE D 69 -6.93 11.80 -68.13
N SER D 70 -5.91 12.59 -67.81
CA SER D 70 -5.72 13.90 -68.43
C SER D 70 -5.59 13.72 -69.93
N PRO D 71 -6.03 14.73 -70.71
CA PRO D 71 -5.92 14.63 -72.16
C PRO D 71 -4.45 14.53 -72.58
N ASP D 72 -3.57 14.54 -71.58
CA ASP D 72 -2.13 14.45 -71.78
C ASP D 72 -1.70 13.01 -71.94
N GLY D 73 -2.39 12.13 -71.22
CA GLY D 73 -2.06 10.71 -71.24
C GLY D 73 -0.97 10.57 -70.19
N GLN D 74 -0.58 11.71 -69.62
CA GLN D 74 0.45 11.79 -68.61
C GLN D 74 0.00 11.55 -67.17
N PHE D 75 -1.21 11.96 -66.84
CA PHE D 75 -1.70 11.80 -65.48
C PHE D 75 -3.06 11.13 -65.35
N ILE D 76 -3.30 10.53 -64.20
CA ILE D 76 -4.56 9.87 -63.93
C ILE D 76 -5.14 10.42 -62.64
N LEU D 77 -6.41 10.79 -62.68
CA LEU D 77 -7.11 11.32 -61.53
C LEU D 77 -7.82 10.14 -60.88
N LEU D 78 -7.58 9.93 -59.59
CA LEU D 78 -8.21 8.83 -58.87
C LEU D 78 -9.26 9.38 -57.92
N GLU D 79 -10.50 8.94 -58.08
CA GLU D 79 -11.60 9.41 -57.25
C GLU D 79 -12.02 8.39 -56.21
N TYR D 80 -12.14 8.83 -54.96
CA TYR D 80 -12.57 7.96 -53.88
C TYR D 80 -13.36 8.73 -52.83
N ASN D 81 -13.79 8.06 -51.77
CA ASN D 81 -14.58 8.68 -50.72
C ASN D 81 -15.79 9.38 -51.34
N TYR D 82 -16.39 8.74 -52.34
CA TYR D 82 -17.55 9.26 -53.05
C TYR D 82 -18.80 9.38 -52.17
N VAL D 83 -19.33 10.58 -52.06
CA VAL D 83 -20.54 10.82 -51.29
C VAL D 83 -21.53 11.60 -52.16
N LYS D 84 -22.59 10.92 -52.56
CA LYS D 84 -23.60 11.55 -53.41
C LYS D 84 -24.39 12.65 -52.73
N GLN D 85 -24.77 13.67 -53.49
CA GLN D 85 -25.60 14.73 -52.94
C GLN D 85 -26.94 14.65 -53.66
N TRP D 86 -27.12 15.45 -54.70
CA TRP D 86 -28.39 15.44 -55.42
C TRP D 86 -28.33 14.51 -56.62
N ARG D 87 -29.03 14.86 -57.69
CA ARG D 87 -29.04 14.04 -58.88
C ARG D 87 -27.69 13.92 -59.58
N HIS D 88 -26.94 15.00 -59.63
CA HIS D 88 -25.64 15.00 -60.29
C HIS D 88 -24.49 15.32 -59.35
N SER D 89 -24.75 16.16 -58.36
CA SER D 89 -23.74 16.59 -57.40
C SER D 89 -23.27 15.50 -56.44
N TYR D 90 -22.04 15.67 -55.96
CA TYR D 90 -21.42 14.76 -55.01
C TYR D 90 -20.04 15.31 -54.64
N THR D 91 -19.46 14.81 -53.56
CA THR D 91 -18.13 15.24 -53.14
C THR D 91 -17.25 14.01 -53.06
N ALA D 92 -15.94 14.21 -53.13
CA ALA D 92 -15.01 13.09 -53.07
C ALA D 92 -13.58 13.54 -52.81
N SER D 93 -12.70 12.56 -52.66
CA SER D 93 -11.27 12.83 -52.45
C SER D 93 -10.58 12.46 -53.76
N TYR D 94 -9.50 13.15 -54.07
CA TYR D 94 -8.76 12.89 -55.30
C TYR D 94 -7.26 12.81 -55.14
N ASP D 95 -6.66 11.86 -55.83
CA ASP D 95 -5.22 11.67 -55.84
C ASP D 95 -4.80 11.65 -57.30
N ILE D 96 -3.66 12.26 -57.60
CA ILE D 96 -3.17 12.31 -58.96
C ILE D 96 -1.98 11.37 -59.12
N TYR D 97 -2.07 10.48 -60.09
CA TYR D 97 -1.02 9.49 -60.35
C TYR D 97 -0.22 9.90 -61.58
N ASP D 98 1.10 9.87 -61.45
CA ASP D 98 1.96 10.24 -62.56
C ASP D 98 2.22 8.97 -63.38
N LEU D 99 1.79 8.99 -64.64
CA LEU D 99 1.97 7.84 -65.51
C LEU D 99 3.41 7.72 -65.96
N ASN D 100 4.10 8.85 -66.02
CA ASN D 100 5.49 8.88 -66.43
C ASN D 100 6.36 8.18 -65.39
N LYS D 101 6.54 8.84 -64.24
CA LYS D 101 7.36 8.28 -63.16
C LYS D 101 6.64 7.19 -62.38
N ARG D 102 5.39 6.90 -62.77
CA ARG D 102 4.61 5.86 -62.10
C ARG D 102 4.60 6.10 -60.59
N GLN D 103 4.17 7.29 -60.19
CA GLN D 103 4.16 7.64 -58.77
C GLN D 103 2.90 8.40 -58.41
N LEU D 104 2.53 8.33 -57.13
CA LEU D 104 1.38 9.06 -56.63
C LEU D 104 1.96 10.41 -56.22
N ILE D 105 1.27 11.49 -56.56
CA ILE D 105 1.76 12.81 -56.18
C ILE D 105 1.26 13.08 -54.77
N THR D 106 2.20 13.24 -53.84
CA THR D 106 1.87 13.46 -52.44
C THR D 106 1.85 14.91 -51.98
N GLU D 107 2.40 15.82 -52.78
CA GLU D 107 2.41 17.22 -52.38
C GLU D 107 1.33 18.04 -53.06
N GLU D 108 0.85 19.07 -52.36
CA GLU D 108 -0.17 19.95 -52.90
C GLU D 108 -1.37 19.18 -53.44
N ARG D 109 -1.76 18.09 -52.79
CA ARG D 109 -2.88 17.31 -53.28
C ARG D 109 -4.20 18.07 -53.22
N ILE D 110 -5.15 17.61 -54.02
CA ILE D 110 -6.49 18.19 -54.07
C ILE D 110 -7.13 17.86 -52.71
N PRO D 111 -7.82 18.82 -52.11
CA PRO D 111 -8.49 18.64 -50.81
C PRO D 111 -9.63 17.64 -50.81
N ASN D 112 -9.94 17.12 -49.63
CA ASN D 112 -11.04 16.20 -49.46
C ASN D 112 -12.30 17.04 -49.54
N ASN D 113 -13.44 16.37 -49.77
CA ASN D 113 -14.72 17.06 -49.88
C ASN D 113 -14.74 17.97 -51.09
N THR D 114 -13.95 17.63 -52.10
CA THR D 114 -13.91 18.43 -53.32
C THR D 114 -15.24 18.22 -54.02
N GLN D 115 -15.82 19.32 -54.50
CA GLN D 115 -17.11 19.29 -55.16
C GLN D 115 -17.07 19.04 -56.66
N TRP D 116 -15.97 19.39 -57.29
CA TRP D 116 -15.85 19.17 -58.72
C TRP D 116 -14.42 19.33 -59.20
N VAL D 117 -14.00 18.41 -60.06
CA VAL D 117 -12.64 18.44 -60.61
C VAL D 117 -12.71 18.22 -62.10
N THR D 118 -11.86 18.92 -62.84
CA THR D 118 -11.84 18.76 -64.29
C THR D 118 -10.51 19.14 -64.92
N TRP D 119 -10.00 18.27 -65.77
CA TRP D 119 -8.75 18.55 -66.48
C TRP D 119 -9.05 19.62 -67.50
N SER D 120 -7.99 20.24 -68.01
CA SER D 120 -8.13 21.25 -69.05
C SER D 120 -8.37 20.42 -70.31
N PRO D 121 -8.86 21.05 -71.39
CA PRO D 121 -9.13 20.34 -72.65
C PRO D 121 -7.92 19.67 -73.32
N VAL D 122 -6.72 20.23 -73.16
CA VAL D 122 -5.56 19.66 -73.83
C VAL D 122 -4.37 19.16 -73.01
N GLY D 123 -3.89 19.96 -72.07
CA GLY D 123 -2.73 19.54 -71.29
C GLY D 123 -3.04 18.69 -70.07
N HIS D 124 -2.60 19.16 -68.92
CA HIS D 124 -2.86 18.48 -67.66
C HIS D 124 -3.15 19.49 -66.56
N LYS D 125 -3.74 20.62 -66.96
CA LYS D 125 -4.12 21.64 -65.99
C LYS D 125 -5.32 21.11 -65.22
N LEU D 126 -5.55 21.64 -64.03
CA LEU D 126 -6.68 21.21 -63.23
C LEU D 126 -7.44 22.38 -62.66
N ALA D 127 -8.75 22.24 -62.63
CA ALA D 127 -9.64 23.23 -62.06
C ALA D 127 -10.57 22.45 -61.16
N TYR D 128 -10.69 22.87 -59.91
CA TYR D 128 -11.57 22.17 -59.00
C TYR D 128 -12.28 23.15 -58.08
N VAL D 129 -13.44 22.73 -57.58
CA VAL D 129 -14.21 23.57 -56.68
C VAL D 129 -14.20 22.90 -55.30
N TRP D 130 -13.93 23.72 -54.28
CA TRP D 130 -13.87 23.22 -52.91
C TRP D 130 -14.40 24.32 -52.00
N ASN D 131 -15.31 23.96 -51.12
CA ASN D 131 -15.95 24.93 -50.23
C ASN D 131 -16.55 26.06 -51.05
N ASN D 132 -17.10 25.70 -52.21
CA ASN D 132 -17.77 26.65 -53.11
C ASN D 132 -16.86 27.65 -53.81
N ASP D 133 -15.54 27.46 -53.70
CA ASP D 133 -14.61 28.35 -54.39
C ASP D 133 -13.84 27.61 -55.46
N ILE D 134 -13.42 28.33 -56.50
CA ILE D 134 -12.68 27.73 -57.59
C ILE D 134 -11.17 27.81 -57.40
N TYR D 135 -10.49 26.72 -57.72
CA TYR D 135 -9.04 26.65 -57.61
C TYR D 135 -8.47 26.10 -58.92
N VAL D 136 -7.27 26.57 -59.28
CA VAL D 136 -6.61 26.13 -60.49
C VAL D 136 -5.20 25.60 -60.24
N LYS D 137 -4.93 24.41 -60.77
CA LYS D 137 -3.62 23.78 -60.62
C LYS D 137 -3.01 23.64 -62.01
N ILE D 138 -1.97 24.42 -62.29
CA ILE D 138 -1.31 24.37 -63.58
C ILE D 138 -0.50 23.09 -63.74
N GLU D 139 0.09 22.63 -62.66
CA GLU D 139 0.87 21.39 -62.66
C GLU D 139 0.34 20.55 -61.49
N PRO D 140 0.09 19.26 -61.74
CA PRO D 140 -0.42 18.32 -60.73
C PRO D 140 0.23 18.39 -59.34
N ASN D 141 1.52 18.69 -59.28
CA ASN D 141 2.21 18.73 -57.99
C ASN D 141 2.53 20.12 -57.46
N LEU D 142 2.10 21.16 -58.18
CA LEU D 142 2.35 22.53 -57.74
C LEU D 142 1.19 23.10 -56.95
N PRO D 143 1.45 24.16 -56.16
CA PRO D 143 0.41 24.80 -55.36
C PRO D 143 -0.73 25.28 -56.24
N SER D 144 -1.94 25.26 -55.70
CA SER D 144 -3.12 25.69 -56.44
C SER D 144 -3.36 27.19 -56.30
N TYR D 145 -3.94 27.79 -57.33
CA TYR D 145 -4.25 29.21 -57.34
C TYR D 145 -5.71 29.44 -56.94
N ARG D 146 -5.95 30.28 -55.95
CA ARG D 146 -7.31 30.56 -55.52
C ARG D 146 -7.88 31.54 -56.53
N ILE D 147 -8.96 31.14 -57.20
CA ILE D 147 -9.58 32.01 -58.18
C ILE D 147 -10.70 32.84 -57.57
N THR D 148 -11.39 32.28 -56.59
CA THR D 148 -12.50 33.00 -55.97
C THR D 148 -12.44 32.92 -54.45
N TRP D 149 -13.00 33.92 -53.78
CA TRP D 149 -12.97 33.98 -52.32
C TRP D 149 -14.34 34.24 -51.72
N THR D 150 -15.38 34.21 -52.53
CA THR D 150 -16.72 34.50 -52.02
C THR D 150 -17.55 33.26 -51.68
N GLY D 151 -17.02 32.08 -51.97
CA GLY D 151 -17.75 30.86 -51.69
C GLY D 151 -18.31 30.77 -50.28
N LYS D 152 -19.57 30.33 -50.18
CA LYS D 152 -20.21 30.17 -48.89
C LYS D 152 -21.39 29.21 -48.97
N GLU D 153 -21.30 28.14 -48.18
CA GLU D 153 -22.31 27.08 -48.13
C GLU D 153 -23.75 27.58 -48.24
N ASP D 154 -24.49 26.99 -49.17
CA ASP D 154 -25.89 27.33 -49.42
C ASP D 154 -26.16 28.78 -49.81
N ILE D 155 -25.12 29.60 -49.97
CA ILE D 155 -25.34 30.99 -50.31
C ILE D 155 -24.70 31.42 -51.62
N ILE D 156 -23.40 31.23 -51.74
CA ILE D 156 -22.69 31.62 -52.95
C ILE D 156 -21.95 30.45 -53.58
N TYR D 157 -22.30 30.14 -54.83
CA TYR D 157 -21.70 29.04 -55.55
C TYR D 157 -20.81 29.50 -56.70
N ASN D 158 -19.52 29.18 -56.63
CA ASN D 158 -18.59 29.56 -57.68
C ASN D 158 -18.15 28.32 -58.45
N GLY D 159 -18.46 28.24 -59.74
CA GLY D 159 -18.06 27.09 -60.54
C GLY D 159 -18.93 25.87 -60.37
N ILE D 160 -19.92 25.97 -59.47
CA ILE D 160 -20.85 24.86 -59.27
C ILE D 160 -22.26 25.42 -59.21
N THR D 161 -23.22 24.59 -59.57
CA THR D 161 -24.62 25.01 -59.59
C THR D 161 -25.28 24.78 -58.25
N ASP D 162 -26.33 25.56 -57.97
CA ASP D 162 -27.10 25.39 -56.75
C ASP D 162 -28.13 24.28 -57.05
N TRP D 163 -29.02 23.96 -56.11
CA TRP D 163 -29.98 22.89 -56.35
C TRP D 163 -30.77 23.00 -57.66
N VAL D 164 -31.51 24.10 -57.83
CA VAL D 164 -32.34 24.28 -59.02
C VAL D 164 -31.59 24.33 -60.34
N TYR D 165 -30.42 24.95 -60.38
CA TYR D 165 -29.68 25.02 -61.64
C TYR D 165 -29.13 23.65 -61.98
N GLU D 166 -28.80 22.87 -60.95
CA GLU D 166 -28.27 21.51 -61.15
C GLU D 166 -29.33 20.62 -61.75
N GLU D 167 -30.50 20.63 -61.14
CA GLU D 167 -31.61 19.80 -61.59
C GLU D 167 -32.34 20.27 -62.83
N GLU D 168 -32.67 21.55 -62.90
CA GLU D 168 -33.48 22.07 -64.02
C GLU D 168 -32.83 22.67 -65.27
N VAL D 169 -31.64 23.24 -65.16
CA VAL D 169 -31.07 23.83 -66.37
C VAL D 169 -29.78 23.23 -66.91
N PHE D 170 -28.80 22.96 -66.05
CA PHE D 170 -27.54 22.42 -66.54
C PHE D 170 -27.41 20.91 -66.45
N SER D 171 -28.29 20.28 -65.68
CA SER D 171 -28.25 18.82 -65.50
C SER D 171 -26.84 18.39 -65.10
N ALA D 172 -26.18 19.21 -64.29
CA ALA D 172 -24.84 18.92 -63.83
C ALA D 172 -24.54 19.76 -62.60
N TYR D 173 -23.51 19.38 -61.87
CA TYR D 173 -23.10 20.11 -60.67
C TYR D 173 -22.06 21.16 -61.05
N SER D 174 -21.33 20.86 -62.12
CA SER D 174 -20.28 21.72 -62.65
C SER D 174 -20.80 22.99 -63.32
N ALA D 175 -20.13 24.10 -63.03
CA ALA D 175 -20.48 25.39 -63.62
C ALA D 175 -19.22 26.10 -64.10
N LEU D 176 -18.31 25.37 -64.72
CA LEU D 176 -17.09 25.99 -65.23
C LEU D 176 -16.81 25.41 -66.61
N TRP D 177 -16.19 26.22 -67.47
CA TRP D 177 -15.93 25.81 -68.85
C TRP D 177 -14.58 26.28 -69.38
N TRP D 178 -13.66 25.34 -69.58
CA TRP D 178 -12.36 25.67 -70.11
C TRP D 178 -12.49 26.09 -71.57
N SER D 179 -11.61 26.97 -72.02
CA SER D 179 -11.61 27.39 -73.42
C SER D 179 -11.00 26.20 -74.18
N PRO D 180 -11.23 26.10 -75.48
CA PRO D 180 -10.70 25.00 -76.29
C PRO D 180 -9.26 24.54 -75.97
N ASN D 181 -8.30 25.47 -75.92
CA ASN D 181 -6.92 25.09 -75.64
C ASN D 181 -6.56 25.16 -74.15
N GLY D 182 -7.51 25.59 -73.32
CA GLY D 182 -7.26 25.64 -71.89
C GLY D 182 -6.65 26.91 -71.33
N THR D 183 -6.59 27.96 -72.14
CA THR D 183 -6.03 29.23 -71.67
C THR D 183 -6.98 29.92 -70.70
N PHE D 184 -8.25 29.97 -71.08
CA PHE D 184 -9.28 30.62 -70.25
C PHE D 184 -10.13 29.62 -69.48
N LEU D 185 -10.66 30.08 -68.36
CA LEU D 185 -11.54 29.29 -67.53
C LEU D 185 -12.76 30.16 -67.27
N ALA D 186 -13.90 29.78 -67.85
CA ALA D 186 -15.12 30.53 -67.65
C ALA D 186 -15.93 29.86 -66.55
N TYR D 187 -16.68 30.63 -65.79
CA TYR D 187 -17.50 30.05 -64.72
C TYR D 187 -18.65 30.96 -64.34
N ALA D 188 -19.71 30.35 -63.81
CA ALA D 188 -20.87 31.08 -63.36
C ALA D 188 -20.83 31.10 -61.85
N GLN D 189 -21.46 32.11 -61.28
CA GLN D 189 -21.53 32.25 -59.84
C GLN D 189 -23.00 32.40 -59.49
N PHE D 190 -23.51 31.54 -58.61
CA PHE D 190 -24.91 31.61 -58.20
C PHE D 190 -25.05 32.17 -56.80
N ASN D 191 -26.06 33.01 -56.62
CA ASN D 191 -26.33 33.63 -55.33
C ASN D 191 -27.72 33.20 -54.81
N ASP D 192 -27.72 32.32 -53.83
CA ASP D 192 -28.97 31.82 -53.24
C ASP D 192 -29.33 32.55 -51.96
N THR D 193 -28.67 33.68 -51.73
CA THR D 193 -28.90 34.46 -50.52
C THR D 193 -30.34 34.59 -50.07
N GLU D 194 -31.23 34.99 -50.96
CA GLU D 194 -32.61 35.15 -50.54
C GLU D 194 -33.60 34.08 -50.99
N VAL D 195 -33.09 32.91 -51.39
CA VAL D 195 -33.94 31.81 -51.80
C VAL D 195 -34.45 31.10 -50.54
N PRO D 196 -35.78 30.90 -50.45
CA PRO D 196 -36.28 30.22 -49.24
C PRO D 196 -35.72 28.80 -49.13
N LEU D 197 -35.80 28.25 -47.93
CA LEU D 197 -35.26 26.92 -47.69
C LEU D 197 -36.34 25.88 -47.50
N ILE D 198 -36.15 24.70 -48.11
CA ILE D 198 -37.08 23.61 -47.89
C ILE D 198 -36.41 22.86 -46.72
N GLU D 199 -37.20 22.47 -45.73
CA GLU D 199 -36.64 21.77 -44.59
C GLU D 199 -37.38 20.44 -44.36
N TYR D 200 -36.61 19.39 -44.12
CA TYR D 200 -37.22 18.10 -43.86
C TYR D 200 -36.28 17.28 -42.96
N SER D 201 -36.85 16.31 -42.25
CA SER D 201 -36.09 15.46 -41.34
C SER D 201 -35.34 14.32 -42.02
N PHE D 202 -34.19 13.98 -41.47
CA PHE D 202 -33.40 12.84 -41.95
C PHE D 202 -33.15 12.05 -40.67
N TYR D 203 -33.62 10.81 -40.65
CA TYR D 203 -33.49 9.99 -39.45
C TYR D 203 -32.16 9.27 -39.26
N SER D 204 -31.47 9.00 -40.35
CA SER D 204 -30.18 8.31 -40.29
C SER D 204 -30.27 6.95 -39.60
N ASP D 205 -29.12 6.41 -39.20
CA ASP D 205 -29.08 5.12 -38.53
C ASP D 205 -29.81 5.14 -37.20
N GLU D 206 -30.29 3.97 -36.81
CA GLU D 206 -31.03 3.79 -35.56
C GLU D 206 -30.33 4.47 -34.38
N SER D 207 -29.00 4.50 -34.42
CA SER D 207 -28.20 5.10 -33.34
C SER D 207 -28.37 6.60 -33.15
N LEU D 208 -28.74 7.33 -34.21
CA LEU D 208 -28.93 8.77 -34.09
C LEU D 208 -30.10 9.02 -33.13
N GLN D 209 -29.84 9.64 -31.99
CA GLN D 209 -30.91 9.88 -31.03
C GLN D 209 -31.90 10.94 -31.48
N TYR D 210 -31.38 12.03 -32.03
CA TYR D 210 -32.26 13.10 -32.51
C TYR D 210 -32.16 13.21 -34.01
N PRO D 211 -33.33 13.20 -34.69
CA PRO D 211 -33.35 13.32 -36.16
C PRO D 211 -32.73 14.66 -36.53
N LYS D 212 -32.07 14.73 -37.67
CA LYS D 212 -31.49 16.00 -38.06
C LYS D 212 -32.35 16.65 -39.14
N THR D 213 -32.36 17.97 -39.16
CA THR D 213 -33.14 18.71 -40.13
C THR D 213 -32.27 19.12 -41.30
N VAL D 214 -32.63 18.67 -42.48
CA VAL D 214 -31.93 19.02 -43.70
C VAL D 214 -32.61 20.27 -44.27
N ARG D 215 -31.82 21.25 -44.66
CA ARG D 215 -32.40 22.46 -45.23
C ARG D 215 -31.58 22.90 -46.42
N VAL D 216 -32.26 23.09 -47.54
CA VAL D 216 -31.57 23.49 -48.75
C VAL D 216 -32.31 24.59 -49.49
N PRO D 217 -31.55 25.53 -50.08
CA PRO D 217 -32.12 26.65 -50.82
C PRO D 217 -32.87 26.05 -52.02
N TYR D 218 -34.19 26.18 -52.00
CA TYR D 218 -35.02 25.63 -53.07
C TYR D 218 -36.14 26.62 -53.37
N PRO D 219 -36.10 27.23 -54.56
CA PRO D 219 -37.15 28.20 -54.91
C PRO D 219 -38.39 27.49 -55.45
N LYS D 220 -39.50 27.60 -54.73
CA LYS D 220 -40.74 27.00 -55.20
C LYS D 220 -41.37 27.98 -56.19
N ALA D 221 -42.34 27.52 -56.97
CA ALA D 221 -42.98 28.37 -57.96
C ALA D 221 -43.36 29.78 -57.48
N GLY D 222 -42.85 30.79 -58.18
CA GLY D 222 -43.16 32.17 -57.83
C GLY D 222 -42.33 32.80 -56.73
N ALA D 223 -41.46 32.01 -56.10
CA ALA D 223 -40.62 32.51 -55.01
C ALA D 223 -39.37 33.20 -55.54
N VAL D 224 -38.60 33.77 -54.63
CA VAL D 224 -37.36 34.44 -55.01
C VAL D 224 -36.35 33.45 -55.59
N ASN D 225 -35.94 33.71 -56.81
CA ASN D 225 -34.97 32.86 -57.50
C ASN D 225 -33.56 33.28 -57.23
N PRO D 226 -32.60 32.39 -57.48
CA PRO D 226 -31.20 32.73 -57.25
C PRO D 226 -30.74 33.60 -58.42
N THR D 227 -29.78 34.49 -58.17
CA THR D 227 -29.26 35.34 -59.23
C THR D 227 -27.98 34.72 -59.76
N VAL D 228 -27.55 35.16 -60.94
CA VAL D 228 -26.35 34.59 -61.55
C VAL D 228 -25.42 35.61 -62.20
N LYS D 229 -24.13 35.32 -62.15
CA LYS D 229 -23.11 36.15 -62.77
C LYS D 229 -22.18 35.25 -63.55
N PHE D 230 -21.53 35.79 -64.57
CA PHE D 230 -20.61 35.00 -65.39
C PHE D 230 -19.25 35.69 -65.43
N PHE D 231 -18.19 34.89 -65.33
CA PHE D 231 -16.83 35.42 -65.38
C PHE D 231 -15.95 34.54 -66.25
N VAL D 232 -14.81 35.09 -66.65
CA VAL D 232 -13.82 34.39 -67.45
C VAL D 232 -12.46 34.84 -66.91
N VAL D 233 -11.60 33.87 -66.60
CA VAL D 233 -10.28 34.16 -66.07
C VAL D 233 -9.19 33.51 -66.92
N ASN D 234 -8.09 34.23 -67.09
CA ASN D 234 -6.96 33.75 -67.88
C ASN D 234 -6.04 32.94 -66.97
N THR D 235 -5.99 31.63 -67.18
CA THR D 235 -5.17 30.75 -66.35
C THR D 235 -3.67 30.81 -66.67
N ASP D 236 -3.28 31.69 -67.58
CA ASP D 236 -1.86 31.82 -67.92
C ASP D 236 -1.29 33.08 -67.29
N SER D 237 -2.11 33.80 -66.55
CA SER D 237 -1.70 35.05 -65.92
C SER D 237 -1.69 35.01 -64.41
N LEU D 238 -1.79 33.82 -63.82
CA LEU D 238 -1.80 33.73 -62.36
C LEU D 238 -0.40 33.60 -61.76
N SER D 239 -0.19 34.30 -60.65
CA SER D 239 1.09 34.33 -59.96
C SER D 239 1.18 33.51 -58.67
N SER D 240 0.64 34.06 -57.59
CA SER D 240 0.63 33.43 -56.27
C SER D 240 0.78 34.56 -55.27
N VAL D 241 1.28 35.69 -55.78
CA VAL D 241 1.47 36.89 -54.97
C VAL D 241 0.26 37.80 -55.19
N THR D 242 -0.22 37.82 -56.42
CA THR D 242 -1.37 38.63 -56.81
C THR D 242 -2.61 37.75 -56.98
N ASN D 243 -3.78 38.30 -56.64
CA ASN D 243 -5.02 37.56 -56.78
C ASN D 243 -5.45 37.51 -58.24
N ALA D 244 -5.95 36.36 -58.67
CA ALA D 244 -6.40 36.17 -60.04
C ALA D 244 -7.51 37.17 -60.37
N THR D 245 -7.52 37.64 -61.61
CA THR D 245 -8.54 38.59 -62.05
C THR D 245 -9.63 37.93 -62.89
N SER D 246 -10.88 38.10 -62.48
CA SER D 246 -12.00 37.52 -63.21
C SER D 246 -12.77 38.61 -63.93
N ILE D 247 -12.74 38.59 -65.26
CA ILE D 247 -13.47 39.58 -66.02
C ILE D 247 -14.90 39.08 -66.15
N GLN D 248 -15.84 39.92 -65.75
CA GLN D 248 -17.24 39.56 -65.80
C GLN D 248 -17.90 39.93 -67.12
N ILE D 249 -18.74 39.03 -67.62
CA ILE D 249 -19.49 39.25 -68.85
C ILE D 249 -20.92 39.41 -68.35
N THR D 250 -21.45 40.63 -68.48
CA THR D 250 -22.78 40.94 -67.98
C THR D 250 -23.88 40.87 -69.03
N ALA D 251 -24.91 41.69 -68.80
CA ALA D 251 -26.06 41.83 -69.71
C ALA D 251 -26.59 40.47 -70.12
N PRO D 252 -27.40 40.40 -71.19
CA PRO D 252 -27.89 41.45 -72.10
C PRO D 252 -28.93 42.36 -71.46
N ALA D 253 -29.12 43.54 -72.02
CA ALA D 253 -30.08 44.51 -71.50
C ALA D 253 -31.49 43.91 -71.50
N SER D 254 -31.83 43.19 -72.57
CA SER D 254 -33.14 42.57 -72.71
C SER D 254 -33.39 41.55 -71.60
N MET D 255 -32.34 41.15 -70.90
CA MET D 255 -32.47 40.17 -69.82
C MET D 255 -32.35 40.80 -68.44
N LEU D 256 -31.46 41.78 -68.31
CA LEU D 256 -31.25 42.46 -67.03
C LEU D 256 -32.47 43.20 -66.50
N ILE D 257 -33.44 43.48 -67.36
CA ILE D 257 -34.66 44.18 -66.96
C ILE D 257 -35.44 43.45 -65.86
N GLY D 258 -35.18 42.16 -65.68
CA GLY D 258 -35.88 41.40 -64.66
C GLY D 258 -35.20 40.07 -64.38
N ASP D 259 -35.91 39.17 -63.71
CA ASP D 259 -35.36 37.85 -63.40
C ASP D 259 -35.00 37.14 -64.69
N HIS D 260 -33.93 36.37 -64.64
CA HIS D 260 -33.48 35.64 -65.82
C HIS D 260 -32.56 34.51 -65.40
N TYR D 261 -32.13 33.71 -66.36
CA TYR D 261 -31.25 32.58 -66.10
C TYR D 261 -30.16 32.50 -67.16
N LEU D 262 -29.09 31.79 -66.81
CA LEU D 262 -28.00 31.53 -67.75
C LEU D 262 -28.35 30.08 -68.11
N CYS D 263 -28.67 29.81 -69.38
CA CYS D 263 -29.03 28.46 -69.75
C CYS D 263 -28.05 27.72 -70.63
N ASP D 264 -26.99 28.40 -71.07
CA ASP D 264 -26.01 27.76 -71.92
C ASP D 264 -24.75 28.59 -72.11
N VAL D 265 -23.63 27.91 -72.23
CA VAL D 265 -22.35 28.54 -72.45
C VAL D 265 -21.55 27.59 -73.32
N THR D 266 -21.18 28.05 -74.50
CA THR D 266 -20.43 27.21 -75.43
C THR D 266 -19.29 28.01 -76.04
N TRP D 267 -18.06 27.51 -75.87
CA TRP D 267 -16.89 28.17 -76.44
C TRP D 267 -16.89 27.99 -77.94
N ALA D 268 -16.60 29.07 -78.66
CA ALA D 268 -16.57 29.03 -80.11
C ALA D 268 -15.14 28.84 -80.61
N THR D 269 -14.22 29.60 -80.04
CA THR D 269 -12.81 29.51 -80.40
C THR D 269 -11.94 29.76 -79.18
N GLN D 270 -10.63 29.92 -79.40
CA GLN D 270 -9.71 30.17 -78.31
C GLN D 270 -10.00 31.53 -77.68
N GLU D 271 -10.69 32.40 -78.43
CA GLU D 271 -11.00 33.74 -77.94
C GLU D 271 -12.42 34.21 -78.18
N ARG D 272 -13.33 33.27 -78.38
CA ARG D 272 -14.73 33.60 -78.59
C ARG D 272 -15.58 32.62 -77.81
N ILE D 273 -16.50 33.15 -77.01
CA ILE D 273 -17.39 32.31 -76.21
C ILE D 273 -18.83 32.75 -76.42
N SER D 274 -19.73 31.78 -76.53
CA SER D 274 -21.15 32.09 -76.72
C SER D 274 -21.93 31.83 -75.44
N LEU D 275 -22.86 32.73 -75.13
CA LEU D 275 -23.68 32.62 -73.94
C LEU D 275 -25.16 32.72 -74.32
N GLN D 276 -25.98 31.93 -73.66
CA GLN D 276 -27.42 31.97 -73.91
C GLN D 276 -28.12 32.26 -72.60
N TRP D 277 -28.95 33.31 -72.60
CA TRP D 277 -29.71 33.71 -71.41
C TRP D 277 -31.19 33.50 -71.66
N LEU D 278 -31.94 33.30 -70.58
CA LEU D 278 -33.37 33.06 -70.68
C LEU D 278 -34.10 33.86 -69.60
N ARG D 279 -35.19 34.51 -69.98
CA ARG D 279 -35.97 35.28 -69.03
C ARG D 279 -36.73 34.33 -68.11
N ARG D 280 -37.12 34.82 -66.94
CA ARG D 280 -37.85 33.95 -66.01
C ARG D 280 -39.10 33.44 -66.72
N ILE D 281 -39.67 34.29 -67.58
CA ILE D 281 -40.80 33.89 -68.40
C ILE D 281 -40.07 33.29 -69.59
N GLN D 282 -39.77 32.00 -69.49
CA GLN D 282 -39.01 31.27 -70.51
C GLN D 282 -39.58 31.26 -71.91
N ASN D 283 -40.03 32.45 -72.32
CA ASN D 283 -40.63 32.75 -73.62
C ASN D 283 -39.55 33.26 -74.57
N TYR D 284 -38.64 34.02 -73.98
CA TYR D 284 -37.59 34.72 -74.70
C TYR D 284 -36.18 34.42 -74.22
N SER D 285 -35.30 34.06 -75.15
CA SER D 285 -33.90 33.77 -74.83
C SER D 285 -32.98 34.51 -75.80
N VAL D 286 -31.85 34.98 -75.29
CA VAL D 286 -30.90 35.71 -76.13
C VAL D 286 -29.52 35.07 -76.09
N MET D 287 -28.91 34.92 -77.25
CA MET D 287 -27.57 34.34 -77.34
C MET D 287 -26.57 35.46 -77.60
N ASP D 288 -25.53 35.51 -76.79
CA ASP D 288 -24.49 36.51 -76.96
C ASP D 288 -23.22 35.81 -77.43
N ILE D 289 -22.47 36.48 -78.29
CA ILE D 289 -21.22 35.95 -78.81
C ILE D 289 -20.17 36.99 -78.43
N CYS D 290 -19.31 36.62 -77.48
CA CYS D 290 -18.30 37.55 -76.97
C CYS D 290 -16.87 37.23 -77.35
N ASP D 291 -16.13 38.26 -77.76
CA ASP D 291 -14.73 38.10 -78.17
C ASP D 291 -13.79 38.75 -77.17
N TYR D 292 -12.63 38.13 -76.98
CA TYR D 292 -11.63 38.67 -76.06
C TYR D 292 -10.95 39.87 -76.71
N ASP D 293 -10.72 40.91 -75.92
CA ASP D 293 -10.06 42.10 -76.42
C ASP D 293 -8.59 42.06 -76.04
N GLU D 294 -7.77 41.56 -76.96
CA GLU D 294 -6.33 41.42 -76.76
C GLU D 294 -5.74 42.55 -75.92
N SER D 295 -5.90 43.79 -76.39
CA SER D 295 -5.36 44.93 -75.68
C SER D 295 -6.41 45.71 -74.90
N SER D 296 -7.02 45.03 -73.94
CA SER D 296 -8.05 45.62 -73.09
C SER D 296 -8.30 44.67 -71.93
N GLY D 297 -8.18 43.37 -72.22
CA GLY D 297 -8.40 42.36 -71.20
C GLY D 297 -9.84 41.96 -71.06
N ARG D 298 -10.77 42.85 -71.40
CA ARG D 298 -12.20 42.53 -71.29
C ARG D 298 -12.76 41.76 -72.47
N TRP D 299 -13.95 41.22 -72.26
CA TRP D 299 -14.66 40.46 -73.28
C TRP D 299 -15.83 41.30 -73.75
N ASN D 300 -15.95 41.48 -75.05
CA ASN D 300 -17.05 42.29 -75.56
C ASN D 300 -18.00 41.45 -76.41
N CYS D 301 -19.28 41.64 -76.17
CA CYS D 301 -20.32 40.91 -76.90
C CYS D 301 -21.07 41.91 -77.77
N LEU D 302 -20.65 42.03 -79.02
CA LEU D 302 -21.28 42.95 -79.95
C LEU D 302 -22.77 42.71 -80.17
N VAL D 303 -23.58 43.72 -79.88
CA VAL D 303 -25.02 43.59 -80.12
C VAL D 303 -25.06 43.42 -81.63
N ALA D 304 -26.19 43.06 -82.19
CA ALA D 304 -26.25 42.85 -83.63
C ALA D 304 -25.53 41.55 -83.95
N ARG D 305 -24.78 41.04 -82.99
CA ARG D 305 -24.07 39.78 -83.15
C ARG D 305 -24.76 38.76 -82.24
N GLN D 306 -25.79 39.20 -81.54
CA GLN D 306 -26.55 38.32 -80.66
C GLN D 306 -27.80 37.82 -81.37
N HIS D 307 -28.21 36.60 -81.07
CA HIS D 307 -29.38 36.03 -81.71
C HIS D 307 -30.50 35.73 -80.73
N ILE D 308 -31.70 36.16 -81.09
CA ILE D 308 -32.88 35.96 -80.27
C ILE D 308 -33.65 34.71 -80.67
N GLU D 309 -34.02 33.91 -79.68
CA GLU D 309 -34.80 32.70 -79.93
C GLU D 309 -36.00 32.74 -78.99
N MET D 310 -37.18 32.99 -79.56
CA MET D 310 -38.39 33.07 -78.76
C MET D 310 -39.47 32.13 -79.29
N SER D 311 -40.54 31.99 -78.54
CA SER D 311 -41.65 31.13 -78.95
C SER D 311 -42.98 31.78 -78.56
N THR D 312 -43.94 31.72 -79.46
CA THR D 312 -45.25 32.32 -79.20
C THR D 312 -46.26 31.24 -78.78
N THR D 313 -45.92 29.98 -79.03
CA THR D 313 -46.81 28.88 -78.67
C THR D 313 -46.47 28.25 -77.33
N GLY D 314 -45.22 28.36 -76.91
CA GLY D 314 -44.83 27.78 -75.63
C GLY D 314 -43.56 28.38 -75.07
N TRP D 315 -42.67 27.52 -74.60
CA TRP D 315 -41.39 27.93 -74.03
C TRP D 315 -40.29 27.71 -75.09
N VAL D 316 -39.05 28.02 -74.73
CA VAL D 316 -37.95 27.86 -75.68
C VAL D 316 -37.14 26.59 -75.45
N GLY D 317 -36.99 25.77 -76.49
CA GLY D 317 -36.22 24.55 -76.37
C GLY D 317 -37.07 23.41 -75.84
N ARG D 318 -36.55 22.19 -75.88
CA ARG D 318 -37.32 21.06 -75.37
C ARG D 318 -37.42 21.19 -73.86
N PHE D 319 -36.29 21.46 -73.22
CA PHE D 319 -36.23 21.66 -71.77
C PHE D 319 -35.46 22.95 -71.53
N ARG D 320 -34.55 23.25 -72.44
CA ARG D 320 -33.70 24.45 -72.37
C ARG D 320 -33.32 24.74 -73.82
N PRO D 321 -33.03 26.01 -74.13
CA PRO D 321 -32.65 26.31 -75.52
C PRO D 321 -31.47 25.39 -75.92
N SER D 322 -31.47 24.95 -77.17
CA SER D 322 -30.42 24.06 -77.67
C SER D 322 -29.03 24.69 -77.65
N GLU D 323 -28.00 23.85 -77.67
CA GLU D 323 -26.63 24.35 -77.65
C GLU D 323 -26.09 24.47 -79.08
N PRO D 324 -25.32 25.54 -79.35
CA PRO D 324 -24.75 25.76 -80.68
C PRO D 324 -23.54 24.88 -80.99
N HIS D 325 -23.24 24.74 -82.28
CA HIS D 325 -22.10 23.95 -82.74
C HIS D 325 -21.37 24.80 -83.78
N PHE D 326 -20.30 25.45 -83.34
CA PHE D 326 -19.53 26.33 -84.22
C PHE D 326 -18.61 25.63 -85.20
N THR D 327 -18.48 26.24 -86.38
CA THR D 327 -17.57 25.72 -87.40
C THR D 327 -16.19 26.04 -86.83
N LEU D 328 -15.17 25.36 -87.32
CA LEU D 328 -13.81 25.60 -86.82
C LEU D 328 -13.42 27.06 -86.63
N ASP D 329 -13.61 27.88 -87.66
CA ASP D 329 -13.23 29.30 -87.59
C ASP D 329 -14.08 30.14 -86.65
N GLY D 330 -15.16 29.56 -86.13
CA GLY D 330 -16.03 30.28 -85.21
C GLY D 330 -16.82 31.46 -85.76
N ASN D 331 -17.06 31.46 -87.05
CA ASN D 331 -17.81 32.55 -87.68
C ASN D 331 -19.23 32.16 -88.03
N SER D 332 -19.53 30.88 -87.85
CA SER D 332 -20.87 30.37 -88.12
C SER D 332 -21.10 29.16 -87.24
N PHE D 333 -22.37 28.79 -87.05
CA PHE D 333 -22.69 27.66 -86.21
C PHE D 333 -24.03 27.03 -86.55
N TYR D 334 -24.23 25.80 -86.09
CA TYR D 334 -25.46 25.08 -86.32
C TYR D 334 -26.12 24.77 -84.97
N LYS D 335 -27.43 24.95 -84.90
CA LYS D 335 -28.14 24.65 -83.67
C LYS D 335 -29.61 24.34 -83.99
N ILE D 336 -30.17 23.42 -83.22
CA ILE D 336 -31.55 22.99 -83.40
C ILE D 336 -32.55 24.00 -82.84
N ILE D 337 -33.49 24.42 -83.67
CA ILE D 337 -34.53 25.37 -83.24
C ILE D 337 -35.86 24.93 -83.82
N SER D 338 -36.94 25.53 -83.34
CA SER D 338 -38.27 25.16 -83.82
C SER D 338 -38.63 25.79 -85.16
N ASN D 339 -39.12 24.95 -86.08
CA ASN D 339 -39.53 25.37 -87.43
C ASN D 339 -40.63 26.40 -87.39
N GLU D 340 -40.98 26.89 -88.58
CA GLU D 340 -42.06 27.84 -88.70
C GLU D 340 -43.28 26.93 -88.62
N GLU D 341 -43.04 25.65 -88.91
CA GLU D 341 -44.08 24.63 -88.89
C GLU D 341 -44.15 23.96 -87.50
N GLY D 342 -43.23 24.32 -86.61
CA GLY D 342 -43.26 23.76 -85.28
C GLY D 342 -42.35 22.56 -85.04
N TYR D 343 -41.62 22.13 -86.06
CA TYR D 343 -40.72 21.00 -85.91
C TYR D 343 -39.29 21.48 -85.72
N ARG D 344 -38.57 20.83 -84.82
CA ARG D 344 -37.19 21.22 -84.55
C ARG D 344 -36.18 20.64 -85.53
N HIS D 345 -35.49 21.55 -86.22
CA HIS D 345 -34.49 21.17 -87.20
C HIS D 345 -33.22 21.99 -87.03
N ILE D 346 -32.17 21.58 -87.74
CA ILE D 346 -30.89 22.26 -87.67
C ILE D 346 -30.89 23.54 -88.50
N CYS D 347 -30.52 24.64 -87.87
CA CYS D 347 -30.45 25.91 -88.60
C CYS D 347 -29.00 26.36 -88.64
N TYR D 348 -28.60 26.96 -89.75
CA TYR D 348 -27.25 27.43 -89.97
C TYR D 348 -27.15 28.95 -89.81
N PHE D 349 -26.33 29.39 -88.86
CA PHE D 349 -26.16 30.82 -88.59
C PHE D 349 -24.79 31.38 -88.96
N GLN D 350 -24.79 32.69 -89.17
CA GLN D 350 -23.59 33.46 -89.46
C GLN D 350 -23.60 34.34 -88.22
N ILE D 351 -22.54 34.26 -87.41
CA ILE D 351 -22.50 35.03 -86.16
C ILE D 351 -22.99 36.47 -86.20
N ASP D 352 -23.06 37.07 -87.38
CA ASP D 352 -23.54 38.44 -87.48
C ASP D 352 -24.84 38.56 -88.28
N LYS D 353 -25.22 37.52 -89.01
CA LYS D 353 -26.46 37.54 -89.77
C LYS D 353 -27.62 37.14 -88.85
N LYS D 354 -28.67 37.95 -88.84
CA LYS D 354 -29.83 37.71 -88.00
C LYS D 354 -30.69 36.51 -88.41
N ASP D 355 -30.68 36.17 -89.69
CA ASP D 355 -31.48 35.05 -90.17
C ASP D 355 -30.66 33.82 -90.49
N CYS D 356 -31.09 32.66 -89.98
CA CYS D 356 -30.39 31.41 -90.24
C CYS D 356 -31.08 30.64 -91.34
N THR D 357 -30.42 29.58 -91.82
CA THR D 357 -30.97 28.76 -92.87
C THR D 357 -31.11 27.31 -92.42
N PHE D 358 -32.34 26.81 -92.45
CA PHE D 358 -32.60 25.44 -92.06
C PHE D 358 -31.96 24.52 -93.10
N ILE D 359 -31.30 23.46 -92.64
CA ILE D 359 -30.67 22.54 -93.57
C ILE D 359 -31.41 21.21 -93.57
N THR D 360 -32.39 21.10 -92.68
CA THR D 360 -33.22 19.91 -92.60
C THR D 360 -34.64 20.40 -92.41
N LYS D 361 -35.61 19.53 -92.70
CA LYS D 361 -37.02 19.88 -92.54
C LYS D 361 -37.86 18.64 -92.72
N GLY D 362 -39.14 18.75 -92.39
CA GLY D 362 -40.03 17.61 -92.52
C GLY D 362 -40.82 17.40 -91.25
N THR D 363 -41.80 16.52 -91.31
CA THR D 363 -42.64 16.24 -90.15
C THR D 363 -42.00 15.18 -89.26
N TRP D 364 -40.84 15.53 -88.73
CA TRP D 364 -40.06 14.70 -87.82
C TRP D 364 -39.08 15.69 -87.19
N GLU D 365 -38.29 15.25 -86.22
CA GLU D 365 -37.36 16.17 -85.60
C GLU D 365 -35.94 15.66 -85.44
N VAL D 366 -35.00 16.60 -85.38
CA VAL D 366 -33.60 16.28 -85.16
C VAL D 366 -33.50 16.23 -83.64
N ILE D 367 -32.99 15.13 -83.10
CA ILE D 367 -32.87 14.99 -81.66
C ILE D 367 -31.65 15.75 -81.14
N GLY D 368 -30.54 15.63 -81.86
CA GLY D 368 -29.33 16.32 -81.45
C GLY D 368 -28.21 16.26 -82.46
N ILE D 369 -27.36 17.29 -82.44
CA ILE D 369 -26.20 17.36 -83.31
C ILE D 369 -25.08 16.63 -82.57
N GLU D 370 -24.57 15.57 -83.18
CA GLU D 370 -23.54 14.75 -82.58
C GLU D 370 -22.10 15.05 -82.98
N ALA D 371 -21.91 15.54 -84.20
CA ALA D 371 -20.56 15.84 -84.66
C ALA D 371 -20.56 16.80 -85.83
N LEU D 372 -19.48 17.54 -85.96
CA LEU D 372 -19.35 18.51 -87.05
C LEU D 372 -17.92 18.55 -87.55
N THR D 373 -17.75 18.28 -88.83
CA THR D 373 -16.44 18.32 -89.48
C THR D 373 -16.54 19.39 -90.54
N SER D 374 -15.39 19.78 -91.09
CA SER D 374 -15.39 20.79 -92.14
C SER D 374 -16.11 20.18 -93.34
N ASP D 375 -16.34 18.87 -93.25
CA ASP D 375 -17.02 18.13 -94.31
C ASP D 375 -18.50 17.88 -94.06
N TYR D 376 -18.80 17.13 -93.00
CA TYR D 376 -20.19 16.79 -92.69
C TYR D 376 -20.69 17.21 -91.32
N LEU D 377 -22.00 17.15 -91.17
CA LEU D 377 -22.70 17.45 -89.93
C LEU D 377 -23.43 16.16 -89.57
N TYR D 378 -23.05 15.56 -88.44
CA TYR D 378 -23.71 14.33 -88.03
C TYR D 378 -24.79 14.62 -87.01
N TYR D 379 -25.92 13.94 -87.12
CA TYR D 379 -27.02 14.17 -86.19
C TYR D 379 -27.90 12.94 -86.06
N ILE D 380 -28.70 12.94 -85.01
CA ILE D 380 -29.64 11.85 -84.77
C ILE D 380 -31.05 12.43 -84.87
N SER D 381 -31.97 11.65 -85.45
CA SER D 381 -33.35 12.10 -85.61
C SER D 381 -34.27 10.89 -85.63
N ASN D 382 -35.57 11.15 -85.60
CA ASN D 382 -36.58 10.09 -85.62
C ASN D 382 -37.29 10.03 -86.98
N GLU D 383 -36.59 10.45 -88.03
CA GLU D 383 -37.18 10.47 -89.37
C GLU D 383 -37.47 9.09 -89.93
N TYR D 384 -36.54 8.17 -89.79
CA TYR D 384 -36.72 6.83 -90.34
C TYR D 384 -38.08 6.22 -90.04
N LYS D 385 -38.75 5.77 -91.11
CA LYS D 385 -40.05 5.12 -90.98
C LYS D 385 -41.13 6.00 -90.35
N GLY D 386 -40.85 7.29 -90.22
CA GLY D 386 -41.83 8.18 -89.62
C GLY D 386 -42.22 7.85 -88.19
N MET D 387 -41.37 7.14 -87.47
CA MET D 387 -41.69 6.82 -86.08
C MET D 387 -40.85 7.61 -85.10
N PRO D 388 -41.50 8.55 -84.39
CA PRO D 388 -40.93 9.45 -83.39
C PRO D 388 -40.24 8.74 -82.23
N GLY D 389 -40.53 7.45 -82.09
CA GLY D 389 -39.93 6.67 -81.03
C GLY D 389 -38.68 5.92 -81.43
N GLY D 390 -38.19 6.20 -82.64
CA GLY D 390 -36.98 5.56 -83.12
C GLY D 390 -35.87 6.59 -83.19
N ARG D 391 -34.62 6.13 -83.24
CA ARG D 391 -33.47 7.04 -83.30
C ARG D 391 -32.42 6.49 -84.25
N ASN D 392 -31.97 7.33 -85.18
CA ASN D 392 -30.95 6.92 -86.14
C ASN D 392 -29.95 8.03 -86.40
N LEU D 393 -28.73 7.64 -86.73
CA LEU D 393 -27.66 8.57 -87.02
C LEU D 393 -27.61 8.90 -88.51
N TYR D 394 -27.55 10.19 -88.81
CA TYR D 394 -27.48 10.65 -90.20
C TYR D 394 -26.32 11.62 -90.34
N LYS D 395 -25.89 11.83 -91.57
CA LYS D 395 -24.84 12.79 -91.83
C LYS D 395 -25.29 13.56 -93.07
N ILE D 396 -25.19 14.88 -92.98
CA ILE D 396 -25.60 15.73 -94.09
C ILE D 396 -24.37 16.42 -94.66
N GLN D 397 -24.20 16.32 -95.97
CA GLN D 397 -23.07 16.94 -96.64
C GLN D 397 -23.25 18.46 -96.65
N LEU D 398 -22.31 19.15 -96.00
CA LEU D 398 -22.33 20.60 -95.91
C LEU D 398 -22.34 21.30 -97.27
N SER D 399 -21.76 20.64 -98.27
CA SER D 399 -21.70 21.19 -99.63
C SER D 399 -23.07 21.17 -100.29
N ASP D 400 -23.82 20.10 -100.04
CA ASP D 400 -25.14 19.94 -100.62
C ASP D 400 -26.12 19.33 -99.61
N TYR D 401 -26.89 20.19 -98.94
CA TYR D 401 -27.86 19.74 -97.95
C TYR D 401 -28.82 18.71 -98.54
N THR D 402 -28.83 18.63 -99.87
CA THR D 402 -29.72 17.68 -100.55
C THR D 402 -29.23 16.26 -100.32
N LYS D 403 -27.95 16.11 -100.01
CA LYS D 403 -27.35 14.80 -99.77
C LYS D 403 -27.25 14.42 -98.29
N VAL D 404 -28.24 13.67 -97.82
CA VAL D 404 -28.29 13.22 -96.43
C VAL D 404 -28.24 11.69 -96.43
N THR D 405 -27.25 11.14 -95.71
CA THR D 405 -27.09 9.70 -95.65
C THR D 405 -27.37 9.13 -94.28
N CYS D 406 -28.28 8.16 -94.19
CA CYS D 406 -28.56 7.56 -92.89
C CYS D 406 -27.48 6.51 -92.66
N LEU D 407 -26.73 6.67 -91.56
CA LEU D 407 -25.64 5.76 -91.26
C LEU D 407 -26.00 4.54 -90.43
N SER D 408 -27.23 4.47 -89.93
CA SER D 408 -27.62 3.33 -89.11
C SER D 408 -28.96 2.69 -89.45
N CYS D 409 -29.80 3.38 -90.21
CA CYS D 409 -31.12 2.87 -90.60
C CYS D 409 -31.13 1.43 -91.09
N GLU D 410 -30.16 1.07 -91.92
CA GLU D 410 -30.13 -0.26 -92.50
C GLU D 410 -29.19 -1.29 -91.90
N LEU D 411 -28.34 -0.88 -90.96
CA LEU D 411 -27.40 -1.82 -90.35
C LEU D 411 -28.10 -3.11 -89.94
N ASN D 412 -29.29 -2.98 -89.38
CA ASN D 412 -30.07 -4.15 -88.94
C ASN D 412 -31.44 -3.66 -88.49
N PRO D 413 -32.31 -3.30 -89.46
CA PRO D 413 -33.67 -2.79 -89.26
C PRO D 413 -34.55 -3.66 -88.35
N GLU D 414 -34.31 -4.96 -88.35
CA GLU D 414 -35.08 -5.88 -87.52
C GLU D 414 -34.85 -5.64 -86.03
N ARG D 415 -33.59 -5.70 -85.66
CA ARG D 415 -33.16 -5.55 -84.28
C ARG D 415 -32.85 -4.14 -83.80
N CYS D 416 -32.46 -3.26 -84.72
CA CYS D 416 -32.07 -1.92 -84.32
C CYS D 416 -32.79 -0.74 -84.95
N GLN D 417 -33.54 -0.02 -84.11
CA GLN D 417 -34.30 1.15 -84.56
C GLN D 417 -34.07 2.32 -83.60
N TYR D 418 -33.18 2.12 -82.62
CA TYR D 418 -32.86 3.15 -81.63
C TYR D 418 -31.36 3.22 -81.39
N TYR D 419 -30.71 4.25 -81.94
CA TYR D 419 -29.27 4.43 -81.79
C TYR D 419 -28.85 5.70 -81.05
N SER D 420 -27.63 5.65 -80.51
CA SER D 420 -26.99 6.77 -79.81
C SER D 420 -25.57 6.66 -80.38
N VAL D 421 -24.77 7.71 -80.32
CA VAL D 421 -23.44 7.60 -80.91
C VAL D 421 -22.30 8.28 -80.15
N SER D 422 -21.11 7.73 -80.29
CA SER D 422 -19.91 8.26 -79.64
C SER D 422 -18.77 8.37 -80.65
N PHE D 423 -18.48 9.60 -81.08
CA PHE D 423 -17.41 9.85 -82.04
C PHE D 423 -16.03 10.00 -81.40
N SER D 424 -14.99 9.72 -82.18
CA SER D 424 -13.61 9.87 -81.71
C SER D 424 -13.30 11.37 -81.74
N LYS D 425 -12.16 11.76 -81.17
CA LYS D 425 -11.76 13.15 -81.12
C LYS D 425 -12.02 13.99 -82.37
N GLU D 426 -11.61 13.49 -83.54
CA GLU D 426 -11.82 14.24 -84.78
C GLU D 426 -12.85 13.56 -85.68
N ALA D 427 -13.72 12.76 -85.08
CA ALA D 427 -14.76 12.06 -85.82
C ALA D 427 -14.20 11.09 -86.85
N LYS D 428 -13.01 10.56 -86.59
CA LYS D 428 -12.39 9.61 -87.50
C LYS D 428 -13.16 8.29 -87.39
N TYR D 429 -13.57 7.97 -86.16
CA TYR D 429 -14.32 6.76 -85.87
C TYR D 429 -15.54 7.08 -85.01
N TYR D 430 -16.52 6.19 -85.02
CA TYR D 430 -17.70 6.38 -84.20
C TYR D 430 -18.31 5.05 -83.77
N GLN D 431 -18.66 4.97 -82.50
CA GLN D 431 -19.28 3.76 -81.96
C GLN D 431 -20.79 3.95 -81.96
N LEU D 432 -21.52 3.00 -82.53
CA LEU D 432 -22.97 3.08 -82.53
C LEU D 432 -23.51 2.17 -81.44
N ARG D 433 -24.49 2.67 -80.72
CA ARG D 433 -25.10 1.90 -79.64
C ARG D 433 -26.58 1.71 -79.89
N CYS D 434 -26.92 0.49 -80.27
CA CYS D 434 -28.29 0.12 -80.54
C CYS D 434 -28.94 -0.37 -79.26
N SER D 435 -30.07 0.21 -78.90
CA SER D 435 -30.76 -0.17 -77.66
C SER D 435 -32.15 -0.78 -77.81
N GLY D 436 -32.53 -1.11 -79.05
CA GLY D 436 -33.83 -1.72 -79.28
C GLY D 436 -34.26 -1.70 -80.72
N PRO D 437 -35.34 -2.41 -81.07
CA PRO D 437 -36.18 -3.22 -80.19
C PRO D 437 -35.56 -4.55 -79.75
N GLY D 438 -34.51 -4.96 -80.44
CA GLY D 438 -33.86 -6.21 -80.08
C GLY D 438 -32.87 -5.99 -78.97
N LEU D 439 -32.01 -6.98 -78.70
CA LEU D 439 -31.01 -6.84 -77.66
C LEU D 439 -29.96 -5.82 -78.08
N PRO D 440 -29.53 -4.97 -77.14
CA PRO D 440 -28.52 -3.94 -77.38
C PRO D 440 -27.30 -4.47 -78.14
N LEU D 441 -26.88 -3.73 -79.15
CA LEU D 441 -25.75 -4.11 -79.98
C LEU D 441 -24.78 -2.95 -80.14
N TYR D 442 -23.50 -3.18 -79.80
CA TYR D 442 -22.49 -2.13 -79.90
C TYR D 442 -21.50 -2.42 -81.01
N THR D 443 -21.36 -1.47 -81.93
CA THR D 443 -20.45 -1.61 -83.06
C THR D 443 -19.51 -0.43 -83.21
N LEU D 444 -18.44 -0.63 -83.99
CA LEU D 444 -17.45 0.42 -84.22
C LEU D 444 -17.42 0.70 -85.72
N HIS D 445 -17.25 1.96 -86.10
CA HIS D 445 -17.20 2.31 -87.52
C HIS D 445 -16.14 3.34 -87.85
N SER D 446 -15.80 3.42 -89.14
CA SER D 446 -14.82 4.38 -89.64
C SER D 446 -15.59 5.38 -90.50
N SER D 447 -15.43 6.66 -90.18
CA SER D 447 -16.14 7.72 -90.90
C SER D 447 -15.78 7.85 -92.38
N VAL D 448 -14.50 7.69 -92.70
CA VAL D 448 -14.01 7.80 -94.07
C VAL D 448 -15.01 7.30 -95.13
N ASN D 449 -15.48 6.07 -94.96
CA ASN D 449 -16.43 5.47 -95.89
C ASN D 449 -17.57 4.82 -95.13
N ASP D 450 -17.70 5.19 -93.86
CA ASP D 450 -18.75 4.65 -92.99
C ASP D 450 -18.75 3.13 -93.00
N LYS D 451 -17.56 2.55 -92.98
CA LYS D 451 -17.43 1.10 -92.97
C LYS D 451 -17.57 0.55 -91.55
N GLY D 452 -18.19 -0.61 -91.44
CA GLY D 452 -18.36 -1.22 -90.13
C GLY D 452 -17.08 -1.95 -89.82
N LEU D 453 -16.36 -1.51 -88.79
CA LEU D 453 -15.11 -2.15 -88.42
C LEU D 453 -15.32 -3.48 -87.72
N ARG D 454 -16.27 -3.54 -86.79
CA ARG D 454 -16.51 -4.78 -86.06
C ARG D 454 -17.57 -4.63 -84.97
N VAL D 455 -17.99 -5.77 -84.43
CA VAL D 455 -18.98 -5.82 -83.36
C VAL D 455 -18.23 -5.82 -82.03
N LEU D 456 -18.60 -4.89 -81.14
CA LEU D 456 -17.95 -4.79 -79.84
C LEU D 456 -18.67 -5.59 -78.76
N GLU D 457 -19.99 -5.67 -78.85
CA GLU D 457 -20.79 -6.42 -77.90
C GLU D 457 -22.19 -6.64 -78.48
N ASP D 458 -22.59 -7.90 -78.58
CA ASP D 458 -23.89 -8.27 -79.15
C ASP D 458 -24.85 -8.91 -78.16
N ASN D 459 -24.46 -8.98 -76.89
CA ASN D 459 -25.30 -9.58 -75.86
C ASN D 459 -25.75 -10.99 -76.20
N SER D 460 -24.88 -11.74 -76.87
CA SER D 460 -25.19 -13.11 -77.25
C SER D 460 -25.36 -13.98 -76.01
N ALA D 461 -24.72 -13.58 -74.90
CA ALA D 461 -24.82 -14.34 -73.65
C ALA D 461 -26.23 -14.20 -73.09
N LEU D 462 -26.71 -12.97 -73.01
CA LEU D 462 -28.07 -12.74 -72.51
C LEU D 462 -29.07 -13.42 -73.43
N ASP D 463 -28.75 -13.45 -74.72
CA ASP D 463 -29.63 -14.05 -75.71
C ASP D 463 -29.81 -15.54 -75.45
N LYS D 464 -28.72 -16.24 -75.19
CA LYS D 464 -28.78 -17.68 -74.93
C LYS D 464 -29.57 -17.92 -73.63
N MET D 465 -29.35 -17.05 -72.68
CA MET D 465 -30.00 -17.13 -71.38
C MET D 465 -31.52 -16.97 -71.49
N LEU D 466 -31.94 -16.02 -72.32
CA LEU D 466 -33.37 -15.73 -72.48
C LEU D 466 -34.23 -16.75 -73.22
N GLN D 467 -33.62 -17.65 -73.98
CA GLN D 467 -34.45 -18.63 -74.69
C GLN D 467 -34.94 -19.74 -73.76
N ASN D 468 -34.51 -19.68 -72.51
CA ASN D 468 -34.94 -20.65 -71.50
C ASN D 468 -36.04 -20.02 -70.65
N VAL D 469 -36.56 -18.89 -71.11
CA VAL D 469 -37.62 -18.20 -70.38
C VAL D 469 -38.69 -17.62 -71.30
N GLN D 470 -39.94 -17.66 -70.86
CA GLN D 470 -41.06 -17.14 -71.65
C GLN D 470 -41.13 -15.62 -71.53
N MET D 471 -40.48 -14.93 -72.45
CA MET D 471 -40.48 -13.47 -72.44
C MET D 471 -41.75 -12.91 -73.05
N PRO D 472 -42.18 -11.73 -72.57
CA PRO D 472 -43.38 -11.10 -73.11
C PRO D 472 -42.92 -10.45 -74.43
N SER D 473 -43.85 -9.87 -75.17
CA SER D 473 -43.47 -9.20 -76.42
C SER D 473 -43.89 -7.74 -76.32
N LYS D 474 -43.37 -6.92 -77.21
CA LYS D 474 -43.70 -5.50 -77.20
C LYS D 474 -44.27 -5.03 -78.52
N LYS D 475 -45.34 -4.24 -78.45
CA LYS D 475 -45.97 -3.70 -79.64
C LYS D 475 -45.87 -2.19 -79.60
N LEU D 476 -45.34 -1.60 -80.67
CA LEU D 476 -45.21 -0.16 -80.77
C LEU D 476 -46.11 0.23 -81.94
N ASP D 477 -47.08 1.09 -81.67
CA ASP D 477 -48.00 1.47 -82.73
C ASP D 477 -48.72 2.77 -82.37
N PHE D 478 -49.68 3.17 -83.20
CA PHE D 478 -50.41 4.41 -82.91
C PHE D 478 -51.88 4.32 -83.22
N ILE D 479 -52.62 5.26 -82.67
CA ILE D 479 -54.06 5.37 -82.91
C ILE D 479 -54.23 6.78 -83.44
N ILE D 480 -55.41 7.09 -83.97
CA ILE D 480 -55.64 8.42 -84.49
C ILE D 480 -56.76 9.12 -83.74
N LEU D 481 -56.40 10.18 -83.02
CA LEU D 481 -57.39 10.96 -82.28
C LEU D 481 -57.61 12.21 -83.10
N ASN D 482 -58.86 12.43 -83.48
CA ASN D 482 -59.28 13.54 -84.32
C ASN D 482 -58.17 14.21 -85.12
N GLU D 483 -57.86 13.62 -86.28
CA GLU D 483 -56.85 14.15 -87.19
C GLU D 483 -55.39 13.78 -86.91
N THR D 484 -55.01 13.65 -85.64
CA THR D 484 -53.62 13.37 -85.31
C THR D 484 -53.37 11.94 -84.85
N LYS D 485 -52.14 11.48 -85.06
CA LYS D 485 -51.75 10.14 -84.63
C LYS D 485 -50.93 10.22 -83.33
N PHE D 486 -51.32 9.42 -82.35
CA PHE D 486 -50.59 9.39 -81.07
C PHE D 486 -50.12 7.97 -80.83
N TRP D 487 -48.82 7.84 -80.54
CA TRP D 487 -48.22 6.54 -80.32
C TRP D 487 -48.35 5.95 -78.93
N TYR D 488 -48.36 4.62 -78.88
CA TYR D 488 -48.48 3.91 -77.62
C TYR D 488 -47.65 2.64 -77.77
N GLN D 489 -47.40 1.96 -76.64
CA GLN D 489 -46.66 0.71 -76.67
C GLN D 489 -47.28 -0.22 -75.64
N MET D 490 -47.27 -1.51 -75.92
CA MET D 490 -47.84 -2.47 -74.98
C MET D 490 -46.90 -3.65 -74.75
N ILE D 491 -46.65 -3.93 -73.48
CA ILE D 491 -45.80 -5.07 -73.12
C ILE D 491 -46.83 -6.19 -73.01
N LEU D 492 -46.82 -7.09 -73.98
CA LEU D 492 -47.78 -8.19 -74.05
C LEU D 492 -47.31 -9.51 -73.45
N PRO D 493 -48.20 -10.16 -72.68
CA PRO D 493 -47.92 -11.45 -72.03
C PRO D 493 -47.55 -12.49 -73.07
N PRO D 494 -46.77 -13.51 -72.68
CA PRO D 494 -46.38 -14.57 -73.61
C PRO D 494 -47.61 -15.27 -74.20
N HIS D 495 -47.50 -15.75 -75.44
CA HIS D 495 -48.61 -16.44 -76.07
C HIS D 495 -49.86 -15.56 -76.05
N PHE D 496 -49.68 -14.28 -76.32
CA PHE D 496 -50.79 -13.34 -76.32
C PHE D 496 -51.95 -13.78 -77.21
N ASP D 497 -53.14 -13.83 -76.62
CA ASP D 497 -54.35 -14.23 -77.35
C ASP D 497 -55.35 -13.08 -77.38
N LYS D 498 -55.39 -12.34 -78.49
CA LYS D 498 -56.29 -11.20 -78.61
C LYS D 498 -57.78 -11.52 -78.47
N SER D 499 -58.13 -12.79 -78.36
CA SER D 499 -59.53 -13.16 -78.21
C SER D 499 -59.86 -13.15 -76.72
N LYS D 500 -58.81 -13.33 -75.92
CA LYS D 500 -58.92 -13.36 -74.46
C LYS D 500 -58.97 -11.92 -73.92
N LYS D 501 -59.33 -11.76 -72.66
CA LYS D 501 -59.40 -10.43 -72.06
C LYS D 501 -58.40 -10.29 -70.92
N TYR D 502 -57.43 -9.40 -71.09
CA TYR D 502 -56.41 -9.19 -70.07
C TYR D 502 -56.59 -7.95 -69.23
N PRO D 503 -56.15 -8.00 -67.97
CA PRO D 503 -56.29 -6.81 -67.12
C PRO D 503 -55.22 -5.88 -67.68
N LEU D 504 -55.41 -4.58 -67.59
CA LEU D 504 -54.39 -3.69 -68.16
C LEU D 504 -53.85 -2.67 -67.17
N LEU D 505 -52.53 -2.49 -67.20
CA LEU D 505 -51.87 -1.53 -66.34
C LEU D 505 -51.32 -0.42 -67.20
N LEU D 506 -51.80 0.80 -66.96
CA LEU D 506 -51.34 1.94 -67.72
C LEU D 506 -50.12 2.53 -67.00
N ASP D 507 -48.96 2.38 -67.61
CA ASP D 507 -47.69 2.90 -67.08
C ASP D 507 -47.60 4.31 -67.66
N VAL D 508 -47.71 5.32 -66.81
CA VAL D 508 -47.69 6.70 -67.28
C VAL D 508 -46.66 7.64 -66.68
N TYR D 509 -46.26 8.63 -67.48
CA TYR D 509 -45.34 9.68 -67.07
C TYR D 509 -46.04 10.95 -67.58
N ALA D 510 -46.01 11.12 -68.91
CA ALA D 510 -46.67 12.22 -69.60
C ALA D 510 -46.25 13.65 -69.31
N GLY D 511 -45.02 13.85 -68.85
CA GLY D 511 -44.58 15.21 -68.58
C GLY D 511 -44.29 15.92 -69.90
N PRO D 512 -44.20 17.25 -69.91
CA PRO D 512 -43.93 17.97 -71.16
C PRO D 512 -42.66 17.47 -71.87
N CYS D 513 -42.81 17.13 -73.14
CA CYS D 513 -41.74 16.63 -73.98
C CYS D 513 -41.25 15.24 -73.57
N SER D 514 -42.15 14.45 -72.98
CA SER D 514 -41.78 13.10 -72.58
C SER D 514 -42.11 12.14 -73.72
N GLN D 515 -41.57 10.92 -73.63
CA GLN D 515 -41.84 9.88 -74.62
C GLN D 515 -41.80 8.54 -73.91
N LYS D 516 -42.96 7.89 -73.81
CA LYS D 516 -43.08 6.59 -73.16
C LYS D 516 -43.33 5.47 -74.16
N ALA D 517 -43.43 5.82 -75.42
CA ALA D 517 -43.64 4.84 -76.48
C ALA D 517 -42.44 4.90 -77.41
N ASP D 518 -41.54 3.94 -77.28
CA ASP D 518 -40.35 3.92 -78.13
C ASP D 518 -39.96 2.51 -78.54
N THR D 519 -38.81 2.37 -79.18
CA THR D 519 -38.33 1.07 -79.64
C THR D 519 -37.21 0.52 -78.77
N VAL D 520 -37.07 1.04 -77.56
CA VAL D 520 -36.00 0.59 -76.67
C VAL D 520 -36.29 -0.75 -75.99
N PHE D 521 -35.27 -1.59 -75.88
CA PHE D 521 -35.42 -2.89 -75.24
C PHE D 521 -35.29 -2.70 -73.73
N ARG D 522 -36.23 -3.24 -72.97
CA ARG D 522 -36.19 -3.09 -71.51
C ARG D 522 -36.55 -4.35 -70.73
N LEU D 523 -35.86 -4.52 -69.61
CA LEU D 523 -36.08 -5.63 -68.70
C LEU D 523 -36.42 -4.95 -67.38
N ASN D 524 -37.71 -4.77 -67.10
CA ASN D 524 -38.14 -4.10 -65.89
C ASN D 524 -39.35 -4.75 -65.23
N TRP D 525 -40.02 -3.98 -64.38
CA TRP D 525 -41.20 -4.45 -63.65
C TRP D 525 -42.31 -4.88 -64.61
N ALA D 526 -42.48 -4.11 -65.69
CA ALA D 526 -43.51 -4.41 -66.68
C ALA D 526 -43.27 -5.79 -67.27
N THR D 527 -42.00 -6.09 -67.55
CA THR D 527 -41.61 -7.37 -68.10
C THR D 527 -42.17 -8.49 -67.22
N TYR D 528 -41.97 -8.34 -65.91
CA TYR D 528 -42.45 -9.34 -64.94
C TYR D 528 -43.97 -9.41 -64.92
N LEU D 529 -44.63 -8.26 -64.87
CA LEU D 529 -46.09 -8.23 -64.84
C LEU D 529 -46.71 -8.93 -66.05
N ALA D 530 -46.14 -8.73 -67.22
CA ALA D 530 -46.66 -9.33 -68.45
C ALA D 530 -46.30 -10.81 -68.55
N SER D 531 -45.02 -11.11 -68.32
CA SER D 531 -44.50 -12.46 -68.39
C SER D 531 -45.05 -13.43 -67.35
N THR D 532 -45.07 -13.00 -66.09
CA THR D 532 -45.55 -13.84 -65.00
C THR D 532 -47.03 -13.66 -64.64
N GLU D 533 -47.44 -12.41 -64.45
CA GLU D 533 -48.82 -12.12 -64.07
C GLU D 533 -49.80 -11.98 -65.23
N ASN D 534 -49.30 -12.09 -66.46
CA ASN D 534 -50.16 -11.97 -67.65
C ASN D 534 -50.97 -10.68 -67.65
N ILE D 535 -50.31 -9.58 -67.35
CA ILE D 535 -50.94 -8.27 -67.34
C ILE D 535 -50.41 -7.49 -68.53
N ILE D 536 -51.27 -6.75 -69.21
CA ILE D 536 -50.82 -5.93 -70.31
C ILE D 536 -50.41 -4.59 -69.71
N VAL D 537 -49.18 -4.18 -70.00
CA VAL D 537 -48.67 -2.91 -69.50
C VAL D 537 -48.54 -1.97 -70.70
N ALA D 538 -49.37 -0.94 -70.73
CA ALA D 538 -49.33 0.01 -71.83
C ALA D 538 -48.92 1.42 -71.43
N SER D 539 -48.40 2.16 -72.40
CA SER D 539 -47.99 3.54 -72.20
C SER D 539 -48.48 4.29 -73.42
N PHE D 540 -48.81 5.56 -73.24
CA PHE D 540 -49.35 6.38 -74.31
C PHE D 540 -48.74 7.78 -74.32
N ASP D 541 -48.34 8.25 -75.49
CA ASP D 541 -47.78 9.59 -75.62
C ASP D 541 -48.83 10.53 -76.22
N GLY D 542 -49.53 11.26 -75.35
CA GLY D 542 -50.54 12.18 -75.83
C GLY D 542 -50.11 13.63 -75.92
N ARG D 543 -51.07 14.53 -75.81
CA ARG D 543 -50.81 15.97 -75.86
C ARG D 543 -49.70 16.30 -74.85
N GLY D 544 -48.74 17.11 -75.28
CA GLY D 544 -47.63 17.45 -74.41
C GLY D 544 -46.39 16.63 -74.71
N SER D 545 -46.57 15.49 -75.38
CA SER D 545 -45.44 14.63 -75.74
C SER D 545 -44.45 15.36 -76.63
N GLY D 546 -43.20 14.90 -76.62
CA GLY D 546 -42.17 15.56 -77.42
C GLY D 546 -41.71 14.78 -78.64
N TYR D 547 -40.80 15.39 -79.40
CA TYR D 547 -40.23 14.78 -80.59
C TYR D 547 -41.24 14.59 -81.72
N GLN D 548 -42.35 15.33 -81.63
CA GLN D 548 -43.42 15.25 -82.62
C GLN D 548 -43.86 16.63 -83.10
N GLY D 549 -43.11 17.66 -82.74
CA GLY D 549 -43.47 19.00 -83.14
C GLY D 549 -44.17 19.74 -82.01
N ASP D 550 -44.14 21.07 -82.08
CA ASP D 550 -44.74 21.91 -81.05
C ASP D 550 -46.26 21.87 -80.95
N LYS D 551 -46.95 21.57 -82.03
CA LYS D 551 -48.39 21.53 -81.96
C LYS D 551 -48.81 20.56 -80.87
N ILE D 552 -48.13 19.43 -80.79
CA ILE D 552 -48.43 18.43 -79.78
C ILE D 552 -47.79 18.78 -78.43
N MET D 553 -46.51 19.12 -78.45
CA MET D 553 -45.81 19.42 -77.21
C MET D 553 -46.29 20.66 -76.46
N HIS D 554 -46.59 21.73 -77.19
CA HIS D 554 -47.05 22.97 -76.56
C HIS D 554 -48.54 23.00 -76.32
N ALA D 555 -49.20 21.87 -76.55
CA ALA D 555 -50.64 21.80 -76.35
C ALA D 555 -51.01 22.04 -74.89
N ILE D 556 -50.11 21.72 -73.96
CA ILE D 556 -50.41 21.90 -72.54
C ILE D 556 -49.78 23.16 -71.95
N ASN D 557 -49.24 24.02 -72.82
CA ASN D 557 -48.62 25.26 -72.38
C ASN D 557 -49.54 26.00 -71.41
N ARG D 558 -49.00 26.40 -70.26
CA ARG D 558 -49.77 27.11 -69.23
C ARG D 558 -50.96 26.28 -68.78
N ARG D 559 -51.04 25.04 -69.24
CA ARG D 559 -52.19 24.21 -68.90
C ARG D 559 -51.86 22.80 -68.42
N LEU D 560 -50.91 22.68 -67.51
CA LEU D 560 -50.54 21.37 -66.98
C LEU D 560 -51.71 20.77 -66.21
N GLY D 561 -51.82 19.45 -66.27
CA GLY D 561 -52.91 18.78 -65.56
C GLY D 561 -54.22 18.82 -66.32
N THR D 562 -54.14 18.99 -67.63
CA THR D 562 -55.36 19.01 -68.43
C THR D 562 -55.33 17.97 -69.55
N PHE D 563 -54.88 18.36 -70.72
CA PHE D 563 -54.84 17.45 -71.86
C PHE D 563 -53.99 16.21 -71.68
N GLU D 564 -52.80 16.33 -71.10
CA GLU D 564 -51.96 15.15 -70.95
C GLU D 564 -52.62 14.10 -70.06
N VAL D 565 -53.47 14.53 -69.13
CA VAL D 565 -54.15 13.57 -68.25
C VAL D 565 -55.41 13.05 -68.93
N GLU D 566 -56.12 13.94 -69.63
CA GLU D 566 -57.32 13.56 -70.36
C GLU D 566 -56.98 12.52 -71.42
N ASP D 567 -55.85 12.72 -72.10
CA ASP D 567 -55.43 11.79 -73.14
C ASP D 567 -55.06 10.44 -72.58
N GLN D 568 -54.61 10.41 -71.33
CA GLN D 568 -54.23 9.16 -70.70
C GLN D 568 -55.50 8.36 -70.45
N ILE D 569 -56.58 9.07 -70.12
CA ILE D 569 -57.87 8.41 -69.89
C ILE D 569 -58.45 7.89 -71.21
N GLU D 570 -58.36 8.71 -72.24
CA GLU D 570 -58.86 8.34 -73.56
C GLU D 570 -58.09 7.14 -74.10
N ALA D 571 -56.79 7.08 -73.82
CA ALA D 571 -55.94 5.99 -74.28
C ALA D 571 -56.47 4.67 -73.76
N ALA D 572 -56.76 4.61 -72.46
CA ALA D 572 -57.28 3.40 -71.85
C ALA D 572 -58.61 3.03 -72.51
N ARG D 573 -59.39 4.04 -72.86
CA ARG D 573 -60.67 3.84 -73.52
C ARG D 573 -60.45 3.18 -74.87
N GLN D 574 -59.42 3.64 -75.57
CA GLN D 574 -59.10 3.12 -76.89
C GLN D 574 -58.57 1.70 -76.78
N PHE D 575 -57.78 1.44 -75.75
CA PHE D 575 -57.23 0.10 -75.55
C PHE D 575 -58.32 -0.91 -75.20
N SER D 576 -59.22 -0.54 -74.30
CA SER D 576 -60.27 -1.46 -73.90
C SER D 576 -61.15 -1.82 -75.09
N LYS D 577 -61.50 -0.81 -75.88
CA LYS D 577 -62.35 -1.04 -77.04
C LYS D 577 -61.58 -1.72 -78.16
N MET D 578 -60.34 -2.14 -77.88
CA MET D 578 -59.54 -2.85 -78.87
C MET D 578 -59.91 -4.33 -78.79
N GLY D 579 -60.67 -4.68 -77.74
CA GLY D 579 -61.13 -6.05 -77.59
C GLY D 579 -60.48 -7.02 -76.60
N PHE D 580 -59.17 -6.95 -76.43
CA PHE D 580 -58.47 -7.86 -75.53
C PHE D 580 -58.24 -7.30 -74.12
N VAL D 581 -59.09 -6.37 -73.70
CA VAL D 581 -58.94 -5.77 -72.38
C VAL D 581 -60.13 -5.97 -71.45
N ASP D 582 -59.87 -6.50 -70.27
CA ASP D 582 -60.92 -6.68 -69.27
C ASP D 582 -61.15 -5.30 -68.62
N ASN D 583 -62.21 -4.62 -69.03
CA ASN D 583 -62.49 -3.29 -68.52
C ASN D 583 -62.82 -3.22 -67.03
N LYS D 584 -62.97 -4.36 -66.39
CA LYS D 584 -63.25 -4.37 -64.95
C LYS D 584 -61.91 -4.33 -64.23
N ARG D 585 -60.82 -4.53 -64.97
CA ARG D 585 -59.49 -4.52 -64.38
C ARG D 585 -58.49 -3.65 -65.14
N ILE D 586 -58.67 -2.34 -65.04
CA ILE D 586 -57.77 -1.41 -65.69
C ILE D 586 -57.15 -0.55 -64.60
N ALA D 587 -55.84 -0.60 -64.51
CA ALA D 587 -55.11 0.16 -63.51
C ALA D 587 -54.20 1.18 -64.17
N ILE D 588 -53.68 2.09 -63.36
CA ILE D 588 -52.78 3.12 -63.84
C ILE D 588 -51.77 3.42 -62.73
N TRP D 589 -50.52 3.65 -63.12
CA TRP D 589 -49.50 3.96 -62.14
C TRP D 589 -48.42 4.83 -62.75
N GLY D 590 -47.81 5.66 -61.90
CA GLY D 590 -46.76 6.54 -62.37
C GLY D 590 -45.89 7.01 -61.22
N TRP D 591 -44.71 7.51 -61.59
CA TRP D 591 -43.73 7.99 -60.62
C TRP D 591 -43.42 9.42 -61.03
N SER D 592 -43.20 10.30 -60.04
CA SER D 592 -42.86 11.69 -60.34
C SER D 592 -44.01 12.37 -61.09
N TYR D 593 -43.71 12.91 -62.28
CA TYR D 593 -44.78 13.56 -63.04
C TYR D 593 -45.87 12.52 -63.30
N GLY D 594 -45.46 11.27 -63.50
CA GLY D 594 -46.41 10.19 -63.72
C GLY D 594 -47.25 9.97 -62.47
N GLY D 595 -46.71 10.34 -61.32
CA GLY D 595 -47.44 10.21 -60.07
C GLY D 595 -48.55 11.25 -60.02
N TYR D 596 -48.25 12.44 -60.53
CA TYR D 596 -49.22 13.53 -60.57
C TYR D 596 -50.36 13.17 -61.52
N VAL D 597 -50.02 12.79 -62.74
CA VAL D 597 -51.02 12.43 -63.73
C VAL D 597 -51.88 11.26 -63.27
N THR D 598 -51.25 10.24 -62.72
CA THR D 598 -51.96 9.07 -62.21
C THR D 598 -53.00 9.51 -61.21
N SER D 599 -52.59 10.38 -60.30
CA SER D 599 -53.48 10.89 -59.26
C SER D 599 -54.61 11.72 -59.85
N MET D 600 -54.26 12.58 -60.81
CA MET D 600 -55.26 13.43 -61.46
C MET D 600 -56.28 12.55 -62.18
N VAL D 601 -55.81 11.49 -62.82
CA VAL D 601 -56.69 10.56 -63.52
C VAL D 601 -57.62 9.88 -62.51
N LEU D 602 -57.04 9.33 -61.46
CA LEU D 602 -57.82 8.65 -60.43
C LEU D 602 -58.85 9.56 -59.78
N GLY D 603 -58.57 10.86 -59.75
CA GLY D 603 -59.50 11.78 -59.15
C GLY D 603 -60.38 12.48 -60.17
N SER D 604 -60.38 11.98 -61.40
CA SER D 604 -61.18 12.58 -62.47
C SER D 604 -62.63 12.11 -62.45
N GLY D 605 -62.87 10.95 -61.84
CA GLY D 605 -64.21 10.41 -61.79
C GLY D 605 -64.64 9.80 -63.12
N SER D 606 -63.67 9.43 -63.96
CA SER D 606 -63.95 8.84 -65.26
C SER D 606 -64.57 7.46 -65.18
N GLY D 607 -64.39 6.79 -64.05
CA GLY D 607 -64.94 5.45 -63.90
C GLY D 607 -64.21 4.40 -64.72
N VAL D 608 -63.17 4.80 -65.43
CA VAL D 608 -62.40 3.90 -66.27
C VAL D 608 -61.40 3.03 -65.51
N PHE D 609 -60.81 3.59 -64.45
CA PHE D 609 -59.82 2.86 -63.68
C PHE D 609 -60.28 2.35 -62.32
N LYS D 610 -59.93 1.11 -62.03
CA LYS D 610 -60.30 0.46 -60.77
C LYS D 610 -59.35 0.87 -59.64
N CYS D 611 -58.06 0.88 -59.94
CA CYS D 611 -57.07 1.23 -58.92
C CYS D 611 -55.88 1.94 -59.54
N GLY D 612 -55.00 2.47 -58.69
CA GLY D 612 -53.83 3.17 -59.20
C GLY D 612 -52.79 3.43 -58.14
N ILE D 613 -51.54 3.58 -58.58
CA ILE D 613 -50.44 3.85 -57.68
C ILE D 613 -49.67 5.10 -58.09
N ALA D 614 -49.46 5.99 -57.14
CA ALA D 614 -48.73 7.21 -57.39
C ALA D 614 -47.48 7.22 -56.50
N VAL D 615 -46.32 7.32 -57.11
CA VAL D 615 -45.06 7.35 -56.39
C VAL D 615 -44.42 8.73 -56.50
N ALA D 616 -44.14 9.34 -55.34
CA ALA D 616 -43.52 10.66 -55.24
C ALA D 616 -44.15 11.64 -56.24
N PRO D 617 -45.47 11.79 -56.19
CA PRO D 617 -46.21 12.68 -57.08
C PRO D 617 -46.20 14.14 -56.69
N VAL D 618 -46.31 15.00 -57.70
CA VAL D 618 -46.45 16.42 -57.45
C VAL D 618 -47.95 16.49 -57.19
N SER D 619 -48.38 17.30 -56.22
CA SER D 619 -49.80 17.43 -55.91
C SER D 619 -50.34 18.83 -56.24
N ARG D 620 -49.45 19.82 -56.27
CA ARG D 620 -49.84 21.17 -56.65
C ARG D 620 -48.56 21.87 -57.08
N TRP D 621 -48.64 22.53 -58.23
CA TRP D 621 -47.48 23.17 -58.81
C TRP D 621 -46.76 24.24 -58.02
N GLU D 622 -47.45 24.89 -57.08
CA GLU D 622 -46.79 25.90 -56.27
C GLU D 622 -45.79 25.24 -55.31
N TYR D 623 -45.83 23.91 -55.22
CA TYR D 623 -44.92 23.21 -54.32
C TYR D 623 -43.63 22.80 -55.01
N TYR D 624 -43.66 22.73 -56.34
CA TYR D 624 -42.48 22.32 -57.09
C TYR D 624 -41.60 23.53 -57.42
N ASP D 625 -40.37 23.28 -57.88
CA ASP D 625 -39.45 24.38 -58.14
C ASP D 625 -39.84 25.31 -59.30
N SER D 626 -39.39 26.55 -59.20
CA SER D 626 -39.67 27.60 -60.17
C SER D 626 -39.26 27.36 -61.62
N VAL D 627 -37.99 27.02 -61.84
CA VAL D 627 -37.49 26.85 -63.20
C VAL D 627 -38.26 25.83 -64.04
N TYR D 628 -38.63 24.69 -63.46
CA TYR D 628 -39.37 23.69 -64.21
C TYR D 628 -40.85 24.04 -64.31
N THR D 629 -41.45 24.34 -63.17
CA THR D 629 -42.87 24.65 -63.11
C THR D 629 -43.27 25.86 -63.93
N GLU D 630 -42.60 26.99 -63.71
CA GLU D 630 -42.89 28.23 -64.43
C GLU D 630 -42.70 28.11 -65.93
N ARG D 631 -41.77 27.27 -66.35
CA ARG D 631 -41.50 27.08 -67.77
C ARG D 631 -42.79 26.69 -68.52
N TYR D 632 -43.65 25.93 -67.85
CA TYR D 632 -44.88 25.48 -68.45
C TYR D 632 -46.11 26.15 -67.88
N MET D 633 -45.99 26.71 -66.68
CA MET D 633 -47.14 27.32 -66.03
C MET D 633 -47.11 28.81 -65.84
N GLY D 634 -46.02 29.47 -66.19
CA GLY D 634 -45.96 30.90 -65.96
C GLY D 634 -45.87 31.15 -64.45
N LEU D 635 -46.21 32.36 -64.01
CA LEU D 635 -46.16 32.70 -62.59
C LEU D 635 -47.47 32.54 -61.85
N PRO D 636 -47.41 32.02 -60.61
CA PRO D 636 -48.61 31.82 -59.78
C PRO D 636 -49.11 33.12 -59.16
N THR D 637 -49.41 34.10 -60.01
CA THR D 637 -49.92 35.40 -59.56
C THR D 637 -51.24 35.66 -60.27
N PRO D 638 -52.15 36.38 -59.60
CA PRO D 638 -53.45 36.66 -60.22
C PRO D 638 -53.32 37.33 -61.59
N GLU D 639 -52.23 38.05 -61.79
CA GLU D 639 -52.00 38.73 -63.06
C GLU D 639 -51.52 37.76 -64.14
N ASP D 640 -51.03 36.60 -63.73
CA ASP D 640 -50.53 35.64 -64.71
C ASP D 640 -51.35 34.37 -64.85
N ASN D 641 -50.97 33.32 -64.11
CA ASN D 641 -51.67 32.04 -64.23
C ASN D 641 -52.10 31.42 -62.89
N LEU D 642 -52.26 32.25 -61.87
CA LEU D 642 -52.65 31.74 -60.55
C LEU D 642 -53.91 30.87 -60.56
N ASP D 643 -54.93 31.29 -61.29
CA ASP D 643 -56.17 30.52 -61.32
C ASP D 643 -55.97 29.07 -61.75
N HIS D 644 -55.17 28.84 -62.78
CA HIS D 644 -54.96 27.47 -63.22
C HIS D 644 -54.06 26.71 -62.24
N TYR D 645 -53.17 27.44 -61.57
CA TYR D 645 -52.29 26.81 -60.58
C TYR D 645 -53.19 26.19 -59.52
N ARG D 646 -54.22 26.95 -59.11
CA ARG D 646 -55.16 26.50 -58.09
C ARG D 646 -56.13 25.45 -58.60
N ASN D 647 -56.39 25.46 -59.91
CA ASN D 647 -57.31 24.51 -60.53
C ASN D 647 -56.72 23.14 -60.82
N SER D 648 -55.40 23.07 -60.94
CA SER D 648 -54.73 21.82 -61.27
C SER D 648 -54.10 21.03 -60.12
N THR D 649 -54.67 21.15 -58.92
CA THR D 649 -54.13 20.40 -57.78
C THR D 649 -54.82 19.05 -57.62
N VAL D 650 -54.11 18.09 -57.06
CA VAL D 650 -54.67 16.76 -56.83
C VAL D 650 -55.73 16.81 -55.73
N MET D 651 -55.45 17.59 -54.68
CA MET D 651 -56.36 17.69 -53.52
C MET D 651 -57.75 18.17 -53.82
N SER D 652 -57.90 19.01 -54.84
CA SER D 652 -59.23 19.53 -55.19
C SER D 652 -60.12 18.40 -55.73
N ARG D 653 -59.49 17.28 -56.07
CA ARG D 653 -60.22 16.13 -56.62
C ARG D 653 -60.39 15.00 -55.60
N ALA D 654 -60.04 15.28 -54.34
CA ALA D 654 -60.13 14.29 -53.26
C ALA D 654 -61.42 13.49 -53.24
N GLU D 655 -62.55 14.19 -53.36
CA GLU D 655 -63.87 13.57 -53.33
C GLU D 655 -64.01 12.39 -54.31
N ASN D 656 -63.49 12.55 -55.51
CA ASN D 656 -63.58 11.52 -56.53
C ASN D 656 -62.81 10.24 -56.22
N PHE D 657 -61.87 10.28 -55.29
CA PHE D 657 -61.10 9.09 -54.95
C PHE D 657 -61.94 7.99 -54.28
N LYS D 658 -63.16 8.33 -53.89
CA LYS D 658 -64.04 7.37 -53.25
C LYS D 658 -64.35 6.24 -54.24
N GLN D 659 -64.21 6.54 -55.52
CA GLN D 659 -64.52 5.58 -56.57
C GLN D 659 -63.37 4.66 -56.98
N VAL D 660 -62.20 4.81 -56.37
CA VAL D 660 -61.07 3.99 -56.76
C VAL D 660 -60.22 3.49 -55.60
N GLU D 661 -59.31 2.57 -55.91
CA GLU D 661 -58.39 2.03 -54.91
C GLU D 661 -57.07 2.73 -55.20
N TYR D 662 -56.63 3.54 -54.24
CA TYR D 662 -55.41 4.35 -54.39
C TYR D 662 -54.29 3.97 -53.44
N LEU D 663 -53.07 3.91 -53.96
CA LEU D 663 -51.87 3.60 -53.19
C LEU D 663 -50.93 4.79 -53.37
N LEU D 664 -50.64 5.51 -52.29
CA LEU D 664 -49.78 6.70 -52.31
C LEU D 664 -48.43 6.35 -51.66
N ILE D 665 -47.34 6.54 -52.40
CA ILE D 665 -46.01 6.23 -51.89
C ILE D 665 -45.04 7.42 -52.03
N HIS D 666 -44.22 7.64 -51.01
CA HIS D 666 -43.28 8.76 -51.04
C HIS D 666 -42.08 8.57 -50.11
N GLY D 667 -40.90 8.98 -50.56
CA GLY D 667 -39.70 8.89 -49.74
C GLY D 667 -39.69 10.12 -48.84
N THR D 668 -39.33 9.95 -47.57
CA THR D 668 -39.33 11.07 -46.63
C THR D 668 -38.22 12.09 -46.85
N ALA D 669 -37.14 11.65 -47.47
CA ALA D 669 -36.02 12.55 -47.74
C ALA D 669 -35.99 13.03 -49.18
N ASP D 670 -37.16 13.11 -49.81
CA ASP D 670 -37.22 13.56 -51.19
C ASP D 670 -36.93 15.06 -51.23
N ASP D 671 -35.79 15.42 -51.82
CA ASP D 671 -35.37 16.82 -51.94
C ASP D 671 -35.96 17.46 -53.19
N ASN D 672 -36.38 16.62 -54.14
CA ASN D 672 -36.93 17.06 -55.41
C ASN D 672 -38.44 17.34 -55.26
N VAL D 673 -39.24 16.29 -55.21
CA VAL D 673 -40.69 16.43 -54.99
C VAL D 673 -40.83 16.16 -53.50
N HIS D 674 -40.89 17.23 -52.72
CA HIS D 674 -40.96 17.13 -51.27
C HIS D 674 -42.10 16.29 -50.73
N PHE D 675 -41.82 15.58 -49.64
CA PHE D 675 -42.81 14.73 -49.01
C PHE D 675 -44.09 15.51 -48.78
N GLN D 676 -43.92 16.81 -48.54
CA GLN D 676 -45.04 17.73 -48.33
C GLN D 676 -46.16 17.50 -49.35
N GLN D 677 -45.80 17.30 -50.61
CA GLN D 677 -46.79 17.10 -51.66
C GLN D 677 -47.74 15.92 -51.36
N SER D 678 -47.19 14.79 -50.92
CA SER D 678 -48.02 13.64 -50.59
C SER D 678 -48.72 13.87 -49.26
N ALA D 679 -48.04 14.57 -48.34
CA ALA D 679 -48.61 14.87 -47.04
C ALA D 679 -49.90 15.67 -47.23
N GLN D 680 -49.95 16.51 -48.26
CA GLN D 680 -51.14 17.32 -48.51
C GLN D 680 -52.22 16.48 -49.20
N ILE D 681 -51.80 15.53 -50.04
CA ILE D 681 -52.77 14.68 -50.70
C ILE D 681 -53.51 13.83 -49.67
N SER D 682 -52.76 13.14 -48.82
CA SER D 682 -53.37 12.28 -47.80
C SER D 682 -54.28 13.07 -46.89
N LYS D 683 -53.83 14.25 -46.48
CA LYS D 683 -54.63 15.10 -45.60
C LYS D 683 -55.96 15.46 -46.26
N ALA D 684 -55.92 15.79 -47.55
CA ALA D 684 -57.13 16.14 -48.28
C ALA D 684 -58.07 14.93 -48.37
N LEU D 685 -57.51 13.74 -48.54
CA LEU D 685 -58.31 12.53 -48.65
C LEU D 685 -58.91 12.22 -47.29
N VAL D 686 -58.14 12.45 -46.24
CA VAL D 686 -58.62 12.21 -44.88
C VAL D 686 -59.76 13.18 -44.55
N ASP D 687 -59.60 14.44 -44.94
CA ASP D 687 -60.61 15.46 -44.66
C ASP D 687 -61.93 15.18 -45.37
N VAL D 688 -61.88 14.44 -46.46
CA VAL D 688 -63.08 14.13 -47.22
C VAL D 688 -63.62 12.75 -46.89
N GLY D 689 -62.92 12.04 -46.02
CA GLY D 689 -63.36 10.70 -45.63
C GLY D 689 -63.10 9.61 -46.65
N VAL D 690 -62.00 9.71 -47.39
CA VAL D 690 -61.69 8.68 -48.39
C VAL D 690 -60.60 7.75 -47.91
N ASP D 691 -60.88 6.45 -47.98
CA ASP D 691 -59.90 5.48 -47.55
C ASP D 691 -58.95 5.20 -48.71
N PHE D 692 -57.67 5.01 -48.39
CA PHE D 692 -56.67 4.73 -49.40
C PHE D 692 -55.52 3.97 -48.74
N GLN D 693 -54.52 3.60 -49.53
CA GLN D 693 -53.35 2.88 -49.03
C GLN D 693 -52.15 3.81 -49.12
N ALA D 694 -51.22 3.66 -48.19
CA ALA D 694 -50.05 4.52 -48.18
C ALA D 694 -48.78 3.78 -47.79
N MET D 695 -47.64 4.39 -48.10
CA MET D 695 -46.35 3.82 -47.76
C MET D 695 -45.26 4.88 -47.87
N TRP D 696 -44.62 5.18 -46.74
CA TRP D 696 -43.53 6.14 -46.77
C TRP D 696 -42.26 5.32 -46.76
N TYR D 697 -41.18 5.91 -47.25
CA TYR D 697 -39.88 5.23 -47.24
C TYR D 697 -38.92 6.18 -46.56
N THR D 698 -38.63 5.91 -45.30
CA THR D 698 -37.75 6.80 -44.55
C THR D 698 -36.35 6.92 -45.13
N ASP D 699 -35.90 8.17 -45.25
CA ASP D 699 -34.58 8.54 -45.76
C ASP D 699 -34.34 8.26 -47.24
N GLU D 700 -35.40 7.88 -47.96
CA GLU D 700 -35.26 7.65 -49.39
C GLU D 700 -35.61 8.94 -50.12
N ASP D 701 -34.90 9.25 -51.20
CA ASP D 701 -35.22 10.46 -51.93
C ASP D 701 -36.14 10.18 -53.13
N HIS D 702 -36.11 11.06 -54.13
CA HIS D 702 -37.00 10.89 -55.28
C HIS D 702 -36.83 9.61 -56.06
N GLY D 703 -35.65 9.01 -55.98
CA GLY D 703 -35.41 7.78 -56.70
C GLY D 703 -35.76 6.51 -55.94
N ILE D 704 -35.89 6.60 -54.63
CA ILE D 704 -36.19 5.43 -53.79
C ILE D 704 -35.39 4.29 -54.42
N ALA D 705 -34.09 4.53 -54.56
CA ALA D 705 -33.22 3.58 -55.24
C ALA D 705 -32.21 2.80 -54.42
N SER D 706 -32.28 2.86 -53.09
CA SER D 706 -31.32 2.08 -52.32
C SER D 706 -31.69 0.64 -52.64
N SER D 707 -30.72 -0.27 -52.58
CA SER D 707 -30.99 -1.67 -52.90
C SER D 707 -32.23 -2.23 -52.19
N THR D 708 -32.29 -2.07 -50.88
CA THR D 708 -33.41 -2.57 -50.10
C THR D 708 -34.73 -1.84 -50.38
N ALA D 709 -34.71 -0.51 -50.41
CA ALA D 709 -35.95 0.23 -50.67
C ALA D 709 -36.52 -0.09 -52.05
N HIS D 710 -35.63 -0.24 -53.04
CA HIS D 710 -36.03 -0.55 -54.40
C HIS D 710 -36.80 -1.86 -54.46
N GLN D 711 -36.26 -2.89 -53.82
CA GLN D 711 -36.91 -4.19 -53.81
C GLN D 711 -38.22 -4.17 -53.04
N HIS D 712 -38.26 -3.35 -52.00
CA HIS D 712 -39.43 -3.27 -51.15
C HIS D 712 -40.63 -2.60 -51.83
N ILE D 713 -40.40 -1.46 -52.46
CA ILE D 713 -41.49 -0.76 -53.13
C ILE D 713 -42.10 -1.58 -54.28
N TYR D 714 -41.26 -2.22 -55.08
CA TYR D 714 -41.79 -3.00 -56.19
C TYR D 714 -42.51 -4.25 -55.70
N THR D 715 -42.04 -4.82 -54.59
CA THR D 715 -42.70 -5.99 -54.04
C THR D 715 -44.08 -5.53 -53.54
N HIS D 716 -44.10 -4.40 -52.83
CA HIS D 716 -45.33 -3.84 -52.27
C HIS D 716 -46.33 -3.44 -53.37
N MET D 717 -45.84 -2.85 -54.45
CA MET D 717 -46.73 -2.46 -55.54
C MET D 717 -47.27 -3.71 -56.26
N SER D 718 -46.44 -4.75 -56.34
CA SER D 718 -46.86 -5.99 -56.97
C SER D 718 -48.06 -6.58 -56.24
N HIS D 719 -48.01 -6.60 -54.89
CA HIS D 719 -49.10 -7.12 -54.09
C HIS D 719 -50.38 -6.32 -54.34
N PHE D 720 -50.24 -5.00 -54.34
CA PHE D 720 -51.38 -4.12 -54.56
C PHE D 720 -52.05 -4.39 -55.92
N ILE D 721 -51.24 -4.47 -56.97
CA ILE D 721 -51.75 -4.72 -58.31
C ILE D 721 -52.41 -6.09 -58.43
N LYS D 722 -51.73 -7.13 -57.95
CA LYS D 722 -52.28 -8.48 -58.00
C LYS D 722 -53.61 -8.51 -57.26
N GLN D 723 -53.66 -7.84 -56.11
CA GLN D 723 -54.88 -7.79 -55.30
C GLN D 723 -56.01 -7.11 -56.05
N CYS D 724 -55.72 -5.97 -56.67
CA CYS D 724 -56.72 -5.22 -57.42
C CYS D 724 -57.19 -6.00 -58.64
N PHE D 725 -56.30 -6.81 -59.22
CA PHE D 725 -56.61 -7.59 -60.41
C PHE D 725 -57.14 -8.99 -60.19
N SER D 726 -56.55 -9.74 -59.27
CA SER D 726 -57.03 -11.09 -59.04
C SER D 726 -58.30 -10.98 -58.22
C4 DLI E . 49.30 -12.82 24.05
C5 DLI E . 48.17 -13.17 24.85
C6 DLI E . 46.88 -13.24 24.21
C7 DLI E . 50.38 -12.17 21.88
C8 DLI E . 50.67 -12.73 20.53
C10 DLI E . 58.19 -11.71 13.83
C17 DLI E . 53.44 -13.50 17.52
C20 DLI E . 53.47 -11.03 18.66
C21 DLI E . 55.42 -10.29 17.18
C24 DLI E . 56.43 -8.01 17.27
C26 DLI E . 57.30 -9.68 15.72
C1 DLI E . 46.75 -12.97 22.82
C2 DLI E . 47.87 -12.63 22.04
C3 DLI E . 49.15 -12.54 22.66
C9 DLI E . 50.51 -10.63 21.84
F10 DLI E . 50.56 -12.73 24.56
N11 DLI E . 51.65 -11.74 20.08
C12 DLI E . 51.61 -10.45 20.81
F13 DLI E . 45.83 -13.58 24.98
C14 DLI E . 52.56 -12.02 19.07
F15 DLI E . 45.61 -13.00 22.10
N16 DLI E . 52.52 -13.25 18.49
N18 DLI E . 54.35 -12.60 17.09
C19 DLI E . 54.40 -11.31 17.66
N22 DLI E . 50.76 -10.13 23.19
C23 DLI E . 55.48 -8.97 17.72
C25 DLI E . 57.34 -8.37 16.28
C27 DLI E . 56.34 -10.61 16.16
S1 DLI E . 58.49 -10.07 14.46
O2 DLI E . 59.77 -10.06 15.10
O1 DLI E . 58.28 -9.14 13.39
#